data_6ZOG
#
_entry.id   6ZOG
#
_cell.length_a   145.965
_cell.length_b   161.954
_cell.length_c   245.288
_cell.angle_alpha   90.000
_cell.angle_beta   90.000
_cell.angle_gamma   90.000
#
_symmetry.space_group_name_H-M   'P 21 21 21'
#
loop_
_entity.id
_entity.type
_entity.pdbx_description
1 polymer 'Multidrug efflux pump subunit AcrB'
2 polymer DARPIN
3 non-polymer DODECYL-BETA-D-MALTOSIDE
4 non-polymer DECANE
5 non-polymer 1,2-ETHANEDIOL
6 non-polymer '(2S)-3-hydroxypropane-1,2-diyl didecanoate'
7 non-polymer PENTADECANE
8 non-polymer Octadecane
9 non-polymer '(4S,4AS,5AR,12AS)-4,7-BIS(DIMETHYLAMINO)-3,10,12,12A-TETRAHYDROXY-1,11-DIOXO-1,4,4A,5,5A,6,11,12A-OCTAHYDROTETRACENE-2- CARBOXAMIDE'
10 non-polymer GLYCEROL
11 non-polymer N-OCTANE
12 non-polymer 'SULFATE ION'
13 non-polymer DODECANE
14 non-polymer PHOSPHATIDYLETHANOLAMINE
15 non-polymer TETRADECANE
16 non-polymer DECYLAMINE-N,N-DIMETHYL-N-OXIDE
17 water water
#
loop_
_entity_poly.entity_id
_entity_poly.type
_entity_poly.pdbx_seq_one_letter_code
_entity_poly.pdbx_strand_id
1 'polypeptide(L)'
;MPNFFIDRPIFAWVIAIIIMLAGGLAILKLPVAQYPTFAPPAVTISASYPGADAKTVQDTVTQVIEQNMNGIDNLMYMSS
NSDSTGTVQITLTFESGTDADIAQVQVQNKLQLAMPLLPQEVQQQGVSVEKSSSSFLMVVGVINTDGTMTQEDISDYVAA
NMKDAISRTSGVGDVQLFGSQYAMRIWMNPNELNKFQLTPVDVITAIKAQNAQVAAGQLGGTPPVKGQQLNASIIAQTRL
TSTEEFGKILLKVNQDGSRVLLRDVAKIELGGENYDIIAEFNGQPASGLGIKLATGANALDTAAAIRAELAKMEPFFPSG
LKIVYPYDTTPFVKISIHEVVKTLVEAIILVFLVMYLFLQNFRATLIPTIAVPVVLLGTFAVLAAFGFSINTLTMFGMVL
AIGLLVDDAIVVVENVERVMAEEGLPPKEATRKSMGQIQGALVGIAMVLSAVFVPMAFFGGSTGAIYRQFSITIVSAMAL
SVLVALILTPALCATMLKPIAKGDHGEGKKGFFGWFNRMFEKSTHHYTDSVGGILRSTGRYLVLYLIIVVGMAYLFVRLP
SSFLPDEDQGVFMTMVQLPAGATQERTQKVLNEVTHYYLTKEKNNVESVFAVNGFGFAGRGQNTGIAFVSLKDWADRPGE
ENKVEAITMRATRAFSQIKDAMVFAFNLPATVELGTATGFDFELIDQAGLGHEKLTQARNQLLAEAAKHPDMLTSVRPNG
LEDTPQFKIDIDQEKAQALGVSINDINTTLGAAWGGSYVNDFIDRGRVKKVYVMSEAKYRMLPDDIGDWYVRAADGQMVP
FSAFSSSRWEYGSPRLERYNGLPSMEILGQAAPGKSTGEAMELMEQLASKLPTGVGYDWTGMSYQERLSGNQAPSLYAIS
LIVVFLCLAALYESWSIPFSVMLVVPLGVIGALLAATFRGLTNDVYFQVGLLTTIGLSAKNAILIVEFAKDLMDKEGKGL
IEATLDAVRMRLRPILMTSLAFILGVMPLVISTGAGSGAQNAVGTGVMGGMVTATVLAIFFVPVFFVVVRRRFSRKNEDI
EHSHTVDHHLEHHHHHH
;
A,B,C
2 'polypeptide(L)'
;MRGSHHHHHHGSDLGKKLLEAARAGRDDEVRILMANGADVNAADVVGWTPLHLAAYWGHLEIVEVLLKNGADVNAYDTLG
STPLHLAAHFGHLEIVEVLLKNGADVNAKDDNGITPLHLAANRGHLEIVEVLLKYGADVNAQDKFGKTAFDISINNGNED
LAEILQKLN
;
D,E
#
loop_
_chem_comp.id
_chem_comp.type
_chem_comp.name
_chem_comp.formula
8K6 non-polymer Octadecane 'C18 H38'
C14 non-polymer TETRADECANE 'C14 H30'
D10 non-polymer DECANE 'C10 H22'
D12 non-polymer DODECANE 'C12 H26'
DDQ non-polymer DECYLAMINE-N,N-DIMETHYL-N-OXIDE 'C12 H27 N O'
DDR non-polymer '(2S)-3-hydroxypropane-1,2-diyl didecanoate' 'C23 H44 O5'
EDO non-polymer 1,2-ETHANEDIOL 'C2 H6 O2'
GOL non-polymer GLYCEROL 'C3 H8 O3'
LMT D-saccharide DODECYL-BETA-D-MALTOSIDE 'C24 H46 O11'
MIY non-polymer '(4S,4AS,5AR,12AS)-4,7-BIS(DIMETHYLAMINO)-3,10,12,12A-TETRAHYDROXY-1,11-DIOXO-1,4,4A,5,5A,6,11,12A-OCTAHYDROTETRACENE-2- CARBOXAMIDE' 'C23 H27 N3 O7'
MYS non-polymer PENTADECANE 'C15 H32'
OCT non-polymer N-OCTANE 'C8 H18'
PTY non-polymer PHOSPHATIDYLETHANOLAMINE 'C40 H80 N O8 P'
SO4 non-polymer 'SULFATE ION' 'O4 S -2'
#
# COMPACT_ATOMS: atom_id res chain seq x y z
N MET A 1 3.22 0.74 48.47
CA MET A 1 2.45 -0.24 47.64
C MET A 1 2.49 -1.63 48.26
N PRO A 2 3.66 -2.16 48.70
CA PRO A 2 3.71 -3.47 49.35
C PRO A 2 2.76 -3.60 50.55
N ASN A 3 2.72 -2.58 51.41
CA ASN A 3 1.85 -2.52 52.62
C ASN A 3 0.38 -2.70 52.22
N PHE A 4 -0.05 -2.04 51.16
CA PHE A 4 -1.46 -2.05 50.66
C PHE A 4 -1.89 -3.48 50.34
N PHE A 5 -1.04 -4.24 49.64
CA PHE A 5 -1.35 -5.58 49.08
C PHE A 5 -1.10 -6.69 50.12
N ILE A 6 -0.40 -6.38 51.21
CA ILE A 6 -0.25 -7.30 52.38
C ILE A 6 -1.61 -7.41 53.10
N ASP A 7 -2.33 -6.30 53.22
CA ASP A 7 -3.68 -6.21 53.85
C ASP A 7 -4.76 -6.71 52.88
N ARG A 8 -4.46 -6.71 51.58
CA ARG A 8 -5.41 -7.12 50.50
C ARG A 8 -4.76 -8.17 49.61
N PRO A 9 -4.64 -9.44 50.08
CA PRO A 9 -4.04 -10.51 49.27
C PRO A 9 -4.86 -10.92 48.02
N ILE A 10 -6.20 -10.81 48.09
CA ILE A 10 -7.11 -11.17 46.96
C ILE A 10 -6.89 -10.19 45.81
N PHE A 11 -6.75 -8.90 46.11
CA PHE A 11 -6.44 -7.83 45.11
C PHE A 11 -5.15 -8.21 44.37
N ALA A 12 -4.09 -8.53 45.12
CA ALA A 12 -2.76 -8.94 44.60
C ALA A 12 -2.94 -10.10 43.60
N TRP A 13 -3.76 -11.10 43.95
CA TRP A 13 -4.08 -12.28 43.11
C TRP A 13 -4.76 -11.82 41.81
N VAL A 14 -5.75 -10.93 41.91
CA VAL A 14 -6.57 -10.43 40.75
C VAL A 14 -5.64 -9.77 39.72
N ILE A 15 -4.69 -8.94 40.17
CA ILE A 15 -3.69 -8.24 39.30
C ILE A 15 -2.88 -9.28 38.54
N ALA A 16 -2.40 -10.33 39.24
CA ALA A 16 -1.60 -11.44 38.66
C ALA A 16 -2.43 -12.20 37.63
N ILE A 17 -3.69 -12.53 37.97
CA ILE A 17 -4.63 -13.29 37.11
C ILE A 17 -4.91 -12.49 35.83
N ILE A 18 -5.24 -11.20 35.96
CA ILE A 18 -5.54 -10.28 34.82
C ILE A 18 -4.32 -10.20 33.89
N ILE A 19 -3.11 -10.05 34.45
CA ILE A 19 -1.82 -10.03 33.70
C ILE A 19 -1.67 -11.35 32.93
N MET A 20 -2.04 -12.48 33.55
CA MET A 20 -1.87 -13.84 32.98
C MET A 20 -2.91 -14.10 31.88
N LEU A 21 -4.12 -13.54 32.00
CA LEU A 21 -5.15 -13.58 30.93
C LEU A 21 -4.62 -12.82 29.71
N ALA A 22 -4.21 -11.56 29.91
CA ALA A 22 -3.59 -10.69 28.88
C ALA A 22 -2.41 -11.42 28.24
N GLY A 23 -1.59 -12.09 29.06
CA GLY A 23 -0.46 -12.92 28.60
C GLY A 23 -0.92 -14.09 27.76
N GLY A 24 -1.91 -14.85 28.24
CA GLY A 24 -2.51 -16.01 27.54
C GLY A 24 -3.13 -15.59 26.22
N LEU A 25 -3.94 -14.53 26.22
CA LEU A 25 -4.66 -14.01 25.03
C LEU A 25 -3.66 -13.55 23.96
N ALA A 26 -2.55 -12.92 24.38
CA ALA A 26 -1.46 -12.47 23.48
C ALA A 26 -0.85 -13.67 22.76
N ILE A 27 -0.45 -14.71 23.51
CA ILE A 27 0.20 -15.95 23.01
C ILE A 27 -0.64 -16.55 21.88
N LEU A 28 -1.97 -16.58 22.02
CA LEU A 28 -2.91 -17.17 21.04
C LEU A 28 -2.87 -16.36 19.73
N LYS A 29 -2.80 -15.02 19.82
CA LYS A 29 -2.97 -14.08 18.69
C LYS A 29 -1.60 -13.61 18.17
N LEU A 30 -0.54 -13.68 18.98
CA LEU A 30 0.83 -13.21 18.62
C LEU A 30 1.32 -13.98 17.39
N PRO A 31 1.97 -13.30 16.42
CA PRO A 31 2.62 -13.99 15.31
C PRO A 31 3.82 -14.83 15.81
N VAL A 32 4.11 -15.94 15.14
CA VAL A 32 5.26 -16.84 15.45
C VAL A 32 6.15 -16.95 14.21
N ALA A 33 7.45 -16.69 14.37
CA ALA A 33 8.49 -16.78 13.33
C ALA A 33 9.80 -17.27 13.97
N GLN A 34 10.82 -17.57 13.16
CA GLN A 34 12.16 -18.00 13.65
C GLN A 34 12.94 -16.76 14.11
N TYR A 35 13.00 -15.74 13.25
CA TYR A 35 13.66 -14.43 13.50
C TYR A 35 12.74 -13.31 13.05
N PRO A 36 12.94 -12.05 13.52
CA PRO A 36 12.24 -10.89 12.97
C PRO A 36 12.71 -10.58 11.54
N THR A 37 11.85 -9.94 10.74
CA THR A 37 12.11 -9.59 9.31
C THR A 37 13.24 -8.56 9.25
N PHE A 38 14.38 -8.92 8.66
CA PHE A 38 15.59 -8.06 8.50
C PHE A 38 15.91 -7.88 7.00
N ALA A 39 15.63 -8.91 6.18
CA ALA A 39 15.96 -8.96 4.74
C ALA A 39 15.38 -7.76 4.00
N PRO A 40 16.12 -7.14 3.06
CA PRO A 40 15.58 -6.05 2.25
C PRO A 40 14.48 -6.52 1.30
N PRO A 41 13.35 -5.78 1.19
CA PRO A 41 12.30 -6.11 0.21
C PRO A 41 12.83 -6.07 -1.23
N ALA A 42 12.35 -6.99 -2.08
CA ALA A 42 12.76 -7.14 -3.49
C ALA A 42 11.51 -7.31 -4.37
N VAL A 43 11.32 -6.41 -5.35
CA VAL A 43 10.29 -6.51 -6.42
C VAL A 43 10.95 -7.12 -7.65
N THR A 44 10.35 -8.16 -8.23
CA THR A 44 10.87 -8.91 -9.41
C THR A 44 9.89 -8.75 -10.58
N ILE A 45 10.39 -8.22 -11.71
CA ILE A 45 9.65 -8.14 -13.00
C ILE A 45 10.09 -9.32 -13.87
N SER A 46 9.15 -10.21 -14.24
CA SER A 46 9.39 -11.40 -15.10
C SER A 46 8.57 -11.29 -16.39
N ALA A 47 9.24 -11.46 -17.54
CA ALA A 47 8.62 -11.53 -18.89
C ALA A 47 9.20 -12.72 -19.65
N SER A 48 8.52 -13.15 -20.71
CA SER A 48 8.86 -14.34 -21.53
C SER A 48 8.65 -14.04 -23.02
N TYR A 49 9.70 -14.19 -23.83
CA TYR A 49 9.70 -14.06 -25.30
C TYR A 49 9.92 -15.44 -25.92
N PRO A 50 8.86 -16.17 -26.34
CA PRO A 50 9.00 -17.53 -26.86
C PRO A 50 9.89 -17.61 -28.11
N GLY A 51 10.98 -18.38 -28.03
CA GLY A 51 11.90 -18.68 -29.15
C GLY A 51 13.00 -17.64 -29.31
N ALA A 52 13.11 -16.70 -28.36
CA ALA A 52 14.10 -15.60 -28.37
C ALA A 52 15.41 -16.06 -27.72
N ASP A 53 16.53 -15.58 -28.24
CA ASP A 53 17.89 -15.79 -27.67
C ASP A 53 18.15 -14.74 -26.59
N ALA A 54 19.19 -14.94 -25.78
CA ALA A 54 19.59 -14.07 -24.65
C ALA A 54 19.64 -12.60 -25.09
N LYS A 55 20.16 -12.33 -26.29
CA LYS A 55 20.39 -10.95 -26.81
C LYS A 55 19.06 -10.33 -27.25
N THR A 56 18.26 -11.03 -28.06
CA THR A 56 16.93 -10.58 -28.56
C THR A 56 16.06 -10.14 -27.38
N VAL A 57 16.04 -10.95 -26.31
CA VAL A 57 15.27 -10.68 -25.06
C VAL A 57 15.77 -9.36 -24.46
N GLN A 58 17.09 -9.24 -24.27
CA GLN A 58 17.75 -8.08 -23.61
C GLN A 58 17.44 -6.79 -24.36
N ASP A 59 17.58 -6.79 -25.69
CA ASP A 59 17.58 -5.59 -26.55
C ASP A 59 16.16 -5.14 -26.89
N THR A 60 15.16 -6.03 -26.77
CA THR A 60 13.74 -5.74 -27.08
C THR A 60 12.89 -5.64 -25.80
N VAL A 61 13.37 -6.15 -24.66
CA VAL A 61 12.59 -6.21 -23.39
C VAL A 61 13.40 -5.59 -22.24
N THR A 62 14.47 -6.27 -21.80
CA THR A 62 15.22 -5.95 -20.55
C THR A 62 15.60 -4.46 -20.53
N GLN A 63 16.34 -4.01 -21.56
CA GLN A 63 16.87 -2.61 -21.67
C GLN A 63 15.69 -1.62 -21.72
N VAL A 64 14.65 -1.92 -22.51
CA VAL A 64 13.44 -1.07 -22.69
C VAL A 64 12.80 -0.85 -21.31
N ILE A 65 12.68 -1.92 -20.51
CA ILE A 65 12.09 -1.88 -19.14
C ILE A 65 13.03 -1.12 -18.20
N GLU A 66 14.32 -1.49 -18.19
CA GLU A 66 15.35 -0.93 -17.27
C GLU A 66 15.44 0.60 -17.41
N GLN A 67 15.38 1.11 -18.64
CA GLN A 67 15.51 2.56 -18.96
C GLN A 67 14.33 3.34 -18.38
N ASN A 68 13.18 2.69 -18.18
CA ASN A 68 11.94 3.31 -17.64
C ASN A 68 11.97 3.32 -16.11
N MET A 69 12.75 2.44 -15.48
CA MET A 69 12.87 2.34 -14.00
C MET A 69 13.64 3.56 -13.47
N ASN A 70 12.92 4.61 -13.11
CA ASN A 70 13.45 5.88 -12.54
C ASN A 70 12.43 6.46 -11.57
N GLY A 71 12.87 7.28 -10.61
CA GLY A 71 12.02 7.91 -9.59
C GLY A 71 11.29 6.87 -8.73
N ILE A 72 12.05 5.90 -8.20
CA ILE A 72 11.55 4.80 -7.33
C ILE A 72 12.24 4.91 -5.97
N ASP A 73 11.46 5.19 -4.91
CA ASP A 73 11.96 5.53 -3.56
C ASP A 73 12.61 4.28 -2.92
N ASN A 74 13.69 4.50 -2.17
CA ASN A 74 14.33 3.50 -1.26
C ASN A 74 14.98 2.37 -2.07
N LEU A 75 15.25 2.58 -3.36
CA LEU A 75 15.90 1.58 -4.25
C LEU A 75 17.41 1.56 -3.97
N MET A 76 17.96 0.41 -3.63
CA MET A 76 19.41 0.21 -3.31
C MET A 76 20.17 -0.10 -4.61
N TYR A 77 19.69 -1.07 -5.39
CA TYR A 77 20.29 -1.49 -6.69
C TYR A 77 19.27 -2.29 -7.51
N MET A 78 19.62 -2.56 -8.78
CA MET A 78 18.77 -3.26 -9.78
C MET A 78 19.64 -4.24 -10.57
N SER A 79 19.36 -5.54 -10.47
CA SER A 79 20.02 -6.63 -11.23
C SER A 79 19.00 -7.28 -12.18
N SER A 80 19.44 -7.72 -13.36
CA SER A 80 18.59 -8.39 -14.39
C SER A 80 19.38 -9.46 -15.13
N ASN A 81 18.72 -10.58 -15.45
CA ASN A 81 19.25 -11.70 -16.30
C ASN A 81 18.37 -11.82 -17.54
N SER A 82 18.99 -12.00 -18.72
CA SER A 82 18.32 -12.27 -20.01
C SER A 82 18.95 -13.52 -20.64
N ASP A 83 18.20 -14.63 -20.69
CA ASP A 83 18.73 -15.96 -21.10
C ASP A 83 18.02 -16.46 -22.37
N SER A 84 18.52 -17.55 -22.96
CA SER A 84 18.13 -18.09 -24.29
C SER A 84 16.89 -18.98 -24.20
N THR A 85 16.32 -19.15 -22.99
CA THR A 85 14.98 -19.77 -22.79
C THR A 85 13.89 -18.78 -23.21
N GLY A 86 14.26 -17.51 -23.43
CA GLY A 86 13.35 -16.41 -23.81
C GLY A 86 12.88 -15.63 -22.59
N THR A 87 13.47 -15.90 -21.43
CA THR A 87 13.04 -15.38 -20.10
C THR A 87 13.93 -14.19 -19.71
N VAL A 88 13.34 -13.17 -19.07
CA VAL A 88 14.05 -12.05 -18.39
C VAL A 88 13.51 -11.94 -16.96
N GLN A 89 14.39 -11.63 -16.01
CA GLN A 89 14.04 -11.37 -14.59
C GLN A 89 14.82 -10.16 -14.08
N ILE A 90 14.16 -9.01 -13.96
CA ILE A 90 14.72 -7.76 -13.37
C ILE A 90 14.31 -7.71 -11.90
N THR A 91 15.29 -7.68 -10.98
CA THR A 91 15.08 -7.66 -9.51
C THR A 91 15.53 -6.31 -8.95
N LEU A 92 14.58 -5.54 -8.41
CA LEU A 92 14.83 -4.23 -7.74
C LEU A 92 14.80 -4.45 -6.22
N THR A 93 15.95 -4.31 -5.55
CA THR A 93 16.13 -4.50 -4.09
C THR A 93 16.02 -3.13 -3.40
N PHE A 94 15.24 -3.06 -2.32
CA PHE A 94 14.88 -1.81 -1.59
C PHE A 94 15.51 -1.80 -0.19
N GLU A 95 15.65 -0.61 0.40
CA GLU A 95 16.16 -0.40 1.78
C GLU A 95 15.26 -1.14 2.77
N SER A 96 15.83 -1.69 3.84
CA SER A 96 15.10 -2.37 4.95
C SER A 96 14.13 -1.37 5.60
N GLY A 97 12.85 -1.75 5.68
CA GLY A 97 11.76 -0.93 6.24
C GLY A 97 10.85 -0.36 5.16
N THR A 98 11.16 -0.61 3.88
CA THR A 98 10.37 -0.16 2.71
C THR A 98 9.06 -0.94 2.65
N ASP A 99 7.94 -0.23 2.45
CA ASP A 99 6.60 -0.82 2.21
C ASP A 99 6.62 -1.48 0.82
N ALA A 100 6.60 -2.83 0.79
CA ALA A 100 6.70 -3.66 -0.44
C ALA A 100 5.48 -3.42 -1.33
N ASP A 101 4.32 -3.09 -0.74
CA ASP A 101 3.06 -2.76 -1.47
C ASP A 101 3.31 -1.51 -2.33
N ILE A 102 3.85 -0.44 -1.74
CA ILE A 102 4.13 0.86 -2.42
C ILE A 102 5.27 0.66 -3.43
N ALA A 103 6.32 -0.08 -3.04
CA ALA A 103 7.47 -0.43 -3.91
C ALA A 103 6.98 -1.11 -5.19
N GLN A 104 6.01 -2.02 -5.07
CA GLN A 104 5.39 -2.75 -6.20
C GLN A 104 4.60 -1.77 -7.07
N VAL A 105 3.81 -0.87 -6.45
CA VAL A 105 2.95 0.13 -7.15
C VAL A 105 3.84 1.08 -7.97
N GLN A 106 4.92 1.59 -7.35
CA GLN A 106 5.89 2.53 -7.98
C GLN A 106 6.57 1.85 -9.17
N VAL A 107 7.05 0.61 -8.98
CA VAL A 107 7.80 -0.17 -10.01
C VAL A 107 6.90 -0.42 -11.22
N GLN A 108 5.64 -0.82 -11.00
CA GLN A 108 4.69 -1.19 -12.08
C GLN A 108 4.26 0.06 -12.85
N ASN A 109 4.10 1.20 -12.18
CA ASN A 109 3.74 2.51 -12.80
C ASN A 109 4.74 2.82 -13.93
N LYS A 110 6.02 2.48 -13.74
CA LYS A 110 7.11 2.69 -14.72
C LYS A 110 7.10 1.56 -15.76
N LEU A 111 6.77 0.33 -15.36
CA LEU A 111 6.68 -0.86 -16.24
C LEU A 111 5.59 -0.63 -17.29
N GLN A 112 4.46 -0.03 -16.91
CA GLN A 112 3.28 0.20 -17.79
C GLN A 112 3.62 1.23 -18.87
N LEU A 113 4.67 2.06 -18.66
CA LEU A 113 5.21 3.00 -19.68
C LEU A 113 6.04 2.22 -20.70
N ALA A 114 6.70 1.14 -20.27
CA ALA A 114 7.52 0.25 -21.11
C ALA A 114 6.65 -0.77 -21.85
N MET A 115 5.54 -1.21 -21.22
CA MET A 115 4.66 -2.32 -21.69
C MET A 115 4.33 -2.17 -23.17
N PRO A 116 3.86 -0.99 -23.66
CA PRO A 116 3.47 -0.84 -25.06
C PRO A 116 4.65 -0.91 -26.05
N LEU A 117 5.88 -0.66 -25.57
CA LEU A 117 7.12 -0.67 -26.38
C LEU A 117 7.68 -2.09 -26.51
N LEU A 118 7.20 -3.03 -25.69
CA LEU A 118 7.63 -4.46 -25.72
C LEU A 118 6.99 -5.15 -26.92
N PRO A 119 7.59 -6.25 -27.43
CA PRO A 119 6.97 -7.02 -28.51
C PRO A 119 5.60 -7.59 -28.10
N GLN A 120 4.70 -7.75 -29.07
CA GLN A 120 3.30 -8.23 -28.88
C GLN A 120 3.32 -9.64 -28.29
N GLU A 121 4.33 -10.45 -28.65
CA GLU A 121 4.51 -11.85 -28.18
C GLU A 121 4.85 -11.87 -26.68
N VAL A 122 5.63 -10.88 -26.21
CA VAL A 122 6.09 -10.77 -24.80
C VAL A 122 4.90 -10.32 -23.93
N GLN A 123 4.04 -9.45 -24.47
CA GLN A 123 2.82 -8.94 -23.79
C GLN A 123 1.82 -10.09 -23.59
N GLN A 124 1.63 -10.92 -24.61
CA GLN A 124 0.61 -12.02 -24.65
C GLN A 124 1.04 -13.20 -23.77
N GLN A 125 2.33 -13.29 -23.40
CA GLN A 125 2.84 -14.31 -22.46
C GLN A 125 2.50 -13.89 -21.02
N GLY A 126 2.25 -12.59 -20.81
CA GLY A 126 1.88 -12.01 -19.50
C GLY A 126 3.11 -11.65 -18.69
N VAL A 127 3.38 -10.35 -18.56
CA VAL A 127 4.47 -9.79 -17.69
C VAL A 127 3.94 -9.76 -16.25
N SER A 128 4.79 -10.07 -15.27
CA SER A 128 4.41 -10.19 -13.84
C SER A 128 5.34 -9.37 -12.95
N VAL A 129 4.78 -8.56 -12.05
CA VAL A 129 5.49 -7.83 -10.95
C VAL A 129 5.13 -8.52 -9.64
N GLU A 130 6.13 -8.96 -8.87
CA GLU A 130 5.94 -9.76 -7.64
C GLU A 130 6.89 -9.28 -6.53
N LYS A 131 6.46 -9.41 -5.27
CA LYS A 131 7.19 -8.99 -4.05
C LYS A 131 7.25 -10.19 -3.09
N SER A 132 8.22 -11.09 -3.31
CA SER A 132 8.38 -12.36 -2.57
C SER A 132 9.85 -12.57 -2.19
N SER A 133 10.10 -13.46 -1.23
CA SER A 133 11.44 -14.03 -0.91
C SER A 133 11.89 -14.88 -2.10
N SER A 134 13.18 -14.83 -2.45
CA SER A 134 13.76 -15.60 -3.59
C SER A 134 13.78 -17.10 -3.27
N SER A 135 13.96 -17.45 -2.00
CA SER A 135 13.97 -18.85 -1.48
C SER A 135 12.53 -19.39 -1.42
N PHE A 136 12.39 -20.72 -1.45
CA PHE A 136 11.09 -21.45 -1.40
C PHE A 136 10.68 -21.66 0.06
N LEU A 137 9.44 -21.28 0.40
CA LEU A 137 8.80 -21.55 1.71
C LEU A 137 8.61 -23.07 1.86
N MET A 138 7.99 -23.69 0.85
CA MET A 138 7.69 -25.15 0.80
C MET A 138 7.52 -25.58 -0.66
N VAL A 139 7.58 -26.90 -0.91
CA VAL A 139 7.22 -27.54 -2.21
C VAL A 139 6.07 -28.52 -1.94
N VAL A 140 4.92 -28.30 -2.58
CA VAL A 140 3.73 -29.19 -2.53
C VAL A 140 3.81 -30.16 -3.72
N GLY A 141 4.29 -31.38 -3.49
CA GLY A 141 4.39 -32.44 -4.51
C GLY A 141 3.05 -33.13 -4.72
N VAL A 142 2.82 -33.66 -5.93
CA VAL A 142 1.58 -34.40 -6.30
C VAL A 142 1.98 -35.62 -7.15
N ILE A 143 1.64 -36.82 -6.67
CA ILE A 143 1.94 -38.13 -7.34
C ILE A 143 0.63 -38.90 -7.52
N ASN A 144 0.63 -39.92 -8.38
CA ASN A 144 -0.50 -40.86 -8.60
C ASN A 144 -0.03 -42.27 -8.21
N THR A 145 -0.54 -42.79 -7.07
CA THR A 145 -0.15 -44.09 -6.47
C THR A 145 -0.67 -45.25 -7.34
N ASP A 146 -1.75 -45.03 -8.10
CA ASP A 146 -2.38 -46.05 -8.99
C ASP A 146 -1.68 -46.06 -10.36
N GLY A 147 -0.76 -45.12 -10.61
CA GLY A 147 -0.05 -44.98 -11.90
C GLY A 147 -1.02 -44.82 -13.05
N THR A 148 -2.13 -44.10 -12.82
CA THR A 148 -3.23 -43.86 -13.80
C THR A 148 -2.89 -42.65 -14.68
N MET A 149 -2.09 -41.72 -14.15
CA MET A 149 -1.75 -40.42 -14.80
C MET A 149 -0.22 -40.30 -14.94
N THR A 150 0.24 -39.81 -16.09
CA THR A 150 1.67 -39.57 -16.43
C THR A 150 2.14 -38.27 -15.75
N GLN A 151 3.45 -37.98 -15.83
CA GLN A 151 4.06 -36.72 -15.32
C GLN A 151 3.34 -35.52 -15.96
N GLU A 152 3.05 -35.60 -17.25
CA GLU A 152 2.36 -34.54 -18.04
C GLU A 152 0.91 -34.38 -17.56
N ASP A 153 0.19 -35.49 -17.39
CA ASP A 153 -1.24 -35.52 -16.97
C ASP A 153 -1.39 -34.87 -15.60
N ILE A 154 -0.54 -35.23 -14.63
CA ILE A 154 -0.58 -34.70 -13.23
C ILE A 154 -0.36 -33.19 -13.27
N SER A 155 0.69 -32.74 -13.97
CA SER A 155 1.07 -31.31 -14.11
C SER A 155 -0.12 -30.48 -14.59
N ASP A 156 -0.84 -30.97 -15.61
CA ASP A 156 -2.03 -30.29 -16.20
C ASP A 156 -3.09 -30.11 -15.10
N TYR A 157 -3.34 -31.13 -14.29
CA TYR A 157 -4.35 -31.12 -13.19
C TYR A 157 -3.98 -30.04 -12.16
N VAL A 158 -2.72 -30.03 -11.71
CA VAL A 158 -2.21 -29.09 -10.67
C VAL A 158 -2.38 -27.66 -11.20
N ALA A 159 -2.04 -27.43 -12.47
CA ALA A 159 -2.11 -26.12 -13.16
C ALA A 159 -3.57 -25.66 -13.27
N ALA A 160 -4.48 -26.58 -13.59
CA ALA A 160 -5.88 -26.29 -14.01
C ALA A 160 -6.85 -26.33 -12.82
N ASN A 161 -6.49 -27.01 -11.73
CA ASN A 161 -7.44 -27.33 -10.61
C ASN A 161 -6.90 -26.90 -9.23
N MET A 162 -5.61 -26.60 -9.09
CA MET A 162 -4.97 -26.36 -7.76
C MET A 162 -4.21 -25.03 -7.74
N LYS A 163 -3.37 -24.77 -8.74
CA LYS A 163 -2.37 -23.66 -8.77
C LYS A 163 -3.03 -22.31 -8.48
N ASP A 164 -4.08 -21.95 -9.24
CA ASP A 164 -4.70 -20.59 -9.24
C ASP A 164 -5.14 -20.22 -7.81
N ALA A 165 -5.80 -21.13 -7.10
CA ALA A 165 -6.35 -20.91 -5.74
C ALA A 165 -5.20 -20.72 -4.73
N ILE A 166 -4.08 -21.43 -4.93
CA ILE A 166 -2.86 -21.32 -4.08
C ILE A 166 -2.21 -19.96 -4.35
N SER A 167 -2.15 -19.53 -5.62
CA SER A 167 -1.56 -18.26 -6.10
C SER A 167 -2.31 -17.06 -5.51
N ARG A 168 -3.62 -17.21 -5.27
CA ARG A 168 -4.52 -16.12 -4.78
C ARG A 168 -4.48 -16.03 -3.24
N THR A 169 -4.10 -17.11 -2.56
CA THR A 169 -3.99 -17.17 -1.07
C THR A 169 -3.07 -16.03 -0.60
N SER A 170 -3.50 -15.29 0.43
CA SER A 170 -2.75 -14.16 1.03
C SER A 170 -1.46 -14.67 1.68
N GLY A 171 -0.33 -14.05 1.34
CA GLY A 171 1.02 -14.42 1.83
C GLY A 171 1.84 -15.12 0.78
N VAL A 172 1.20 -15.59 -0.31
CA VAL A 172 1.85 -16.34 -1.42
C VAL A 172 2.32 -15.34 -2.47
N GLY A 173 3.62 -14.98 -2.43
CA GLY A 173 4.24 -13.98 -3.33
C GLY A 173 4.42 -14.51 -4.73
N ASP A 174 4.97 -15.73 -4.86
CA ASP A 174 5.25 -16.40 -6.16
C ASP A 174 4.91 -17.89 -6.04
N VAL A 175 4.33 -18.47 -7.10
CA VAL A 175 4.03 -19.93 -7.20
C VAL A 175 4.65 -20.45 -8.51
N GLN A 176 5.62 -21.35 -8.40
CA GLN A 176 6.32 -22.00 -9.55
C GLN A 176 5.75 -23.40 -9.76
N LEU A 177 5.08 -23.63 -10.91
CA LEU A 177 4.58 -24.96 -11.33
C LEU A 177 5.76 -25.80 -11.83
N PHE A 178 6.10 -26.89 -11.11
CA PHE A 178 7.15 -27.86 -11.50
C PHE A 178 6.56 -28.80 -12.56
N GLY A 179 6.44 -28.29 -13.79
CA GLY A 179 5.76 -28.93 -14.93
C GLY A 179 5.18 -27.88 -15.86
N SER A 180 4.09 -28.21 -16.56
CA SER A 180 3.40 -27.31 -17.53
C SER A 180 1.92 -27.69 -17.67
N GLN A 181 1.05 -26.68 -17.70
CA GLN A 181 -0.38 -26.83 -18.08
C GLN A 181 -0.47 -27.21 -19.55
N TYR A 182 -1.45 -28.03 -19.92
CA TYR A 182 -1.68 -28.48 -21.33
C TYR A 182 -2.02 -27.27 -22.21
N ALA A 183 -1.70 -27.40 -23.50
CA ALA A 183 -2.08 -26.49 -24.61
C ALA A 183 -2.44 -27.35 -25.82
N MET A 184 -3.25 -26.83 -26.74
CA MET A 184 -3.55 -27.52 -28.02
C MET A 184 -2.28 -27.42 -28.90
N ARG A 185 -1.47 -28.48 -28.89
CA ARG A 185 -0.18 -28.55 -29.64
C ARG A 185 -0.46 -28.95 -31.09
N ILE A 186 -0.21 -28.03 -32.03
CA ILE A 186 -0.26 -28.27 -33.51
C ILE A 186 1.16 -28.49 -34.00
N TRP A 187 1.63 -29.74 -34.00
CA TRP A 187 2.99 -30.16 -34.46
C TRP A 187 2.99 -30.26 -35.99
N MET A 188 3.48 -29.23 -36.67
CA MET A 188 3.45 -29.09 -38.16
C MET A 188 4.45 -30.06 -38.80
N ASN A 189 4.15 -30.48 -40.03
CA ASN A 189 5.03 -31.32 -40.90
C ASN A 189 5.39 -30.50 -42.13
N PRO A 190 6.68 -30.17 -42.35
CA PRO A 190 7.08 -29.34 -43.49
C PRO A 190 6.91 -30.03 -44.86
N ASN A 191 7.03 -31.35 -44.88
CA ASN A 191 6.86 -32.20 -46.10
C ASN A 191 5.41 -32.10 -46.59
N GLU A 192 4.46 -32.16 -45.65
CA GLU A 192 2.99 -32.17 -45.93
C GLU A 192 2.52 -30.74 -46.23
N LEU A 193 3.06 -29.74 -45.52
CA LEU A 193 2.74 -28.30 -45.74
C LEU A 193 3.15 -27.89 -47.17
N ASN A 194 4.35 -28.28 -47.58
CA ASN A 194 4.93 -27.97 -48.93
C ASN A 194 4.13 -28.69 -50.01
N LYS A 195 3.71 -29.94 -49.74
CA LYS A 195 2.92 -30.79 -50.68
C LYS A 195 1.66 -30.04 -51.12
N PHE A 196 0.94 -29.42 -50.18
CA PHE A 196 -0.34 -28.70 -50.40
C PHE A 196 -0.09 -27.21 -50.63
N GLN A 197 1.19 -26.79 -50.70
CA GLN A 197 1.64 -25.40 -50.98
C GLN A 197 1.09 -24.47 -49.89
N LEU A 198 1.32 -24.82 -48.62
CA LEU A 198 0.89 -24.06 -47.42
C LEU A 198 2.10 -23.81 -46.53
N THR A 199 1.99 -22.85 -45.60
CA THR A 199 3.06 -22.43 -44.65
C THR A 199 2.49 -22.32 -43.24
N PRO A 200 3.34 -22.26 -42.19
CA PRO A 200 2.88 -21.97 -40.83
C PRO A 200 2.02 -20.70 -40.73
N VAL A 201 2.22 -19.75 -41.66
CA VAL A 201 1.44 -18.48 -41.77
C VAL A 201 -0.03 -18.84 -42.04
N ASP A 202 -0.28 -19.77 -42.98
CA ASP A 202 -1.64 -20.22 -43.38
C ASP A 202 -2.28 -21.00 -42.22
N VAL A 203 -1.50 -21.80 -41.49
CA VAL A 203 -1.95 -22.63 -40.34
C VAL A 203 -2.47 -21.68 -39.24
N ILE A 204 -1.69 -20.66 -38.89
CA ILE A 204 -2.00 -19.67 -37.80
C ILE A 204 -3.26 -18.89 -38.20
N THR A 205 -3.37 -18.45 -39.45
CA THR A 205 -4.51 -17.68 -40.00
C THR A 205 -5.80 -18.51 -39.87
N ALA A 206 -5.74 -19.80 -40.21
CA ALA A 206 -6.87 -20.75 -40.21
C ALA A 206 -7.37 -20.98 -38.78
N ILE A 207 -6.44 -21.18 -37.83
CA ILE A 207 -6.75 -21.41 -36.39
C ILE A 207 -7.48 -20.19 -35.83
N LYS A 208 -7.00 -18.98 -36.17
CA LYS A 208 -7.58 -17.69 -35.69
C LYS A 208 -8.99 -17.49 -36.27
N ALA A 209 -9.24 -18.02 -37.47
CA ALA A 209 -10.52 -17.88 -38.20
C ALA A 209 -11.54 -18.92 -37.70
N GLN A 210 -11.11 -20.17 -37.48
CA GLN A 210 -11.99 -21.34 -37.23
C GLN A 210 -11.92 -21.78 -35.76
N ASN A 211 -11.07 -21.15 -34.94
CA ASN A 211 -11.08 -21.27 -33.47
C ASN A 211 -11.32 -19.87 -32.88
N ALA A 212 -12.53 -19.33 -33.11
CA ALA A 212 -12.94 -17.96 -32.72
C ALA A 212 -14.17 -18.03 -31.81
N GLN A 213 -14.28 -17.11 -30.86
CA GLN A 213 -15.46 -16.89 -29.98
C GLN A 213 -16.10 -15.55 -30.39
N VAL A 214 -17.14 -15.61 -31.22
CA VAL A 214 -17.75 -14.43 -31.91
C VAL A 214 -18.93 -13.91 -31.08
N ALA A 215 -19.04 -12.59 -30.97
CA ALA A 215 -20.21 -11.85 -30.42
C ALA A 215 -21.12 -11.45 -31.58
N ALA A 216 -22.27 -12.11 -31.72
CA ALA A 216 -23.15 -12.03 -32.91
C ALA A 216 -24.49 -11.34 -32.57
N GLY A 217 -24.57 -10.67 -31.41
CA GLY A 217 -25.76 -9.89 -30.99
C GLY A 217 -26.93 -10.77 -30.60
N GLN A 218 -28.15 -10.27 -30.76
CA GLN A 218 -29.42 -10.93 -30.36
C GLN A 218 -30.48 -10.77 -31.44
N LEU A 219 -31.45 -11.69 -31.48
CA LEU A 219 -32.75 -11.52 -32.17
C LEU A 219 -33.65 -10.67 -31.27
N GLY A 220 -34.36 -9.69 -31.86
CA GLY A 220 -35.22 -8.75 -31.12
C GLY A 220 -34.43 -7.97 -30.08
N GLY A 221 -33.22 -7.51 -30.44
CA GLY A 221 -32.33 -6.73 -29.56
C GLY A 221 -32.79 -5.29 -29.45
N THR A 222 -32.26 -4.56 -28.47
CA THR A 222 -32.62 -3.14 -28.18
C THR A 222 -31.73 -2.20 -29.00
N PRO A 223 -32.28 -1.12 -29.61
CA PRO A 223 -33.71 -0.82 -29.56
C PRO A 223 -34.53 -1.69 -30.53
N PRO A 224 -35.65 -2.29 -30.07
CA PRO A 224 -36.46 -3.16 -30.93
C PRO A 224 -37.57 -2.42 -31.68
N VAL A 225 -38.17 -3.07 -32.68
CA VAL A 225 -39.39 -2.59 -33.39
C VAL A 225 -40.60 -2.86 -32.48
N LYS A 226 -41.72 -2.17 -32.74
CA LYS A 226 -42.98 -2.33 -31.97
C LYS A 226 -43.64 -3.66 -32.40
N GLY A 227 -44.09 -4.46 -31.42
CA GLY A 227 -44.78 -5.74 -31.64
C GLY A 227 -43.83 -6.93 -31.64
N GLN A 228 -42.58 -6.72 -31.19
CA GLN A 228 -41.56 -7.80 -31.06
C GLN A 228 -41.95 -8.71 -29.90
N GLN A 229 -42.01 -10.03 -30.14
CA GLN A 229 -42.33 -11.08 -29.13
C GLN A 229 -41.10 -11.94 -28.87
N LEU A 230 -40.26 -12.18 -29.89
CA LEU A 230 -39.03 -13.02 -29.81
C LEU A 230 -37.86 -12.19 -29.28
N ASN A 231 -37.12 -12.73 -28.31
CA ASN A 231 -35.84 -12.18 -27.80
C ASN A 231 -34.91 -13.35 -27.45
N ALA A 232 -33.86 -13.56 -28.25
CA ALA A 232 -32.90 -14.67 -28.12
C ALA A 232 -31.50 -14.21 -28.55
N SER A 233 -30.47 -14.62 -27.81
CA SER A 233 -29.04 -14.40 -28.14
C SER A 233 -28.70 -15.21 -29.40
N ILE A 234 -27.89 -14.63 -30.30
CA ILE A 234 -27.34 -15.31 -31.51
C ILE A 234 -25.97 -15.90 -31.15
N ILE A 235 -25.83 -17.23 -31.27
CA ILE A 235 -24.57 -17.99 -30.98
C ILE A 235 -23.96 -18.43 -32.31
N ALA A 236 -22.82 -17.83 -32.69
CA ALA A 236 -22.04 -18.17 -33.91
C ALA A 236 -20.87 -19.08 -33.50
N GLN A 237 -19.66 -18.81 -34.00
CA GLN A 237 -18.44 -19.63 -33.74
C GLN A 237 -18.07 -19.54 -32.25
N THR A 238 -17.73 -20.68 -31.66
CA THR A 238 -17.25 -20.83 -30.26
C THR A 238 -15.84 -21.45 -30.29
N ARG A 239 -15.07 -21.28 -29.21
CA ARG A 239 -13.71 -21.87 -29.06
C ARG A 239 -13.82 -23.40 -29.22
N LEU A 240 -12.85 -24.00 -29.92
CA LEU A 240 -12.75 -25.48 -30.08
C LEU A 240 -12.33 -26.09 -28.74
N THR A 241 -12.67 -27.36 -28.50
CA THR A 241 -12.57 -28.02 -27.17
C THR A 241 -11.74 -29.31 -27.23
N SER A 242 -11.51 -29.89 -28.41
CA SER A 242 -10.89 -31.23 -28.59
C SER A 242 -9.85 -31.20 -29.72
N THR A 243 -8.90 -32.14 -29.68
CA THR A 243 -7.88 -32.40 -30.74
C THR A 243 -8.61 -32.67 -32.07
N GLU A 244 -9.75 -33.37 -32.00
CA GLU A 244 -10.59 -33.72 -33.18
CA GLU A 244 -10.59 -33.72 -33.18
C GLU A 244 -11.04 -32.45 -33.90
N GLU A 245 -11.67 -31.54 -33.16
CA GLU A 245 -12.22 -30.25 -33.68
C GLU A 245 -11.13 -29.46 -34.41
N PHE A 246 -9.93 -29.39 -33.83
CA PHE A 246 -8.75 -28.70 -34.43
C PHE A 246 -8.31 -29.45 -35.70
N GLY A 247 -8.32 -30.78 -35.65
CA GLY A 247 -7.96 -31.67 -36.77
C GLY A 247 -8.75 -31.36 -38.03
N LYS A 248 -10.03 -31.03 -37.89
CA LYS A 248 -10.98 -30.84 -39.03
C LYS A 248 -11.12 -29.35 -39.37
N ILE A 249 -10.16 -28.50 -38.94
CA ILE A 249 -10.01 -27.10 -39.42
C ILE A 249 -9.63 -27.16 -40.91
N LEU A 250 -10.42 -26.54 -41.78
CA LEU A 250 -10.21 -26.52 -43.25
C LEU A 250 -9.21 -25.44 -43.62
N LEU A 251 -8.01 -25.83 -44.06
CA LEU A 251 -6.92 -24.90 -44.48
C LEU A 251 -7.20 -24.38 -45.89
N LYS A 252 -7.53 -25.28 -46.82
CA LYS A 252 -7.91 -24.93 -48.22
C LYS A 252 -8.64 -26.11 -48.87
N VAL A 253 -9.37 -25.82 -49.97
CA VAL A 253 -10.00 -26.83 -50.87
C VAL A 253 -9.24 -26.82 -52.20
N ASN A 254 -8.79 -28.01 -52.66
CA ASN A 254 -8.02 -28.20 -53.90
C ASN A 254 -8.91 -27.91 -55.11
N GLN A 255 -8.32 -27.85 -56.31
CA GLN A 255 -9.03 -27.52 -57.58
C GLN A 255 -10.01 -28.63 -57.94
N ASP A 256 -9.68 -29.89 -57.63
CA ASP A 256 -10.52 -31.09 -57.90
C ASP A 256 -11.64 -31.19 -56.85
N GLY A 257 -11.58 -30.39 -55.78
CA GLY A 257 -12.64 -30.28 -54.76
C GLY A 257 -12.32 -31.08 -53.50
N SER A 258 -11.10 -31.64 -53.40
CA SER A 258 -10.61 -32.38 -52.21
C SER A 258 -10.18 -31.38 -51.13
N ARG A 259 -10.49 -31.69 -49.87
CA ARG A 259 -10.27 -30.80 -48.69
C ARG A 259 -8.90 -31.08 -48.08
N VAL A 260 -8.18 -30.02 -47.68
CA VAL A 260 -6.93 -30.08 -46.86
C VAL A 260 -7.26 -29.60 -45.44
N LEU A 261 -7.32 -30.53 -44.48
CA LEU A 261 -7.60 -30.24 -43.05
C LEU A 261 -6.27 -30.11 -42.29
N LEU A 262 -6.31 -29.60 -41.06
CA LEU A 262 -5.11 -29.30 -40.24
C LEU A 262 -4.41 -30.61 -39.84
N ARG A 263 -5.17 -31.71 -39.69
CA ARG A 263 -4.63 -33.04 -39.31
C ARG A 263 -3.87 -33.66 -40.49
N ASP A 264 -4.04 -33.13 -41.70
CA ASP A 264 -3.36 -33.60 -42.94
C ASP A 264 -1.94 -33.03 -43.03
N VAL A 265 -1.64 -31.94 -42.30
CA VAL A 265 -0.33 -31.22 -42.35
C VAL A 265 0.32 -31.17 -40.97
N ALA A 266 -0.30 -31.74 -39.93
CA ALA A 266 0.17 -31.63 -38.52
C ALA A 266 -0.38 -32.77 -37.66
N LYS A 267 0.37 -33.17 -36.63
CA LYS A 267 -0.07 -34.07 -35.54
C LYS A 267 -0.63 -33.20 -34.41
N ILE A 268 -1.86 -33.49 -33.99
CA ILE A 268 -2.65 -32.65 -33.04
C ILE A 268 -2.89 -33.43 -31.75
N GLU A 269 -2.12 -33.13 -30.70
CA GLU A 269 -2.24 -33.75 -29.36
C GLU A 269 -2.38 -32.64 -28.30
N LEU A 270 -2.83 -33.01 -27.11
CA LEU A 270 -2.96 -32.13 -25.91
C LEU A 270 -1.67 -32.27 -25.10
N GLY A 271 -0.83 -31.23 -25.10
CA GLY A 271 0.53 -31.26 -24.53
C GLY A 271 0.91 -29.96 -23.83
N GLY A 272 1.92 -30.01 -22.96
CA GLY A 272 2.37 -28.87 -22.13
C GLY A 272 2.68 -27.64 -22.96
N GLU A 273 2.38 -26.46 -22.42
CA GLU A 273 2.75 -25.14 -23.01
C GLU A 273 4.26 -25.11 -23.28
N ASN A 274 5.05 -25.72 -22.39
CA ASN A 274 6.51 -25.96 -22.55
C ASN A 274 6.83 -27.38 -22.04
N TYR A 275 8.01 -27.90 -22.41
CA TYR A 275 8.52 -29.24 -22.01
C TYR A 275 9.89 -29.08 -21.34
N ASP A 276 10.06 -28.00 -20.56
CA ASP A 276 11.34 -27.62 -19.91
C ASP A 276 11.42 -28.28 -18.53
N ILE A 277 10.34 -28.24 -17.75
CA ILE A 277 10.30 -28.74 -16.34
C ILE A 277 9.74 -30.16 -16.31
N ILE A 278 10.45 -31.08 -15.66
CA ILE A 278 10.05 -32.51 -15.41
C ILE A 278 10.50 -32.89 -14.00
N ALA A 279 9.54 -33.18 -13.11
CA ALA A 279 9.77 -33.46 -11.67
C ALA A 279 9.62 -34.96 -11.37
N GLU A 280 10.27 -35.43 -10.31
CA GLU A 280 10.18 -36.82 -9.78
C GLU A 280 10.21 -36.79 -8.25
N PHE A 281 9.32 -37.54 -7.60
CA PHE A 281 9.28 -37.72 -6.13
C PHE A 281 9.71 -39.16 -5.78
N ASN A 282 10.91 -39.31 -5.21
CA ASN A 282 11.49 -40.61 -4.78
C ASN A 282 11.60 -41.55 -5.99
N GLY A 283 11.84 -41.00 -7.18
CA GLY A 283 12.05 -41.78 -8.43
C GLY A 283 10.83 -41.81 -9.32
N GLN A 284 9.63 -41.97 -8.75
CA GLN A 284 8.35 -42.13 -9.51
C GLN A 284 7.92 -40.77 -10.06
N PRO A 285 7.07 -40.72 -11.11
CA PRO A 285 6.67 -39.45 -11.73
C PRO A 285 5.87 -38.57 -10.76
N ALA A 286 6.14 -37.26 -10.79
CA ALA A 286 5.53 -36.26 -9.87
C ALA A 286 5.42 -34.89 -10.57
N SER A 287 4.49 -34.07 -10.11
CA SER A 287 4.43 -32.60 -10.36
C SER A 287 4.45 -31.89 -9.00
N GLY A 288 4.08 -30.60 -8.96
CA GLY A 288 3.92 -29.86 -7.70
C GLY A 288 4.04 -28.36 -7.86
N LEU A 289 4.01 -27.63 -6.74
CA LEU A 289 4.06 -26.15 -6.67
C LEU A 289 5.22 -25.72 -5.77
N GLY A 290 6.18 -24.96 -6.31
CA GLY A 290 7.20 -24.24 -5.55
C GLY A 290 6.68 -22.90 -5.08
N ILE A 291 6.38 -22.77 -3.79
CA ILE A 291 5.70 -21.57 -3.18
C ILE A 291 6.75 -20.70 -2.49
N LYS A 292 6.81 -19.42 -2.86
CA LYS A 292 7.70 -18.40 -2.26
C LYS A 292 6.85 -17.44 -1.40
N LEU A 293 7.33 -17.12 -0.20
CA LEU A 293 6.61 -16.29 0.80
C LEU A 293 6.65 -14.82 0.35
N ALA A 294 5.48 -14.18 0.30
CA ALA A 294 5.32 -12.73 -0.01
C ALA A 294 6.08 -11.90 1.04
N THR A 295 6.71 -10.81 0.61
CA THR A 295 7.56 -9.92 1.46
C THR A 295 6.76 -9.46 2.68
N GLY A 296 7.22 -9.81 3.89
CA GLY A 296 6.65 -9.36 5.17
C GLY A 296 5.62 -10.32 5.74
N ALA A 297 5.11 -11.25 4.93
CA ALA A 297 4.07 -12.24 5.31
C ALA A 297 4.63 -13.23 6.33
N ASN A 298 3.75 -13.79 7.18
CA ASN A 298 4.12 -14.77 8.24
C ASN A 298 4.22 -16.17 7.61
N ALA A 299 5.35 -16.83 7.79
CA ALA A 299 5.67 -18.16 7.23
C ALA A 299 4.64 -19.19 7.69
N LEU A 300 4.40 -19.28 9.00
CA LEU A 300 3.54 -20.31 9.65
C LEU A 300 2.07 -20.08 9.29
N ASP A 301 1.61 -18.82 9.32
CA ASP A 301 0.19 -18.45 9.03
C ASP A 301 -0.12 -18.72 7.56
N THR A 302 0.84 -18.49 6.66
CA THR A 302 0.69 -18.69 5.19
C THR A 302 0.68 -20.19 4.87
N ALA A 303 1.61 -20.95 5.43
CA ALA A 303 1.73 -22.42 5.28
C ALA A 303 0.42 -23.09 5.70
N ALA A 304 -0.16 -22.66 6.82
CA ALA A 304 -1.45 -23.14 7.37
C ALA A 304 -2.59 -22.84 6.38
N ALA A 305 -2.59 -21.63 5.80
CA ALA A 305 -3.62 -21.16 4.85
C ALA A 305 -3.56 -21.96 3.55
N ILE A 306 -2.36 -22.40 3.15
CA ILE A 306 -2.12 -23.24 1.93
C ILE A 306 -2.71 -24.64 2.17
N ARG A 307 -2.41 -25.24 3.32
CA ARG A 307 -2.91 -26.59 3.74
C ARG A 307 -4.44 -26.57 3.79
N ALA A 308 -5.04 -25.48 4.28
CA ALA A 308 -6.50 -25.26 4.35
C ALA A 308 -7.10 -25.31 2.94
N GLU A 309 -6.42 -24.70 1.96
CA GLU A 309 -6.88 -24.61 0.55
C GLU A 309 -6.71 -25.97 -0.13
N LEU A 310 -5.59 -26.67 0.13
CA LEU A 310 -5.30 -28.03 -0.39
C LEU A 310 -6.34 -29.02 0.12
N ALA A 311 -6.75 -28.88 1.39
CA ALA A 311 -7.73 -29.75 2.08
C ALA A 311 -9.09 -29.72 1.36
N LYS A 312 -9.42 -28.60 0.72
CA LYS A 312 -10.71 -28.38 0.01
C LYS A 312 -10.69 -29.04 -1.38
N MET A 313 -9.49 -29.31 -1.92
CA MET A 313 -9.29 -29.88 -3.28
C MET A 313 -9.27 -31.42 -3.21
N GLU A 314 -8.68 -31.99 -2.15
CA GLU A 314 -8.41 -33.44 -1.97
C GLU A 314 -9.67 -34.26 -2.28
N PRO A 315 -10.85 -33.94 -1.70
CA PRO A 315 -12.06 -34.71 -1.94
C PRO A 315 -12.45 -34.86 -3.42
N PHE A 316 -12.03 -33.92 -4.28
CA PHE A 316 -12.44 -33.82 -5.71
C PHE A 316 -11.31 -34.25 -6.64
N PHE A 317 -10.25 -34.88 -6.10
CA PHE A 317 -9.13 -35.45 -6.89
C PHE A 317 -9.61 -36.65 -7.70
N PRO A 318 -8.93 -37.00 -8.81
CA PRO A 318 -9.16 -38.28 -9.49
C PRO A 318 -8.57 -39.43 -8.67
N SER A 319 -8.86 -40.68 -9.08
CA SER A 319 -8.37 -41.91 -8.40
C SER A 319 -6.84 -42.00 -8.50
N GLY A 320 -6.18 -42.23 -7.37
CA GLY A 320 -4.71 -42.42 -7.29
C GLY A 320 -3.98 -41.15 -6.89
N LEU A 321 -4.44 -39.98 -7.36
CA LEU A 321 -3.79 -38.67 -7.14
C LEU A 321 -3.71 -38.38 -5.64
N LYS A 322 -2.54 -37.96 -5.16
CA LYS A 322 -2.23 -37.75 -3.71
C LYS A 322 -1.22 -36.62 -3.56
N ILE A 323 -1.38 -35.80 -2.52
CA ILE A 323 -0.43 -34.71 -2.12
C ILE A 323 0.67 -35.32 -1.26
N VAL A 324 1.92 -34.92 -1.50
CA VAL A 324 3.12 -35.27 -0.69
C VAL A 324 3.83 -33.97 -0.29
N TYR A 325 4.61 -34.00 0.80
CA TYR A 325 5.27 -32.82 1.41
C TYR A 325 6.77 -33.03 1.44
N PRO A 326 7.45 -33.02 0.26
CA PRO A 326 8.88 -33.30 0.17
C PRO A 326 9.81 -32.20 0.72
N TYR A 327 9.32 -30.98 0.90
CA TYR A 327 10.12 -29.80 1.32
C TYR A 327 9.21 -28.77 2.01
N ASP A 328 9.52 -28.45 3.28
CA ASP A 328 8.78 -27.47 4.11
C ASP A 328 9.73 -26.89 5.16
N THR A 329 9.86 -25.57 5.22
CA THR A 329 10.76 -24.83 6.14
C THR A 329 10.02 -24.46 7.44
N THR A 330 8.68 -24.56 7.45
CA THR A 330 7.80 -24.12 8.55
C THR A 330 7.79 -25.12 9.71
N PRO A 331 7.77 -26.46 9.47
CA PRO A 331 7.76 -27.43 10.57
C PRO A 331 8.88 -27.19 11.60
N PHE A 332 10.09 -26.85 11.14
CA PHE A 332 11.27 -26.55 11.99
C PHE A 332 10.92 -25.41 12.96
N VAL A 333 10.35 -24.32 12.43
CA VAL A 333 9.96 -23.11 13.22
C VAL A 333 8.97 -23.54 14.31
N LYS A 334 7.91 -24.25 13.91
CA LYS A 334 6.87 -24.79 14.83
C LYS A 334 7.54 -25.60 15.94
N ILE A 335 8.40 -26.55 15.56
CA ILE A 335 8.99 -27.58 16.48
C ILE A 335 10.10 -26.94 17.33
N SER A 336 10.92 -26.06 16.74
CA SER A 336 12.08 -25.40 17.40
C SER A 336 11.60 -24.48 18.53
N ILE A 337 10.49 -23.76 18.32
CA ILE A 337 9.87 -22.84 19.32
C ILE A 337 9.30 -23.69 20.47
N HIS A 338 8.55 -24.75 20.13
CA HIS A 338 7.90 -25.69 21.10
C HIS A 338 8.96 -26.34 22.00
N GLU A 339 10.18 -26.52 21.50
CA GLU A 339 11.32 -27.12 22.26
C GLU A 339 11.82 -26.12 23.30
N VAL A 340 11.75 -24.81 23.03
CA VAL A 340 12.15 -23.73 23.98
C VAL A 340 11.06 -23.59 25.06
N VAL A 341 9.79 -23.74 24.67
CA VAL A 341 8.61 -23.73 25.60
C VAL A 341 8.77 -24.90 26.58
N LYS A 342 9.28 -26.04 26.10
CA LYS A 342 9.52 -27.26 26.91
C LYS A 342 10.58 -26.95 27.99
N THR A 343 11.68 -26.28 27.62
CA THR A 343 12.79 -25.91 28.53
C THR A 343 12.31 -24.87 29.54
N LEU A 344 11.33 -24.03 29.17
CA LEU A 344 10.69 -23.05 30.10
C LEU A 344 9.95 -23.81 31.22
N VAL A 345 9.13 -24.80 30.85
CA VAL A 345 8.33 -25.64 31.79
C VAL A 345 9.30 -26.48 32.63
N GLU A 346 10.30 -27.09 31.99
CA GLU A 346 11.35 -27.91 32.65
C GLU A 346 12.14 -27.05 33.65
N ALA A 347 12.53 -25.83 33.23
CA ALA A 347 13.27 -24.85 34.06
C ALA A 347 12.46 -24.53 35.33
N ILE A 348 11.17 -24.24 35.18
CA ILE A 348 10.23 -23.87 36.29
C ILE A 348 10.15 -25.03 37.29
N ILE A 349 10.04 -26.27 36.81
CA ILE A 349 9.98 -27.50 37.65
C ILE A 349 11.30 -27.62 38.42
N LEU A 350 12.43 -27.48 37.72
CA LEU A 350 13.80 -27.58 38.30
C LEU A 350 14.00 -26.49 39.38
N VAL A 351 13.51 -25.27 39.13
CA VAL A 351 13.54 -24.14 40.11
C VAL A 351 12.78 -24.58 41.37
N PHE A 352 11.54 -25.08 41.20
CA PHE A 352 10.62 -25.52 42.28
C PHE A 352 11.30 -26.56 43.18
N LEU A 353 12.11 -27.45 42.61
CA LEU A 353 12.82 -28.54 43.33
C LEU A 353 13.92 -27.93 44.22
N VAL A 354 14.70 -27.00 43.67
CA VAL A 354 15.81 -26.29 44.39
C VAL A 354 15.20 -25.44 45.51
N MET A 355 14.02 -24.84 45.27
CA MET A 355 13.31 -23.97 46.25
C MET A 355 12.83 -24.82 47.44
N TYR A 356 12.35 -26.05 47.20
CA TYR A 356 11.89 -26.99 48.26
C TYR A 356 13.09 -27.34 49.15
N LEU A 357 14.25 -27.63 48.54
CA LEU A 357 15.49 -28.04 49.27
C LEU A 357 15.83 -27.00 50.36
N PHE A 358 15.62 -25.71 50.09
CA PHE A 358 15.97 -24.58 51.00
C PHE A 358 14.77 -24.20 51.87
N LEU A 359 13.61 -23.92 51.25
CA LEU A 359 12.39 -23.45 51.96
C LEU A 359 11.75 -24.61 52.73
N GLN A 360 11.74 -25.81 52.15
CA GLN A 360 11.35 -27.08 52.82
C GLN A 360 9.90 -26.97 53.32
N ASN A 361 9.03 -26.35 52.51
CA ASN A 361 7.60 -26.14 52.81
C ASN A 361 6.86 -25.84 51.50
N PHE A 362 5.80 -26.61 51.20
CA PHE A 362 5.03 -26.56 49.93
C PHE A 362 4.52 -25.12 49.70
N ARG A 363 4.00 -24.47 50.73
CA ARG A 363 3.46 -23.08 50.69
C ARG A 363 4.55 -22.13 50.19
N ALA A 364 5.68 -22.07 50.92
CA ALA A 364 6.81 -21.14 50.69
C ALA A 364 7.41 -21.34 49.29
N THR A 365 7.50 -22.60 48.85
CA THR A 365 8.16 -23.02 47.59
C THR A 365 7.39 -22.50 46.37
N LEU A 366 6.07 -22.29 46.50
CA LEU A 366 5.18 -21.87 45.39
C LEU A 366 5.35 -20.38 45.10
N ILE A 367 5.75 -19.56 46.10
CA ILE A 367 5.82 -18.08 45.98
C ILE A 367 6.77 -17.71 44.83
N PRO A 368 8.03 -18.21 44.80
CA PRO A 368 8.91 -18.01 43.65
C PRO A 368 8.41 -18.70 42.36
N THR A 369 7.77 -19.87 42.50
CA THR A 369 7.29 -20.73 41.38
C THR A 369 6.10 -20.06 40.67
N ILE A 370 5.29 -19.28 41.39
CA ILE A 370 4.10 -18.56 40.84
C ILE A 370 4.56 -17.22 40.23
N ALA A 371 5.59 -16.60 40.81
CA ALA A 371 6.14 -15.28 40.40
C ALA A 371 6.62 -15.33 38.94
N VAL A 372 7.32 -16.41 38.56
CA VAL A 372 7.99 -16.56 37.23
C VAL A 372 6.94 -16.60 36.12
N PRO A 373 5.99 -17.57 36.13
CA PRO A 373 4.92 -17.60 35.12
C PRO A 373 4.17 -16.26 34.93
N VAL A 374 3.78 -15.62 36.04
CA VAL A 374 3.03 -14.33 36.05
C VAL A 374 3.80 -13.30 35.21
N VAL A 375 5.11 -13.17 35.46
CA VAL A 375 5.99 -12.16 34.80
C VAL A 375 6.16 -12.55 33.32
N LEU A 376 6.57 -13.79 33.04
CA LEU A 376 6.85 -14.30 31.67
C LEU A 376 5.58 -14.14 30.81
N LEU A 377 4.42 -14.57 31.31
CA LEU A 377 3.10 -14.37 30.64
C LEU A 377 2.87 -12.88 30.43
N GLY A 378 3.17 -12.06 31.45
CA GLY A 378 3.08 -10.59 31.39
C GLY A 378 3.92 -10.02 30.25
N THR A 379 5.16 -10.50 30.12
CA THR A 379 6.13 -10.07 29.08
C THR A 379 5.52 -10.29 27.69
N PHE A 380 4.95 -11.46 27.44
CA PHE A 380 4.25 -11.84 26.18
C PHE A 380 3.24 -10.75 25.80
N ALA A 381 2.51 -10.20 26.78
CA ALA A 381 1.50 -9.14 26.61
C ALA A 381 2.20 -7.83 26.18
N VAL A 382 3.36 -7.53 26.78
CA VAL A 382 4.16 -6.30 26.49
C VAL A 382 4.77 -6.40 25.09
N LEU A 383 5.16 -7.60 24.66
CA LEU A 383 5.66 -7.87 23.28
C LEU A 383 4.56 -7.53 22.27
N ALA A 384 3.33 -8.01 22.52
CA ALA A 384 2.13 -7.78 21.68
C ALA A 384 1.83 -6.28 21.60
N ALA A 385 2.04 -5.55 22.70
CA ALA A 385 1.81 -4.08 22.80
C ALA A 385 2.78 -3.33 21.88
N PHE A 386 4.04 -3.79 21.78
CA PHE A 386 5.12 -3.15 20.99
C PHE A 386 5.26 -3.85 19.62
N GLY A 387 4.27 -4.65 19.22
CA GLY A 387 4.16 -5.24 17.88
C GLY A 387 5.26 -6.24 17.57
N PHE A 388 5.87 -6.85 18.59
CA PHE A 388 6.88 -7.93 18.45
C PHE A 388 6.15 -9.28 18.29
N SER A 389 6.89 -10.33 17.94
CA SER A 389 6.38 -11.69 17.68
C SER A 389 7.09 -12.70 18.58
N ILE A 390 6.50 -13.89 18.74
CA ILE A 390 7.12 -15.05 19.45
C ILE A 390 8.13 -15.68 18.49
N ASN A 391 9.43 -15.41 18.71
CA ASN A 391 10.53 -15.93 17.85
C ASN A 391 11.65 -16.48 18.74
N THR A 392 12.62 -17.17 18.12
CA THR A 392 13.79 -17.81 18.77
C THR A 392 14.38 -16.86 19.83
N LEU A 393 14.58 -15.59 19.46
CA LEU A 393 15.33 -14.59 20.27
C LEU A 393 14.49 -14.16 21.47
N THR A 394 13.21 -13.80 21.25
CA THR A 394 12.24 -13.44 22.31
C THR A 394 12.08 -14.62 23.27
N MET A 395 11.91 -15.83 22.72
CA MET A 395 11.69 -17.08 23.49
C MET A 395 12.90 -17.37 24.39
N PHE A 396 14.13 -17.16 23.89
CA PHE A 396 15.38 -17.30 24.67
C PHE A 396 15.51 -16.13 25.65
N GLY A 397 14.96 -14.97 25.29
CA GLY A 397 14.80 -13.81 26.20
C GLY A 397 13.98 -14.17 27.43
N MET A 398 12.89 -14.92 27.23
CA MET A 398 12.01 -15.44 28.32
C MET A 398 12.82 -16.39 29.21
N VAL A 399 13.56 -17.31 28.58
CA VAL A 399 14.38 -18.36 29.26
C VAL A 399 15.47 -17.70 30.11
N LEU A 400 16.22 -16.75 29.53
CA LEU A 400 17.34 -16.05 30.20
C LEU A 400 16.80 -15.16 31.33
N ALA A 401 15.61 -14.58 31.15
CA ALA A 401 14.95 -13.69 32.15
C ALA A 401 14.75 -14.44 33.48
N ILE A 402 14.35 -15.71 33.43
CA ILE A 402 14.00 -16.56 34.61
C ILE A 402 15.00 -16.30 35.75
N GLY A 403 16.29 -16.26 35.45
CA GLY A 403 17.37 -15.98 36.42
C GLY A 403 17.13 -14.67 37.16
N LEU A 404 16.77 -13.62 36.43
CA LEU A 404 16.52 -12.25 36.98
C LEU A 404 15.16 -12.23 37.70
N LEU A 405 14.19 -13.03 37.23
CA LEU A 405 12.80 -13.09 37.77
C LEU A 405 12.80 -13.85 39.10
N VAL A 406 13.50 -14.99 39.16
CA VAL A 406 13.59 -15.87 40.37
C VAL A 406 14.38 -15.14 41.47
N ASP A 407 15.42 -14.37 41.10
CA ASP A 407 16.28 -13.63 42.06
C ASP A 407 15.42 -12.57 42.76
N ASP A 408 14.60 -11.83 42.02
CA ASP A 408 13.63 -10.84 42.55
C ASP A 408 12.76 -11.51 43.63
N ALA A 409 12.23 -12.70 43.32
CA ALA A 409 11.33 -13.48 44.20
C ALA A 409 12.10 -13.99 45.42
N ILE A 410 13.25 -14.64 45.20
CA ILE A 410 14.12 -15.22 46.27
C ILE A 410 14.52 -14.10 47.24
N VAL A 411 15.03 -12.98 46.72
CA VAL A 411 15.47 -11.79 47.51
C VAL A 411 14.38 -11.44 48.53
N VAL A 412 13.12 -11.37 48.08
CA VAL A 412 11.95 -10.96 48.92
C VAL A 412 11.65 -12.07 49.93
N VAL A 413 11.41 -13.31 49.46
CA VAL A 413 10.97 -14.47 50.30
C VAL A 413 12.03 -14.75 51.36
N GLU A 414 13.29 -14.95 50.94
CA GLU A 414 14.42 -15.35 51.83
C GLU A 414 14.60 -14.31 52.95
N ASN A 415 14.53 -13.02 52.60
CA ASN A 415 14.77 -11.88 53.54
C ASN A 415 13.67 -11.84 54.61
N VAL A 416 12.45 -12.32 54.28
CA VAL A 416 11.32 -12.44 55.24
C VAL A 416 11.60 -13.62 56.19
N GLU A 417 12.13 -14.73 55.65
CA GLU A 417 12.54 -15.94 56.42
C GLU A 417 13.69 -15.57 57.36
N ARG A 418 14.63 -14.75 56.87
CA ARG A 418 15.80 -14.22 57.62
C ARG A 418 15.30 -13.41 58.82
N VAL A 419 14.37 -12.47 58.59
CA VAL A 419 13.80 -11.55 59.61
C VAL A 419 13.03 -12.36 60.66
N MET A 420 12.39 -13.47 60.25
CA MET A 420 11.59 -14.36 61.16
C MET A 420 12.51 -15.34 61.90
N ALA A 421 13.80 -15.38 61.56
CA ALA A 421 14.83 -16.20 62.24
C ALA A 421 15.61 -15.34 63.23
N GLU A 422 16.00 -14.12 62.83
CA GLU A 422 16.78 -13.17 63.66
C GLU A 422 15.92 -12.66 64.82
N GLU A 423 14.69 -12.22 64.54
CA GLU A 423 13.78 -11.56 65.51
C GLU A 423 12.66 -12.51 65.96
N GLY A 424 12.12 -13.32 65.03
CA GLY A 424 11.04 -14.29 65.32
C GLY A 424 9.69 -13.61 65.36
N LEU A 425 9.37 -12.80 64.35
CA LEU A 425 8.07 -12.09 64.20
C LEU A 425 7.08 -13.00 63.47
N PRO A 426 5.77 -12.65 63.44
CA PRO A 426 4.80 -13.39 62.62
C PRO A 426 5.04 -13.13 61.13
N PRO A 427 4.58 -14.02 60.22
CA PRO A 427 4.78 -13.86 58.79
C PRO A 427 4.34 -12.50 58.21
N LYS A 428 3.23 -11.95 58.73
CA LYS A 428 2.59 -10.71 58.21
C LYS A 428 3.50 -9.50 58.50
N GLU A 429 3.89 -9.31 59.77
CA GLU A 429 4.69 -8.15 60.24
C GLU A 429 6.14 -8.26 59.72
N ALA A 430 6.63 -9.49 59.52
CA ALA A 430 7.99 -9.80 59.00
C ALA A 430 8.15 -9.24 57.59
N THR A 431 7.14 -9.44 56.73
CA THR A 431 7.11 -8.97 55.31
C THR A 431 7.25 -7.44 55.28
N ARG A 432 6.48 -6.74 56.11
CA ARG A 432 6.47 -5.25 56.20
C ARG A 432 7.89 -4.76 56.51
N LYS A 433 8.52 -5.32 57.54
CA LYS A 433 9.93 -5.04 57.95
C LYS A 433 10.86 -5.36 56.77
N SER A 434 10.77 -6.58 56.25
CA SER A 434 11.60 -7.11 55.13
C SER A 434 11.45 -6.20 53.90
N MET A 435 10.24 -6.07 53.37
CA MET A 435 9.91 -5.26 52.16
C MET A 435 10.37 -3.81 52.37
N GLY A 436 10.22 -3.28 53.59
CA GLY A 436 10.55 -1.89 53.95
C GLY A 436 12.00 -1.52 53.65
N GLN A 437 12.94 -2.49 53.75
CA GLN A 437 14.40 -2.25 53.69
C GLN A 437 15.01 -2.81 52.40
N ILE A 438 14.21 -3.36 51.48
CA ILE A 438 14.70 -3.96 50.20
C ILE A 438 13.92 -3.45 48.98
N GLN A 439 12.72 -2.87 49.16
CA GLN A 439 11.88 -2.39 48.02
C GLN A 439 12.60 -1.25 47.29
N GLY A 440 13.41 -0.47 48.02
CA GLY A 440 14.22 0.64 47.46
C GLY A 440 15.29 0.14 46.51
N ALA A 441 16.03 -0.89 46.91
CA ALA A 441 17.13 -1.52 46.12
C ALA A 441 16.55 -2.23 44.89
N LEU A 442 15.42 -2.92 45.04
CA LEU A 442 14.76 -3.70 43.95
C LEU A 442 14.46 -2.77 42.76
N VAL A 443 13.82 -1.62 43.01
CA VAL A 443 13.49 -0.60 41.97
C VAL A 443 14.80 -0.03 41.41
N GLY A 444 15.77 0.26 42.29
CA GLY A 444 17.09 0.81 41.93
C GLY A 444 17.87 -0.14 41.04
N ILE A 445 17.99 -1.41 41.45
CA ILE A 445 18.76 -2.48 40.73
C ILE A 445 18.25 -2.60 39.29
N ALA A 446 16.93 -2.73 39.11
CA ALA A 446 16.26 -2.90 37.80
C ALA A 446 16.70 -1.80 36.82
N MET A 447 16.88 -0.57 37.31
CA MET A 447 17.34 0.60 36.51
C MET A 447 18.84 0.46 36.18
N VAL A 448 19.63 -0.09 37.10
CA VAL A 448 21.10 -0.34 36.91
C VAL A 448 21.27 -1.46 35.87
N LEU A 449 20.43 -2.50 35.93
CA LEU A 449 20.48 -3.67 35.02
C LEU A 449 19.99 -3.26 33.62
N SER A 450 18.95 -2.41 33.54
CA SER A 450 18.37 -1.90 32.27
C SER A 450 19.47 -1.21 31.44
N ALA A 451 20.44 -0.57 32.12
CA ALA A 451 21.60 0.12 31.51
C ALA A 451 22.58 -0.88 30.87
N VAL A 452 22.38 -2.19 31.10
CA VAL A 452 23.22 -3.29 30.51
C VAL A 452 22.55 -3.80 29.23
N PHE A 453 21.20 -3.81 29.19
CA PHE A 453 20.40 -4.43 28.10
C PHE A 453 19.87 -3.38 27.12
N VAL A 454 19.42 -2.22 27.61
CA VAL A 454 18.80 -1.14 26.77
C VAL A 454 19.78 -0.72 25.67
N PRO A 455 21.08 -0.49 25.98
CA PRO A 455 22.05 -0.07 24.95
C PRO A 455 22.12 -0.98 23.72
N MET A 456 21.83 -2.27 23.86
CA MET A 456 21.94 -3.26 22.74
C MET A 456 20.64 -3.29 21.92
N ALA A 457 19.62 -2.50 22.30
CA ALA A 457 18.39 -2.27 21.51
C ALA A 457 18.63 -1.13 20.50
N PHE A 458 19.84 -0.57 20.46
CA PHE A 458 20.22 0.62 19.65
C PHE A 458 21.29 0.24 18.60
N PHE A 459 21.47 -1.06 18.32
CA PHE A 459 22.25 -1.55 17.16
C PHE A 459 21.44 -1.25 15.89
N GLY A 460 22.13 -0.93 14.78
CA GLY A 460 21.51 -0.45 13.53
C GLY A 460 21.52 -1.51 12.44
N GLY A 461 20.51 -1.50 11.58
CA GLY A 461 20.43 -2.33 10.36
C GLY A 461 19.92 -3.74 10.65
N SER A 462 20.57 -4.74 10.04
CA SER A 462 20.19 -6.17 10.10
C SER A 462 20.41 -6.72 11.52
N THR A 463 21.64 -6.63 12.02
CA THR A 463 22.06 -7.11 13.36
C THR A 463 21.24 -6.39 14.44
N GLY A 464 20.87 -5.13 14.20
CA GLY A 464 20.08 -4.27 15.10
C GLY A 464 18.79 -4.93 15.57
N ALA A 465 18.06 -5.55 14.64
CA ALA A 465 16.74 -6.18 14.89
C ALA A 465 16.88 -7.36 15.86
N ILE A 466 17.97 -8.13 15.74
CA ILE A 466 18.21 -9.39 16.51
C ILE A 466 18.37 -9.04 18.00
N TYR A 467 19.28 -8.12 18.33
CA TYR A 467 19.62 -7.71 19.72
C TYR A 467 18.44 -6.97 20.36
N ARG A 468 17.64 -6.26 19.55
CA ARG A 468 16.48 -5.46 20.01
C ARG A 468 15.37 -6.41 20.52
N GLN A 469 15.30 -7.64 20.00
CA GLN A 469 14.32 -8.66 20.43
C GLN A 469 14.61 -9.07 21.88
N PHE A 470 15.87 -9.36 22.20
CA PHE A 470 16.35 -9.75 23.56
C PHE A 470 16.13 -8.60 24.54
N SER A 471 16.72 -7.43 24.24
CA SER A 471 16.76 -6.23 25.10
C SER A 471 15.35 -5.90 25.63
N ILE A 472 14.37 -5.79 24.72
CA ILE A 472 12.96 -5.42 25.06
C ILE A 472 12.34 -6.51 25.94
N THR A 473 12.55 -7.79 25.59
CA THR A 473 11.99 -8.97 26.30
C THR A 473 12.51 -9.01 27.74
N ILE A 474 13.82 -8.83 27.93
CA ILE A 474 14.50 -8.90 29.27
C ILE A 474 14.10 -7.67 30.10
N VAL A 475 14.18 -6.47 29.52
CA VAL A 475 13.84 -5.17 30.20
C VAL A 475 12.37 -5.20 30.63
N SER A 476 11.47 -5.62 29.74
CA SER A 476 10.01 -5.76 30.01
C SER A 476 9.78 -6.75 31.15
N ALA A 477 10.54 -7.85 31.19
CA ALA A 477 10.47 -8.90 32.22
C ALA A 477 10.91 -8.33 33.58
N MET A 478 12.06 -7.65 33.62
CA MET A 478 12.63 -7.02 34.84
C MET A 478 11.65 -5.98 35.41
N ALA A 479 11.02 -5.20 34.53
CA ALA A 479 10.01 -4.17 34.87
C ALA A 479 8.83 -4.81 35.61
N LEU A 480 8.27 -5.88 35.05
CA LEU A 480 7.14 -6.66 35.63
C LEU A 480 7.59 -7.38 36.90
N SER A 481 8.84 -7.88 36.92
CA SER A 481 9.45 -8.61 38.07
C SER A 481 9.39 -7.73 39.32
N VAL A 482 9.86 -6.48 39.21
CA VAL A 482 9.83 -5.46 40.30
C VAL A 482 8.37 -5.20 40.70
N LEU A 483 7.51 -4.91 39.72
CA LEU A 483 6.07 -4.60 39.93
C LEU A 483 5.39 -5.76 40.66
N VAL A 484 5.70 -7.00 40.26
CA VAL A 484 5.15 -8.26 40.87
C VAL A 484 5.77 -8.45 42.26
N ALA A 485 7.03 -8.04 42.45
CA ALA A 485 7.79 -8.18 43.72
C ALA A 485 7.27 -7.17 44.78
N LEU A 486 6.51 -6.16 44.35
CA LEU A 486 5.91 -5.13 45.26
C LEU A 486 4.42 -5.41 45.47
N ILE A 487 3.77 -6.14 44.57
CA ILE A 487 2.29 -6.40 44.61
C ILE A 487 2.03 -7.82 45.12
N LEU A 488 2.35 -8.85 44.33
CA LEU A 488 1.96 -10.26 44.60
C LEU A 488 2.89 -10.87 45.66
N THR A 489 4.20 -10.86 45.42
CA THR A 489 5.23 -11.56 46.25
C THR A 489 5.03 -11.21 47.73
N PRO A 490 4.88 -9.93 48.11
CA PRO A 490 4.65 -9.57 49.52
C PRO A 490 3.33 -10.14 50.08
N ALA A 491 2.26 -10.11 49.28
CA ALA A 491 0.91 -10.61 49.64
C ALA A 491 0.96 -12.10 49.97
N LEU A 492 1.70 -12.88 49.18
CA LEU A 492 1.82 -14.37 49.33
C LEU A 492 2.71 -14.67 50.54
N CYS A 493 3.76 -13.89 50.76
CA CYS A 493 4.71 -14.01 51.92
C CYS A 493 3.96 -13.77 53.23
N ALA A 494 3.02 -12.82 53.25
CA ALA A 494 2.27 -12.39 54.45
C ALA A 494 1.18 -13.41 54.82
N THR A 495 0.91 -14.37 53.93
CA THR A 495 -0.17 -15.40 54.09
C THR A 495 0.43 -16.80 54.11
N MET A 496 1.17 -17.19 53.07
CA MET A 496 1.58 -18.59 52.79
C MET A 496 2.79 -18.99 53.64
N LEU A 497 3.72 -18.06 53.92
CA LEU A 497 4.95 -18.36 54.72
C LEU A 497 4.56 -18.89 56.10
N LYS A 498 5.30 -19.90 56.58
CA LYS A 498 5.07 -20.61 57.85
C LYS A 498 5.73 -19.83 58.98
N PRO A 499 5.06 -19.59 60.13
CA PRO A 499 5.67 -18.91 61.27
C PRO A 499 6.96 -19.59 61.76
N ILE A 500 7.97 -18.79 62.15
CA ILE A 500 9.32 -19.26 62.59
C ILE A 500 9.63 -18.63 63.95
N ALA A 501 10.13 -19.43 64.90
CA ALA A 501 10.58 -19.00 66.24
C ALA A 501 11.96 -18.36 66.14
N LYS A 502 12.26 -17.40 67.02
CA LYS A 502 13.57 -16.69 67.08
C LYS A 502 14.70 -17.70 67.33
N GLY A 503 15.72 -17.71 66.47
CA GLY A 503 16.90 -18.58 66.59
C GLY A 503 16.71 -19.93 65.91
N ASP A 504 15.53 -20.18 65.35
CA ASP A 504 15.18 -21.45 64.64
C ASP A 504 15.71 -21.37 63.20
N HIS A 505 16.76 -22.13 62.90
CA HIS A 505 17.36 -22.28 61.54
C HIS A 505 16.99 -23.65 60.96
N GLY A 506 16.01 -24.33 61.57
CA GLY A 506 15.49 -25.65 61.14
C GLY A 506 16.54 -26.75 61.29
N GLU A 507 17.48 -26.58 62.24
CA GLU A 507 18.58 -27.55 62.49
C GLU A 507 18.02 -28.75 63.25
N GLY A 508 17.00 -28.53 64.09
CA GLY A 508 16.30 -29.57 64.87
C GLY A 508 15.14 -30.19 64.11
N LYS A 509 15.40 -30.68 62.88
CA LYS A 509 14.43 -31.40 62.03
C LYS A 509 14.92 -32.85 61.85
N LYS A 510 13.98 -33.80 61.73
CA LYS A 510 14.27 -35.24 61.52
C LYS A 510 14.18 -35.57 60.03
N GLY A 511 15.28 -36.04 59.44
CA GLY A 511 15.39 -36.42 58.01
C GLY A 511 16.62 -35.80 57.35
N PHE A 512 16.69 -35.85 56.03
CA PHE A 512 17.77 -35.26 55.19
C PHE A 512 17.80 -33.73 55.39
N PHE A 513 16.62 -33.10 55.43
CA PHE A 513 16.42 -31.64 55.63
C PHE A 513 17.21 -31.17 56.86
N GLY A 514 17.02 -31.85 58.00
CA GLY A 514 17.75 -31.60 59.24
C GLY A 514 19.26 -31.60 59.02
N TRP A 515 19.76 -32.61 58.31
CA TRP A 515 21.21 -32.78 57.98
C TRP A 515 21.70 -31.60 57.14
N PHE A 516 20.96 -31.25 56.08
CA PHE A 516 21.27 -30.12 55.15
C PHE A 516 21.38 -28.82 55.93
N ASN A 517 20.42 -28.57 56.83
CA ASN A 517 20.33 -27.32 57.65
C ASN A 517 21.56 -27.22 58.57
N ARG A 518 21.98 -28.34 59.16
CA ARG A 518 23.21 -28.44 60.00
C ARG A 518 24.44 -28.26 59.10
N MET A 519 24.43 -28.85 57.91
CA MET A 519 25.53 -28.77 56.91
C MET A 519 25.70 -27.32 56.45
N PHE A 520 24.60 -26.64 56.11
CA PHE A 520 24.59 -25.26 55.56
C PHE A 520 24.99 -24.25 56.64
N GLU A 521 24.41 -24.36 57.83
CA GLU A 521 24.70 -23.47 59.00
C GLU A 521 26.18 -23.56 59.37
N LYS A 522 26.75 -24.77 59.37
CA LYS A 522 28.18 -25.03 59.66
C LYS A 522 29.04 -24.53 58.50
N SER A 523 28.57 -24.73 57.25
CA SER A 523 29.23 -24.27 56.00
C SER A 523 29.27 -22.73 55.96
N THR A 524 28.24 -22.07 56.48
CA THR A 524 28.11 -20.59 56.54
C THR A 524 29.18 -20.03 57.48
N HIS A 525 29.43 -20.69 58.62
CA HIS A 525 30.46 -20.30 59.63
C HIS A 525 31.86 -20.40 59.01
N HIS A 526 32.14 -21.49 58.28
CA HIS A 526 33.42 -21.74 57.55
C HIS A 526 33.64 -20.63 56.52
N TYR A 527 32.58 -20.21 55.82
CA TYR A 527 32.61 -19.18 54.75
C TYR A 527 32.99 -17.82 55.34
N THR A 528 32.39 -17.44 56.47
CA THR A 528 32.63 -16.16 57.19
C THR A 528 34.05 -16.17 57.78
N ASP A 529 34.48 -17.30 58.35
CA ASP A 529 35.85 -17.53 58.87
C ASP A 529 36.86 -17.37 57.73
N SER A 530 36.57 -17.96 56.57
CA SER A 530 37.40 -17.92 55.34
C SER A 530 37.59 -16.47 54.88
N VAL A 531 36.49 -15.76 54.61
CA VAL A 531 36.47 -14.32 54.19
C VAL A 531 37.19 -13.48 55.25
N GLY A 532 36.94 -13.75 56.54
CA GLY A 532 37.58 -13.08 57.68
C GLY A 532 39.09 -13.01 57.52
N GLY A 533 39.71 -14.10 57.06
CA GLY A 533 41.17 -14.20 56.81
C GLY A 533 41.57 -13.63 55.45
N ILE A 534 40.66 -13.69 54.47
CA ILE A 534 40.85 -13.11 53.10
C ILE A 534 40.99 -11.58 53.22
N LEU A 535 40.23 -10.95 54.12
CA LEU A 535 40.22 -9.48 54.34
C LEU A 535 41.47 -9.04 55.13
N ARG A 536 42.22 -10.00 55.68
CA ARG A 536 43.52 -9.73 56.39
C ARG A 536 44.66 -9.70 55.37
N SER A 537 44.68 -10.63 54.42
CA SER A 537 45.70 -10.75 53.34
C SER A 537 45.55 -9.59 52.35
N THR A 538 44.37 -9.47 51.72
CA THR A 538 43.95 -8.36 50.83
C THR A 538 44.77 -8.36 49.54
N GLY A 539 46.04 -7.94 49.61
CA GLY A 539 46.94 -7.71 48.46
C GLY A 539 47.15 -8.96 47.62
N ARG A 540 46.95 -10.15 48.20
CA ARG A 540 47.21 -11.46 47.54
C ARG A 540 46.17 -11.70 46.43
N TYR A 541 44.92 -11.29 46.66
CA TYR A 541 43.75 -11.59 45.80
C TYR A 541 43.62 -10.54 44.68
N LEU A 542 44.22 -9.36 44.85
CA LEU A 542 44.28 -8.30 43.79
C LEU A 542 45.26 -8.74 42.70
N VAL A 543 46.31 -9.48 43.09
CA VAL A 543 47.28 -10.13 42.15
C VAL A 543 46.57 -11.30 41.47
N LEU A 544 45.76 -12.05 42.23
CA LEU A 544 44.93 -13.18 41.73
C LEU A 544 43.85 -12.65 40.78
N TYR A 545 43.31 -11.46 41.05
CA TYR A 545 42.24 -10.80 40.25
C TYR A 545 42.78 -10.41 38.88
N LEU A 546 43.93 -9.73 38.84
CA LEU A 546 44.58 -9.25 37.58
C LEU A 546 44.95 -10.44 36.69
N ILE A 547 45.28 -11.59 37.29
CA ILE A 547 45.54 -12.88 36.57
C ILE A 547 44.26 -13.32 35.86
N ILE A 548 43.11 -13.22 36.54
CA ILE A 548 41.76 -13.62 36.02
C ILE A 548 41.39 -12.70 34.84
N VAL A 549 41.69 -11.40 34.94
CA VAL A 549 41.41 -10.39 33.87
C VAL A 549 42.29 -10.68 32.65
N VAL A 550 43.58 -10.97 32.88
CA VAL A 550 44.57 -11.35 31.83
C VAL A 550 44.14 -12.70 31.21
N GLY A 551 43.71 -13.65 32.05
CA GLY A 551 43.17 -14.96 31.62
C GLY A 551 41.91 -14.79 30.78
N MET A 552 40.99 -13.93 31.24
CA MET A 552 39.75 -13.54 30.51
C MET A 552 40.14 -12.86 29.19
N ALA A 553 41.06 -11.90 29.24
CA ALA A 553 41.56 -11.12 28.09
C ALA A 553 42.14 -12.05 27.03
N TYR A 554 42.87 -13.09 27.45
CA TYR A 554 43.50 -14.11 26.56
C TYR A 554 42.41 -14.91 25.82
N LEU A 555 41.48 -15.49 26.57
CA LEU A 555 40.39 -16.36 26.06
C LEU A 555 39.51 -15.59 25.06
N PHE A 556 39.18 -14.33 25.38
CA PHE A 556 38.30 -13.45 24.55
C PHE A 556 38.90 -13.30 23.16
N VAL A 557 40.21 -13.04 23.07
CA VAL A 557 40.96 -12.81 21.80
C VAL A 557 41.03 -14.11 20.99
N ARG A 558 41.34 -15.23 21.65
CA ARG A 558 41.55 -16.57 21.03
C ARG A 558 40.22 -17.10 20.45
N LEU A 559 39.13 -17.02 21.22
CA LEU A 559 37.78 -17.53 20.86
C LEU A 559 37.30 -16.86 19.58
N PRO A 560 37.04 -17.61 18.48
CA PRO A 560 36.53 -17.02 17.25
C PRO A 560 35.09 -16.48 17.42
N SER A 561 34.73 -15.46 16.64
CA SER A 561 33.42 -14.76 16.69
C SER A 561 32.58 -15.14 15.46
N SER A 562 31.28 -15.38 15.66
CA SER A 562 30.26 -15.59 14.60
C SER A 562 29.00 -14.78 14.96
N PHE A 563 27.92 -14.94 14.19
CA PHE A 563 26.63 -14.21 14.39
C PHE A 563 25.55 -15.18 14.88
N LEU A 564 25.04 -16.04 14.00
CA LEU A 564 24.03 -17.09 14.33
C LEU A 564 24.47 -18.42 13.72
N PRO A 565 24.47 -19.53 14.49
CA PRO A 565 24.92 -20.83 13.97
C PRO A 565 23.95 -21.42 12.94
N ASP A 566 24.48 -22.15 11.95
CA ASP A 566 23.69 -22.92 10.95
C ASP A 566 22.94 -24.03 11.67
N GLU A 567 21.60 -23.97 11.66
CA GLU A 567 20.72 -24.97 12.31
C GLU A 567 20.33 -26.05 11.30
N ASP A 568 20.39 -27.31 11.73
CA ASP A 568 19.75 -28.47 11.03
C ASP A 568 18.23 -28.26 11.09
N GLN A 569 17.57 -28.12 9.94
CA GLN A 569 16.12 -27.85 9.83
C GLN A 569 15.39 -29.04 9.19
N GLY A 570 16.07 -30.20 9.08
CA GLY A 570 15.52 -31.44 8.50
C GLY A 570 15.25 -31.30 7.01
N VAL A 571 15.79 -30.27 6.37
CA VAL A 571 15.66 -30.01 4.89
C VAL A 571 16.96 -29.37 4.40
N PHE A 572 17.28 -29.59 3.12
CA PHE A 572 18.38 -28.92 2.38
C PHE A 572 18.13 -29.12 0.87
N MET A 573 18.96 -28.50 0.03
CA MET A 573 18.83 -28.53 -1.44
C MET A 573 20.17 -28.89 -2.10
N THR A 574 20.10 -29.40 -3.33
CA THR A 574 21.26 -29.75 -4.20
C THR A 574 21.09 -29.06 -5.55
N MET A 575 22.06 -28.24 -5.95
CA MET A 575 22.08 -27.56 -7.28
C MET A 575 22.77 -28.48 -8.28
N VAL A 576 22.23 -28.55 -9.51
CA VAL A 576 22.83 -29.28 -10.67
C VAL A 576 22.96 -28.28 -11.84
N GLN A 577 24.19 -27.90 -12.18
CA GLN A 577 24.52 -26.96 -13.28
C GLN A 577 25.51 -27.63 -14.23
N LEU A 578 25.07 -27.95 -15.45
CA LEU A 578 25.94 -28.49 -16.54
C LEU A 578 26.42 -27.32 -17.41
N PRO A 579 27.43 -27.52 -18.29
CA PRO A 579 27.80 -26.51 -19.26
C PRO A 579 26.62 -26.21 -20.21
N ALA A 580 26.32 -24.93 -20.44
CA ALA A 580 25.29 -24.47 -21.40
C ALA A 580 25.50 -25.18 -22.73
N GLY A 581 24.41 -25.60 -23.38
CA GLY A 581 24.44 -26.48 -24.58
C GLY A 581 24.17 -27.93 -24.22
N ALA A 582 24.35 -28.29 -22.94
CA ALA A 582 23.97 -29.60 -22.36
C ALA A 582 22.47 -29.81 -22.56
N THR A 583 22.05 -31.05 -22.80
CA THR A 583 20.66 -31.43 -23.14
C THR A 583 19.88 -31.83 -21.88
N GLN A 584 18.55 -31.86 -22.00
CA GLN A 584 17.59 -32.29 -20.95
C GLN A 584 17.93 -33.72 -20.49
N GLU A 585 18.26 -34.59 -21.45
CA GLU A 585 18.56 -36.04 -21.24
C GLU A 585 19.82 -36.19 -20.38
N ARG A 586 20.84 -35.34 -20.59
CA ARG A 586 22.15 -35.41 -19.89
C ARG A 586 22.02 -34.82 -18.47
N THR A 587 21.17 -33.81 -18.30
CA THR A 587 20.86 -33.20 -16.97
C THR A 587 20.07 -34.19 -16.13
N GLN A 588 19.17 -34.95 -16.76
CA GLN A 588 18.37 -36.03 -16.13
C GLN A 588 19.31 -37.13 -15.65
N LYS A 589 20.38 -37.42 -16.43
CA LYS A 589 21.41 -38.44 -16.11
C LYS A 589 22.09 -38.09 -14.79
N VAL A 590 22.45 -36.82 -14.59
CA VAL A 590 23.15 -36.32 -13.37
C VAL A 590 22.16 -36.30 -12.19
N LEU A 591 20.93 -35.82 -12.43
CA LEU A 591 19.84 -35.78 -11.41
C LEU A 591 19.59 -37.20 -10.86
N ASN A 592 19.62 -38.21 -11.73
CA ASN A 592 19.43 -39.64 -11.35
C ASN A 592 20.54 -40.05 -10.36
N GLU A 593 21.79 -39.70 -10.65
CA GLU A 593 22.98 -40.01 -9.80
C GLU A 593 22.82 -39.32 -8.44
N VAL A 594 22.36 -38.07 -8.43
CA VAL A 594 22.12 -37.26 -7.20
C VAL A 594 21.01 -37.94 -6.39
N THR A 595 19.88 -38.25 -7.02
CA THR A 595 18.72 -38.94 -6.42
C THR A 595 19.17 -40.30 -5.87
N HIS A 596 19.87 -41.08 -6.69
CA HIS A 596 20.39 -42.44 -6.36
C HIS A 596 21.20 -42.41 -5.07
N TYR A 597 22.13 -41.45 -4.95
CA TYR A 597 23.06 -41.29 -3.79
C TYR A 597 22.26 -41.25 -2.48
N TYR A 598 21.24 -40.38 -2.42
CA TYR A 598 20.42 -40.12 -1.20
C TYR A 598 19.58 -41.34 -0.84
N LEU A 599 19.07 -42.05 -1.86
CA LEU A 599 18.14 -43.21 -1.70
C LEU A 599 18.91 -44.48 -1.31
N THR A 600 20.22 -44.51 -1.53
CA THR A 600 21.09 -45.72 -1.33
C THR A 600 22.06 -45.50 -0.17
N LYS A 601 22.86 -44.43 -0.20
CA LYS A 601 23.97 -44.20 0.78
C LYS A 601 23.47 -43.41 1.99
N GLU A 602 22.33 -42.71 1.88
CA GLU A 602 21.74 -41.91 2.99
C GLU A 602 20.30 -42.39 3.25
N LYS A 603 20.07 -43.71 3.24
CA LYS A 603 18.76 -44.34 3.56
C LYS A 603 18.33 -43.94 4.98
N ASN A 604 19.28 -43.99 5.92
CA ASN A 604 19.05 -43.81 7.38
C ASN A 604 18.64 -42.36 7.70
N ASN A 605 19.10 -41.39 6.90
CA ASN A 605 18.93 -39.93 7.18
C ASN A 605 17.85 -39.35 6.26
N VAL A 606 17.93 -39.60 4.95
CA VAL A 606 17.05 -38.97 3.92
C VAL A 606 15.68 -39.65 3.93
N GLU A 607 14.61 -38.85 4.03
CA GLU A 607 13.20 -39.30 4.01
C GLU A 607 12.70 -39.33 2.56
N SER A 608 12.73 -38.19 1.87
CA SER A 608 12.23 -38.01 0.48
C SER A 608 13.19 -37.14 -0.33
N VAL A 609 13.16 -37.29 -1.66
CA VAL A 609 13.96 -36.51 -2.64
C VAL A 609 13.01 -36.06 -3.77
N PHE A 610 12.73 -34.75 -3.86
CA PHE A 610 11.97 -34.13 -4.96
C PHE A 610 12.96 -33.47 -5.93
N ALA A 611 13.23 -34.14 -7.06
CA ALA A 611 14.17 -33.72 -8.11
C ALA A 611 13.39 -33.06 -9.26
N VAL A 612 13.83 -31.87 -9.69
CA VAL A 612 13.23 -31.09 -10.81
C VAL A 612 14.29 -30.92 -11.90
N ASN A 613 13.99 -31.36 -13.13
CA ASN A 613 14.86 -31.23 -14.32
C ASN A 613 14.41 -30.02 -15.13
N GLY A 614 15.31 -29.04 -15.33
CA GLY A 614 15.07 -27.85 -16.15
C GLY A 614 14.72 -26.62 -15.32
N PHE A 615 14.91 -26.68 -13.99
CA PHE A 615 14.71 -25.55 -13.05
C PHE A 615 15.92 -25.46 -12.11
N GLY A 616 16.40 -24.23 -11.89
CA GLY A 616 17.51 -23.92 -10.95
C GLY A 616 17.28 -22.59 -10.26
N PHE A 617 18.26 -22.17 -9.44
CA PHE A 617 18.24 -20.90 -8.65
C PHE A 617 18.41 -19.73 -9.61
N ALA A 618 19.37 -19.83 -10.53
CA ALA A 618 19.68 -18.85 -11.59
C ALA A 618 18.45 -18.66 -12.50
N GLY A 619 17.83 -19.76 -12.92
CA GLY A 619 16.62 -19.77 -13.77
C GLY A 619 16.37 -21.13 -14.39
N ARG A 620 15.65 -21.18 -15.52
CA ARG A 620 15.34 -22.42 -16.27
C ARG A 620 16.45 -22.70 -17.28
N GLY A 621 16.26 -23.71 -18.13
CA GLY A 621 17.23 -24.19 -19.13
C GLY A 621 17.39 -25.70 -19.06
N GLN A 622 17.85 -26.33 -20.15
CA GLN A 622 18.03 -27.80 -20.23
C GLN A 622 19.23 -28.23 -19.37
N ASN A 623 20.17 -27.32 -19.11
CA ASN A 623 21.49 -27.60 -18.49
C ASN A 623 21.44 -27.42 -16.96
N THR A 624 20.26 -27.12 -16.39
CA THR A 624 20.08 -26.85 -14.94
C THR A 624 19.04 -27.80 -14.34
N GLY A 625 19.23 -28.20 -13.09
CA GLY A 625 18.30 -29.01 -12.28
C GLY A 625 18.49 -28.75 -10.80
N ILE A 626 17.50 -29.12 -9.98
CA ILE A 626 17.52 -28.91 -8.50
C ILE A 626 16.85 -30.12 -7.83
N ALA A 627 17.33 -30.48 -6.62
CA ALA A 627 16.81 -31.58 -5.79
C ALA A 627 16.49 -31.06 -4.39
N PHE A 628 15.22 -31.14 -3.99
CA PHE A 628 14.73 -30.82 -2.62
C PHE A 628 14.75 -32.09 -1.78
N VAL A 629 15.59 -32.12 -0.74
CA VAL A 629 15.81 -33.30 0.16
C VAL A 629 15.20 -32.98 1.53
N SER A 630 14.29 -33.83 2.00
CA SER A 630 13.75 -33.85 3.38
C SER A 630 14.38 -35.02 4.15
N LEU A 631 14.90 -34.74 5.35
CA LEU A 631 15.54 -35.75 6.24
C LEU A 631 14.49 -36.31 7.20
N LYS A 632 14.78 -37.46 7.82
CA LYS A 632 13.96 -38.06 8.90
C LYS A 632 14.12 -37.23 10.16
N ASP A 633 13.29 -37.48 11.19
CA ASP A 633 13.25 -36.67 12.43
C ASP A 633 14.62 -36.66 13.10
N TRP A 634 14.98 -35.55 13.73
CA TRP A 634 16.28 -35.28 14.40
C TRP A 634 16.65 -36.43 15.34
N ALA A 635 15.66 -37.01 16.02
CA ALA A 635 15.81 -38.11 17.01
C ALA A 635 16.17 -39.42 16.33
N ASP A 636 15.78 -39.61 15.06
CA ASP A 636 16.01 -40.84 14.27
C ASP A 636 17.43 -40.85 13.67
N ARG A 637 18.17 -39.74 13.79
CA ARG A 637 19.55 -39.59 13.25
C ARG A 637 20.40 -38.84 14.27
N PRO A 638 20.91 -39.55 15.32
CA PRO A 638 21.75 -38.92 16.35
C PRO A 638 23.21 -38.75 15.91
N GLY A 639 23.96 -37.92 16.63
CA GLY A 639 25.38 -37.61 16.34
C GLY A 639 25.49 -36.52 15.28
N GLU A 640 26.64 -35.83 15.23
CA GLU A 640 26.90 -34.69 14.30
C GLU A 640 27.09 -35.22 12.87
N GLU A 641 27.49 -36.49 12.72
CA GLU A 641 27.74 -37.14 11.41
C GLU A 641 26.42 -37.34 10.65
N ASN A 642 25.28 -37.36 11.37
CA ASN A 642 23.93 -37.61 10.80
C ASN A 642 23.12 -36.30 10.76
N LYS A 643 23.79 -35.14 10.87
CA LYS A 643 23.18 -33.79 10.76
C LYS A 643 23.50 -33.20 9.39
N VAL A 644 22.71 -32.22 8.95
CA VAL A 644 22.72 -31.64 7.57
C VAL A 644 24.17 -31.31 7.14
N GLU A 645 24.93 -30.62 8.00
CA GLU A 645 26.30 -30.12 7.70
C GLU A 645 27.17 -31.29 7.21
N ALA A 646 27.18 -32.40 7.95
CA ALA A 646 27.97 -33.62 7.67
C ALA A 646 27.43 -34.34 6.43
N ILE A 647 26.10 -34.37 6.26
CA ILE A 647 25.40 -35.03 5.12
C ILE A 647 25.75 -34.30 3.82
N THR A 648 25.58 -32.98 3.79
CA THR A 648 25.84 -32.10 2.62
C THR A 648 27.33 -32.14 2.25
N MET A 649 28.20 -32.25 3.26
CA MET A 649 29.68 -32.35 3.10
C MET A 649 30.03 -33.63 2.33
N ARG A 650 29.51 -34.79 2.77
CA ARG A 650 29.71 -36.11 2.15
C ARG A 650 29.13 -36.12 0.73
N ALA A 651 27.91 -35.60 0.57
CA ALA A 651 27.17 -35.52 -0.72
C ALA A 651 28.00 -34.74 -1.74
N THR A 652 28.45 -33.53 -1.37
CA THR A 652 29.28 -32.63 -2.21
C THR A 652 30.59 -33.34 -2.59
N ARG A 653 31.17 -34.08 -1.65
CA ARG A 653 32.44 -34.85 -1.81
C ARG A 653 32.23 -35.97 -2.84
N ALA A 654 31.10 -36.68 -2.74
CA ALA A 654 30.70 -37.79 -3.64
C ALA A 654 30.39 -37.25 -5.05
N PHE A 655 29.69 -36.11 -5.14
CA PHE A 655 29.18 -35.52 -6.40
C PHE A 655 30.32 -34.86 -7.20
N SER A 656 31.48 -34.63 -6.57
CA SER A 656 32.70 -34.07 -7.22
C SER A 656 33.18 -35.02 -8.33
N GLN A 657 32.86 -36.32 -8.20
CA GLN A 657 33.21 -37.40 -9.18
C GLN A 657 32.08 -37.56 -10.21
N ILE A 658 31.61 -36.45 -10.79
CA ILE A 658 30.57 -36.43 -11.87
C ILE A 658 31.12 -35.58 -13.03
N LYS A 659 31.04 -36.10 -14.26
CA LYS A 659 31.62 -35.49 -15.48
C LYS A 659 30.71 -34.36 -15.98
N ASP A 660 31.33 -33.26 -16.43
CA ASP A 660 30.67 -32.12 -17.12
C ASP A 660 29.44 -31.66 -16.31
N ALA A 661 29.63 -31.39 -15.02
CA ALA A 661 28.55 -31.01 -14.08
C ALA A 661 29.13 -30.31 -12.84
N MET A 662 28.46 -29.26 -12.37
CA MET A 662 28.70 -28.61 -11.06
C MET A 662 27.56 -29.00 -10.12
N VAL A 663 27.81 -29.98 -9.24
CA VAL A 663 26.81 -30.58 -8.31
C VAL A 663 27.35 -30.42 -6.89
N PHE A 664 26.60 -29.73 -6.01
CA PHE A 664 26.93 -29.52 -4.59
C PHE A 664 25.64 -29.38 -3.76
N ALA A 665 25.62 -30.00 -2.58
CA ALA A 665 24.54 -29.91 -1.57
C ALA A 665 24.92 -28.85 -0.52
N PHE A 666 23.95 -28.06 -0.06
CA PHE A 666 24.17 -26.95 0.90
C PHE A 666 22.92 -26.72 1.75
N ASN A 667 23.12 -26.50 3.05
CA ASN A 667 22.10 -26.00 4.02
C ASN A 667 21.82 -24.53 3.68
N LEU A 668 20.55 -24.17 3.42
CA LEU A 668 20.17 -22.77 3.11
C LEU A 668 20.49 -21.91 4.34
N PRO A 669 21.40 -20.92 4.23
CA PRO A 669 21.82 -20.11 5.37
C PRO A 669 20.67 -19.61 6.25
N ALA A 670 20.87 -19.62 7.57
CA ALA A 670 19.96 -19.03 8.59
C ALA A 670 19.59 -17.60 8.17
N THR A 671 20.55 -16.88 7.58
CA THR A 671 20.39 -15.52 7.02
C THR A 671 21.04 -15.46 5.63
N VAL A 672 20.27 -15.77 4.58
CA VAL A 672 20.75 -15.87 3.16
C VAL A 672 21.14 -14.48 2.64
N GLU A 673 20.50 -13.42 3.14
CA GLU A 673 20.73 -12.02 2.69
C GLU A 673 22.04 -11.47 3.28
N LEU A 674 22.32 -11.74 4.55
CA LEU A 674 23.52 -11.24 5.27
C LEU A 674 24.81 -11.72 4.58
N GLY A 675 24.89 -13.02 4.26
CA GLY A 675 26.01 -13.61 3.51
C GLY A 675 26.26 -15.06 3.87
N THR A 676 27.38 -15.62 3.40
CA THR A 676 27.81 -17.02 3.61
C THR A 676 29.14 -17.03 4.39
N ALA A 677 29.07 -16.82 5.71
CA ALA A 677 30.20 -16.81 6.66
C ALA A 677 31.21 -15.71 6.30
N THR A 678 32.03 -15.96 5.27
CA THR A 678 33.12 -15.05 4.82
C THR A 678 33.13 -14.95 3.28
N GLY A 679 31.95 -14.88 2.66
CA GLY A 679 31.78 -14.77 1.20
C GLY A 679 31.58 -13.34 0.76
N PHE A 680 31.91 -13.03 -0.50
CA PHE A 680 31.69 -11.69 -1.14
C PHE A 680 30.97 -11.87 -2.49
N ASP A 681 30.25 -10.82 -2.92
CA ASP A 681 29.45 -10.80 -4.16
C ASP A 681 29.89 -9.61 -5.01
N PHE A 682 30.85 -9.84 -5.92
CA PHE A 682 31.51 -8.83 -6.79
C PHE A 682 30.74 -8.72 -8.11
N GLU A 683 30.63 -7.50 -8.64
CA GLU A 683 29.93 -7.19 -9.93
C GLU A 683 30.88 -6.41 -10.85
N LEU A 684 31.30 -7.02 -11.96
CA LEU A 684 32.12 -6.37 -13.01
C LEU A 684 31.20 -5.64 -13.98
N ILE A 685 31.43 -4.35 -14.20
CA ILE A 685 30.54 -3.45 -15.01
C ILE A 685 31.26 -3.06 -16.30
N ASP A 686 30.54 -3.08 -17.43
CA ASP A 686 30.96 -2.49 -18.73
C ASP A 686 30.51 -1.03 -18.75
N GLN A 687 31.43 -0.09 -18.48
CA GLN A 687 31.13 1.33 -18.19
C GLN A 687 31.17 2.17 -19.48
N ALA A 688 31.87 1.70 -20.52
CA ALA A 688 32.19 2.48 -21.75
C ALA A 688 31.65 1.78 -23.01
N GLY A 689 30.64 0.92 -22.86
CA GLY A 689 29.99 0.19 -23.98
C GLY A 689 30.98 -0.65 -24.76
N LEU A 690 31.89 -1.35 -24.06
CA LEU A 690 32.94 -2.21 -24.65
C LEU A 690 32.30 -3.34 -25.44
N GLY A 691 31.33 -4.04 -24.84
CA GLY A 691 30.63 -5.20 -25.40
C GLY A 691 30.79 -6.42 -24.51
N HIS A 692 30.12 -7.53 -24.87
CA HIS A 692 30.12 -8.80 -24.09
C HIS A 692 31.49 -9.46 -24.16
N GLU A 693 32.10 -9.51 -25.35
CA GLU A 693 33.40 -10.19 -25.61
C GLU A 693 34.52 -9.52 -24.82
N LYS A 694 34.57 -8.18 -24.85
CA LYS A 694 35.62 -7.37 -24.16
C LYS A 694 35.43 -7.47 -22.63
N LEU A 695 34.17 -7.55 -22.15
CA LEU A 695 33.84 -7.69 -20.71
C LEU A 695 34.21 -9.11 -20.25
N THR A 696 34.00 -10.11 -21.10
CA THR A 696 34.39 -11.53 -20.85
C THR A 696 35.92 -11.61 -20.67
N GLN A 697 36.67 -10.90 -21.52
CA GLN A 697 38.15 -10.83 -21.47
C GLN A 697 38.61 -10.21 -20.14
N ALA A 698 38.00 -9.09 -19.75
CA ALA A 698 38.28 -8.35 -18.49
C ALA A 698 38.04 -9.27 -17.28
N ARG A 699 36.93 -10.02 -17.30
CA ARG A 699 36.53 -10.96 -16.23
C ARG A 699 37.58 -12.07 -16.11
N ASN A 700 37.92 -12.71 -17.23
CA ASN A 700 38.93 -13.82 -17.30
C ASN A 700 40.26 -13.35 -16.70
N GLN A 701 40.68 -12.13 -17.04
CA GLN A 701 41.94 -11.50 -16.56
C GLN A 701 41.89 -11.34 -15.03
N LEU A 702 40.73 -10.95 -14.47
CA LEU A 702 40.53 -10.73 -13.02
C LEU A 702 40.52 -12.09 -12.30
N LEU A 703 39.88 -13.11 -12.89
CA LEU A 703 39.81 -14.51 -12.38
C LEU A 703 41.22 -15.12 -12.38
N ALA A 704 41.97 -14.90 -13.48
CA ALA A 704 43.36 -15.36 -13.66
C ALA A 704 44.24 -14.82 -12.52
N GLU A 705 44.13 -13.52 -12.23
CA GLU A 705 44.95 -12.80 -11.22
C GLU A 705 44.48 -13.17 -9.80
N ALA A 706 43.20 -13.50 -9.62
CA ALA A 706 42.61 -13.90 -8.31
C ALA A 706 43.18 -15.25 -7.87
N ALA A 707 43.36 -16.18 -8.82
CA ALA A 707 43.92 -17.53 -8.60
C ALA A 707 45.39 -17.44 -8.15
N LYS A 708 46.09 -16.37 -8.54
CA LYS A 708 47.52 -16.12 -8.22
C LYS A 708 47.68 -15.61 -6.79
N HIS A 709 46.59 -15.49 -6.02
CA HIS A 709 46.59 -15.14 -4.58
C HIS A 709 45.77 -16.16 -3.79
N PRO A 710 46.23 -17.43 -3.69
CA PRO A 710 45.58 -18.43 -2.83
C PRO A 710 45.61 -18.05 -1.33
N ASP A 711 46.63 -17.27 -0.93
CA ASP A 711 46.85 -16.84 0.49
C ASP A 711 45.68 -15.96 0.97
N MET A 712 45.02 -15.24 0.06
CA MET A 712 43.93 -14.27 0.38
C MET A 712 42.59 -14.79 -0.14
N LEU A 713 42.47 -15.02 -1.45
CA LEU A 713 41.19 -15.31 -2.15
C LEU A 713 41.04 -16.83 -2.37
N THR A 714 39.81 -17.34 -2.23
CA THR A 714 39.44 -18.78 -2.41
C THR A 714 38.14 -18.87 -3.21
N SER A 715 38.06 -19.84 -4.13
CA SER A 715 36.85 -20.20 -4.93
C SER A 715 36.29 -18.98 -5.66
N VAL A 716 37.16 -18.10 -6.17
CA VAL A 716 36.76 -16.92 -6.98
C VAL A 716 36.32 -17.42 -8.36
N ARG A 717 35.01 -17.31 -8.64
CA ARG A 717 34.35 -17.95 -9.82
C ARG A 717 33.28 -17.01 -10.37
N PRO A 718 32.87 -17.16 -11.65
CA PRO A 718 31.69 -16.48 -12.17
C PRO A 718 30.40 -17.11 -11.63
N ASN A 719 29.31 -16.35 -11.60
CA ASN A 719 27.95 -16.81 -11.21
C ASN A 719 27.04 -16.80 -12.44
N GLY A 720 27.62 -16.99 -13.63
CA GLY A 720 26.91 -16.98 -14.92
C GLY A 720 27.30 -18.17 -15.78
N LEU A 721 26.87 -18.16 -17.04
CA LEU A 721 27.17 -19.21 -18.05
C LEU A 721 28.22 -18.69 -19.04
N GLU A 722 28.93 -19.62 -19.70
CA GLU A 722 29.95 -19.32 -20.74
C GLU A 722 29.27 -19.32 -22.11
N ASP A 723 29.88 -18.66 -23.10
CA ASP A 723 29.38 -18.60 -24.50
C ASP A 723 29.32 -20.02 -25.06
N THR A 724 28.34 -20.30 -25.92
CA THR A 724 28.11 -21.62 -26.57
C THR A 724 27.91 -21.42 -28.06
N PRO A 725 28.16 -22.45 -28.91
CA PRO A 725 27.90 -22.36 -30.34
C PRO A 725 26.42 -22.06 -30.60
N GLN A 726 26.13 -21.15 -31.54
CA GLN A 726 24.75 -20.75 -31.94
C GLN A 726 24.69 -20.65 -33.47
N PHE A 727 23.56 -21.06 -34.05
CA PHE A 727 23.34 -21.18 -35.51
C PHE A 727 22.88 -19.83 -36.07
N LYS A 728 23.83 -19.04 -36.57
CA LYS A 728 23.57 -17.73 -37.23
C LYS A 728 23.04 -17.99 -38.64
N ILE A 729 21.86 -17.45 -38.98
CA ILE A 729 21.23 -17.56 -40.32
C ILE A 729 20.96 -16.14 -40.86
N ASP A 730 21.48 -15.83 -42.04
CA ASP A 730 21.33 -14.51 -42.73
C ASP A 730 20.28 -14.66 -43.84
N ILE A 731 19.23 -13.83 -43.78
CA ILE A 731 18.18 -13.74 -44.84
C ILE A 731 18.63 -12.73 -45.88
N ASP A 732 18.97 -13.18 -47.09
CA ASP A 732 19.37 -12.30 -48.22
C ASP A 732 18.13 -11.55 -48.71
N GLN A 733 18.05 -10.25 -48.41
CA GLN A 733 16.89 -9.37 -48.71
C GLN A 733 16.65 -9.34 -50.23
N GLU A 734 17.72 -9.10 -51.01
CA GLU A 734 17.67 -8.98 -52.49
C GLU A 734 17.04 -10.24 -53.10
N LYS A 735 17.51 -11.42 -52.69
CA LYS A 735 17.07 -12.74 -53.24
C LYS A 735 15.60 -12.97 -52.89
N ALA A 736 15.16 -12.55 -51.70
CA ALA A 736 13.76 -12.65 -51.22
C ALA A 736 12.87 -11.71 -52.07
N GLN A 737 13.33 -10.47 -52.28
CA GLN A 737 12.61 -9.45 -53.11
C GLN A 737 12.57 -9.93 -54.57
N ALA A 738 13.63 -10.58 -55.03
CA ALA A 738 13.77 -11.15 -56.39
C ALA A 738 12.72 -12.25 -56.61
N LEU A 739 12.63 -13.20 -55.68
CA LEU A 739 11.70 -14.37 -55.74
C LEU A 739 10.29 -13.93 -55.37
N GLY A 740 10.13 -12.79 -54.69
CA GLY A 740 8.84 -12.21 -54.29
C GLY A 740 8.26 -12.91 -53.07
N VAL A 741 9.11 -13.15 -52.06
CA VAL A 741 8.71 -13.78 -50.76
C VAL A 741 8.76 -12.70 -49.67
N SER A 742 7.68 -12.58 -48.90
CA SER A 742 7.56 -11.65 -47.74
C SER A 742 8.57 -12.06 -46.66
N ILE A 743 9.29 -11.09 -46.09
CA ILE A 743 10.26 -11.33 -44.98
C ILE A 743 9.47 -11.64 -43.70
N ASN A 744 8.24 -11.13 -43.61
CA ASN A 744 7.27 -11.44 -42.52
C ASN A 744 6.94 -12.94 -42.54
N ASP A 745 6.67 -13.49 -43.72
CA ASP A 745 6.37 -14.93 -43.94
C ASP A 745 7.60 -15.78 -43.58
N ILE A 746 8.80 -15.29 -43.91
CA ILE A 746 10.11 -15.97 -43.65
C ILE A 746 10.32 -16.07 -42.13
N ASN A 747 10.20 -14.93 -41.42
CA ASN A 747 10.44 -14.83 -39.95
C ASN A 747 9.37 -15.64 -39.20
N THR A 748 8.11 -15.59 -39.65
CA THR A 748 6.97 -16.36 -39.08
C THR A 748 7.24 -17.85 -39.23
N THR A 749 7.58 -18.30 -40.45
CA THR A 749 7.85 -19.72 -40.80
C THR A 749 9.00 -20.25 -39.92
N LEU A 750 10.11 -19.51 -39.85
CA LEU A 750 11.32 -19.86 -39.04
C LEU A 750 10.95 -19.85 -37.56
N GLY A 751 10.38 -18.74 -37.08
CA GLY A 751 10.04 -18.52 -35.66
C GLY A 751 9.03 -19.51 -35.14
N ALA A 752 7.90 -19.67 -35.84
CA ALA A 752 6.77 -20.56 -35.48
C ALA A 752 7.26 -22.01 -35.43
N ALA A 753 7.93 -22.48 -36.50
CA ALA A 753 8.40 -23.88 -36.66
C ALA A 753 9.41 -24.23 -35.56
N TRP A 754 10.48 -23.44 -35.42
CA TRP A 754 11.67 -23.77 -34.60
C TRP A 754 11.52 -23.25 -33.16
N GLY A 755 10.85 -22.11 -32.98
CA GLY A 755 10.67 -21.45 -31.66
C GLY A 755 9.34 -21.80 -31.01
N GLY A 756 8.26 -21.78 -31.81
CA GLY A 756 6.87 -21.97 -31.33
C GLY A 756 6.10 -20.65 -31.35
N SER A 757 4.83 -20.68 -31.74
CA SER A 757 3.93 -19.50 -31.85
C SER A 757 2.62 -19.75 -31.10
N TYR A 758 2.37 -18.96 -30.05
CA TYR A 758 1.12 -18.95 -29.25
C TYR A 758 0.06 -18.18 -30.05
N VAL A 759 -0.84 -18.91 -30.72
CA VAL A 759 -1.81 -18.38 -31.72
C VAL A 759 -2.95 -17.66 -31.00
N ASN A 760 -3.75 -18.41 -30.23
CA ASN A 760 -4.92 -17.89 -29.47
C ASN A 760 -5.26 -18.88 -28.34
N ASP A 761 -6.42 -18.73 -27.70
CA ASP A 761 -6.89 -19.59 -26.58
C ASP A 761 -7.98 -20.55 -27.07
N PHE A 762 -8.17 -21.64 -26.34
CA PHE A 762 -9.26 -22.64 -26.53
C PHE A 762 -9.76 -23.08 -25.15
N ILE A 763 -10.84 -23.88 -25.10
CA ILE A 763 -11.50 -24.32 -23.83
C ILE A 763 -11.28 -25.82 -23.64
N ASP A 764 -10.46 -26.21 -22.66
CA ASP A 764 -10.18 -27.62 -22.29
C ASP A 764 -10.92 -27.95 -20.99
N ARG A 765 -11.98 -28.75 -21.06
CA ARG A 765 -12.89 -29.11 -19.93
C ARG A 765 -13.31 -27.82 -19.21
N GLY A 766 -13.80 -26.84 -19.96
CA GLY A 766 -14.41 -25.60 -19.46
C GLY A 766 -13.39 -24.63 -18.86
N ARG A 767 -12.11 -24.76 -19.21
CA ARG A 767 -11.02 -23.85 -18.74
C ARG A 767 -10.27 -23.29 -19.96
N VAL A 768 -9.95 -21.99 -19.92
CA VAL A 768 -9.20 -21.28 -21.00
C VAL A 768 -7.75 -21.74 -20.96
N LYS A 769 -7.25 -22.27 -22.08
CA LYS A 769 -5.84 -22.73 -22.25
C LYS A 769 -5.32 -22.27 -23.61
N LYS A 770 -4.01 -22.34 -23.82
CA LYS A 770 -3.30 -21.76 -25.00
C LYS A 770 -3.36 -22.74 -26.18
N VAL A 771 -3.20 -22.22 -27.40
CA VAL A 771 -3.05 -22.99 -28.67
C VAL A 771 -1.68 -22.63 -29.27
N TYR A 772 -0.76 -23.59 -29.33
CA TYR A 772 0.62 -23.41 -29.83
C TYR A 772 0.78 -24.11 -31.19
N VAL A 773 1.40 -23.41 -32.14
CA VAL A 773 1.82 -23.94 -33.48
C VAL A 773 3.35 -24.03 -33.48
N MET A 774 3.88 -25.23 -33.70
CA MET A 774 5.34 -25.52 -33.71
C MET A 774 5.61 -26.72 -34.63
N SER A 775 6.86 -26.90 -35.06
CA SER A 775 7.33 -28.08 -35.84
C SER A 775 7.37 -29.30 -34.94
N GLU A 776 7.01 -30.47 -35.48
CA GLU A 776 7.24 -31.79 -34.83
C GLU A 776 8.75 -31.95 -34.62
N ALA A 777 9.16 -32.43 -33.45
CA ALA A 777 10.57 -32.49 -32.98
C ALA A 777 11.51 -32.86 -34.13
N LYS A 778 11.16 -33.88 -34.92
CA LYS A 778 12.06 -34.55 -35.89
C LYS A 778 12.43 -33.63 -37.07
N TYR A 779 11.73 -32.51 -37.25
CA TYR A 779 11.95 -31.55 -38.38
C TYR A 779 12.59 -30.25 -37.88
N ARG A 780 13.11 -30.22 -36.65
CA ARG A 780 13.77 -29.03 -36.06
C ARG A 780 14.87 -29.46 -35.08
N MET A 781 15.61 -30.53 -35.40
CA MET A 781 16.70 -31.10 -34.56
C MET A 781 18.06 -30.80 -35.19
N LEU A 782 18.19 -30.88 -36.52
CA LEU A 782 19.47 -30.79 -37.25
C LEU A 782 19.52 -29.52 -38.10
N PRO A 783 20.73 -28.93 -38.32
CA PRO A 783 20.88 -27.77 -39.20
C PRO A 783 20.36 -27.97 -40.64
N ASP A 784 20.42 -29.19 -41.16
CA ASP A 784 20.00 -29.53 -42.55
C ASP A 784 18.47 -29.51 -42.68
N ASP A 785 17.75 -29.52 -41.56
CA ASP A 785 16.25 -29.47 -41.52
C ASP A 785 15.76 -28.09 -41.96
N ILE A 786 16.61 -27.05 -41.86
CA ILE A 786 16.29 -25.64 -42.22
C ILE A 786 15.79 -25.60 -43.68
N GLY A 787 16.51 -26.28 -44.59
CA GLY A 787 16.24 -26.30 -46.03
C GLY A 787 14.92 -26.99 -46.39
N ASP A 788 14.44 -27.87 -45.51
CA ASP A 788 13.19 -28.67 -45.72
C ASP A 788 11.95 -27.77 -45.56
N TRP A 789 12.10 -26.55 -45.01
CA TRP A 789 11.00 -25.59 -44.79
C TRP A 789 10.84 -24.68 -46.02
N TYR A 790 9.62 -24.64 -46.58
CA TYR A 790 9.25 -23.88 -47.81
C TYR A 790 8.30 -22.74 -47.45
N VAL A 791 8.46 -21.59 -48.12
CA VAL A 791 7.61 -20.37 -47.98
C VAL A 791 7.03 -20.04 -49.37
N ARG A 792 5.73 -19.76 -49.44
CA ARG A 792 5.02 -19.42 -50.70
C ARG A 792 5.31 -17.96 -51.07
N ALA A 793 5.68 -17.72 -52.33
CA ALA A 793 5.92 -16.37 -52.91
C ALA A 793 4.60 -15.79 -53.43
N ALA A 794 4.63 -14.56 -53.94
CA ALA A 794 3.45 -13.84 -54.50
C ALA A 794 2.94 -14.56 -55.75
N ASP A 795 3.84 -15.14 -56.55
CA ASP A 795 3.52 -15.83 -57.83
C ASP A 795 2.88 -17.20 -57.54
N GLY A 796 3.07 -17.73 -56.33
CA GLY A 796 2.45 -19.00 -55.87
C GLY A 796 3.46 -20.12 -55.75
N GLN A 797 4.66 -19.94 -56.28
CA GLN A 797 5.77 -20.95 -56.27
C GLN A 797 6.29 -21.11 -54.83
N MET A 798 6.36 -22.35 -54.34
CA MET A 798 6.93 -22.70 -53.02
C MET A 798 8.46 -22.64 -53.10
N VAL A 799 9.08 -21.80 -52.27
CA VAL A 799 10.55 -21.51 -52.28
C VAL A 799 11.17 -22.14 -51.04
N PRO A 800 12.24 -22.97 -51.18
CA PRO A 800 12.93 -23.53 -50.02
C PRO A 800 13.75 -22.45 -49.30
N PHE A 801 13.99 -22.62 -48.00
CA PHE A 801 14.70 -21.66 -47.12
C PHE A 801 16.15 -21.50 -47.62
N SER A 802 16.73 -22.57 -48.17
CA SER A 802 18.12 -22.64 -48.71
C SER A 802 18.34 -21.62 -49.82
N ALA A 803 17.29 -21.29 -50.59
CA ALA A 803 17.35 -20.43 -51.80
C ALA A 803 17.72 -18.99 -51.45
N PHE A 804 17.24 -18.47 -50.30
CA PHE A 804 17.36 -17.04 -49.90
C PHE A 804 18.06 -16.89 -48.55
N SER A 805 18.66 -17.96 -48.01
CA SER A 805 19.31 -17.96 -46.67
C SER A 805 20.73 -18.54 -46.76
N SER A 806 21.62 -18.07 -45.88
CA SER A 806 23.00 -18.59 -45.65
C SER A 806 23.23 -18.70 -44.14
N SER A 807 23.91 -19.75 -43.69
CA SER A 807 24.12 -20.07 -42.25
C SER A 807 25.60 -20.31 -41.96
N ARG A 808 25.99 -20.16 -40.68
CA ARG A 808 27.36 -20.38 -40.17
C ARG A 808 27.32 -20.50 -38.64
N TRP A 809 28.30 -21.17 -38.05
CA TRP A 809 28.46 -21.34 -36.58
C TRP A 809 29.24 -20.15 -36.00
N GLU A 810 28.74 -19.59 -34.89
CA GLU A 810 29.43 -18.53 -34.08
C GLU A 810 29.10 -18.77 -32.60
N TYR A 811 29.68 -17.96 -31.71
CA TYR A 811 29.50 -18.06 -30.24
C TYR A 811 28.73 -16.83 -29.74
N GLY A 812 27.92 -17.03 -28.69
CA GLY A 812 27.14 -15.99 -28.01
C GLY A 812 26.71 -16.42 -26.62
N SER A 813 26.38 -15.48 -25.74
CA SER A 813 26.00 -15.72 -24.33
C SER A 813 24.62 -16.37 -24.26
N PRO A 814 24.44 -17.44 -23.46
CA PRO A 814 23.12 -17.99 -23.17
C PRO A 814 22.41 -17.32 -21.97
N ARG A 815 23.12 -16.44 -21.25
N ARG A 815 23.12 -16.42 -21.26
CA ARG A 815 22.62 -15.72 -20.05
CA ARG A 815 22.61 -15.72 -20.04
C ARG A 815 23.38 -14.39 -19.89
C ARG A 815 23.37 -14.40 -19.88
N LEU A 816 22.78 -13.29 -20.37
CA LEU A 816 23.37 -11.93 -20.28
C LEU A 816 22.91 -11.26 -18.99
N GLU A 817 23.86 -10.79 -18.17
CA GLU A 817 23.62 -10.15 -16.85
C GLU A 817 23.77 -8.63 -16.99
N ARG A 818 22.90 -7.87 -16.33
CA ARG A 818 22.99 -6.38 -16.22
C ARG A 818 22.81 -5.99 -14.75
N TYR A 819 23.65 -5.06 -14.27
CA TYR A 819 23.62 -4.52 -12.89
C TYR A 819 23.53 -2.99 -12.95
N ASN A 820 22.48 -2.42 -12.34
CA ASN A 820 22.15 -0.97 -12.34
C ASN A 820 22.05 -0.45 -13.77
N GLY A 821 21.46 -1.25 -14.67
CA GLY A 821 21.13 -0.86 -16.06
C GLY A 821 22.30 -0.98 -17.03
N LEU A 822 23.47 -1.40 -16.56
CA LEU A 822 24.71 -1.55 -17.39
C LEU A 822 25.06 -3.03 -17.51
N PRO A 823 25.63 -3.47 -18.66
CA PRO A 823 26.06 -4.86 -18.81
C PRO A 823 27.07 -5.26 -17.72
N SER A 824 26.88 -6.41 -17.10
CA SER A 824 27.65 -6.86 -15.91
C SER A 824 27.98 -8.36 -15.99
N MET A 825 28.82 -8.83 -15.06
CA MET A 825 29.15 -10.27 -14.83
C MET A 825 29.43 -10.47 -13.33
N GLU A 826 28.52 -11.17 -12.65
CA GLU A 826 28.57 -11.44 -11.18
C GLU A 826 29.71 -12.43 -10.90
N ILE A 827 30.63 -12.08 -10.00
CA ILE A 827 31.77 -12.92 -9.55
C ILE A 827 31.64 -13.18 -8.05
N LEU A 828 31.52 -14.45 -7.66
CA LEU A 828 31.44 -14.90 -6.25
C LEU A 828 32.84 -15.31 -5.76
N GLY A 829 32.99 -15.52 -4.46
CA GLY A 829 34.26 -15.93 -3.82
C GLY A 829 34.19 -15.81 -2.31
N GLN A 830 35.35 -15.90 -1.64
CA GLN A 830 35.47 -15.83 -0.16
C GLN A 830 36.94 -15.67 0.23
N ALA A 831 37.19 -15.12 1.43
CA ALA A 831 38.53 -14.94 2.03
C ALA A 831 39.07 -16.31 2.45
N ALA A 832 40.37 -16.55 2.22
CA ALA A 832 41.07 -17.81 2.55
C ALA A 832 41.11 -18.00 4.07
N PRO A 833 41.22 -19.25 4.58
CA PRO A 833 41.21 -19.50 6.02
C PRO A 833 42.17 -18.59 6.79
N GLY A 834 41.67 -17.92 7.83
CA GLY A 834 42.44 -16.98 8.67
C GLY A 834 42.18 -15.53 8.29
N LYS A 835 42.20 -15.23 6.99
CA LYS A 835 42.03 -13.86 6.43
C LYS A 835 40.56 -13.43 6.55
N SER A 836 40.31 -12.13 6.71
CA SER A 836 38.96 -11.51 6.88
C SER A 836 38.35 -11.23 5.51
N THR A 837 37.02 -11.03 5.48
CA THR A 837 36.21 -10.77 4.25
C THR A 837 36.57 -9.39 3.68
N GLY A 838 36.56 -8.37 4.55
CA GLY A 838 36.94 -6.98 4.20
C GLY A 838 38.33 -6.92 3.58
N GLU A 839 39.27 -7.70 4.11
CA GLU A 839 40.68 -7.79 3.65
C GLU A 839 40.73 -8.44 2.26
N ALA A 840 39.86 -9.40 1.98
CA ALA A 840 39.74 -10.09 0.67
C ALA A 840 39.20 -9.12 -0.38
N MET A 841 38.22 -8.28 0.00
CA MET A 841 37.57 -7.28 -0.88
C MET A 841 38.56 -6.18 -1.24
N GLU A 842 39.43 -5.78 -0.29
CA GLU A 842 40.52 -4.80 -0.52
C GLU A 842 41.37 -5.24 -1.71
N LEU A 843 41.73 -6.52 -1.77
CA LEU A 843 42.55 -7.13 -2.83
C LEU A 843 41.78 -7.12 -4.16
N MET A 844 40.51 -7.55 -4.14
CA MET A 844 39.61 -7.57 -5.32
C MET A 844 39.53 -6.16 -5.93
N GLU A 845 39.37 -5.13 -5.09
CA GLU A 845 39.34 -3.69 -5.50
C GLU A 845 40.67 -3.34 -6.19
N GLN A 846 41.79 -3.75 -5.60
CA GLN A 846 43.17 -3.51 -6.12
C GLN A 846 43.33 -4.19 -7.48
N LEU A 847 42.94 -5.46 -7.59
CA LEU A 847 43.02 -6.27 -8.84
C LEU A 847 42.10 -5.64 -9.90
N ALA A 848 40.92 -5.16 -9.49
CA ALA A 848 39.88 -4.56 -10.36
C ALA A 848 40.36 -3.25 -10.97
N SER A 849 41.23 -2.51 -10.26
CA SER A 849 41.77 -1.19 -10.68
C SER A 849 42.68 -1.34 -11.90
N LYS A 850 43.31 -2.50 -12.06
CA LYS A 850 44.33 -2.78 -13.13
C LYS A 850 43.72 -3.64 -14.24
N LEU A 851 42.43 -3.43 -14.55
CA LEU A 851 41.72 -4.08 -15.68
C LEU A 851 41.67 -3.10 -16.85
N PRO A 852 41.29 -3.54 -18.07
CA PRO A 852 41.26 -2.66 -19.24
C PRO A 852 40.40 -1.39 -19.06
N THR A 853 40.61 -0.40 -19.93
CA THR A 853 39.89 0.90 -19.96
C THR A 853 38.40 0.64 -20.22
N GLY A 854 37.53 1.29 -19.44
CA GLY A 854 36.06 1.23 -19.59
C GLY A 854 35.43 0.12 -18.76
N VAL A 855 36.20 -0.50 -17.86
CA VAL A 855 35.73 -1.63 -16.98
C VAL A 855 35.71 -1.14 -15.52
N GLY A 856 34.53 -1.01 -14.94
CA GLY A 856 34.32 -0.65 -13.52
C GLY A 856 33.88 -1.86 -12.71
N TYR A 857 33.68 -1.68 -11.40
CA TYR A 857 33.22 -2.74 -10.46
C TYR A 857 32.22 -2.14 -9.46
N ASP A 858 31.61 -3.02 -8.64
CA ASP A 858 30.67 -2.64 -7.56
C ASP A 858 30.43 -3.85 -6.65
N TRP A 859 29.85 -3.64 -5.47
CA TRP A 859 29.47 -4.69 -4.49
C TRP A 859 27.94 -4.74 -4.38
N THR A 860 27.38 -5.95 -4.25
CA THR A 860 25.92 -6.21 -4.16
C THR A 860 25.65 -7.28 -3.09
N GLY A 861 24.37 -7.50 -2.77
CA GLY A 861 23.89 -8.52 -1.81
C GLY A 861 24.60 -8.42 -0.47
N MET A 862 25.36 -9.46 -0.11
CA MET A 862 26.06 -9.62 1.19
C MET A 862 27.16 -8.56 1.34
N SER A 863 27.93 -8.32 0.28
CA SER A 863 29.09 -7.38 0.25
C SER A 863 28.61 -5.94 0.49
N TYR A 864 27.47 -5.57 -0.09
CA TYR A 864 26.83 -4.23 0.00
C TYR A 864 26.55 -3.86 1.46
N GLN A 865 26.11 -4.85 2.27
CA GLN A 865 25.62 -4.64 3.66
C GLN A 865 26.76 -4.86 4.68
N GLU A 866 27.98 -5.13 4.22
CA GLU A 866 29.22 -5.09 5.05
C GLU A 866 29.77 -3.67 5.04
N ARG A 867 29.75 -3.01 3.87
CA ARG A 867 30.23 -1.62 3.66
C ARG A 867 29.39 -0.66 4.49
N LEU A 868 28.11 -0.99 4.70
CA LEU A 868 27.17 -0.24 5.58
C LEU A 868 27.48 -0.56 7.04
N SER A 869 28.04 0.41 7.77
CA SER A 869 28.30 0.37 9.24
C SER A 869 29.22 -0.80 9.57
N GLY A 870 29.04 -1.45 10.73
CA GLY A 870 29.86 -2.58 11.22
C GLY A 870 30.83 -2.14 12.30
N ASN A 871 30.95 -2.93 13.37
CA ASN A 871 31.83 -2.66 14.54
C ASN A 871 31.29 -1.45 15.31
N GLN A 872 30.03 -1.55 15.76
CA GLN A 872 29.31 -0.51 16.57
C GLN A 872 29.15 -0.99 18.01
N ALA A 873 29.75 -2.13 18.37
CA ALA A 873 29.64 -2.79 19.69
C ALA A 873 30.46 -2.04 20.73
N PRO A 874 31.77 -1.75 20.49
CA PRO A 874 32.60 -1.07 21.49
C PRO A 874 32.01 0.27 21.96
N SER A 875 31.46 1.04 21.01
CA SER A 875 30.86 2.38 21.22
C SER A 875 29.67 2.30 22.19
N LEU A 876 28.85 1.25 22.07
CA LEU A 876 27.57 1.11 22.84
C LEU A 876 27.84 0.45 24.20
N TYR A 877 28.86 -0.41 24.30
CA TYR A 877 29.28 -1.07 25.57
C TYR A 877 30.14 -0.10 26.39
N ALA A 878 30.62 0.98 25.78
CA ALA A 878 31.35 2.09 26.44
C ALA A 878 30.37 2.93 27.26
N ILE A 879 29.24 3.33 26.65
CA ILE A 879 28.16 4.12 27.32
C ILE A 879 27.41 3.21 28.29
N SER A 880 27.26 1.92 27.96
CA SER A 880 26.66 0.88 28.84
C SER A 880 27.42 0.84 30.17
N LEU A 881 28.75 0.83 30.11
CA LEU A 881 29.66 0.90 31.29
C LEU A 881 29.41 2.21 32.06
N ILE A 882 29.49 3.34 31.36
CA ILE A 882 29.40 4.72 31.94
C ILE A 882 28.05 4.87 32.65
N VAL A 883 26.94 4.53 31.99
CA VAL A 883 25.56 4.70 32.50
C VAL A 883 25.36 3.80 33.73
N VAL A 884 25.88 2.57 33.71
CA VAL A 884 25.80 1.59 34.85
C VAL A 884 26.52 2.19 36.05
N PHE A 885 27.72 2.75 35.87
CA PHE A 885 28.54 3.42 36.92
C PHE A 885 27.75 4.59 37.52
N LEU A 886 27.15 5.42 36.66
CA LEU A 886 26.38 6.63 37.06
C LEU A 886 25.18 6.22 37.92
N CYS A 887 24.42 5.20 37.48
CA CYS A 887 23.23 4.66 38.19
C CYS A 887 23.63 4.12 39.56
N LEU A 888 24.80 3.47 39.67
CA LEU A 888 25.34 2.92 40.94
C LEU A 888 25.72 4.07 41.88
N ALA A 889 26.35 5.12 41.34
CA ALA A 889 26.79 6.31 42.10
C ALA A 889 25.58 6.99 42.76
N ALA A 890 24.43 7.01 42.08
CA ALA A 890 23.15 7.56 42.57
C ALA A 890 22.59 6.68 43.70
N LEU A 891 22.74 5.36 43.56
CA LEU A 891 22.22 4.34 44.53
C LEU A 891 22.96 4.47 45.86
N TYR A 892 24.28 4.64 45.82
CA TYR A 892 25.18 4.64 47.02
C TYR A 892 25.51 6.09 47.43
N GLU A 893 25.23 7.07 46.59
CA GLU A 893 25.59 8.50 46.80
C GLU A 893 27.10 8.58 47.03
N SER A 894 27.88 7.99 46.11
CA SER A 894 29.36 7.89 46.17
C SER A 894 29.91 7.62 44.75
N TRP A 895 30.98 8.32 44.37
CA TRP A 895 31.67 8.16 43.06
C TRP A 895 32.63 6.97 43.10
N SER A 896 32.90 6.42 44.29
CA SER A 896 33.96 5.41 44.55
C SER A 896 33.39 4.01 44.77
N ILE A 897 32.27 3.90 45.50
CA ILE A 897 31.66 2.59 45.91
C ILE A 897 31.24 1.80 44.68
N PRO A 898 30.64 2.42 43.63
CA PRO A 898 30.26 1.68 42.42
C PRO A 898 31.31 0.72 41.86
N PHE A 899 32.60 1.07 41.97
CA PHE A 899 33.75 0.27 41.49
C PHE A 899 33.75 -1.12 42.14
N SER A 900 33.44 -1.19 43.43
CA SER A 900 33.40 -2.44 44.24
C SER A 900 32.39 -3.44 43.65
N VAL A 901 31.34 -2.94 43.00
CA VAL A 901 30.27 -3.74 42.34
C VAL A 901 30.69 -4.04 40.89
N MET A 902 31.28 -3.08 40.19
CA MET A 902 31.62 -3.16 38.74
C MET A 902 32.79 -4.12 38.50
N LEU A 903 33.58 -4.44 39.53
CA LEU A 903 34.82 -5.25 39.42
C LEU A 903 34.50 -6.76 39.44
N VAL A 904 33.22 -7.15 39.53
CA VAL A 904 32.79 -8.58 39.51
C VAL A 904 32.46 -9.00 38.07
N VAL A 905 32.40 -8.05 37.13
CA VAL A 905 32.05 -8.31 35.70
C VAL A 905 32.97 -9.41 35.16
N PRO A 906 34.32 -9.30 35.29
CA PRO A 906 35.22 -10.32 34.78
C PRO A 906 35.06 -11.74 35.38
N LEU A 907 34.51 -11.84 36.60
CA LEU A 907 34.34 -13.13 37.33
C LEU A 907 33.35 -14.04 36.58
N GLY A 908 32.39 -13.44 35.88
CA GLY A 908 31.35 -14.16 35.11
C GLY A 908 31.77 -14.42 33.68
N VAL A 909 32.61 -13.55 33.11
CA VAL A 909 33.07 -13.64 31.69
C VAL A 909 34.07 -14.79 31.56
N ILE A 910 34.93 -14.98 32.57
CA ILE A 910 35.98 -16.05 32.60
C ILE A 910 35.31 -17.42 32.51
N GLY A 911 34.19 -17.62 33.21
CA GLY A 911 33.42 -18.88 33.21
C GLY A 911 32.81 -19.18 31.85
N ALA A 912 32.24 -18.18 31.19
CA ALA A 912 31.58 -18.28 29.87
C ALA A 912 32.60 -18.66 28.81
N LEU A 913 33.72 -17.93 28.76
CA LEU A 913 34.81 -18.10 27.74
C LEU A 913 35.40 -19.51 27.85
N LEU A 914 35.67 -19.99 29.08
CA LEU A 914 36.25 -21.34 29.35
C LEU A 914 35.30 -22.42 28.80
N ALA A 915 34.01 -22.32 29.10
CA ALA A 915 32.95 -23.29 28.69
C ALA A 915 32.80 -23.28 27.16
N ALA A 916 32.81 -22.09 26.55
CA ALA A 916 32.66 -21.88 25.09
C ALA A 916 33.82 -22.56 24.35
N THR A 917 35.05 -22.43 24.86
CA THR A 917 36.29 -22.97 24.25
C THR A 917 36.36 -24.50 24.45
N PHE A 918 35.91 -24.99 25.62
CA PHE A 918 35.88 -26.43 25.99
C PHE A 918 34.93 -27.20 25.05
N ARG A 919 33.74 -26.63 24.80
CA ARG A 919 32.73 -27.20 23.86
C ARG A 919 33.03 -26.78 22.42
N GLY A 920 33.99 -25.86 22.24
CA GLY A 920 34.45 -25.39 20.91
C GLY A 920 33.42 -24.53 20.22
N LEU A 921 32.65 -23.75 21.00
CA LEU A 921 31.64 -22.78 20.50
C LEU A 921 32.34 -21.49 20.09
N THR A 922 31.57 -20.48 19.67
CA THR A 922 32.07 -19.16 19.17
C THR A 922 31.42 -18.02 19.95
N ASN A 923 32.10 -16.85 19.98
CA ASN A 923 31.60 -15.59 20.59
C ASN A 923 30.55 -14.99 19.63
N ASP A 924 29.28 -15.36 19.81
CA ASP A 924 28.16 -15.01 18.90
C ASP A 924 27.01 -14.39 19.69
N VAL A 925 25.87 -14.13 19.02
CA VAL A 925 24.65 -13.49 19.57
C VAL A 925 24.28 -14.15 20.89
N TYR A 926 23.98 -15.45 20.86
CA TYR A 926 23.46 -16.26 22.00
C TYR A 926 24.44 -16.20 23.18
N PHE A 927 25.74 -16.22 22.90
CA PHE A 927 26.83 -16.12 23.90
C PHE A 927 26.83 -14.73 24.54
N GLN A 928 26.70 -13.68 23.72
CA GLN A 928 26.80 -12.26 24.12
C GLN A 928 25.62 -11.89 25.05
N VAL A 929 24.38 -12.23 24.66
CA VAL A 929 23.14 -11.92 25.44
C VAL A 929 23.14 -12.74 26.74
N GLY A 930 23.57 -14.00 26.69
CA GLY A 930 23.69 -14.88 27.86
C GLY A 930 24.75 -14.40 28.84
N LEU A 931 25.76 -13.66 28.33
CA LEU A 931 26.86 -13.06 29.13
C LEU A 931 26.32 -11.88 29.95
N LEU A 932 25.47 -11.05 29.33
CA LEU A 932 24.82 -9.89 30.00
C LEU A 932 23.92 -10.38 31.14
N THR A 933 23.19 -11.47 30.91
CA THR A 933 22.30 -12.15 31.89
C THR A 933 23.13 -12.58 33.12
N THR A 934 24.33 -13.13 32.88
CA THR A 934 25.27 -13.60 33.93
C THR A 934 25.85 -12.39 34.67
N ILE A 935 26.31 -11.37 33.94
CA ILE A 935 26.84 -10.09 34.51
C ILE A 935 25.74 -9.45 35.38
N GLY A 936 24.50 -9.43 34.87
CA GLY A 936 23.32 -8.86 35.56
C GLY A 936 23.16 -9.41 36.96
N LEU A 937 23.17 -10.74 37.11
CA LEU A 937 22.97 -11.45 38.40
C LEU A 937 24.20 -11.24 39.30
N SER A 938 25.40 -11.54 38.79
CA SER A 938 26.69 -11.39 39.51
C SER A 938 26.83 -9.97 40.05
N ALA A 939 26.39 -8.98 39.27
CA ALA A 939 26.35 -7.54 39.65
C ALA A 939 25.23 -7.31 40.67
N LYS A 940 24.04 -7.87 40.42
CA LYS A 940 22.84 -7.73 41.30
C LYS A 940 23.15 -8.25 42.71
N ASN A 941 23.90 -9.35 42.80
CA ASN A 941 24.31 -9.98 44.08
C ASN A 941 25.32 -9.06 44.80
N ALA A 942 26.26 -8.48 44.03
CA ALA A 942 27.30 -7.55 44.53
C ALA A 942 26.65 -6.27 45.06
N ILE A 943 25.56 -5.81 44.42
CA ILE A 943 24.81 -4.59 44.83
C ILE A 943 24.23 -4.81 46.23
N LEU A 944 23.53 -5.93 46.45
CA LEU A 944 22.85 -6.27 47.73
C LEU A 944 23.89 -6.44 48.84
N ILE A 945 25.03 -7.09 48.56
CA ILE A 945 26.14 -7.32 49.54
C ILE A 945 26.66 -5.96 50.02
N VAL A 946 27.05 -5.08 49.08
CA VAL A 946 27.60 -3.72 49.36
C VAL A 946 26.52 -2.87 50.03
N GLU A 947 25.27 -2.98 49.57
CA GLU A 947 24.10 -2.23 50.11
C GLU A 947 23.90 -2.60 51.59
N PHE A 948 23.93 -3.89 51.92
CA PHE A 948 23.76 -4.43 53.30
C PHE A 948 24.94 -3.98 54.18
N ALA A 949 26.17 -4.11 53.68
CA ALA A 949 27.42 -3.74 54.38
C ALA A 949 27.42 -2.24 54.69
N LYS A 950 27.13 -1.39 53.69
CA LYS A 950 27.04 0.08 53.81
C LYS A 950 25.93 0.45 54.80
N ASP A 951 24.79 -0.26 54.74
CA ASP A 951 23.60 -0.04 55.62
C ASP A 951 24.01 -0.17 57.09
N LEU A 952 24.75 -1.23 57.42
CA LEU A 952 25.21 -1.53 58.81
C LEU A 952 26.17 -0.43 59.28
N MET A 953 27.05 0.05 58.40
CA MET A 953 28.06 1.10 58.69
C MET A 953 27.37 2.46 58.91
N ASP A 954 26.17 2.66 58.33
CA ASP A 954 25.39 3.91 58.45
C ASP A 954 24.43 3.81 59.65
N LYS A 955 23.47 2.88 59.60
CA LYS A 955 22.35 2.77 60.57
C LYS A 955 22.87 2.26 61.92
N GLU A 956 23.68 1.19 61.91
CA GLU A 956 24.19 0.51 63.14
C GLU A 956 25.53 1.13 63.56
N GLY A 957 26.31 1.61 62.59
CA GLY A 957 27.64 2.22 62.82
C GLY A 957 28.70 1.20 63.14
N LYS A 958 28.63 0.01 62.51
CA LYS A 958 29.59 -1.10 62.71
C LYS A 958 30.86 -0.83 61.90
N GLY A 959 31.97 -1.48 62.25
CA GLY A 959 33.27 -1.35 61.57
C GLY A 959 33.23 -1.95 60.17
N LEU A 960 34.10 -1.48 59.27
CA LEU A 960 34.18 -1.92 57.85
C LEU A 960 34.22 -3.46 57.78
N ILE A 961 35.19 -4.07 58.45
CA ILE A 961 35.47 -5.54 58.37
C ILE A 961 34.32 -6.30 59.03
N GLU A 962 33.86 -5.85 60.19
CA GLU A 962 32.72 -6.42 60.96
C GLU A 962 31.46 -6.39 60.09
N ALA A 963 31.18 -5.24 59.44
CA ALA A 963 29.97 -4.97 58.63
C ALA A 963 30.00 -5.81 57.35
N THR A 964 31.14 -5.87 56.66
CA THR A 964 31.37 -6.65 55.41
C THR A 964 31.06 -8.13 55.66
N LEU A 965 31.55 -8.66 56.78
CA LEU A 965 31.37 -10.09 57.19
C LEU A 965 29.91 -10.33 57.61
N ASP A 966 29.23 -9.30 58.13
CA ASP A 966 27.80 -9.36 58.56
C ASP A 966 26.89 -9.35 57.33
N ALA A 967 27.36 -8.84 56.18
CA ALA A 967 26.62 -8.78 54.91
C ALA A 967 26.64 -10.16 54.25
N VAL A 968 27.83 -10.70 53.98
CA VAL A 968 28.05 -11.93 53.17
C VAL A 968 27.23 -13.10 53.72
N ARG A 969 27.21 -13.29 55.05
CA ARG A 969 26.53 -14.44 55.73
C ARG A 969 25.02 -14.34 55.54
N MET A 970 24.47 -13.12 55.53
CA MET A 970 23.03 -12.85 55.28
C MET A 970 22.72 -13.10 53.79
N ARG A 971 23.64 -12.72 52.90
CA ARG A 971 23.47 -12.72 51.43
C ARG A 971 23.89 -14.07 50.83
N LEU A 972 24.57 -14.93 51.59
CA LEU A 972 25.14 -16.21 51.08
C LEU A 972 24.02 -17.12 50.57
N ARG A 973 23.00 -17.39 51.40
CA ARG A 973 21.89 -18.34 51.11
C ARG A 973 21.15 -17.91 49.85
N PRO A 974 20.59 -16.66 49.77
CA PRO A 974 19.81 -16.26 48.60
C PRO A 974 20.62 -16.21 47.30
N ILE A 975 21.94 -15.98 47.39
CA ILE A 975 22.88 -15.98 46.24
C ILE A 975 23.01 -17.41 45.70
N LEU A 976 23.35 -18.36 46.57
CA LEU A 976 23.54 -19.80 46.21
C LEU A 976 22.21 -20.40 45.76
N MET A 977 21.10 -20.01 46.40
CA MET A 977 19.72 -20.44 46.03
C MET A 977 19.45 -20.09 44.57
N THR A 978 19.76 -18.85 44.16
CA THR A 978 19.58 -18.33 42.78
C THR A 978 20.50 -19.07 41.82
N SER A 979 21.79 -19.20 42.18
CA SER A 979 22.86 -19.82 41.36
C SER A 979 22.49 -21.26 41.01
N LEU A 980 22.12 -22.07 42.01
CA LEU A 980 21.71 -23.50 41.82
C LEU A 980 20.52 -23.57 40.87
N ALA A 981 19.42 -22.88 41.21
CA ALA A 981 18.12 -22.90 40.49
C ALA A 981 18.31 -22.56 39.01
N PHE A 982 19.13 -21.56 38.70
CA PHE A 982 19.33 -21.02 37.32
C PHE A 982 20.29 -21.93 36.54
N ILE A 983 21.39 -22.37 37.16
CA ILE A 983 22.36 -23.34 36.56
C ILE A 983 21.61 -24.64 36.23
N LEU A 984 20.75 -25.10 37.15
CA LEU A 984 19.93 -26.33 37.00
C LEU A 984 18.87 -26.10 35.92
N GLY A 985 18.35 -24.88 35.82
CA GLY A 985 17.31 -24.47 34.86
C GLY A 985 17.79 -24.49 33.42
N VAL A 986 19.11 -24.33 33.19
CA VAL A 986 19.73 -24.29 31.84
C VAL A 986 20.47 -25.61 31.56
N MET A 987 20.30 -26.63 32.41
CA MET A 987 20.82 -28.00 32.19
C MET A 987 20.13 -28.62 30.97
N PRO A 988 18.78 -28.47 30.81
CA PRO A 988 18.10 -28.98 29.62
C PRO A 988 18.66 -28.40 28.31
N LEU A 989 19.17 -27.16 28.34
CA LEU A 989 19.72 -26.44 27.16
C LEU A 989 21.10 -27.00 26.80
N VAL A 990 21.95 -27.26 27.80
CA VAL A 990 23.33 -27.83 27.61
C VAL A 990 23.19 -29.26 27.07
N ILE A 991 22.27 -30.04 27.62
CA ILE A 991 21.99 -31.46 27.24
C ILE A 991 21.23 -31.49 25.91
N SER A 992 20.48 -30.42 25.60
CA SER A 992 19.54 -30.32 24.44
C SER A 992 20.11 -31.01 23.20
N THR A 993 19.33 -31.94 22.63
CA THR A 993 19.56 -32.57 21.30
C THR A 993 18.23 -32.55 20.52
N GLY A 994 18.26 -32.22 19.23
CA GLY A 994 17.08 -32.18 18.36
C GLY A 994 16.88 -30.82 17.72
N ALA A 995 15.63 -30.44 17.49
CA ALA A 995 15.22 -29.20 16.77
C ALA A 995 15.74 -27.96 17.51
N GLY A 996 16.63 -27.20 16.86
CA GLY A 996 17.17 -25.92 17.37
C GLY A 996 18.07 -26.11 18.57
N SER A 997 18.77 -27.26 18.66
CA SER A 997 19.68 -27.62 19.78
C SER A 997 20.95 -26.78 19.72
N GLY A 998 21.42 -26.45 18.51
CA GLY A 998 22.61 -25.60 18.26
C GLY A 998 22.49 -24.27 18.98
N ALA A 999 21.32 -23.63 18.90
CA ALA A 999 20.98 -22.36 19.58
C ALA A 999 20.88 -22.58 21.08
N GLN A 1000 20.13 -23.61 21.50
CA GLN A 1000 19.90 -23.98 22.93
C GLN A 1000 21.24 -24.27 23.61
N ASN A 1001 22.10 -25.07 22.99
CA ASN A 1001 23.45 -25.44 23.48
C ASN A 1001 24.28 -24.17 23.67
N ALA A 1002 24.25 -23.25 22.69
CA ALA A 1002 25.02 -21.99 22.66
C ALA A 1002 24.65 -21.12 23.87
N VAL A 1003 23.34 -21.01 24.17
CA VAL A 1003 22.79 -20.21 25.30
C VAL A 1003 23.20 -20.87 26.63
N GLY A 1004 22.78 -22.12 26.83
CA GLY A 1004 22.92 -22.88 28.09
C GLY A 1004 24.38 -23.01 28.54
N THR A 1005 25.29 -23.27 27.58
CA THR A 1005 26.74 -23.51 27.83
C THR A 1005 27.39 -22.26 28.42
N GLY A 1006 27.22 -21.10 27.75
CA GLY A 1006 27.81 -19.81 28.13
C GLY A 1006 27.28 -19.31 29.47
N VAL A 1007 26.00 -19.54 29.76
CA VAL A 1007 25.32 -19.11 31.03
C VAL A 1007 25.84 -19.98 32.18
N MET A 1008 25.72 -21.31 32.04
CA MET A 1008 26.17 -22.30 33.07
C MET A 1008 27.63 -22.01 33.44
N GLY A 1009 28.52 -21.96 32.43
CA GLY A 1009 29.95 -21.65 32.60
C GLY A 1009 30.16 -20.40 33.43
N GLY A 1010 29.51 -19.30 33.03
CA GLY A 1010 29.62 -17.98 33.69
C GLY A 1010 29.07 -18.00 35.11
N MET A 1011 27.87 -18.56 35.30
CA MET A 1011 27.14 -18.61 36.60
C MET A 1011 27.97 -19.37 37.64
N VAL A 1012 28.76 -20.37 37.21
CA VAL A 1012 29.61 -21.20 38.11
C VAL A 1012 30.75 -20.35 38.69
N THR A 1013 31.62 -19.79 37.82
CA THR A 1013 32.76 -18.92 38.22
C THR A 1013 32.22 -17.70 38.97
N ALA A 1014 31.24 -17.00 38.39
CA ALA A 1014 30.59 -15.80 38.96
C ALA A 1014 30.20 -16.08 40.43
N THR A 1015 29.44 -17.15 40.66
CA THR A 1015 28.89 -17.53 41.99
C THR A 1015 30.04 -17.74 42.99
N VAL A 1016 31.00 -18.62 42.67
CA VAL A 1016 32.08 -19.08 43.60
C VAL A 1016 33.06 -17.93 43.86
N LEU A 1017 33.47 -17.18 42.82
CA LEU A 1017 34.50 -16.10 42.94
C LEU A 1017 33.88 -14.85 43.58
N ALA A 1018 32.64 -14.50 43.24
CA ALA A 1018 31.94 -13.28 43.72
C ALA A 1018 31.89 -13.27 45.25
N ILE A 1019 31.35 -14.32 45.86
CA ILE A 1019 31.15 -14.45 47.34
C ILE A 1019 32.49 -14.20 48.06
N PHE A 1020 33.62 -14.42 47.38
CA PHE A 1020 34.99 -14.26 47.95
C PHE A 1020 35.60 -12.91 47.56
N PHE A 1021 35.28 -12.37 46.38
CA PHE A 1021 35.93 -11.15 45.80
C PHE A 1021 35.14 -9.88 46.11
N VAL A 1022 33.81 -9.97 46.23
CA VAL A 1022 32.92 -8.80 46.52
C VAL A 1022 33.35 -8.17 47.85
N PRO A 1023 33.62 -8.97 48.91
CA PRO A 1023 34.16 -8.42 50.17
C PRO A 1023 35.54 -7.76 50.00
N VAL A 1024 36.44 -8.38 49.23
CA VAL A 1024 37.80 -7.83 48.92
C VAL A 1024 37.63 -6.46 48.26
N PHE A 1025 36.73 -6.37 47.27
CA PHE A 1025 36.44 -5.13 46.50
C PHE A 1025 35.95 -4.03 47.44
N PHE A 1026 34.91 -4.30 48.24
CA PHE A 1026 34.25 -3.31 49.13
C PHE A 1026 35.25 -2.78 50.17
N VAL A 1027 36.03 -3.67 50.78
CA VAL A 1027 37.04 -3.32 51.83
C VAL A 1027 38.14 -2.46 51.19
N VAL A 1028 38.79 -2.96 50.14
CA VAL A 1028 39.94 -2.28 49.44
C VAL A 1028 39.48 -0.89 48.99
N VAL A 1029 38.28 -0.78 48.42
CA VAL A 1029 37.71 0.49 47.86
C VAL A 1029 37.50 1.50 48.99
N ARG A 1030 36.84 1.11 50.07
CA ARG A 1030 36.48 1.99 51.22
C ARG A 1030 37.75 2.40 51.98
N ARG A 1031 38.77 1.52 52.03
CA ARG A 1031 40.09 1.81 52.63
C ARG A 1031 40.78 2.94 51.84
N ARG A 1032 40.83 2.79 50.51
CA ARG A 1032 41.56 3.71 49.60
C ARG A 1032 40.92 5.10 49.62
N PHE A 1033 39.59 5.18 49.59
CA PHE A 1033 38.80 6.44 49.54
C PHE A 1033 38.16 6.72 50.91
N SER A 1034 38.77 7.63 51.69
CA SER A 1034 38.30 8.08 53.03
C SER A 1034 38.94 9.43 53.37
N MET B 1 -8.40 11.36 45.29
CA MET B 1 -8.59 12.28 44.13
C MET B 1 -9.81 13.18 44.35
N PRO B 2 -10.97 12.67 44.83
CA PRO B 2 -12.11 13.53 45.14
C PRO B 2 -11.80 14.58 46.23
N ASN B 3 -11.00 14.19 47.25
CA ASN B 3 -10.52 15.08 48.34
C ASN B 3 -9.70 16.23 47.73
N PHE B 4 -8.86 15.92 46.73
CA PHE B 4 -7.95 16.87 46.03
C PHE B 4 -8.75 17.98 45.34
N PHE B 5 -9.90 17.64 44.76
CA PHE B 5 -10.73 18.54 43.91
C PHE B 5 -11.83 19.23 44.73
N ILE B 6 -12.14 18.73 45.92
CA ILE B 6 -13.03 19.42 46.90
C ILE B 6 -12.30 20.69 47.40
N ASP B 7 -11.00 20.56 47.69
CA ASP B 7 -10.12 21.68 48.13
C ASP B 7 -9.79 22.59 46.96
N ARG B 8 -9.80 22.06 45.72
CA ARG B 8 -9.44 22.79 44.48
C ARG B 8 -10.62 22.79 43.51
N PRO B 9 -11.71 23.54 43.79
CA PRO B 9 -12.85 23.63 42.88
C PRO B 9 -12.57 24.35 41.55
N ILE B 10 -11.56 25.23 41.52
CA ILE B 10 -11.18 26.03 40.30
C ILE B 10 -10.50 25.10 39.29
N PHE B 11 -9.55 24.28 39.74
CA PHE B 11 -8.88 23.22 38.94
C PHE B 11 -9.97 22.37 38.27
N ALA B 12 -10.91 21.85 39.08
CA ALA B 12 -12.04 20.99 38.64
C ALA B 12 -12.84 21.67 37.53
N TRP B 13 -13.06 22.99 37.65
CA TRP B 13 -13.77 23.83 36.65
C TRP B 13 -12.94 23.94 35.36
N VAL B 14 -11.63 24.14 35.49
CA VAL B 14 -10.67 24.22 34.34
C VAL B 14 -10.80 22.94 33.49
N ILE B 15 -10.84 21.77 34.14
CA ILE B 15 -10.95 20.44 33.47
C ILE B 15 -12.31 20.35 32.77
N ALA B 16 -13.39 20.79 33.45
CA ALA B 16 -14.77 20.82 32.91
C ALA B 16 -14.81 21.70 31.66
N ILE B 17 -14.11 22.83 31.66
CA ILE B 17 -14.03 23.80 30.53
C ILE B 17 -13.29 23.14 29.36
N ILE B 18 -12.10 22.59 29.61
CA ILE B 18 -11.24 21.91 28.58
C ILE B 18 -12.08 20.84 27.86
N ILE B 19 -12.78 20.00 28.63
CA ILE B 19 -13.63 18.89 28.11
C ILE B 19 -14.71 19.47 27.18
N MET B 20 -15.36 20.55 27.59
CA MET B 20 -16.48 21.21 26.84
C MET B 20 -15.96 21.81 25.54
N LEU B 21 -14.76 22.42 25.56
CA LEU B 21 -14.15 23.09 24.37
C LEU B 21 -13.71 22.02 23.36
N ALA B 22 -13.20 20.89 23.83
CA ALA B 22 -12.82 19.72 23.00
C ALA B 22 -14.08 19.12 22.35
N GLY B 23 -15.13 18.91 23.15
CA GLY B 23 -16.43 18.37 22.72
C GLY B 23 -17.16 19.32 21.79
N GLY B 24 -17.20 20.61 22.14
CA GLY B 24 -17.78 21.69 21.31
C GLY B 24 -17.10 21.78 19.96
N LEU B 25 -15.77 21.78 19.96
CA LEU B 25 -14.92 21.76 18.73
C LEU B 25 -15.23 20.48 17.92
N ALA B 26 -15.23 19.32 18.59
CA ALA B 26 -15.48 17.98 17.99
C ALA B 26 -16.85 17.98 17.30
N ILE B 27 -17.88 18.50 17.97
CA ILE B 27 -19.29 18.57 17.45
C ILE B 27 -19.31 19.29 16.10
N LEU B 28 -18.52 20.37 15.95
CA LEU B 28 -18.47 21.19 14.71
C LEU B 28 -17.79 20.40 13.59
N LYS B 29 -16.62 19.80 13.87
CA LYS B 29 -15.73 19.17 12.85
C LYS B 29 -16.16 17.73 12.56
N LEU B 30 -16.83 17.05 13.51
CA LEU B 30 -17.23 15.62 13.39
C LEU B 30 -17.98 15.39 12.09
N PRO B 31 -17.68 14.31 11.33
CA PRO B 31 -18.49 13.93 10.17
C PRO B 31 -19.90 13.49 10.59
N VAL B 32 -20.87 13.62 9.69
CA VAL B 32 -22.30 13.22 9.88
C VAL B 32 -22.71 12.33 8.70
N ALA B 33 -23.12 11.09 8.99
CA ALA B 33 -23.64 10.11 8.01
C ALA B 33 -24.74 9.28 8.69
N GLN B 34 -25.63 8.68 7.90
CA GLN B 34 -26.75 7.83 8.40
C GLN B 34 -26.17 6.62 9.14
N TYR B 35 -25.30 5.86 8.47
CA TYR B 35 -24.59 4.68 9.02
C TYR B 35 -23.11 4.73 8.63
N PRO B 36 -22.21 4.09 9.41
CA PRO B 36 -20.81 3.94 9.00
C PRO B 36 -20.64 2.72 8.09
N THR B 37 -19.39 2.33 7.80
CA THR B 37 -19.04 1.15 6.98
C THR B 37 -19.01 -0.09 7.87
N PHE B 38 -19.84 -1.10 7.55
CA PHE B 38 -19.85 -2.43 8.21
C PHE B 38 -19.15 -3.45 7.29
N ALA B 39 -19.63 -3.55 6.06
CA ALA B 39 -19.23 -4.57 5.05
C ALA B 39 -17.71 -4.55 4.88
N PRO B 40 -17.07 -5.73 4.66
CA PRO B 40 -15.63 -5.78 4.41
C PRO B 40 -15.28 -5.11 3.08
N PRO B 41 -14.04 -4.60 2.90
CA PRO B 41 -13.67 -3.91 1.66
C PRO B 41 -13.84 -4.84 0.45
N ALA B 42 -14.52 -4.36 -0.59
CA ALA B 42 -14.82 -5.12 -1.83
C ALA B 42 -14.47 -4.27 -3.06
N VAL B 43 -13.79 -4.87 -4.03
CA VAL B 43 -13.41 -4.24 -5.33
C VAL B 43 -14.13 -4.99 -6.45
N THR B 44 -14.86 -4.27 -7.30
CA THR B 44 -15.63 -4.82 -8.46
C THR B 44 -14.91 -4.46 -9.76
N ILE B 45 -14.53 -5.47 -10.55
CA ILE B 45 -14.01 -5.31 -11.94
C ILE B 45 -15.21 -5.44 -12.89
N SER B 46 -15.49 -4.38 -13.68
CA SER B 46 -16.63 -4.30 -14.63
C SER B 46 -16.09 -4.10 -16.06
N ALA B 47 -16.60 -4.86 -17.02
CA ALA B 47 -16.24 -4.79 -18.45
C ALA B 47 -17.48 -5.06 -19.33
N SER B 48 -17.49 -4.51 -20.55
CA SER B 48 -18.57 -4.64 -21.54
C SER B 48 -18.01 -5.20 -22.86
N TYR B 49 -18.67 -6.22 -23.42
CA TYR B 49 -18.41 -6.81 -24.76
C TYR B 49 -19.67 -6.67 -25.59
N PRO B 50 -19.86 -5.53 -26.30
CA PRO B 50 -21.08 -5.28 -27.06
C PRO B 50 -21.48 -6.41 -28.02
N GLY B 51 -22.65 -7.01 -27.79
CA GLY B 51 -23.25 -8.05 -28.66
C GLY B 51 -22.88 -9.47 -28.22
N ALA B 52 -22.07 -9.61 -27.17
CA ALA B 52 -21.54 -10.91 -26.68
C ALA B 52 -22.56 -11.60 -25.77
N ASP B 53 -22.48 -12.93 -25.71
CA ASP B 53 -23.33 -13.80 -24.86
C ASP B 53 -22.52 -14.24 -23.62
N ALA B 54 -23.22 -14.75 -22.60
CA ALA B 54 -22.64 -15.22 -21.31
C ALA B 54 -21.39 -16.05 -21.55
N LYS B 55 -21.46 -17.02 -22.48
CA LYS B 55 -20.37 -17.99 -22.79
C LYS B 55 -19.18 -17.24 -23.41
N THR B 56 -19.44 -16.39 -24.42
CA THR B 56 -18.42 -15.58 -25.14
C THR B 56 -17.67 -14.69 -24.12
N VAL B 57 -18.42 -14.00 -23.25
CA VAL B 57 -17.88 -13.06 -22.24
C VAL B 57 -17.03 -13.85 -21.23
N GLN B 58 -17.55 -14.96 -20.71
CA GLN B 58 -16.89 -15.79 -19.66
C GLN B 58 -15.56 -16.36 -20.19
N ASP B 59 -15.58 -16.90 -21.42
CA ASP B 59 -14.48 -17.72 -21.98
C ASP B 59 -13.35 -16.84 -22.55
N THR B 60 -13.61 -15.56 -22.83
CA THR B 60 -12.61 -14.61 -23.40
C THR B 60 -12.20 -13.55 -22.37
N VAL B 61 -13.11 -13.13 -21.47
CA VAL B 61 -12.88 -12.02 -20.51
C VAL B 61 -12.72 -12.58 -19.09
N THR B 62 -13.79 -13.12 -18.52
CA THR B 62 -13.93 -13.45 -17.07
C THR B 62 -12.81 -14.39 -16.62
N GLN B 63 -12.66 -15.54 -17.30
CA GLN B 63 -11.69 -16.61 -16.95
C GLN B 63 -10.26 -16.07 -17.03
N VAL B 64 -9.98 -15.22 -18.03
CA VAL B 64 -8.64 -14.61 -18.28
C VAL B 64 -8.27 -13.70 -17.11
N ILE B 65 -9.22 -12.86 -16.65
CA ILE B 65 -9.02 -11.89 -15.54
C ILE B 65 -8.87 -12.68 -14.23
N GLU B 66 -9.76 -13.65 -13.97
CA GLU B 66 -9.78 -14.51 -12.75
C GLU B 66 -8.44 -15.23 -12.59
N GLN B 67 -7.86 -15.71 -13.69
CA GLN B 67 -6.57 -16.47 -13.71
C GLN B 67 -5.39 -15.55 -13.35
N ASN B 68 -5.59 -14.21 -13.43
CA ASN B 68 -4.53 -13.20 -13.25
C ASN B 68 -4.68 -12.46 -11.90
N MET B 69 -5.70 -12.80 -11.10
CA MET B 69 -5.98 -12.12 -9.80
C MET B 69 -5.15 -12.76 -8.69
N ASN B 70 -3.88 -13.06 -8.95
CA ASN B 70 -2.92 -13.67 -8.00
C ASN B 70 -1.97 -12.59 -7.48
N GLY B 71 -1.34 -12.82 -6.33
CA GLY B 71 -0.33 -11.92 -5.73
C GLY B 71 -0.97 -10.74 -5.01
N ILE B 72 -2.30 -10.74 -4.85
CA ILE B 72 -3.08 -9.68 -4.15
C ILE B 72 -3.27 -10.11 -2.69
N ASP B 73 -3.09 -9.17 -1.75
CA ASP B 73 -3.04 -9.45 -0.29
C ASP B 73 -4.44 -9.40 0.31
N ASN B 74 -4.68 -10.23 1.34
CA ASN B 74 -5.87 -10.20 2.24
C ASN B 74 -7.17 -10.41 1.45
N LEU B 75 -7.16 -11.27 0.43
CA LEU B 75 -8.38 -11.66 -0.34
C LEU B 75 -9.06 -12.82 0.39
N MET B 76 -10.36 -12.68 0.69
CA MET B 76 -11.20 -13.72 1.35
C MET B 76 -11.77 -14.66 0.28
N TYR B 77 -12.54 -14.11 -0.66
CA TYR B 77 -13.15 -14.87 -1.79
C TYR B 77 -13.34 -13.94 -3.00
N MET B 78 -13.66 -14.55 -4.15
CA MET B 78 -13.86 -13.89 -5.46
C MET B 78 -15.08 -14.54 -6.15
N SER B 79 -16.00 -13.72 -6.66
CA SER B 79 -17.22 -14.16 -7.39
C SER B 79 -17.42 -13.29 -8.64
N SER B 80 -17.99 -13.86 -9.70
CA SER B 80 -18.21 -13.19 -11.01
C SER B 80 -19.51 -13.63 -11.67
N ASN B 81 -20.09 -12.76 -12.50
CA ASN B 81 -21.28 -13.03 -13.36
C ASN B 81 -20.95 -12.61 -14.80
N SER B 82 -21.14 -13.51 -15.78
CA SER B 82 -21.02 -13.24 -17.23
C SER B 82 -22.39 -13.44 -17.88
N ASP B 83 -23.03 -12.38 -18.35
CA ASP B 83 -24.45 -12.39 -18.82
C ASP B 83 -24.53 -12.05 -20.31
N SER B 84 -25.73 -12.19 -20.89
CA SER B 84 -26.00 -12.12 -22.35
C SER B 84 -26.16 -10.66 -22.83
N THR B 85 -26.05 -9.68 -21.93
CA THR B 85 -26.00 -8.24 -22.26
C THR B 85 -24.57 -7.85 -22.67
N GLY B 86 -23.61 -8.78 -22.54
CA GLY B 86 -22.19 -8.57 -22.86
C GLY B 86 -21.43 -7.99 -21.68
N THR B 87 -21.98 -8.10 -20.47
CA THR B 87 -21.43 -7.52 -19.21
C THR B 87 -20.77 -8.62 -18.39
N VAL B 88 -19.71 -8.28 -17.66
CA VAL B 88 -19.05 -9.14 -16.63
C VAL B 88 -18.75 -8.25 -15.40
N GLN B 89 -19.02 -8.78 -14.21
CA GLN B 89 -18.69 -8.13 -12.91
C GLN B 89 -18.01 -9.14 -11.99
N ILE B 90 -16.71 -8.99 -11.77
CA ILE B 90 -15.89 -9.81 -10.82
C ILE B 90 -15.72 -9.01 -9.52
N THR B 91 -16.34 -9.47 -8.43
CA THR B 91 -16.26 -8.83 -7.08
C THR B 91 -15.24 -9.58 -6.22
N LEU B 92 -14.14 -8.91 -5.87
CA LEU B 92 -13.11 -9.42 -4.92
C LEU B 92 -13.36 -8.82 -3.54
N THR B 93 -13.77 -9.65 -2.57
CA THR B 93 -14.08 -9.27 -1.17
C THR B 93 -12.84 -9.56 -0.32
N PHE B 94 -12.39 -8.57 0.48
CA PHE B 94 -11.13 -8.60 1.26
C PHE B 94 -11.43 -8.73 2.76
N GLU B 95 -10.41 -9.06 3.54
CA GLU B 95 -10.47 -9.19 5.02
C GLU B 95 -10.84 -7.83 5.62
N SER B 96 -11.71 -7.80 6.63
CA SER B 96 -12.10 -6.59 7.38
C SER B 96 -10.86 -5.96 8.03
N GLY B 97 -10.62 -4.67 7.79
CA GLY B 97 -9.44 -3.93 8.28
C GLY B 97 -8.42 -3.67 7.18
N THR B 98 -8.60 -4.28 6.01
CA THR B 98 -7.75 -4.10 4.81
C THR B 98 -7.94 -2.68 4.25
N ASP B 99 -6.84 -2.01 3.88
CA ASP B 99 -6.85 -0.68 3.22
C ASP B 99 -7.49 -0.85 1.84
N ALA B 100 -8.72 -0.35 1.66
CA ALA B 100 -9.54 -0.49 0.44
C ALA B 100 -8.80 0.08 -0.78
N ASP B 101 -7.99 1.13 -0.56
CA ASP B 101 -7.20 1.80 -1.63
C ASP B 101 -6.08 0.86 -2.10
N ILE B 102 -5.33 0.27 -1.17
CA ILE B 102 -4.23 -0.70 -1.45
C ILE B 102 -4.82 -1.95 -2.11
N ALA B 103 -5.98 -2.42 -1.64
CA ALA B 103 -6.72 -3.57 -2.20
C ALA B 103 -7.09 -3.29 -3.66
N GLN B 104 -7.56 -2.07 -3.95
CA GLN B 104 -8.05 -1.66 -5.29
C GLN B 104 -6.87 -1.53 -6.26
N VAL B 105 -5.77 -0.89 -5.85
CA VAL B 105 -4.60 -0.61 -6.73
C VAL B 105 -3.94 -1.94 -7.12
N GLN B 106 -3.88 -2.91 -6.19
CA GLN B 106 -3.31 -4.26 -6.40
C GLN B 106 -4.14 -5.01 -7.44
N VAL B 107 -5.48 -4.93 -7.35
CA VAL B 107 -6.43 -5.58 -8.30
C VAL B 107 -6.28 -4.92 -9.68
N GLN B 108 -6.25 -3.59 -9.72
CA GLN B 108 -6.07 -2.75 -10.93
C GLN B 108 -4.75 -3.13 -11.63
N ASN B 109 -3.67 -3.29 -10.86
CA ASN B 109 -2.30 -3.58 -11.38
C ASN B 109 -2.28 -4.94 -12.08
N LYS B 110 -2.84 -5.98 -11.44
CA LYS B 110 -2.88 -7.36 -11.98
C LYS B 110 -3.76 -7.40 -13.24
N LEU B 111 -4.83 -6.62 -13.27
CA LEU B 111 -5.73 -6.47 -14.44
C LEU B 111 -4.96 -5.86 -15.62
N GLN B 112 -4.26 -4.75 -15.38
CA GLN B 112 -3.46 -4.00 -16.39
C GLN B 112 -2.56 -4.98 -17.16
N LEU B 113 -1.92 -5.91 -16.46
CA LEU B 113 -0.98 -6.90 -17.04
C LEU B 113 -1.75 -7.98 -17.82
N ALA B 114 -3.04 -8.16 -17.54
CA ALA B 114 -3.94 -9.15 -18.17
C ALA B 114 -4.73 -8.53 -19.33
N MET B 115 -4.65 -7.21 -19.52
CA MET B 115 -5.40 -6.45 -20.56
C MET B 115 -5.00 -6.91 -21.96
N PRO B 116 -3.71 -7.17 -22.25
CA PRO B 116 -3.30 -7.63 -23.59
C PRO B 116 -3.84 -9.02 -23.97
N LEU B 117 -4.41 -9.76 -23.01
CA LEU B 117 -4.95 -11.14 -23.19
C LEU B 117 -6.45 -11.10 -23.48
N LEU B 118 -7.10 -9.94 -23.33
CA LEU B 118 -8.55 -9.75 -23.58
C LEU B 118 -8.77 -9.40 -25.04
N PRO B 119 -10.00 -9.54 -25.58
CA PRO B 119 -10.30 -9.14 -26.96
C PRO B 119 -10.14 -7.63 -27.18
N GLN B 120 -9.77 -7.22 -28.40
CA GLN B 120 -9.58 -5.79 -28.77
C GLN B 120 -10.88 -5.02 -28.52
N GLU B 121 -12.04 -5.66 -28.79
CA GLU B 121 -13.39 -5.07 -28.58
C GLU B 121 -13.57 -4.72 -27.10
N VAL B 122 -13.07 -5.56 -26.20
CA VAL B 122 -13.16 -5.39 -24.72
C VAL B 122 -12.10 -4.37 -24.27
N GLN B 123 -10.87 -4.49 -24.79
CA GLN B 123 -9.75 -3.54 -24.53
C GLN B 123 -10.18 -2.12 -24.92
N GLN B 124 -10.85 -1.99 -26.07
CA GLN B 124 -11.33 -0.70 -26.63
C GLN B 124 -12.36 -0.07 -25.69
N GLN B 125 -13.35 -0.86 -25.25
CA GLN B 125 -14.44 -0.43 -24.33
C GLN B 125 -13.84 0.04 -23.01
N GLY B 126 -12.99 -0.80 -22.40
CA GLY B 126 -12.33 -0.54 -21.11
C GLY B 126 -12.83 -1.44 -20.01
N VAL B 127 -12.00 -1.70 -19.00
CA VAL B 127 -12.33 -2.51 -17.79
C VAL B 127 -12.18 -1.61 -16.56
N SER B 128 -13.28 -1.40 -15.83
CA SER B 128 -13.38 -0.47 -14.67
C SER B 128 -13.17 -1.24 -13.36
N VAL B 129 -12.18 -0.83 -12.57
CA VAL B 129 -11.91 -1.36 -11.19
C VAL B 129 -12.30 -0.27 -10.19
N GLU B 130 -13.40 -0.48 -9.46
CA GLU B 130 -13.98 0.48 -8.49
C GLU B 130 -14.09 -0.17 -7.11
N LYS B 131 -14.14 0.63 -6.05
CA LYS B 131 -14.42 0.17 -4.66
C LYS B 131 -15.93 0.01 -4.49
N SER B 132 -16.40 -1.23 -4.30
CA SER B 132 -17.83 -1.59 -4.14
C SER B 132 -18.35 -1.03 -2.80
N SER B 133 -18.93 0.17 -2.84
CA SER B 133 -19.56 0.86 -1.69
C SER B 133 -21.00 1.26 -2.06
N SER B 134 -21.86 0.27 -2.29
CA SER B 134 -23.28 0.44 -2.70
C SER B 134 -24.09 1.07 -1.56
N SER B 135 -23.99 2.38 -1.39
CA SER B 135 -24.71 3.20 -0.38
C SER B 135 -24.78 4.66 -0.84
N PHE B 136 -25.91 5.07 -1.42
CA PHE B 136 -26.14 6.41 -2.01
C PHE B 136 -26.56 7.40 -0.91
N LEU B 137 -26.03 8.63 -0.97
CA LEU B 137 -26.46 9.78 -0.15
C LEU B 137 -27.86 10.22 -0.59
N MET B 138 -28.06 10.31 -1.92
CA MET B 138 -29.33 10.73 -2.55
C MET B 138 -29.28 10.43 -4.05
N VAL B 139 -30.46 10.37 -4.70
CA VAL B 139 -30.62 10.19 -6.17
C VAL B 139 -31.36 11.42 -6.71
N VAL B 140 -30.71 12.19 -7.60
CA VAL B 140 -31.31 13.35 -8.32
C VAL B 140 -31.87 12.84 -9.64
N GLY B 141 -33.19 12.95 -9.84
CA GLY B 141 -33.87 12.63 -11.10
C GLY B 141 -33.99 13.86 -11.99
N VAL B 142 -33.78 13.68 -13.30
CA VAL B 142 -33.93 14.75 -14.34
C VAL B 142 -34.97 14.26 -15.36
N ILE B 143 -36.06 15.01 -15.53
CA ILE B 143 -37.26 14.61 -16.32
C ILE B 143 -37.60 15.73 -17.32
N ASN B 144 -38.31 15.38 -18.40
CA ASN B 144 -38.85 16.34 -19.41
C ASN B 144 -40.38 16.26 -19.37
N THR B 145 -41.03 17.37 -19.01
CA THR B 145 -42.49 17.45 -18.71
C THR B 145 -43.29 17.77 -19.98
N ASP B 146 -42.68 18.47 -20.95
CA ASP B 146 -43.36 18.95 -22.20
C ASP B 146 -43.00 18.03 -23.38
N GLY B 147 -42.35 16.89 -23.12
CA GLY B 147 -42.10 15.80 -24.09
C GLY B 147 -41.39 16.28 -25.35
N THR B 148 -40.41 17.16 -25.22
CA THR B 148 -39.54 17.65 -26.32
C THR B 148 -38.21 16.88 -26.33
N MET B 149 -37.89 16.20 -25.22
CA MET B 149 -36.61 15.46 -25.02
C MET B 149 -36.92 14.00 -24.69
N THR B 150 -36.15 13.07 -25.29
CA THR B 150 -36.15 11.63 -24.95
C THR B 150 -35.21 11.42 -23.75
N GLN B 151 -35.19 10.21 -23.17
CA GLN B 151 -34.32 9.84 -22.02
C GLN B 151 -32.85 9.95 -22.45
N GLU B 152 -32.55 9.73 -23.73
CA GLU B 152 -31.19 9.86 -24.33
C GLU B 152 -30.78 11.33 -24.33
N ASP B 153 -31.69 12.22 -24.73
CA ASP B 153 -31.47 13.69 -24.84
C ASP B 153 -31.17 14.28 -23.45
N ILE B 154 -31.92 13.84 -22.44
CA ILE B 154 -31.78 14.30 -21.02
C ILE B 154 -30.42 13.82 -20.49
N SER B 155 -30.09 12.55 -20.69
CA SER B 155 -28.82 11.90 -20.24
C SER B 155 -27.62 12.71 -20.72
N ASP B 156 -27.61 13.09 -22.01
CA ASP B 156 -26.51 13.85 -22.66
C ASP B 156 -26.37 15.22 -21.98
N TYR B 157 -27.50 15.88 -21.65
CA TYR B 157 -27.53 17.21 -21.00
C TYR B 157 -26.90 17.10 -19.61
N VAL B 158 -27.36 16.15 -18.80
CA VAL B 158 -26.88 15.92 -17.41
C VAL B 158 -25.38 15.61 -17.44
N ALA B 159 -24.95 14.75 -18.38
CA ALA B 159 -23.55 14.34 -18.59
C ALA B 159 -22.69 15.56 -18.92
N ALA B 160 -23.18 16.44 -19.79
CA ALA B 160 -22.43 17.58 -20.38
C ALA B 160 -22.41 18.77 -19.42
N ASN B 161 -23.56 19.10 -18.81
CA ASN B 161 -23.82 20.41 -18.16
C ASN B 161 -23.91 20.29 -16.63
N MET B 162 -24.26 19.11 -16.08
CA MET B 162 -24.59 18.94 -14.64
C MET B 162 -23.54 18.06 -13.94
N LYS B 163 -23.31 16.84 -14.45
CA LYS B 163 -22.58 15.74 -13.76
C LYS B 163 -21.26 16.27 -13.17
N ASP B 164 -20.40 16.88 -14.00
CA ASP B 164 -19.02 17.31 -13.63
C ASP B 164 -19.08 18.32 -12.49
N ALA B 165 -20.03 19.26 -12.54
CA ALA B 165 -20.25 20.32 -11.52
C ALA B 165 -20.65 19.68 -10.18
N ILE B 166 -21.49 18.64 -10.22
CA ILE B 166 -21.98 17.90 -9.00
C ILE B 166 -20.82 17.09 -8.41
N SER B 167 -20.00 16.47 -9.26
CA SER B 167 -18.79 15.70 -8.85
C SER B 167 -17.82 16.63 -8.09
N ARG B 168 -17.73 17.90 -8.51
CA ARG B 168 -16.81 18.92 -7.94
C ARG B 168 -17.37 19.49 -6.63
N THR B 169 -18.68 19.35 -6.38
CA THR B 169 -19.39 19.88 -5.18
C THR B 169 -18.73 19.32 -3.91
N SER B 170 -18.60 20.17 -2.88
CA SER B 170 -17.90 19.88 -1.61
C SER B 170 -18.54 18.68 -0.90
N GLY B 171 -17.78 17.60 -0.72
CA GLY B 171 -18.18 16.41 0.08
C GLY B 171 -18.75 15.29 -0.77
N VAL B 172 -18.84 15.47 -2.09
CA VAL B 172 -19.35 14.44 -3.05
C VAL B 172 -18.22 13.45 -3.35
N GLY B 173 -18.48 12.16 -3.13
CA GLY B 173 -17.52 11.06 -3.34
C GLY B 173 -17.52 10.58 -4.78
N ASP B 174 -18.62 9.94 -5.20
CA ASP B 174 -18.80 9.36 -6.56
C ASP B 174 -20.18 9.75 -7.09
N VAL B 175 -20.28 9.99 -8.40
CA VAL B 175 -21.55 10.35 -9.11
C VAL B 175 -21.73 9.39 -10.29
N GLN B 176 -22.78 8.56 -10.26
CA GLN B 176 -23.17 7.64 -11.36
C GLN B 176 -24.28 8.29 -12.18
N LEU B 177 -24.13 8.31 -13.51
CA LEU B 177 -25.15 8.82 -14.46
C LEU B 177 -26.12 7.69 -14.80
N PHE B 178 -27.43 7.91 -14.58
CA PHE B 178 -28.52 6.98 -14.96
C PHE B 178 -28.82 7.16 -16.45
N GLY B 179 -27.96 6.60 -17.28
CA GLY B 179 -27.92 6.77 -18.74
C GLY B 179 -26.49 7.02 -19.21
N SER B 180 -26.32 7.35 -20.49
CA SER B 180 -25.00 7.67 -21.11
C SER B 180 -25.12 8.96 -21.92
N GLN B 181 -24.00 9.67 -22.09
CA GLN B 181 -23.87 10.80 -23.05
C GLN B 181 -24.17 10.29 -24.46
N TYR B 182 -24.45 11.19 -25.41
CA TYR B 182 -24.77 10.85 -26.81
C TYR B 182 -23.68 9.96 -27.40
N ALA B 183 -24.08 9.13 -28.37
CA ALA B 183 -23.20 8.38 -29.29
C ALA B 183 -23.67 8.63 -30.71
N MET B 184 -22.75 8.80 -31.67
CA MET B 184 -23.07 8.94 -33.11
C MET B 184 -23.54 7.57 -33.61
N ARG B 185 -24.86 7.34 -33.61
CA ARG B 185 -25.49 6.06 -34.01
C ARG B 185 -25.67 6.05 -35.54
N ILE B 186 -24.98 5.12 -36.21
CA ILE B 186 -25.17 4.81 -37.66
C ILE B 186 -26.08 3.58 -37.74
N TRP B 187 -27.33 3.77 -38.19
CA TRP B 187 -28.34 2.69 -38.35
C TRP B 187 -28.36 2.22 -39.80
N MET B 188 -27.64 1.13 -40.10
CA MET B 188 -27.38 0.64 -41.48
C MET B 188 -28.64 -0.03 -42.04
N ASN B 189 -28.82 0.07 -43.37
CA ASN B 189 -29.91 -0.60 -44.13
C ASN B 189 -29.28 -1.62 -45.07
N PRO B 190 -29.54 -2.94 -44.90
CA PRO B 190 -28.90 -3.97 -45.71
C PRO B 190 -29.29 -3.92 -47.20
N ASN B 191 -30.53 -3.51 -47.49
CA ASN B 191 -31.06 -3.34 -48.87
C ASN B 191 -30.21 -2.30 -49.62
N GLU B 192 -29.88 -1.19 -48.94
CA GLU B 192 -29.09 -0.07 -49.50
C GLU B 192 -27.65 -0.55 -49.73
N LEU B 193 -27.02 -1.15 -48.71
CA LEU B 193 -25.63 -1.66 -48.74
C LEU B 193 -25.47 -2.63 -49.92
N ASN B 194 -26.39 -3.59 -50.07
CA ASN B 194 -26.37 -4.63 -51.12
C ASN B 194 -26.60 -3.98 -52.49
N LYS B 195 -27.42 -2.92 -52.55
CA LYS B 195 -27.74 -2.16 -53.79
C LYS B 195 -26.43 -1.63 -54.42
N PHE B 196 -25.52 -1.11 -53.60
CA PHE B 196 -24.24 -0.49 -54.02
C PHE B 196 -23.06 -1.45 -53.82
N GLN B 197 -23.34 -2.73 -53.55
CA GLN B 197 -22.34 -3.80 -53.30
C GLN B 197 -21.39 -3.35 -52.17
N LEU B 198 -21.94 -3.14 -50.97
CA LEU B 198 -21.19 -2.70 -49.76
C LEU B 198 -21.60 -3.55 -48.55
N THR B 199 -20.80 -3.50 -47.48
CA THR B 199 -20.98 -4.26 -46.23
C THR B 199 -20.69 -3.35 -45.04
N PRO B 200 -21.09 -3.74 -43.80
CA PRO B 200 -20.66 -3.02 -42.60
C PRO B 200 -19.13 -2.85 -42.50
N VAL B 201 -18.37 -3.79 -43.09
CA VAL B 201 -16.88 -3.77 -43.14
C VAL B 201 -16.42 -2.48 -43.84
N ASP B 202 -17.04 -2.16 -44.98
CA ASP B 202 -16.74 -0.96 -45.81
C ASP B 202 -17.14 0.29 -45.04
N VAL B 203 -18.28 0.25 -44.33
CA VAL B 203 -18.83 1.39 -43.53
C VAL B 203 -17.88 1.68 -42.38
N ILE B 204 -17.37 0.64 -41.70
CA ILE B 204 -16.42 0.76 -40.55
C ILE B 204 -15.09 1.35 -41.06
N THR B 205 -14.58 0.82 -42.18
CA THR B 205 -13.30 1.24 -42.81
C THR B 205 -13.36 2.73 -43.16
N ALA B 206 -14.47 3.19 -43.73
CA ALA B 206 -14.70 4.59 -44.17
C ALA B 206 -14.73 5.53 -42.96
N ILE B 207 -15.48 5.16 -41.91
CA ILE B 207 -15.63 5.98 -40.66
C ILE B 207 -14.25 6.16 -40.01
N LYS B 208 -13.46 5.09 -39.94
CA LYS B 208 -12.10 5.09 -39.31
C LYS B 208 -11.15 6.00 -40.10
N ALA B 209 -11.33 6.10 -41.42
CA ALA B 209 -10.48 6.88 -42.34
C ALA B 209 -10.89 8.37 -42.32
N GLN B 210 -12.19 8.66 -42.38
CA GLN B 210 -12.75 10.02 -42.59
C GLN B 210 -13.20 10.64 -41.26
N ASN B 211 -12.98 9.95 -40.14
CA ASN B 211 -13.20 10.46 -38.76
C ASN B 211 -12.00 10.04 -37.89
N ALA B 212 -10.91 10.80 -37.97
CA ALA B 212 -9.62 10.49 -37.29
C ALA B 212 -8.80 11.76 -37.07
N GLN B 213 -7.93 11.73 -36.05
CA GLN B 213 -6.90 12.76 -35.74
C GLN B 213 -5.59 12.33 -36.40
N VAL B 214 -5.19 12.99 -37.48
CA VAL B 214 -3.96 12.68 -38.27
C VAL B 214 -2.84 13.65 -37.84
N ALA B 215 -1.71 13.11 -37.40
CA ALA B 215 -0.50 13.88 -37.00
C ALA B 215 0.23 14.36 -38.26
N ALA B 216 0.50 15.67 -38.34
CA ALA B 216 1.30 16.31 -39.42
C ALA B 216 2.71 16.62 -38.89
N GLY B 217 3.00 17.88 -38.58
CA GLY B 217 4.32 18.32 -38.11
C GLY B 217 4.37 19.82 -37.85
N GLN B 218 5.49 20.47 -38.21
CA GLN B 218 5.74 21.92 -38.01
C GLN B 218 6.37 22.53 -39.26
N LEU B 219 6.04 23.80 -39.54
CA LEU B 219 6.83 24.69 -40.44
C LEU B 219 8.03 25.21 -39.64
N GLY B 220 9.23 25.14 -40.23
CA GLY B 220 10.48 25.64 -39.61
C GLY B 220 10.75 25.01 -38.25
N GLY B 221 10.48 23.71 -38.12
CA GLY B 221 10.77 22.91 -36.91
C GLY B 221 12.25 22.56 -36.84
N THR B 222 12.76 22.31 -35.64
CA THR B 222 14.20 21.98 -35.38
C THR B 222 14.49 20.56 -35.86
N PRO B 223 15.66 20.28 -36.47
CA PRO B 223 16.67 21.30 -36.78
C PRO B 223 16.29 22.09 -38.04
N PRO B 224 16.36 23.44 -38.01
CA PRO B 224 15.92 24.27 -39.13
C PRO B 224 17.04 24.62 -40.11
N VAL B 225 16.69 25.25 -41.23
CA VAL B 225 17.63 26.01 -42.11
C VAL B 225 17.88 27.36 -41.42
N LYS B 226 19.10 27.59 -40.92
CA LYS B 226 19.48 28.82 -40.19
C LYS B 226 19.09 30.05 -41.03
N GLY B 227 18.32 30.97 -40.44
CA GLY B 227 17.74 32.14 -41.12
C GLY B 227 16.24 32.05 -41.25
N GLN B 228 15.63 30.96 -40.75
CA GLN B 228 14.17 30.75 -40.67
C GLN B 228 13.57 31.80 -39.71
N GLN B 229 12.46 32.42 -40.11
CA GLN B 229 11.80 33.54 -39.36
C GLN B 229 10.56 33.02 -38.61
N LEU B 230 9.79 32.12 -39.22
CA LEU B 230 8.48 31.63 -38.70
C LEU B 230 8.58 30.15 -38.31
N ASN B 231 8.03 29.81 -37.13
CA ASN B 231 7.78 28.41 -36.67
C ASN B 231 6.28 28.26 -36.40
N ALA B 232 5.61 27.36 -37.13
CA ALA B 232 4.14 27.14 -37.06
C ALA B 232 3.83 25.63 -37.02
N SER B 233 2.84 25.23 -36.22
CA SER B 233 2.31 23.85 -36.14
C SER B 233 1.38 23.59 -37.33
N ILE B 234 1.62 22.51 -38.08
CA ILE B 234 0.75 22.07 -39.21
C ILE B 234 -0.42 21.26 -38.63
N ILE B 235 -1.65 21.64 -38.98
CA ILE B 235 -2.91 20.95 -38.57
C ILE B 235 -3.47 20.20 -39.79
N ALA B 236 -3.51 18.86 -39.72
CA ALA B 236 -4.09 17.97 -40.76
C ALA B 236 -5.53 17.63 -40.36
N GLN B 237 -6.06 16.50 -40.85
CA GLN B 237 -7.44 16.02 -40.56
C GLN B 237 -7.63 15.88 -39.04
N THR B 238 -8.79 16.29 -38.54
CA THR B 238 -9.23 16.11 -37.12
C THR B 238 -10.62 15.45 -37.12
N ARG B 239 -11.11 15.03 -35.94
CA ARG B 239 -12.36 14.27 -35.76
C ARG B 239 -13.56 15.09 -36.25
N LEU B 240 -14.62 14.41 -36.72
CA LEU B 240 -15.90 15.00 -37.14
C LEU B 240 -16.68 15.43 -35.89
N THR B 241 -17.65 16.34 -36.04
CA THR B 241 -18.33 17.03 -34.91
C THR B 241 -19.85 17.06 -35.06
N SER B 242 -20.42 16.51 -36.14
CA SER B 242 -21.86 16.62 -36.49
C SER B 242 -22.35 15.42 -37.29
N THR B 243 -23.66 15.17 -37.25
CA THR B 243 -24.38 14.12 -38.04
C THR B 243 -24.25 14.44 -39.54
N GLU B 244 -24.26 15.73 -39.89
CA GLU B 244 -24.12 16.23 -41.29
C GLU B 244 -22.78 15.75 -41.86
N GLU B 245 -21.69 15.96 -41.12
CA GLU B 245 -20.32 15.53 -41.50
C GLU B 245 -20.28 14.00 -41.70
N PHE B 246 -20.88 13.25 -40.77
CA PHE B 246 -20.93 11.77 -40.79
C PHE B 246 -21.77 11.30 -42.00
N GLY B 247 -22.84 12.02 -42.33
CA GLY B 247 -23.71 11.75 -43.48
C GLY B 247 -22.97 11.88 -44.81
N LYS B 248 -22.00 12.80 -44.88
CA LYS B 248 -21.27 13.16 -46.13
C LYS B 248 -20.08 12.20 -46.36
N ILE B 249 -19.81 11.29 -45.42
CA ILE B 249 -18.71 10.28 -45.53
C ILE B 249 -18.89 9.51 -46.85
N LEU B 250 -17.85 9.47 -47.69
CA LEU B 250 -17.83 8.76 -48.99
C LEU B 250 -17.57 7.27 -48.77
N LEU B 251 -18.42 6.40 -49.33
CA LEU B 251 -18.28 4.93 -49.26
C LEU B 251 -17.67 4.39 -50.56
N LYS B 252 -18.24 4.77 -51.71
CA LYS B 252 -17.72 4.41 -53.06
C LYS B 252 -18.16 5.45 -54.09
N VAL B 253 -17.42 5.54 -55.20
CA VAL B 253 -17.75 6.36 -56.41
C VAL B 253 -18.08 5.40 -57.55
N ASN B 254 -19.29 5.52 -58.12
CA ASN B 254 -19.77 4.68 -59.24
C ASN B 254 -19.02 5.07 -60.53
N GLN B 255 -19.01 4.19 -61.52
CA GLN B 255 -18.32 4.37 -62.82
C GLN B 255 -18.97 5.52 -63.61
N ASP B 256 -20.30 5.67 -63.50
CA ASP B 256 -21.08 6.73 -64.20
C ASP B 256 -20.75 8.10 -63.58
N GLY B 257 -20.28 8.12 -62.32
CA GLY B 257 -19.77 9.33 -61.65
C GLY B 257 -20.48 9.61 -60.33
N SER B 258 -21.67 9.03 -60.12
CA SER B 258 -22.50 9.20 -58.90
C SER B 258 -21.74 8.69 -57.67
N ARG B 259 -21.88 9.39 -56.54
CA ARG B 259 -21.19 9.09 -55.25
C ARG B 259 -22.18 8.40 -54.31
N VAL B 260 -21.73 7.41 -53.54
CA VAL B 260 -22.50 6.74 -52.46
C VAL B 260 -21.99 7.26 -51.11
N LEU B 261 -22.81 8.07 -50.42
CA LEU B 261 -22.49 8.64 -49.08
C LEU B 261 -23.00 7.69 -48.00
N LEU B 262 -22.59 7.90 -46.74
CA LEU B 262 -22.99 7.05 -45.58
C LEU B 262 -24.48 7.24 -45.28
N ARG B 263 -25.03 8.43 -45.57
CA ARG B 263 -26.46 8.77 -45.34
C ARG B 263 -27.35 8.04 -46.35
N ASP B 264 -26.78 7.58 -47.48
CA ASP B 264 -27.51 6.86 -48.55
C ASP B 264 -27.83 5.43 -48.12
N VAL B 265 -27.05 4.85 -47.19
CA VAL B 265 -27.16 3.42 -46.79
C VAL B 265 -27.40 3.28 -45.28
N ALA B 266 -27.65 4.38 -44.57
CA ALA B 266 -27.85 4.37 -43.10
C ALA B 266 -28.54 5.65 -42.62
N LYS B 267 -29.32 5.55 -41.53
CA LYS B 267 -29.90 6.69 -40.77
C LYS B 267 -28.90 7.09 -39.68
N ILE B 268 -28.56 8.38 -39.63
CA ILE B 268 -27.48 8.94 -38.75
C ILE B 268 -28.09 9.95 -37.78
N GLU B 269 -28.02 9.66 -36.47
CA GLU B 269 -28.60 10.50 -35.40
C GLU B 269 -27.70 10.41 -34.15
N LEU B 270 -27.82 11.41 -33.26
CA LEU B 270 -27.24 11.37 -31.89
C LEU B 270 -28.20 10.59 -30.99
N GLY B 271 -27.76 9.43 -30.48
CA GLY B 271 -28.54 8.54 -29.60
C GLY B 271 -27.73 8.08 -28.41
N GLY B 272 -28.26 7.11 -27.64
CA GLY B 272 -27.60 6.53 -26.46
C GLY B 272 -26.59 5.46 -26.86
N GLU B 273 -25.62 5.19 -25.98
CA GLU B 273 -24.57 4.15 -26.18
C GLU B 273 -25.22 2.77 -26.31
N ASN B 274 -26.29 2.52 -25.53
CA ASN B 274 -27.11 1.29 -25.59
C ASN B 274 -28.54 1.62 -25.15
N TYR B 275 -29.50 0.76 -25.49
CA TYR B 275 -30.97 1.00 -25.33
C TYR B 275 -31.59 -0.09 -24.46
N ASP B 276 -30.82 -0.66 -23.52
CA ASP B 276 -31.27 -1.76 -22.62
C ASP B 276 -32.31 -1.22 -21.63
N ILE B 277 -32.02 -0.10 -20.96
CA ILE B 277 -32.86 0.47 -19.86
C ILE B 277 -33.76 1.57 -20.43
N ILE B 278 -35.07 1.46 -20.22
CA ILE B 278 -36.07 2.53 -20.46
C ILE B 278 -36.47 3.12 -19.10
N ALA B 279 -36.01 4.33 -18.80
CA ALA B 279 -36.25 5.06 -17.52
C ALA B 279 -37.45 6.01 -17.70
N GLU B 280 -38.41 5.95 -16.78
CA GLU B 280 -39.60 6.83 -16.73
C GLU B 280 -39.85 7.27 -15.29
N PHE B 281 -40.25 8.53 -15.10
CA PHE B 281 -40.64 9.14 -13.80
C PHE B 281 -42.08 9.65 -13.93
N ASN B 282 -43.04 8.89 -13.38
CA ASN B 282 -44.51 9.14 -13.51
C ASN B 282 -44.90 9.13 -14.99
N GLY B 283 -44.30 8.22 -15.77
CA GLY B 283 -44.61 8.00 -17.20
C GLY B 283 -43.78 8.88 -18.14
N GLN B 284 -43.14 9.94 -17.62
CA GLN B 284 -42.36 10.92 -18.41
C GLN B 284 -40.94 10.40 -18.60
N PRO B 285 -40.27 10.68 -19.75
CA PRO B 285 -38.88 10.28 -19.95
C PRO B 285 -37.97 10.89 -18.89
N ALA B 286 -37.08 10.09 -18.29
CA ALA B 286 -36.25 10.48 -17.12
C ALA B 286 -34.82 9.97 -17.27
N SER B 287 -33.87 10.70 -16.65
CA SER B 287 -32.47 10.29 -16.37
C SER B 287 -32.20 10.55 -14.88
N GLY B 288 -30.93 10.74 -14.49
CA GLY B 288 -30.58 11.17 -13.12
C GLY B 288 -29.14 10.93 -12.76
N LEU B 289 -28.77 11.25 -11.51
CA LEU B 289 -27.43 11.06 -10.92
C LEU B 289 -27.56 10.30 -9.60
N GLY B 290 -26.79 9.21 -9.44
CA GLY B 290 -26.61 8.49 -8.16
C GLY B 290 -25.40 9.01 -7.42
N ILE B 291 -25.61 9.77 -6.34
CA ILE B 291 -24.55 10.50 -5.60
C ILE B 291 -24.23 9.75 -4.29
N LYS B 292 -22.96 9.40 -4.10
CA LYS B 292 -22.42 8.78 -2.86
C LYS B 292 -21.69 9.86 -2.05
N LEU B 293 -21.65 9.71 -0.72
CA LEU B 293 -20.93 10.64 0.19
C LEU B 293 -19.44 10.28 0.22
N ALA B 294 -18.57 11.28 0.18
CA ALA B 294 -17.09 11.13 0.23
C ALA B 294 -16.67 10.70 1.64
N THR B 295 -15.47 10.11 1.76
CA THR B 295 -14.88 9.62 3.04
C THR B 295 -14.66 10.79 3.98
N GLY B 296 -15.26 10.72 5.19
CA GLY B 296 -15.09 11.71 6.27
C GLY B 296 -15.85 13.00 6.01
N ALA B 297 -16.84 12.97 5.10
CA ALA B 297 -17.65 14.14 4.70
C ALA B 297 -18.92 14.22 5.57
N ASN B 298 -19.47 15.43 5.70
CA ASN B 298 -20.75 15.71 6.42
C ASN B 298 -21.90 15.54 5.42
N ALA B 299 -22.83 14.63 5.70
CA ALA B 299 -23.98 14.28 4.83
C ALA B 299 -24.89 15.49 4.65
N LEU B 300 -25.14 16.24 5.73
CA LEU B 300 -26.08 17.40 5.76
C LEU B 300 -25.52 18.56 4.93
N ASP B 301 -24.21 18.81 5.04
CA ASP B 301 -23.49 19.88 4.29
C ASP B 301 -23.49 19.52 2.79
N THR B 302 -23.17 18.26 2.46
CA THR B 302 -23.05 17.74 1.07
C THR B 302 -24.40 17.88 0.36
N ALA B 303 -25.49 17.45 0.99
CA ALA B 303 -26.87 17.48 0.45
C ALA B 303 -27.26 18.92 0.13
N ALA B 304 -27.02 19.85 1.06
CA ALA B 304 -27.26 21.30 0.92
C ALA B 304 -26.42 21.85 -0.25
N ALA B 305 -25.16 21.42 -0.35
CA ALA B 305 -24.19 21.85 -1.39
C ALA B 305 -24.66 21.40 -2.77
N ILE B 306 -25.15 20.16 -2.89
CA ILE B 306 -25.70 19.57 -4.15
C ILE B 306 -26.90 20.40 -4.60
N ARG B 307 -27.82 20.71 -3.68
CA ARG B 307 -29.05 21.50 -3.93
C ARG B 307 -28.66 22.94 -4.31
N ALA B 308 -27.59 23.47 -3.72
CA ALA B 308 -27.05 24.83 -4.00
C ALA B 308 -26.46 24.88 -5.41
N GLU B 309 -25.80 23.80 -5.85
CA GLU B 309 -25.20 23.68 -7.21
C GLU B 309 -26.33 23.53 -8.25
N LEU B 310 -27.26 22.60 -8.02
CA LEU B 310 -28.43 22.33 -8.91
C LEU B 310 -29.25 23.62 -9.08
N ALA B 311 -29.34 24.45 -8.04
CA ALA B 311 -30.07 25.74 -8.02
C ALA B 311 -29.46 26.72 -9.04
N LYS B 312 -28.12 26.75 -9.15
CA LYS B 312 -27.37 27.64 -10.07
C LYS B 312 -27.53 27.17 -11.52
N MET B 313 -27.90 25.90 -11.74
CA MET B 313 -28.05 25.28 -13.08
C MET B 313 -29.48 25.51 -13.61
N GLU B 314 -30.41 25.91 -12.73
CA GLU B 314 -31.86 26.09 -13.04
C GLU B 314 -32.04 27.02 -14.23
N PRO B 315 -31.40 28.22 -14.26
CA PRO B 315 -31.61 29.18 -15.35
C PRO B 315 -31.23 28.70 -16.77
N PHE B 316 -30.37 27.69 -16.88
CA PHE B 316 -29.79 27.21 -18.17
C PHE B 316 -30.49 25.96 -18.68
N PHE B 317 -31.35 25.33 -17.87
CA PHE B 317 -32.11 24.11 -18.22
C PHE B 317 -33.00 24.39 -19.44
N PRO B 318 -33.03 23.51 -20.46
CA PRO B 318 -33.96 23.65 -21.58
C PRO B 318 -35.42 23.63 -21.12
N SER B 319 -36.34 24.13 -21.96
CA SER B 319 -37.80 24.21 -21.69
C SER B 319 -38.36 22.81 -21.45
N GLY B 320 -38.86 22.55 -20.24
CA GLY B 320 -39.51 21.28 -19.85
C GLY B 320 -38.70 20.49 -18.84
N LEU B 321 -37.38 20.74 -18.75
CA LEU B 321 -36.46 19.99 -17.86
C LEU B 321 -36.74 20.37 -16.40
N LYS B 322 -36.92 19.36 -15.53
CA LYS B 322 -37.23 19.54 -14.08
C LYS B 322 -36.35 18.60 -13.25
N ILE B 323 -35.90 19.07 -12.09
CA ILE B 323 -35.14 18.27 -11.08
C ILE B 323 -36.14 17.69 -10.07
N VAL B 324 -35.95 16.42 -9.69
CA VAL B 324 -36.79 15.71 -8.69
C VAL B 324 -35.85 14.89 -7.78
N TYR B 325 -36.29 14.62 -6.54
CA TYR B 325 -35.49 13.96 -5.48
C TYR B 325 -36.26 12.73 -4.98
N PRO B 326 -36.33 11.65 -5.78
CA PRO B 326 -37.05 10.43 -5.39
C PRO B 326 -36.45 9.72 -4.17
N TYR B 327 -35.14 9.82 -3.98
CA TYR B 327 -34.38 9.22 -2.84
C TYR B 327 -33.45 10.28 -2.24
N ASP B 328 -33.50 10.46 -0.92
CA ASP B 328 -32.62 11.37 -0.13
C ASP B 328 -32.70 10.97 1.34
N THR B 329 -31.56 10.70 1.96
CA THR B 329 -31.44 10.17 3.34
C THR B 329 -31.32 11.31 4.36
N THR B 330 -30.85 12.49 3.92
CA THR B 330 -30.50 13.64 4.80
C THR B 330 -31.73 14.16 5.54
N PRO B 331 -32.95 14.18 4.95
CA PRO B 331 -34.15 14.50 5.72
C PRO B 331 -34.37 13.53 6.89
N PHE B 332 -34.12 12.24 6.66
CA PHE B 332 -34.25 11.15 7.66
C PHE B 332 -33.17 11.30 8.75
N VAL B 333 -31.93 11.63 8.34
CA VAL B 333 -30.76 11.78 9.25
C VAL B 333 -30.95 13.04 10.11
N LYS B 334 -31.59 14.09 9.57
CA LYS B 334 -31.91 15.35 10.29
C LYS B 334 -32.91 15.06 11.41
N ILE B 335 -33.89 14.19 11.16
CA ILE B 335 -34.93 13.77 12.16
C ILE B 335 -34.23 12.97 13.27
N SER B 336 -33.39 12.00 12.90
CA SER B 336 -32.61 11.14 13.82
C SER B 336 -31.82 12.00 14.81
N ILE B 337 -31.11 13.02 14.31
CA ILE B 337 -30.29 13.98 15.11
C ILE B 337 -31.21 14.74 16.07
N HIS B 338 -32.29 15.34 15.55
CA HIS B 338 -33.26 16.16 16.31
C HIS B 338 -33.89 15.34 17.44
N GLU B 339 -34.37 14.12 17.12
CA GLU B 339 -35.07 13.20 18.06
C GLU B 339 -34.12 12.80 19.20
N VAL B 340 -32.82 12.67 18.93
CA VAL B 340 -31.78 12.27 19.93
C VAL B 340 -31.51 13.46 20.86
N VAL B 341 -31.30 14.65 20.31
CA VAL B 341 -31.08 15.92 21.07
C VAL B 341 -32.31 16.19 21.94
N LYS B 342 -33.51 15.94 21.39
CA LYS B 342 -34.81 16.09 22.10
C LYS B 342 -34.81 15.18 23.34
N THR B 343 -34.49 13.89 23.15
CA THR B 343 -34.42 12.86 24.22
C THR B 343 -33.37 13.26 25.26
N LEU B 344 -32.18 13.67 24.83
CA LEU B 344 -31.04 14.06 25.70
C LEU B 344 -31.39 15.30 26.52
N VAL B 345 -32.11 16.26 25.92
CA VAL B 345 -32.55 17.54 26.59
C VAL B 345 -33.70 17.21 27.55
N GLU B 346 -34.72 16.50 27.07
CA GLU B 346 -35.87 16.01 27.89
C GLU B 346 -35.35 15.24 29.11
N ALA B 347 -34.34 14.39 28.90
CA ALA B 347 -33.71 13.54 29.94
C ALA B 347 -33.12 14.42 31.04
N ILE B 348 -32.40 15.48 30.68
CA ILE B 348 -31.75 16.44 31.63
C ILE B 348 -32.86 17.19 32.41
N ILE B 349 -33.95 17.56 31.73
CA ILE B 349 -35.14 18.24 32.34
C ILE B 349 -35.74 17.33 33.42
N LEU B 350 -35.91 16.03 33.11
CA LEU B 350 -36.55 15.05 34.02
C LEU B 350 -35.71 14.88 35.28
N VAL B 351 -34.38 14.79 35.14
CA VAL B 351 -33.42 14.70 36.29
C VAL B 351 -33.65 15.93 37.18
N PHE B 352 -33.75 17.12 36.58
CA PHE B 352 -34.01 18.41 37.28
C PHE B 352 -35.29 18.32 38.12
N LEU B 353 -36.39 17.87 37.50
CA LEU B 353 -37.74 17.75 38.14
C LEU B 353 -37.67 16.72 39.27
N VAL B 354 -37.10 15.53 39.00
CA VAL B 354 -37.02 14.38 39.95
C VAL B 354 -36.04 14.73 41.07
N MET B 355 -34.98 15.50 40.78
CA MET B 355 -34.00 15.99 41.80
C MET B 355 -34.72 16.94 42.76
N TYR B 356 -35.54 17.85 42.24
CA TYR B 356 -36.30 18.87 43.03
C TYR B 356 -37.41 18.19 43.83
N LEU B 357 -38.08 17.19 43.26
CA LEU B 357 -39.21 16.45 43.90
C LEU B 357 -38.75 15.89 45.26
N PHE B 358 -37.54 15.31 45.31
CA PHE B 358 -37.01 14.59 46.49
C PHE B 358 -36.19 15.53 47.38
N LEU B 359 -35.20 16.22 46.80
CA LEU B 359 -34.22 17.07 47.55
C LEU B 359 -34.82 18.45 47.84
N GLN B 360 -35.62 18.98 46.91
CA GLN B 360 -36.46 20.20 47.10
C GLN B 360 -35.56 21.42 47.37
N ASN B 361 -34.44 21.52 46.66
CA ASN B 361 -33.57 22.73 46.63
C ASN B 361 -32.93 22.83 45.23
N PHE B 362 -33.08 23.99 44.58
CA PHE B 362 -32.63 24.26 43.18
C PHE B 362 -31.10 24.14 43.08
N ARG B 363 -30.38 24.34 44.20
CA ARG B 363 -28.89 24.27 44.27
C ARG B 363 -28.41 22.86 43.91
N ALA B 364 -29.09 21.82 44.41
CA ALA B 364 -28.75 20.39 44.16
C ALA B 364 -29.10 20.02 42.72
N THR B 365 -30.14 20.62 42.14
CA THR B 365 -30.67 20.31 40.79
C THR B 365 -29.72 20.85 39.70
N LEU B 366 -28.84 21.79 40.04
CA LEU B 366 -27.88 22.43 39.10
C LEU B 366 -26.68 21.50 38.85
N ILE B 367 -26.24 20.76 39.87
CA ILE B 367 -25.01 19.92 39.85
C ILE B 367 -25.12 18.88 38.73
N PRO B 368 -26.22 18.10 38.62
CA PRO B 368 -26.38 17.13 37.53
C PRO B 368 -26.64 17.79 36.17
N THR B 369 -27.20 19.01 36.16
CA THR B 369 -27.50 19.81 34.95
C THR B 369 -26.18 20.31 34.32
N ILE B 370 -25.10 20.39 35.10
CA ILE B 370 -23.74 20.80 34.65
C ILE B 370 -22.93 19.56 34.27
N ALA B 371 -22.93 18.52 35.13
CA ALA B 371 -22.08 17.31 35.02
C ALA B 371 -22.43 16.50 33.77
N VAL B 372 -23.72 16.35 33.46
CA VAL B 372 -24.22 15.46 32.37
C VAL B 372 -23.80 16.02 31.01
N PRO B 373 -24.11 17.30 30.67
CA PRO B 373 -23.65 17.89 29.40
C PRO B 373 -22.13 17.88 29.21
N VAL B 374 -21.37 18.11 30.30
CA VAL B 374 -19.87 18.07 30.30
C VAL B 374 -19.41 16.70 29.79
N VAL B 375 -20.04 15.63 30.26
CA VAL B 375 -19.73 14.21 29.89
C VAL B 375 -20.13 13.98 28.42
N LEU B 376 -21.33 14.42 28.03
CA LEU B 376 -21.88 14.26 26.66
C LEU B 376 -20.97 14.96 25.64
N LEU B 377 -20.50 16.18 25.96
CA LEU B 377 -19.53 16.94 25.12
C LEU B 377 -18.21 16.16 25.05
N GLY B 378 -17.66 15.80 26.22
CA GLY B 378 -16.44 14.97 26.34
C GLY B 378 -16.51 13.74 25.47
N THR B 379 -17.68 13.08 25.42
CA THR B 379 -17.95 11.86 24.60
C THR B 379 -17.59 12.12 23.14
N PHE B 380 -18.09 13.22 22.57
CA PHE B 380 -17.88 13.63 21.15
C PHE B 380 -16.38 13.82 20.87
N ALA B 381 -15.64 14.36 21.84
CA ALA B 381 -14.17 14.60 21.76
C ALA B 381 -13.45 13.26 21.57
N VAL B 382 -13.88 12.22 22.31
CA VAL B 382 -13.25 10.87 22.31
C VAL B 382 -13.65 10.12 21.04
N LEU B 383 -14.90 10.32 20.56
CA LEU B 383 -15.38 9.76 19.26
C LEU B 383 -14.48 10.25 18.13
N ALA B 384 -14.22 11.56 18.10
CA ALA B 384 -13.36 12.24 17.09
C ALA B 384 -11.93 11.70 17.19
N ALA B 385 -11.43 11.48 18.42
CA ALA B 385 -10.07 10.97 18.71
C ALA B 385 -9.90 9.56 18.12
N PHE B 386 -10.94 8.73 18.19
CA PHE B 386 -10.97 7.33 17.68
C PHE B 386 -11.37 7.34 16.19
N GLY B 387 -11.76 8.49 15.65
CA GLY B 387 -12.09 8.69 14.22
C GLY B 387 -13.47 8.18 13.88
N PHE B 388 -14.41 8.25 14.82
CA PHE B 388 -15.85 7.87 14.64
C PHE B 388 -16.62 9.10 14.16
N SER B 389 -17.81 8.87 13.60
CA SER B 389 -18.71 9.92 13.03
C SER B 389 -20.02 9.95 13.82
N ILE B 390 -20.78 11.04 13.70
CA ILE B 390 -22.18 11.17 14.22
C ILE B 390 -23.09 10.39 13.28
N ASN B 391 -23.57 9.23 13.71
CA ASN B 391 -24.46 8.34 12.91
C ASN B 391 -25.51 7.72 13.83
N THR B 392 -26.49 7.02 13.24
CA THR B 392 -27.65 6.40 13.93
C THR B 392 -27.17 5.55 15.11
N LEU B 393 -26.09 4.80 14.93
CA LEU B 393 -25.57 3.82 15.93
C LEU B 393 -24.88 4.57 17.09
N THR B 394 -24.07 5.59 16.77
CA THR B 394 -23.34 6.42 17.77
C THR B 394 -24.32 7.28 18.57
N MET B 395 -25.29 7.89 17.87
N MET B 395 -25.29 7.89 17.87
CA MET B 395 -26.33 8.78 18.47
CA MET B 395 -26.33 8.77 18.46
C MET B 395 -27.20 7.97 19.45
C MET B 395 -27.20 7.97 19.45
N PHE B 396 -27.73 6.84 19.00
CA PHE B 396 -28.60 5.94 19.83
C PHE B 396 -27.75 5.21 20.88
N GLY B 397 -26.44 5.09 20.65
CA GLY B 397 -25.47 4.58 21.64
C GLY B 397 -25.42 5.44 22.89
N MET B 398 -25.54 6.76 22.74
CA MET B 398 -25.53 7.74 23.85
C MET B 398 -26.90 7.78 24.54
N VAL B 399 -27.98 7.59 23.78
CA VAL B 399 -29.38 7.51 24.30
C VAL B 399 -29.48 6.33 25.28
N LEU B 400 -28.85 5.20 24.94
CA LEU B 400 -28.83 3.95 25.76
C LEU B 400 -27.96 4.16 27.00
N ALA B 401 -27.01 5.10 26.95
CA ALA B 401 -26.05 5.40 28.04
C ALA B 401 -26.62 6.45 29.00
N ILE B 402 -27.71 7.12 28.64
CA ILE B 402 -28.35 8.20 29.46
C ILE B 402 -28.47 7.74 30.92
N GLY B 403 -29.06 6.56 31.14
CA GLY B 403 -29.27 5.96 32.47
C GLY B 403 -27.99 5.89 33.29
N LEU B 404 -26.86 5.56 32.64
CA LEU B 404 -25.54 5.39 33.29
C LEU B 404 -24.95 6.75 33.70
N LEU B 405 -25.09 7.76 32.83
CA LEU B 405 -24.49 9.11 33.02
C LEU B 405 -25.30 9.88 34.07
N VAL B 406 -26.63 9.88 33.91
CA VAL B 406 -27.61 10.53 34.85
C VAL B 406 -27.42 9.97 36.25
N ASP B 407 -27.23 8.65 36.38
CA ASP B 407 -27.08 7.93 37.68
C ASP B 407 -25.84 8.47 38.42
N ASP B 408 -24.68 8.48 37.75
CA ASP B 408 -23.38 8.95 38.32
C ASP B 408 -23.59 10.29 39.03
N ALA B 409 -24.32 11.22 38.41
CA ALA B 409 -24.62 12.58 38.95
C ALA B 409 -25.51 12.46 40.19
N ILE B 410 -26.65 11.75 40.06
CA ILE B 410 -27.68 11.59 41.13
C ILE B 410 -27.03 10.93 42.36
N VAL B 411 -26.30 9.82 42.16
CA VAL B 411 -25.67 9.01 43.25
C VAL B 411 -24.81 9.92 44.13
N VAL B 412 -23.98 10.78 43.52
CA VAL B 412 -22.96 11.62 44.23
C VAL B 412 -23.68 12.70 45.05
N VAL B 413 -24.59 13.46 44.43
CA VAL B 413 -25.31 14.60 45.07
C VAL B 413 -26.22 14.05 46.18
N GLU B 414 -27.04 13.02 45.85
CA GLU B 414 -28.02 12.41 46.78
C GLU B 414 -27.32 11.91 48.05
N ASN B 415 -26.17 11.24 47.89
CA ASN B 415 -25.40 10.65 49.02
C ASN B 415 -24.92 11.78 49.95
N VAL B 416 -24.49 12.91 49.38
CA VAL B 416 -24.04 14.11 50.15
C VAL B 416 -25.24 14.69 50.92
N GLU B 417 -26.41 14.73 50.28
CA GLU B 417 -27.68 15.26 50.87
C GLU B 417 -28.10 14.39 52.07
N ARG B 418 -27.88 13.07 51.98
CA ARG B 418 -28.25 12.08 53.03
C ARG B 418 -27.29 12.19 54.21
N VAL B 419 -25.98 12.24 53.96
CA VAL B 419 -24.91 12.32 55.01
C VAL B 419 -25.14 13.59 55.85
N MET B 420 -25.48 14.71 55.20
CA MET B 420 -25.77 16.01 55.88
C MET B 420 -27.01 15.87 56.77
N ALA B 421 -28.03 15.15 56.31
CA ALA B 421 -29.34 14.98 57.00
C ALA B 421 -29.20 14.06 58.22
N GLU B 422 -28.37 13.01 58.12
CA GLU B 422 -28.25 11.93 59.14
C GLU B 422 -27.15 12.25 60.16
N GLU B 423 -26.21 13.14 59.82
CA GLU B 423 -25.01 13.44 60.66
C GLU B 423 -24.94 14.93 61.02
N GLY B 424 -25.44 15.82 60.14
CA GLY B 424 -25.45 17.27 60.38
C GLY B 424 -24.11 17.92 60.06
N LEU B 425 -23.31 17.28 59.20
CA LEU B 425 -21.99 17.79 58.75
C LEU B 425 -22.20 18.96 57.79
N PRO B 426 -21.28 19.95 57.74
CA PRO B 426 -21.33 21.00 56.71
C PRO B 426 -21.05 20.44 55.33
N PRO B 427 -21.57 21.06 54.24
CA PRO B 427 -21.41 20.53 52.89
C PRO B 427 -19.98 20.06 52.52
N LYS B 428 -18.96 20.83 52.90
CA LYS B 428 -17.53 20.53 52.64
C LYS B 428 -17.17 19.18 53.28
N GLU B 429 -17.33 19.07 54.60
CA GLU B 429 -16.98 17.85 55.40
C GLU B 429 -17.91 16.70 55.02
N ALA B 430 -19.17 17.00 54.69
CA ALA B 430 -20.21 16.04 54.28
C ALA B 430 -19.83 15.39 52.94
N THR B 431 -19.33 16.20 52.00
CA THR B 431 -18.89 15.75 50.64
C THR B 431 -17.70 14.80 50.78
N ARG B 432 -16.71 15.15 51.61
CA ARG B 432 -15.51 14.32 51.89
C ARG B 432 -15.94 12.91 52.32
N LYS B 433 -16.80 12.82 53.34
CA LYS B 433 -17.29 11.54 53.92
C LYS B 433 -18.11 10.79 52.87
N SER B 434 -19.05 11.49 52.21
CA SER B 434 -19.95 10.96 51.15
C SER B 434 -19.13 10.30 50.04
N MET B 435 -18.15 11.02 49.50
CA MET B 435 -17.24 10.53 48.43
C MET B 435 -16.39 9.37 48.98
N GLY B 436 -15.88 9.49 50.21
CA GLY B 436 -15.09 8.46 50.90
C GLY B 436 -15.77 7.11 50.93
N GLN B 437 -17.11 7.10 50.96
CA GLN B 437 -17.95 5.87 51.02
C GLN B 437 -18.09 5.23 49.64
N ILE B 438 -18.16 6.04 48.58
CA ILE B 438 -18.57 5.59 47.20
C ILE B 438 -17.40 5.64 46.22
N GLN B 439 -16.32 6.38 46.50
CA GLN B 439 -15.20 6.64 45.55
C GLN B 439 -14.59 5.32 45.07
N GLY B 440 -14.42 4.34 45.98
CA GLY B 440 -13.87 3.01 45.68
C GLY B 440 -14.81 2.19 44.79
N ALA B 441 -16.11 2.28 45.06
CA ALA B 441 -17.19 1.57 44.32
C ALA B 441 -17.27 2.12 42.89
N LEU B 442 -17.18 3.44 42.73
CA LEU B 442 -17.28 4.14 41.41
C LEU B 442 -16.16 3.67 40.48
N VAL B 443 -14.93 3.57 40.99
CA VAL B 443 -13.75 3.02 40.24
C VAL B 443 -14.06 1.57 39.85
N GLY B 444 -14.51 0.76 40.82
CA GLY B 444 -14.89 -0.65 40.64
C GLY B 444 -15.98 -0.82 39.58
N ILE B 445 -16.99 0.05 39.62
CA ILE B 445 -18.14 0.07 38.65
C ILE B 445 -17.59 0.28 37.23
N ALA B 446 -16.69 1.25 37.06
CA ALA B 446 -16.04 1.61 35.78
C ALA B 446 -15.34 0.39 35.18
N MET B 447 -14.67 -0.40 36.03
CA MET B 447 -13.90 -1.61 35.64
C MET B 447 -14.87 -2.73 35.24
N VAL B 448 -15.98 -2.89 35.98
CA VAL B 448 -17.03 -3.90 35.70
C VAL B 448 -17.70 -3.55 34.36
N LEU B 449 -18.15 -2.31 34.19
CA LEU B 449 -18.85 -1.82 32.98
C LEU B 449 -17.91 -1.88 31.77
N SER B 450 -16.62 -1.61 31.96
CA SER B 450 -15.55 -1.77 30.93
C SER B 450 -15.56 -3.21 30.42
N ALA B 451 -15.55 -4.19 31.34
CA ALA B 451 -15.49 -5.64 31.05
C ALA B 451 -16.78 -6.11 30.35
N VAL B 452 -17.89 -5.37 30.51
CA VAL B 452 -19.22 -5.71 29.90
C VAL B 452 -19.22 -5.27 28.44
N PHE B 453 -18.75 -4.05 28.13
CA PHE B 453 -18.95 -3.35 26.83
C PHE B 453 -17.73 -3.48 25.93
N VAL B 454 -16.50 -3.53 26.46
CA VAL B 454 -15.24 -3.51 25.66
C VAL B 454 -15.17 -4.77 24.79
N PRO B 455 -15.38 -5.99 25.34
CA PRO B 455 -15.26 -7.22 24.54
C PRO B 455 -16.23 -7.28 23.34
N MET B 456 -17.32 -6.51 23.41
CA MET B 456 -18.38 -6.39 22.36
C MET B 456 -17.79 -5.84 21.05
N ALA B 457 -16.69 -5.07 21.13
CA ALA B 457 -16.01 -4.42 19.97
C ALA B 457 -15.08 -5.40 19.26
N PHE B 458 -14.70 -6.50 19.92
CA PHE B 458 -13.69 -7.49 19.44
C PHE B 458 -14.36 -8.60 18.63
N PHE B 459 -15.67 -8.52 18.40
CA PHE B 459 -16.39 -9.31 17.37
C PHE B 459 -15.81 -8.95 15.99
N GLY B 460 -15.65 -9.94 15.11
CA GLY B 460 -15.07 -9.78 13.77
C GLY B 460 -16.14 -9.66 12.70
N GLY B 461 -15.80 -9.06 11.55
CA GLY B 461 -16.67 -8.97 10.36
C GLY B 461 -17.67 -7.83 10.46
N SER B 462 -18.83 -7.99 9.82
CA SER B 462 -19.91 -6.97 9.70
C SER B 462 -20.55 -6.70 11.06
N THR B 463 -20.95 -7.76 11.77
CA THR B 463 -21.61 -7.70 13.10
C THR B 463 -20.69 -6.96 14.08
N GLY B 464 -19.39 -7.29 14.07
CA GLY B 464 -18.35 -6.67 14.91
C GLY B 464 -18.27 -5.16 14.70
N ALA B 465 -18.33 -4.71 13.45
CA ALA B 465 -18.25 -3.28 13.05
C ALA B 465 -19.40 -2.49 13.68
N ILE B 466 -20.62 -3.06 13.70
CA ILE B 466 -21.84 -2.42 14.25
C ILE B 466 -21.69 -2.28 15.78
N TYR B 467 -21.40 -3.40 16.45
CA TYR B 467 -21.24 -3.49 17.94
C TYR B 467 -20.10 -2.57 18.40
N ARG B 468 -19.09 -2.37 17.56
CA ARG B 468 -17.90 -1.52 17.84
C ARG B 468 -18.34 -0.06 18.01
N GLN B 469 -19.34 0.40 17.24
CA GLN B 469 -19.88 1.78 17.28
C GLN B 469 -20.49 2.04 18.66
N PHE B 470 -21.34 1.12 19.13
CA PHE B 470 -22.01 1.16 20.46
C PHE B 470 -20.97 1.03 21.58
N SER B 471 -20.06 0.05 21.45
CA SER B 471 -19.03 -0.31 22.44
C SER B 471 -18.18 0.92 22.80
N ILE B 472 -17.58 1.57 21.81
CA ILE B 472 -16.67 2.76 21.98
C ILE B 472 -17.47 3.94 22.55
N THR B 473 -18.67 4.20 22.01
CA THR B 473 -19.56 5.31 22.43
C THR B 473 -19.92 5.16 23.91
N ILE B 474 -20.39 3.97 24.32
CA ILE B 474 -20.90 3.69 25.69
C ILE B 474 -19.72 3.70 26.68
N VAL B 475 -18.61 3.03 26.36
CA VAL B 475 -17.41 2.91 27.23
C VAL B 475 -16.81 4.30 27.45
N SER B 476 -16.75 5.14 26.41
CA SER B 476 -16.20 6.51 26.44
C SER B 476 -17.04 7.40 27.38
N ALA B 477 -18.36 7.43 27.16
CA ALA B 477 -19.34 8.21 27.96
C ALA B 477 -19.29 7.75 29.43
N MET B 478 -19.26 6.44 29.65
CA MET B 478 -19.22 5.80 30.99
C MET B 478 -17.93 6.19 31.71
N ALA B 479 -16.79 6.14 31.01
CA ALA B 479 -15.43 6.44 31.54
C ALA B 479 -15.34 7.90 31.98
N LEU B 480 -15.82 8.82 31.13
CA LEU B 480 -15.86 10.29 31.40
C LEU B 480 -16.77 10.58 32.59
N SER B 481 -17.92 9.90 32.66
CA SER B 481 -18.96 10.05 33.73
C SER B 481 -18.34 9.76 35.10
N VAL B 482 -17.45 8.75 35.17
CA VAL B 482 -16.75 8.32 36.42
C VAL B 482 -15.69 9.38 36.79
N LEU B 483 -14.96 9.89 35.80
CA LEU B 483 -13.92 10.95 35.98
C LEU B 483 -14.58 12.24 36.48
N VAL B 484 -15.67 12.66 35.84
CA VAL B 484 -16.47 13.87 36.22
C VAL B 484 -17.04 13.67 37.64
N ALA B 485 -17.41 12.44 38.00
CA ALA B 485 -18.02 12.07 39.30
C ALA B 485 -16.96 12.01 40.40
N LEU B 486 -15.67 11.93 40.05
CA LEU B 486 -14.53 11.87 41.00
C LEU B 486 -13.78 13.22 41.04
N ILE B 487 -14.04 14.12 40.09
CA ILE B 487 -13.30 15.41 39.94
C ILE B 487 -14.26 16.59 40.12
N LEU B 488 -15.23 16.75 39.21
CA LEU B 488 -16.11 17.95 39.14
C LEU B 488 -17.23 17.85 40.18
N THR B 489 -18.09 16.82 40.09
CA THR B 489 -19.34 16.66 40.87
C THR B 489 -19.06 16.82 42.37
N PRO B 490 -18.01 16.19 42.93
CA PRO B 490 -17.59 16.46 44.32
C PRO B 490 -17.36 17.95 44.60
N ALA B 491 -16.55 18.61 43.77
CA ALA B 491 -16.17 20.04 43.91
C ALA B 491 -17.43 20.91 43.89
N LEU B 492 -18.37 20.61 43.00
CA LEU B 492 -19.67 21.33 42.88
C LEU B 492 -20.48 21.17 44.17
N CYS B 493 -20.51 19.95 44.73
CA CYS B 493 -21.25 19.61 45.97
C CYS B 493 -20.71 20.39 47.17
N ALA B 494 -19.38 20.46 47.31
CA ALA B 494 -18.67 21.04 48.48
C ALA B 494 -18.77 22.57 48.50
N THR B 495 -19.23 23.19 47.41
CA THR B 495 -19.24 24.67 47.21
C THR B 495 -20.68 25.21 47.07
N MET B 496 -21.57 24.46 46.41
CA MET B 496 -22.92 24.95 45.99
C MET B 496 -24.01 24.50 46.97
N LEU B 497 -23.91 23.26 47.50
CA LEU B 497 -24.99 22.63 48.32
C LEU B 497 -25.17 23.38 49.64
N LYS B 498 -26.43 23.55 50.06
CA LYS B 498 -26.84 24.18 51.34
C LYS B 498 -26.59 23.20 52.49
N PRO B 499 -26.27 23.68 53.72
CA PRO B 499 -26.21 22.80 54.89
C PRO B 499 -27.60 22.25 55.25
N ILE B 500 -27.64 21.04 55.83
CA ILE B 500 -28.88 20.38 56.32
C ILE B 500 -28.67 20.01 57.81
N ALA B 501 -29.63 20.38 58.66
CA ALA B 501 -29.63 20.10 60.12
C ALA B 501 -29.89 18.61 60.34
N LYS B 502 -29.20 18.01 61.33
CA LYS B 502 -29.30 16.57 61.68
C LYS B 502 -30.74 16.24 62.08
N GLY B 503 -31.46 15.51 61.22
CA GLY B 503 -32.83 15.02 61.48
C GLY B 503 -33.86 15.67 60.55
N ASP B 504 -33.51 16.77 59.89
CA ASP B 504 -34.41 17.49 58.95
C ASP B 504 -34.60 16.63 57.69
N HIS B 505 -35.73 15.92 57.60
CA HIS B 505 -36.13 15.06 56.46
C HIS B 505 -37.33 15.67 55.73
N GLY B 506 -37.62 16.95 55.99
CA GLY B 506 -38.66 17.75 55.30
C GLY B 506 -40.07 17.34 55.72
N GLU B 507 -40.21 16.64 56.85
CA GLU B 507 -41.52 16.19 57.41
C GLU B 507 -42.21 17.40 58.06
N GLY B 508 -41.42 18.36 58.55
CA GLY B 508 -41.91 19.60 59.19
C GLY B 508 -42.49 20.59 58.18
N LYS B 509 -42.14 20.45 56.90
CA LYS B 509 -42.65 21.33 55.79
C LYS B 509 -44.17 21.17 55.66
N LYS B 510 -44.80 22.11 54.95
CA LYS B 510 -46.27 22.12 54.68
C LYS B 510 -46.49 22.06 53.16
N GLY B 511 -47.75 21.92 52.73
CA GLY B 511 -48.14 21.86 51.31
C GLY B 511 -47.87 20.49 50.70
N PHE B 512 -47.34 20.45 49.47
CA PHE B 512 -47.07 19.22 48.69
C PHE B 512 -45.86 18.49 49.28
N PHE B 513 -44.73 19.20 49.43
CA PHE B 513 -43.41 18.65 49.84
C PHE B 513 -43.50 18.11 51.27
N GLY B 514 -44.26 18.77 52.14
CA GLY B 514 -44.55 18.31 53.52
C GLY B 514 -45.19 16.92 53.50
N TRP B 515 -46.23 16.75 52.68
CA TRP B 515 -46.97 15.46 52.49
C TRP B 515 -46.01 14.40 51.91
N PHE B 516 -45.30 14.75 50.83
CA PHE B 516 -44.40 13.85 50.07
C PHE B 516 -43.30 13.29 50.97
N ASN B 517 -42.63 14.16 51.73
CA ASN B 517 -41.51 13.81 52.64
C ASN B 517 -42.00 12.80 53.68
N ARG B 518 -43.12 13.08 54.34
CA ARG B 518 -43.78 12.17 55.32
C ARG B 518 -44.20 10.87 54.61
N MET B 519 -44.78 10.99 53.40
CA MET B 519 -45.29 9.86 52.58
C MET B 519 -44.14 8.90 52.24
N PHE B 520 -43.02 9.43 51.75
CA PHE B 520 -41.85 8.64 51.28
C PHE B 520 -41.10 8.05 52.49
N GLU B 521 -41.02 8.79 53.60
CA GLU B 521 -40.43 8.32 54.88
C GLU B 521 -41.21 7.12 55.40
N LYS B 522 -42.54 7.17 55.30
CA LYS B 522 -43.48 6.07 55.66
C LYS B 522 -43.20 4.87 54.75
N SER B 523 -43.05 5.11 53.44
CA SER B 523 -42.84 4.08 52.39
C SER B 523 -41.49 3.38 52.58
N THR B 524 -40.47 4.10 53.04
CA THR B 524 -39.10 3.58 53.31
C THR B 524 -39.17 2.58 54.48
N HIS B 525 -39.95 2.90 55.51
CA HIS B 525 -40.18 2.03 56.70
C HIS B 525 -40.98 0.79 56.28
N HIS B 526 -42.00 0.97 55.44
CA HIS B 526 -42.80 -0.13 54.82
C HIS B 526 -41.86 -1.06 54.03
N TYR B 527 -40.90 -0.49 53.31
CA TYR B 527 -39.92 -1.22 52.45
C TYR B 527 -38.97 -2.04 53.33
N THR B 528 -38.38 -1.42 54.37
CA THR B 528 -37.42 -2.07 55.30
C THR B 528 -38.13 -3.20 56.06
N ASP B 529 -39.39 -2.97 56.47
CA ASP B 529 -40.26 -4.00 57.10
C ASP B 529 -40.48 -5.15 56.11
N SER B 530 -40.73 -4.83 54.85
CA SER B 530 -41.00 -5.79 53.75
C SER B 530 -39.77 -6.68 53.50
N VAL B 531 -38.58 -6.07 53.39
CA VAL B 531 -37.28 -6.77 53.22
C VAL B 531 -36.99 -7.60 54.48
N GLY B 532 -37.38 -7.09 55.65
CA GLY B 532 -37.29 -7.81 56.94
C GLY B 532 -37.93 -9.18 56.85
N GLY B 533 -39.18 -9.25 56.37
CA GLY B 533 -39.96 -10.49 56.18
C GLY B 533 -39.38 -11.37 55.09
N ILE B 534 -38.89 -10.77 54.00
CA ILE B 534 -38.25 -11.47 52.85
C ILE B 534 -36.99 -12.20 53.34
N LEU B 535 -36.22 -11.57 54.23
CA LEU B 535 -34.91 -12.09 54.73
C LEU B 535 -35.12 -13.21 55.76
N ARG B 536 -36.33 -13.37 56.29
CA ARG B 536 -36.69 -14.47 57.23
C ARG B 536 -37.00 -15.75 56.44
N SER B 537 -37.60 -15.62 55.26
CA SER B 537 -37.97 -16.73 54.34
C SER B 537 -37.28 -16.54 52.98
N THR B 538 -35.94 -16.67 52.95
CA THR B 538 -35.08 -16.46 51.76
C THR B 538 -35.29 -17.60 50.76
N GLY B 539 -35.40 -18.84 51.24
CA GLY B 539 -35.51 -20.07 50.43
C GLY B 539 -36.62 -19.98 49.39
N ARG B 540 -37.73 -19.31 49.73
CA ARG B 540 -38.92 -19.14 48.86
C ARG B 540 -38.55 -18.29 47.63
N TYR B 541 -37.68 -17.30 47.80
CA TYR B 541 -37.34 -16.29 46.76
C TYR B 541 -36.25 -16.83 45.83
N LEU B 542 -35.37 -17.72 46.32
CA LEU B 542 -34.42 -18.49 45.47
C LEU B 542 -35.21 -19.34 44.48
N VAL B 543 -36.39 -19.84 44.90
CA VAL B 543 -37.33 -20.63 44.04
C VAL B 543 -37.93 -19.71 42.98
N LEU B 544 -38.37 -18.50 43.37
CA LEU B 544 -38.95 -17.48 42.45
C LEU B 544 -37.89 -17.02 41.45
N TYR B 545 -36.63 -16.95 41.89
CA TYR B 545 -35.45 -16.54 41.06
C TYR B 545 -35.27 -17.53 39.90
N LEU B 546 -35.35 -18.83 40.19
CA LEU B 546 -35.16 -19.92 39.18
C LEU B 546 -36.33 -19.91 38.18
N ILE B 547 -37.54 -19.55 38.64
CA ILE B 547 -38.73 -19.36 37.77
C ILE B 547 -38.43 -18.22 36.77
N ILE B 548 -37.78 -17.16 37.24
CA ILE B 548 -37.39 -15.97 36.41
C ILE B 548 -36.28 -16.38 35.43
N VAL B 549 -35.26 -17.10 35.89
CA VAL B 549 -34.09 -17.54 35.07
C VAL B 549 -34.60 -18.48 33.96
N VAL B 550 -35.52 -19.39 34.30
CA VAL B 550 -36.15 -20.34 33.33
C VAL B 550 -37.05 -19.55 32.37
N GLY B 551 -37.89 -18.66 32.92
CA GLY B 551 -38.79 -17.77 32.14
C GLY B 551 -38.01 -16.89 31.17
N MET B 552 -36.89 -16.33 31.63
CA MET B 552 -35.95 -15.51 30.82
C MET B 552 -35.44 -16.35 29.65
N ALA B 553 -34.80 -17.49 29.94
CA ALA B 553 -34.18 -18.41 28.97
C ALA B 553 -35.21 -18.84 27.91
N TYR B 554 -36.48 -19.04 28.33
CA TYR B 554 -37.60 -19.46 27.44
C TYR B 554 -37.90 -18.35 26.43
N LEU B 555 -38.20 -17.14 26.92
CA LEU B 555 -38.55 -15.95 26.10
C LEU B 555 -37.42 -15.63 25.12
N PHE B 556 -36.16 -15.89 25.52
CA PHE B 556 -34.94 -15.62 24.72
C PHE B 556 -34.96 -16.45 23.43
N VAL B 557 -35.34 -17.73 23.55
CA VAL B 557 -35.43 -18.71 22.42
C VAL B 557 -36.64 -18.34 21.54
N ARG B 558 -37.77 -18.00 22.16
CA ARG B 558 -39.06 -17.71 21.49
C ARG B 558 -38.96 -16.40 20.70
N LEU B 559 -38.22 -15.41 21.21
CA LEU B 559 -38.06 -14.07 20.59
C LEU B 559 -37.27 -14.20 19.29
N PRO B 560 -37.83 -13.78 18.12
CA PRO B 560 -37.11 -13.88 16.85
C PRO B 560 -35.87 -12.98 16.81
N SER B 561 -34.85 -13.39 16.04
CA SER B 561 -33.53 -12.72 15.93
C SER B 561 -33.48 -11.83 14.68
N SER B 562 -32.89 -10.63 14.79
CA SER B 562 -32.75 -9.63 13.71
C SER B 562 -31.45 -8.84 13.90
N PHE B 563 -31.15 -7.89 12.99
CA PHE B 563 -29.97 -6.99 13.05
C PHE B 563 -30.45 -5.55 13.30
N LEU B 564 -31.12 -4.95 12.32
CA LEU B 564 -31.69 -3.57 12.39
C LEU B 564 -33.15 -3.63 11.96
N PRO B 565 -34.09 -3.01 12.72
CA PRO B 565 -35.50 -3.02 12.38
C PRO B 565 -35.80 -2.17 11.12
N ASP B 566 -36.68 -2.67 10.26
CA ASP B 566 -37.12 -1.98 9.01
C ASP B 566 -37.82 -0.67 9.39
N GLU B 567 -37.57 0.39 8.61
CA GLU B 567 -38.08 1.77 8.86
C GLU B 567 -38.94 2.21 7.67
N ASP B 568 -39.87 3.14 7.92
CA ASP B 568 -40.58 3.92 6.86
C ASP B 568 -39.67 5.08 6.47
N GLN B 569 -39.06 5.00 5.28
CA GLN B 569 -38.09 6.00 4.75
C GLN B 569 -38.76 6.88 3.68
N GLY B 570 -40.05 6.64 3.40
CA GLY B 570 -40.81 7.35 2.37
C GLY B 570 -40.50 6.83 0.97
N VAL B 571 -39.85 5.67 0.87
CA VAL B 571 -39.52 4.98 -0.42
C VAL B 571 -39.62 3.46 -0.20
N PHE B 572 -39.95 2.72 -1.28
CA PHE B 572 -39.97 1.24 -1.33
C PHE B 572 -39.90 0.81 -2.81
N MET B 573 -39.54 -0.45 -3.06
CA MET B 573 -39.31 -1.01 -4.42
C MET B 573 -40.41 -2.00 -4.78
N THR B 574 -40.74 -2.08 -6.08
CA THR B 574 -41.70 -3.04 -6.68
C THR B 574 -40.98 -3.84 -7.77
N MET B 575 -40.70 -5.12 -7.50
CA MET B 575 -40.04 -6.07 -8.43
C MET B 575 -41.03 -6.44 -9.54
N VAL B 576 -40.58 -6.39 -10.80
CA VAL B 576 -41.35 -6.84 -12.00
C VAL B 576 -40.51 -7.88 -12.76
N GLN B 577 -40.91 -9.16 -12.70
CA GLN B 577 -40.24 -10.29 -13.40
C GLN B 577 -41.26 -10.95 -14.33
N LEU B 578 -40.92 -11.09 -15.62
CA LEU B 578 -41.72 -11.80 -16.64
C LEU B 578 -41.03 -13.12 -16.97
N PRO B 579 -41.74 -14.09 -17.62
CA PRO B 579 -41.10 -15.34 -18.05
C PRO B 579 -39.95 -15.08 -19.04
N ALA B 580 -38.87 -15.86 -18.93
CA ALA B 580 -37.64 -15.77 -19.75
C ALA B 580 -38.01 -15.79 -21.24
N GLY B 581 -37.43 -14.87 -22.02
CA GLY B 581 -37.69 -14.71 -23.47
C GLY B 581 -38.63 -13.56 -23.77
N ALA B 582 -39.25 -12.98 -22.73
CA ALA B 582 -40.18 -11.82 -22.83
C ALA B 582 -39.40 -10.59 -23.31
N THR B 583 -40.05 -9.74 -24.10
CA THR B 583 -39.44 -8.54 -24.74
C THR B 583 -39.59 -7.32 -23.82
N GLN B 584 -38.91 -6.22 -24.18
CA GLN B 584 -38.86 -4.94 -23.44
C GLN B 584 -40.26 -4.31 -23.40
N GLU B 585 -40.95 -4.28 -24.55
CA GLU B 585 -42.32 -3.73 -24.71
C GLU B 585 -43.28 -4.47 -23.77
N ARG B 586 -43.15 -5.80 -23.70
CA ARG B 586 -43.97 -6.70 -22.84
C ARG B 586 -43.83 -6.25 -21.37
N THR B 587 -42.60 -5.98 -20.93
CA THR B 587 -42.25 -5.59 -19.53
C THR B 587 -42.75 -4.16 -19.26
N GLN B 588 -42.69 -3.28 -20.25
CA GLN B 588 -43.11 -1.86 -20.15
C GLN B 588 -44.61 -1.79 -19.83
N LYS B 589 -45.42 -2.62 -20.48
CA LYS B 589 -46.89 -2.71 -20.28
C LYS B 589 -47.20 -3.04 -18.81
N VAL B 590 -46.48 -4.01 -18.24
CA VAL B 590 -46.64 -4.46 -16.82
C VAL B 590 -46.31 -3.27 -15.89
N LEU B 591 -45.18 -2.59 -16.16
CA LEU B 591 -44.70 -1.42 -15.37
C LEU B 591 -45.72 -0.27 -15.47
N ASN B 592 -46.34 -0.08 -16.65
CA ASN B 592 -47.36 0.97 -16.91
C ASN B 592 -48.59 0.72 -16.03
N GLU B 593 -48.99 -0.54 -15.87
CA GLU B 593 -50.12 -0.97 -14.98
C GLU B 593 -49.73 -0.70 -13.51
N VAL B 594 -48.49 -1.03 -13.14
CA VAL B 594 -47.93 -0.85 -11.76
C VAL B 594 -47.88 0.65 -11.45
N THR B 595 -47.37 1.46 -12.38
CA THR B 595 -47.28 2.95 -12.27
C THR B 595 -48.70 3.53 -12.14
N HIS B 596 -49.63 3.05 -12.95
CA HIS B 596 -51.06 3.48 -12.98
C HIS B 596 -51.73 3.20 -11.63
N TYR B 597 -51.46 2.03 -11.04
CA TYR B 597 -52.01 1.60 -9.72
C TYR B 597 -51.62 2.62 -8.64
N TYR B 598 -50.31 2.89 -8.52
CA TYR B 598 -49.70 3.72 -7.43
C TYR B 598 -50.20 5.16 -7.52
N LEU B 599 -50.39 5.69 -8.74
CA LEU B 599 -50.84 7.09 -8.98
C LEU B 599 -52.37 7.18 -8.99
N THR B 600 -53.07 6.03 -8.90
CA THR B 600 -54.55 5.92 -8.83
C THR B 600 -54.97 5.53 -7.40
N LYS B 601 -54.68 4.28 -7.01
CA LYS B 601 -55.16 3.64 -5.75
C LYS B 601 -54.45 4.24 -4.53
N GLU B 602 -53.19 4.68 -4.69
CA GLU B 602 -52.35 5.24 -3.60
C GLU B 602 -51.98 6.69 -3.93
N LYS B 603 -52.95 7.49 -4.40
CA LYS B 603 -52.76 8.90 -4.81
C LYS B 603 -52.41 9.76 -3.59
N ASN B 604 -52.92 9.40 -2.41
CA ASN B 604 -52.75 10.16 -1.14
C ASN B 604 -51.38 9.87 -0.51
N ASN B 605 -50.73 8.76 -0.91
CA ASN B 605 -49.44 8.29 -0.32
C ASN B 605 -48.30 8.49 -1.33
N VAL B 606 -48.44 7.93 -2.54
CA VAL B 606 -47.38 7.88 -3.59
C VAL B 606 -47.17 9.30 -4.14
N GLU B 607 -45.92 9.78 -4.14
CA GLU B 607 -45.50 11.09 -4.70
C GLU B 607 -45.03 10.87 -6.15
N SER B 608 -44.26 9.81 -6.40
CA SER B 608 -43.71 9.46 -7.74
C SER B 608 -43.40 7.97 -7.85
N VAL B 609 -43.40 7.45 -9.08
CA VAL B 609 -43.01 6.05 -9.45
C VAL B 609 -41.90 6.13 -10.50
N PHE B 610 -40.67 5.77 -10.14
CA PHE B 610 -39.49 5.70 -11.04
C PHE B 610 -39.41 4.29 -11.64
N ALA B 611 -39.94 4.12 -12.86
CA ALA B 611 -40.02 2.82 -13.58
C ALA B 611 -38.74 2.61 -14.40
N VAL B 612 -37.90 1.65 -13.97
CA VAL B 612 -36.64 1.25 -14.64
C VAL B 612 -36.87 -0.10 -15.33
N ASN B 613 -37.15 -0.08 -16.65
CA ASN B 613 -37.38 -1.28 -17.49
C ASN B 613 -36.04 -1.80 -17.98
N GLY B 614 -35.71 -3.07 -17.66
CA GLY B 614 -34.51 -3.77 -18.16
C GLY B 614 -33.43 -3.93 -17.09
N PHE B 615 -33.77 -3.76 -15.82
CA PHE B 615 -32.84 -3.86 -14.66
C PHE B 615 -33.49 -4.68 -13.53
N GLY B 616 -32.69 -5.57 -12.93
CA GLY B 616 -33.07 -6.38 -11.75
C GLY B 616 -31.82 -6.83 -11.00
N PHE B 617 -31.89 -6.87 -9.66
CA PHE B 617 -30.76 -7.23 -8.76
C PHE B 617 -30.42 -8.73 -8.92
N ALA B 618 -31.41 -9.53 -9.34
CA ALA B 618 -31.25 -10.98 -9.65
C ALA B 618 -30.45 -11.17 -10.94
N GLY B 619 -30.51 -10.18 -11.84
CA GLY B 619 -29.86 -10.20 -13.17
C GLY B 619 -30.65 -9.38 -14.17
N ARG B 620 -29.97 -8.58 -14.98
CA ARG B 620 -30.56 -7.60 -15.93
C ARG B 620 -30.95 -8.31 -17.24
N GLY B 621 -31.95 -7.77 -17.95
CA GLY B 621 -32.51 -8.36 -19.19
C GLY B 621 -33.82 -7.68 -19.57
N GLN B 622 -34.36 -7.99 -20.75
CA GLN B 622 -35.61 -7.37 -21.29
C GLN B 622 -36.82 -7.79 -20.45
N ASN B 623 -36.81 -9.02 -19.93
CA ASN B 623 -37.95 -9.63 -19.18
C ASN B 623 -38.07 -9.02 -17.79
N THR B 624 -36.99 -8.43 -17.24
CA THR B 624 -36.95 -7.90 -15.86
C THR B 624 -37.09 -6.37 -15.88
N GLY B 625 -37.62 -5.81 -14.79
CA GLY B 625 -37.74 -4.36 -14.53
C GLY B 625 -37.91 -4.09 -13.05
N ILE B 626 -38.04 -2.82 -12.65
CA ILE B 626 -38.23 -2.41 -11.23
C ILE B 626 -38.87 -1.02 -11.19
N ALA B 627 -39.80 -0.81 -10.26
CA ALA B 627 -40.52 0.48 -10.02
C ALA B 627 -40.18 0.98 -8.62
N PHE B 628 -39.31 1.98 -8.53
CA PHE B 628 -38.91 2.66 -7.27
C PHE B 628 -39.95 3.72 -6.92
N VAL B 629 -40.78 3.44 -5.90
CA VAL B 629 -41.92 4.29 -5.46
C VAL B 629 -41.44 5.23 -4.36
N SER B 630 -41.54 6.54 -4.59
CA SER B 630 -41.29 7.62 -3.61
C SER B 630 -42.63 8.14 -3.07
N LEU B 631 -42.78 8.16 -1.74
CA LEU B 631 -44.04 8.53 -1.04
C LEU B 631 -43.98 9.99 -0.58
N LYS B 632 -45.13 10.55 -0.20
CA LYS B 632 -45.25 11.93 0.34
C LYS B 632 -44.67 11.97 1.77
N ASP B 633 -44.58 13.17 2.35
CA ASP B 633 -44.04 13.40 3.71
C ASP B 633 -44.86 12.58 4.73
N TRP B 634 -44.23 12.20 5.84
CA TRP B 634 -44.84 11.38 6.93
C TRP B 634 -46.04 12.12 7.53
N ALA B 635 -46.01 13.46 7.50
CA ALA B 635 -47.10 14.36 7.95
C ALA B 635 -48.38 14.11 7.13
N ASP B 636 -48.24 13.93 5.82
CA ASP B 636 -49.37 13.77 4.86
C ASP B 636 -49.89 12.31 4.87
N ARG B 637 -49.18 11.41 5.56
CA ARG B 637 -49.53 9.96 5.65
C ARG B 637 -49.82 9.60 7.12
N PRO B 638 -51.03 9.90 7.63
CA PRO B 638 -51.40 9.57 9.01
C PRO B 638 -51.81 8.11 9.18
N GLY B 639 -51.69 7.58 10.40
CA GLY B 639 -52.06 6.19 10.76
C GLY B 639 -51.04 5.18 10.24
N GLU B 640 -51.14 3.93 10.67
CA GLU B 640 -50.27 2.81 10.25
C GLU B 640 -50.70 2.28 8.89
N GLU B 641 -51.94 2.60 8.48
CA GLU B 641 -52.54 2.17 7.17
C GLU B 641 -51.86 2.89 6.00
N ASN B 642 -51.26 4.05 6.23
CA ASN B 642 -50.53 4.85 5.20
C ASN B 642 -49.02 4.77 5.44
N LYS B 643 -48.53 3.62 5.92
CA LYS B 643 -47.08 3.32 6.10
C LYS B 643 -46.64 2.33 5.02
N VAL B 644 -45.32 2.22 4.79
CA VAL B 644 -44.72 1.32 3.77
C VAL B 644 -45.13 -0.13 4.09
N GLU B 645 -45.12 -0.48 5.37
CA GLU B 645 -45.59 -1.80 5.90
C GLU B 645 -46.96 -2.13 5.28
N ALA B 646 -47.93 -1.22 5.41
CA ALA B 646 -49.33 -1.40 4.96
C ALA B 646 -49.42 -1.30 3.43
N ILE B 647 -48.78 -0.30 2.83
CA ILE B 647 -48.82 -0.02 1.37
C ILE B 647 -48.19 -1.20 0.61
N THR B 648 -47.09 -1.77 1.13
CA THR B 648 -46.41 -2.97 0.60
C THR B 648 -47.41 -4.12 0.48
N MET B 649 -48.07 -4.47 1.58
CA MET B 649 -49.02 -5.61 1.68
C MET B 649 -50.17 -5.43 0.68
N ARG B 650 -50.72 -4.22 0.58
CA ARG B 650 -51.81 -3.85 -0.37
C ARG B 650 -51.36 -4.08 -1.80
N ALA B 651 -50.26 -3.45 -2.20
CA ALA B 651 -49.70 -3.46 -3.59
C ALA B 651 -49.40 -4.90 -4.03
N THR B 652 -48.75 -5.69 -3.16
CA THR B 652 -48.37 -7.11 -3.41
C THR B 652 -49.59 -7.92 -3.85
N ARG B 653 -50.66 -7.89 -3.04
CA ARG B 653 -51.93 -8.61 -3.29
C ARG B 653 -52.59 -8.11 -4.58
N ALA B 654 -52.51 -6.80 -4.84
CA ALA B 654 -53.17 -6.13 -5.99
C ALA B 654 -52.54 -6.58 -7.31
N PHE B 655 -51.24 -6.89 -7.32
CA PHE B 655 -50.46 -7.26 -8.53
C PHE B 655 -50.36 -8.78 -8.69
N SER B 656 -50.81 -9.55 -7.70
CA SER B 656 -50.82 -11.04 -7.73
C SER B 656 -51.81 -11.54 -8.80
N GLN B 657 -52.75 -10.69 -9.22
CA GLN B 657 -53.76 -10.99 -10.27
C GLN B 657 -53.12 -10.91 -11.67
N ILE B 658 -52.05 -10.12 -11.84
CA ILE B 658 -51.44 -9.80 -13.16
C ILE B 658 -51.03 -11.12 -13.85
N LYS B 659 -51.45 -11.29 -15.10
CA LYS B 659 -51.24 -12.51 -15.94
C LYS B 659 -49.80 -12.53 -16.46
N ASP B 660 -49.10 -13.66 -16.24
CA ASP B 660 -47.73 -13.94 -16.76
C ASP B 660 -46.77 -12.85 -16.32
N ALA B 661 -46.64 -12.64 -15.01
CA ALA B 661 -45.72 -11.66 -14.37
C ALA B 661 -45.66 -11.90 -12.86
N MET B 662 -44.46 -12.13 -12.32
CA MET B 662 -44.19 -12.27 -10.87
C MET B 662 -43.89 -10.86 -10.29
N VAL B 663 -44.93 -10.10 -9.98
CA VAL B 663 -44.86 -8.69 -9.52
C VAL B 663 -45.24 -8.62 -8.03
N PHE B 664 -44.41 -7.96 -7.22
CA PHE B 664 -44.63 -7.76 -5.76
C PHE B 664 -43.84 -6.54 -5.26
N ALA B 665 -44.27 -5.96 -4.14
CA ALA B 665 -43.64 -4.80 -3.47
C ALA B 665 -42.99 -5.26 -2.16
N PHE B 666 -42.05 -4.47 -1.64
CA PHE B 666 -41.32 -4.75 -0.37
C PHE B 666 -40.59 -3.49 0.11
N ASN B 667 -40.46 -3.33 1.43
CA ASN B 667 -39.73 -2.22 2.10
C ASN B 667 -38.22 -2.46 1.93
N LEU B 668 -37.44 -1.37 1.90
CA LEU B 668 -35.95 -1.42 1.87
C LEU B 668 -35.46 -1.73 3.27
N PRO B 669 -34.35 -2.50 3.42
CA PRO B 669 -33.76 -2.74 4.74
C PRO B 669 -33.04 -1.49 5.26
N ALA B 670 -32.75 -1.45 6.56
CA ALA B 670 -31.96 -0.38 7.21
C ALA B 670 -30.67 -0.16 6.42
N THR B 671 -29.99 -1.27 6.06
CA THR B 671 -28.78 -1.29 5.20
C THR B 671 -28.74 -2.61 4.41
N VAL B 672 -28.19 -2.57 3.19
CA VAL B 672 -28.00 -3.76 2.29
C VAL B 672 -26.85 -4.62 2.83
N GLU B 673 -25.93 -4.01 3.60
CA GLU B 673 -24.61 -4.58 3.98
C GLU B 673 -24.74 -5.72 5.00
N LEU B 674 -25.96 -6.16 5.35
CA LEU B 674 -26.20 -7.21 6.37
C LEU B 674 -27.07 -8.35 5.81
N GLY B 675 -28.17 -8.02 5.13
CA GLY B 675 -29.16 -8.99 4.61
C GLY B 675 -30.19 -9.33 5.67
N THR B 676 -30.38 -10.62 5.96
CA THR B 676 -31.29 -11.14 7.03
C THR B 676 -30.49 -12.06 7.96
N ALA B 677 -30.87 -12.09 9.24
CA ALA B 677 -30.23 -12.90 10.30
C ALA B 677 -30.59 -14.38 10.13
N THR B 678 -31.81 -14.66 9.66
CA THR B 678 -32.33 -16.03 9.39
C THR B 678 -31.81 -16.56 8.05
N GLY B 679 -31.48 -15.65 7.12
CA GLY B 679 -31.05 -15.99 5.75
C GLY B 679 -29.65 -16.58 5.70
N PHE B 680 -29.38 -17.43 4.70
CA PHE B 680 -28.04 -18.01 4.38
C PHE B 680 -27.72 -17.76 2.91
N ASP B 681 -26.44 -17.85 2.55
CA ASP B 681 -25.90 -17.62 1.18
C ASP B 681 -24.98 -18.79 0.80
N PHE B 682 -25.47 -19.69 -0.06
CA PHE B 682 -24.83 -20.98 -0.42
C PHE B 682 -24.30 -20.92 -1.85
N GLU B 683 -23.06 -21.40 -2.05
CA GLU B 683 -22.41 -21.51 -3.39
C GLU B 683 -22.25 -23.00 -3.73
N LEU B 684 -22.83 -23.44 -4.85
CA LEU B 684 -22.69 -24.82 -5.39
C LEU B 684 -21.64 -24.80 -6.51
N ILE B 685 -20.53 -25.53 -6.32
CA ILE B 685 -19.26 -25.37 -7.10
C ILE B 685 -19.01 -26.61 -7.95
N ASP B 686 -18.61 -26.40 -9.21
CA ASP B 686 -18.09 -27.44 -10.14
C ASP B 686 -16.59 -27.59 -9.92
N GLN B 687 -16.16 -28.71 -9.32
CA GLN B 687 -14.77 -28.92 -8.82
C GLN B 687 -14.01 -29.92 -9.71
N ALA B 688 -14.61 -30.37 -10.83
CA ALA B 688 -14.03 -31.40 -11.72
C ALA B 688 -14.49 -31.20 -13.18
N GLY B 689 -14.64 -29.95 -13.61
CA GLY B 689 -15.01 -29.58 -14.99
C GLY B 689 -16.16 -30.43 -15.53
N LEU B 690 -17.22 -30.58 -14.73
CA LEU B 690 -18.42 -31.40 -15.07
C LEU B 690 -19.20 -30.71 -16.19
N GLY B 691 -19.20 -29.37 -16.21
CA GLY B 691 -19.92 -28.54 -17.21
C GLY B 691 -21.11 -27.84 -16.58
N HIS B 692 -21.68 -26.87 -17.31
CA HIS B 692 -22.84 -26.04 -16.86
C HIS B 692 -24.07 -26.93 -16.65
N GLU B 693 -24.37 -27.80 -17.62
CA GLU B 693 -25.61 -28.61 -17.67
C GLU B 693 -25.64 -29.62 -16.51
N LYS B 694 -24.49 -30.21 -16.18
CA LYS B 694 -24.36 -31.22 -15.08
C LYS B 694 -24.48 -30.54 -13.71
N LEU B 695 -24.04 -29.28 -13.59
CA LEU B 695 -24.12 -28.50 -12.33
C LEU B 695 -25.57 -28.05 -12.09
N THR B 696 -26.34 -27.83 -13.16
CA THR B 696 -27.80 -27.52 -13.11
C THR B 696 -28.55 -28.72 -12.54
N GLN B 697 -28.23 -29.92 -13.03
CA GLN B 697 -28.83 -31.22 -12.58
C GLN B 697 -28.58 -31.40 -11.08
N ALA B 698 -27.35 -31.14 -10.63
CA ALA B 698 -26.90 -31.26 -9.22
C ALA B 698 -27.58 -30.17 -8.37
N ARG B 699 -27.79 -28.98 -8.93
CA ARG B 699 -28.48 -27.84 -8.25
C ARG B 699 -29.95 -28.20 -8.06
N ASN B 700 -30.62 -28.65 -9.13
CA ASN B 700 -32.05 -29.09 -9.12
C ASN B 700 -32.23 -30.20 -8.08
N GLN B 701 -31.24 -31.08 -7.95
CA GLN B 701 -31.22 -32.24 -7.01
C GLN B 701 -31.19 -31.73 -5.56
N LEU B 702 -30.32 -30.75 -5.26
CA LEU B 702 -30.16 -30.15 -3.91
C LEU B 702 -31.44 -29.40 -3.52
N LEU B 703 -32.02 -28.64 -4.47
CA LEU B 703 -33.27 -27.85 -4.27
C LEU B 703 -34.44 -28.79 -3.97
N ALA B 704 -34.56 -29.88 -4.73
CA ALA B 704 -35.63 -30.90 -4.62
C ALA B 704 -35.60 -31.54 -3.22
N GLU B 705 -34.40 -31.85 -2.71
CA GLU B 705 -34.19 -32.48 -1.39
C GLU B 705 -34.47 -31.47 -0.27
N ALA B 706 -34.04 -30.21 -0.45
CA ALA B 706 -34.25 -29.10 0.51
C ALA B 706 -35.74 -28.78 0.63
N ALA B 707 -36.52 -29.02 -0.44
CA ALA B 707 -37.99 -28.81 -0.51
C ALA B 707 -38.71 -29.87 0.33
N LYS B 708 -38.07 -31.01 0.59
CA LYS B 708 -38.61 -32.11 1.44
C LYS B 708 -38.29 -31.83 2.92
N HIS B 709 -37.84 -30.63 3.26
CA HIS B 709 -37.53 -30.18 4.64
C HIS B 709 -38.08 -28.78 4.87
N PRO B 710 -39.43 -28.57 4.75
CA PRO B 710 -40.03 -27.27 5.05
C PRO B 710 -39.95 -26.89 6.54
N ASP B 711 -39.77 -27.88 7.41
CA ASP B 711 -39.64 -27.73 8.88
C ASP B 711 -38.34 -26.99 9.25
N MET B 712 -37.31 -27.07 8.39
CA MET B 712 -35.95 -26.51 8.64
C MET B 712 -35.66 -25.34 7.68
N LEU B 713 -35.78 -25.59 6.36
CA LEU B 713 -35.42 -24.64 5.28
C LEU B 713 -36.69 -24.13 4.61
N THR B 714 -36.81 -22.82 4.40
CA THR B 714 -37.95 -22.16 3.72
C THR B 714 -37.41 -21.18 2.67
N SER B 715 -38.03 -21.14 1.48
CA SER B 715 -37.71 -20.25 0.34
C SER B 715 -36.28 -20.50 -0.16
N VAL B 716 -35.87 -21.78 -0.24
CA VAL B 716 -34.55 -22.20 -0.79
C VAL B 716 -34.64 -22.19 -2.32
N ARG B 717 -34.07 -21.16 -2.95
CA ARG B 717 -34.21 -20.86 -4.40
C ARG B 717 -32.85 -20.53 -5.01
N PRO B 718 -32.68 -20.65 -6.34
CA PRO B 718 -31.47 -20.17 -7.02
C PRO B 718 -31.51 -18.64 -7.25
N ASN B 719 -30.36 -17.98 -7.08
CA ASN B 719 -30.21 -16.51 -7.23
C ASN B 719 -30.03 -16.17 -8.73
N GLY B 720 -29.51 -17.11 -9.52
CA GLY B 720 -29.18 -16.92 -10.95
C GLY B 720 -30.39 -17.08 -11.86
N LEU B 721 -30.16 -16.99 -13.17
CA LEU B 721 -31.19 -17.15 -14.23
C LEU B 721 -31.16 -18.58 -14.77
N GLU B 722 -32.30 -19.03 -15.33
CA GLU B 722 -32.46 -20.37 -15.96
C GLU B 722 -32.05 -20.26 -17.44
N ASP B 723 -31.70 -21.39 -18.06
CA ASP B 723 -31.30 -21.47 -19.49
C ASP B 723 -32.51 -21.05 -20.36
N THR B 724 -32.23 -20.37 -21.47
CA THR B 724 -33.27 -19.80 -22.39
C THR B 724 -32.97 -20.21 -23.83
N PRO B 725 -33.98 -20.25 -24.72
CA PRO B 725 -33.75 -20.51 -26.14
C PRO B 725 -32.80 -19.47 -26.77
N GLN B 726 -31.78 -19.94 -27.49
CA GLN B 726 -30.79 -19.08 -28.21
C GLN B 726 -30.59 -19.64 -29.62
N PHE B 727 -30.26 -18.75 -30.57
CA PHE B 727 -30.24 -19.00 -32.04
C PHE B 727 -28.82 -19.33 -32.49
N LYS B 728 -28.48 -20.63 -32.50
CA LYS B 728 -27.17 -21.16 -32.94
C LYS B 728 -27.10 -21.11 -34.47
N ILE B 729 -26.24 -20.25 -35.03
CA ILE B 729 -25.94 -20.18 -36.50
C ILE B 729 -24.55 -20.75 -36.74
N ASP B 730 -24.40 -21.57 -37.78
CA ASP B 730 -23.14 -22.27 -38.16
C ASP B 730 -22.70 -21.82 -39.54
N ILE B 731 -21.54 -21.14 -39.63
CA ILE B 731 -20.90 -20.71 -40.91
C ILE B 731 -20.20 -21.93 -41.52
N ASP B 732 -20.60 -22.34 -42.72
CA ASP B 732 -19.94 -23.44 -43.47
C ASP B 732 -18.63 -22.88 -44.05
N GLN B 733 -17.49 -23.34 -43.52
CA GLN B 733 -16.13 -22.86 -43.88
C GLN B 733 -15.85 -23.20 -45.35
N GLU B 734 -16.16 -24.43 -45.76
CA GLU B 734 -15.95 -24.95 -47.14
C GLU B 734 -16.73 -24.08 -48.14
N LYS B 735 -18.00 -23.80 -47.86
CA LYS B 735 -18.91 -23.05 -48.78
C LYS B 735 -18.46 -21.59 -48.88
N ALA B 736 -17.98 -21.01 -47.77
CA ALA B 736 -17.44 -19.63 -47.70
C ALA B 736 -16.18 -19.52 -48.56
N GLN B 737 -15.27 -20.48 -48.43
CA GLN B 737 -13.97 -20.53 -49.18
C GLN B 737 -14.25 -20.76 -50.67
N ALA B 738 -15.28 -21.54 -51.00
CA ALA B 738 -15.69 -21.88 -52.39
C ALA B 738 -16.19 -20.62 -53.10
N LEU B 739 -17.07 -19.86 -52.45
CA LEU B 739 -17.69 -18.61 -52.99
C LEU B 739 -16.65 -17.48 -53.03
N GLY B 740 -15.59 -17.58 -52.22
CA GLY B 740 -14.52 -16.57 -52.12
C GLY B 740 -14.86 -15.50 -51.09
N VAL B 741 -15.58 -15.87 -50.04
CA VAL B 741 -16.02 -14.98 -48.92
C VAL B 741 -15.16 -15.30 -47.68
N SER B 742 -14.47 -14.30 -47.14
CA SER B 742 -13.61 -14.43 -45.92
C SER B 742 -14.50 -14.45 -44.68
N ILE B 743 -14.02 -15.10 -43.62
CA ILE B 743 -14.78 -15.29 -42.33
C ILE B 743 -14.79 -13.97 -41.56
N ASN B 744 -13.71 -13.18 -41.66
CA ASN B 744 -13.60 -11.84 -41.03
C ASN B 744 -14.74 -10.95 -41.52
N ASP B 745 -14.99 -10.94 -42.84
CA ASP B 745 -16.08 -10.14 -43.49
C ASP B 745 -17.44 -10.66 -43.02
N ILE B 746 -17.60 -11.98 -42.90
CA ILE B 746 -18.86 -12.65 -42.45
C ILE B 746 -19.11 -12.28 -40.98
N ASN B 747 -18.15 -12.60 -40.10
CA ASN B 747 -18.27 -12.45 -38.62
C ASN B 747 -18.38 -10.97 -38.25
N THR B 748 -17.78 -10.06 -39.03
CA THR B 748 -17.88 -8.59 -38.84
C THR B 748 -19.30 -8.14 -39.18
N THR B 749 -19.79 -8.51 -40.38
CA THR B 749 -21.13 -8.17 -40.91
C THR B 749 -22.21 -8.56 -39.90
N LEU B 750 -22.16 -9.81 -39.40
CA LEU B 750 -23.13 -10.37 -38.41
C LEU B 750 -23.02 -9.60 -37.09
N GLY B 751 -21.84 -9.56 -36.49
CA GLY B 751 -21.56 -8.93 -35.19
C GLY B 751 -21.88 -7.45 -35.19
N ALA B 752 -21.54 -6.74 -36.27
CA ALA B 752 -21.73 -5.28 -36.43
C ALA B 752 -23.22 -4.95 -36.52
N ALA B 753 -23.94 -5.61 -37.44
CA ALA B 753 -25.37 -5.37 -37.74
C ALA B 753 -26.22 -5.74 -36.53
N TRP B 754 -26.14 -6.99 -36.07
CA TRP B 754 -27.06 -7.59 -35.06
C TRP B 754 -26.63 -7.21 -33.63
N GLY B 755 -25.33 -7.10 -33.37
CA GLY B 755 -24.76 -6.87 -32.02
C GLY B 755 -24.36 -5.42 -31.79
N GLY B 756 -24.06 -4.68 -32.85
CA GLY B 756 -23.46 -3.33 -32.77
C GLY B 756 -21.94 -3.41 -32.71
N SER B 757 -21.26 -2.35 -33.13
CA SER B 757 -19.77 -2.27 -33.20
C SER B 757 -19.30 -0.84 -32.91
N TYR B 758 -18.57 -0.64 -31.80
CA TYR B 758 -17.94 0.65 -31.42
C TYR B 758 -16.72 0.87 -32.33
N VAL B 759 -16.85 1.79 -33.28
CA VAL B 759 -15.84 2.07 -34.35
C VAL B 759 -14.71 2.94 -33.77
N ASN B 760 -15.01 4.18 -33.41
CA ASN B 760 -14.02 5.16 -32.89
C ASN B 760 -14.75 6.35 -32.25
N ASP B 761 -14.01 7.40 -31.87
CA ASP B 761 -14.54 8.60 -31.15
C ASP B 761 -14.77 9.75 -32.12
N PHE B 762 -15.68 10.67 -31.74
CA PHE B 762 -15.94 11.98 -32.39
C PHE B 762 -16.18 13.01 -31.28
N ILE B 763 -16.05 14.31 -31.61
CA ILE B 763 -16.13 15.42 -30.60
C ILE B 763 -17.42 16.22 -30.84
N ASP B 764 -18.45 15.96 -30.02
CA ASP B 764 -19.76 16.66 -30.06
C ASP B 764 -19.72 17.83 -29.07
N ARG B 765 -19.60 19.06 -29.59
CA ARG B 765 -19.62 20.32 -28.80
C ARG B 765 -18.52 20.25 -27.73
N GLY B 766 -17.28 19.97 -28.14
CA GLY B 766 -16.08 19.96 -27.29
C GLY B 766 -16.09 18.85 -26.25
N ARG B 767 -16.77 17.74 -26.54
CA ARG B 767 -16.82 16.53 -25.67
C ARG B 767 -16.64 15.28 -26.53
N VAL B 768 -15.56 14.53 -26.30
CA VAL B 768 -15.27 13.23 -26.98
C VAL B 768 -16.40 12.24 -26.65
N LYS B 769 -16.98 11.61 -27.68
CA LYS B 769 -18.10 10.65 -27.57
C LYS B 769 -17.90 9.51 -28.58
N LYS B 770 -18.57 8.37 -28.35
CA LYS B 770 -18.37 7.11 -29.11
C LYS B 770 -19.17 7.14 -30.42
N VAL B 771 -18.71 6.38 -31.42
CA VAL B 771 -19.41 6.15 -32.73
C VAL B 771 -19.74 4.66 -32.85
N TYR B 772 -21.02 4.31 -32.94
CA TYR B 772 -21.52 2.91 -33.09
C TYR B 772 -22.18 2.75 -34.47
N VAL B 773 -21.85 1.64 -35.16
CA VAL B 773 -22.59 1.15 -36.35
C VAL B 773 -23.43 -0.06 -35.91
N MET B 774 -24.71 -0.09 -36.29
CA MET B 774 -25.65 -1.19 -35.98
C MET B 774 -26.79 -1.18 -37.00
N SER B 775 -27.43 -2.33 -37.22
CA SER B 775 -28.61 -2.48 -38.11
C SER B 775 -29.80 -1.69 -37.55
N GLU B 776 -30.56 -1.02 -38.42
CA GLU B 776 -31.87 -0.43 -38.07
C GLU B 776 -32.79 -1.56 -37.60
N ALA B 777 -33.41 -1.40 -36.43
CA ALA B 777 -34.17 -2.43 -35.69
C ALA B 777 -34.83 -3.43 -36.64
N LYS B 778 -35.59 -2.96 -37.62
CA LYS B 778 -36.52 -3.76 -38.46
C LYS B 778 -35.78 -4.85 -39.24
N TYR B 779 -34.47 -4.69 -39.51
CA TYR B 779 -33.67 -5.64 -40.32
C TYR B 779 -32.83 -6.58 -39.43
N ARG B 780 -33.07 -6.61 -38.12
CA ARG B 780 -32.32 -7.47 -37.17
C ARG B 780 -33.23 -7.91 -36.00
N MET B 781 -34.45 -8.38 -36.32
CA MET B 781 -35.47 -8.78 -35.31
C MET B 781 -35.67 -10.30 -35.33
N LEU B 782 -35.95 -10.89 -36.50
CA LEU B 782 -36.39 -12.30 -36.66
C LEU B 782 -35.37 -13.08 -37.49
N PRO B 783 -35.33 -14.43 -37.36
CA PRO B 783 -34.39 -15.26 -38.12
C PRO B 783 -34.43 -15.10 -39.65
N ASP B 784 -35.57 -14.71 -40.21
CA ASP B 784 -35.77 -14.49 -41.68
C ASP B 784 -34.92 -13.30 -42.15
N ASP B 785 -34.60 -12.36 -41.26
CA ASP B 785 -33.83 -11.13 -41.58
C ASP B 785 -32.35 -11.48 -41.78
N ILE B 786 -31.88 -12.61 -41.26
CA ILE B 786 -30.47 -13.11 -41.40
C ILE B 786 -30.10 -13.15 -42.89
N GLY B 787 -31.01 -13.64 -43.74
CA GLY B 787 -30.78 -13.87 -45.18
C GLY B 787 -30.78 -12.58 -46.00
N ASP B 788 -31.19 -11.46 -45.40
CA ASP B 788 -31.26 -10.13 -46.09
C ASP B 788 -29.90 -9.43 -46.06
N TRP B 789 -28.93 -9.95 -45.28
CA TRP B 789 -27.56 -9.39 -45.15
C TRP B 789 -26.63 -10.08 -46.14
N TYR B 790 -25.90 -9.30 -46.94
CA TYR B 790 -25.00 -9.76 -48.03
C TYR B 790 -23.56 -9.39 -47.68
N VAL B 791 -22.62 -10.30 -48.00
CA VAL B 791 -21.15 -10.11 -47.84
C VAL B 791 -20.51 -10.27 -49.23
N ARG B 792 -19.67 -9.32 -49.63
CA ARG B 792 -19.00 -9.32 -50.96
C ARG B 792 -17.87 -10.38 -50.96
N ALA B 793 -17.84 -11.22 -52.00
CA ALA B 793 -16.77 -12.21 -52.26
C ALA B 793 -15.57 -11.50 -52.90
N ALA B 794 -14.44 -12.20 -53.03
CA ALA B 794 -13.19 -11.70 -53.64
C ALA B 794 -13.41 -11.39 -55.13
N ASP B 795 -14.32 -12.14 -55.78
CA ASP B 795 -14.65 -11.98 -57.22
C ASP B 795 -15.52 -10.73 -57.41
N GLY B 796 -16.19 -10.27 -56.34
CA GLY B 796 -16.95 -9.00 -56.30
C GLY B 796 -18.46 -9.22 -56.25
N GLN B 797 -18.92 -10.48 -56.34
CA GLN B 797 -20.36 -10.86 -56.25
C GLN B 797 -20.81 -10.75 -54.79
N MET B 798 -22.05 -10.31 -54.57
CA MET B 798 -22.69 -10.19 -53.24
C MET B 798 -23.40 -11.51 -52.91
N VAL B 799 -23.01 -12.15 -51.80
CA VAL B 799 -23.51 -13.48 -51.35
C VAL B 799 -24.37 -13.26 -50.10
N PRO B 800 -25.62 -13.80 -50.06
CA PRO B 800 -26.45 -13.70 -48.86
C PRO B 800 -26.01 -14.71 -47.78
N PHE B 801 -26.27 -14.39 -46.51
CA PHE B 801 -25.90 -15.21 -45.33
C PHE B 801 -26.45 -16.64 -45.48
N SER B 802 -27.67 -16.77 -46.01
CA SER B 802 -28.39 -18.05 -46.21
C SER B 802 -27.53 -19.05 -47.00
N ALA B 803 -26.73 -18.57 -47.96
CA ALA B 803 -25.95 -19.39 -48.92
C ALA B 803 -24.86 -20.20 -48.20
N PHE B 804 -24.26 -19.67 -47.13
CA PHE B 804 -23.07 -20.26 -46.45
C PHE B 804 -23.32 -20.42 -44.94
N SER B 805 -24.58 -20.39 -44.49
CA SER B 805 -24.96 -20.52 -43.05
C SER B 805 -26.11 -21.52 -42.87
N SER B 806 -26.21 -22.09 -41.68
CA SER B 806 -27.29 -23.01 -41.23
C SER B 806 -27.56 -22.78 -39.74
N SER B 807 -28.83 -22.62 -39.35
CA SER B 807 -29.26 -22.23 -37.98
C SER B 807 -30.17 -23.31 -37.36
N ARG B 808 -30.16 -23.39 -36.03
CA ARG B 808 -31.05 -24.28 -35.22
C ARG B 808 -31.25 -23.65 -33.84
N TRP B 809 -32.30 -24.05 -33.12
CA TRP B 809 -32.60 -23.60 -31.72
C TRP B 809 -31.91 -24.52 -30.73
N GLU B 810 -31.29 -23.95 -29.70
CA GLU B 810 -30.71 -24.69 -28.53
C GLU B 810 -30.91 -23.85 -27.27
N TYR B 811 -30.68 -24.45 -26.09
CA TYR B 811 -30.80 -23.80 -24.77
C TYR B 811 -29.39 -23.51 -24.22
N GLY B 812 -29.21 -22.30 -23.68
CA GLY B 812 -27.94 -21.85 -23.04
C GLY B 812 -28.21 -20.83 -21.95
N SER B 813 -27.24 -20.64 -21.06
CA SER B 813 -27.31 -19.73 -19.89
C SER B 813 -27.22 -18.27 -20.37
N PRO B 814 -28.15 -17.38 -19.96
CA PRO B 814 -28.01 -15.95 -20.19
C PRO B 814 -27.24 -15.23 -19.07
N ARG B 815 -26.69 -15.99 -18.12
CA ARG B 815 -25.93 -15.48 -16.95
C ARG B 815 -25.18 -16.65 -16.29
N LEU B 816 -23.85 -16.69 -16.45
CA LEU B 816 -22.96 -17.74 -15.91
C LEU B 816 -22.21 -17.21 -14.68
N GLU B 817 -22.35 -17.89 -13.54
CA GLU B 817 -21.76 -17.50 -12.23
C GLU B 817 -20.48 -18.31 -12.00
N ARG B 818 -19.48 -17.69 -11.35
CA ARG B 818 -18.22 -18.36 -10.93
C ARG B 818 -17.87 -17.89 -9.50
N TYR B 819 -17.33 -18.79 -8.68
CA TYR B 819 -16.90 -18.51 -7.28
C TYR B 819 -15.50 -19.10 -7.07
N ASN B 820 -14.54 -18.23 -6.71
CA ASN B 820 -13.11 -18.56 -6.47
C ASN B 820 -12.52 -19.26 -7.70
N GLY B 821 -12.81 -18.74 -8.89
CA GLY B 821 -12.21 -19.17 -10.17
C GLY B 821 -12.99 -20.27 -10.87
N LEU B 822 -13.69 -21.12 -10.11
CA LEU B 822 -14.42 -22.31 -10.62
C LEU B 822 -15.87 -21.95 -10.91
N PRO B 823 -16.54 -22.66 -11.86
CA PRO B 823 -17.97 -22.44 -12.12
C PRO B 823 -18.81 -22.75 -10.87
N SER B 824 -19.85 -21.95 -10.62
CA SER B 824 -20.69 -22.04 -9.41
C SER B 824 -22.14 -21.64 -9.71
N MET B 825 -23.03 -21.83 -8.73
CA MET B 825 -24.45 -21.39 -8.75
C MET B 825 -24.86 -21.01 -7.33
N GLU B 826 -25.11 -19.71 -7.10
CA GLU B 826 -25.47 -19.14 -5.78
C GLU B 826 -26.91 -19.56 -5.44
N ILE B 827 -27.11 -20.16 -4.26
CA ILE B 827 -28.43 -20.61 -3.73
C ILE B 827 -28.76 -19.80 -2.47
N LEU B 828 -29.91 -19.12 -2.47
CA LEU B 828 -30.42 -18.33 -1.32
C LEU B 828 -31.48 -19.14 -0.58
N GLY B 829 -31.72 -18.80 0.69
CA GLY B 829 -32.71 -19.44 1.58
C GLY B 829 -32.55 -18.96 3.01
N GLN B 830 -33.54 -19.24 3.86
CA GLN B 830 -33.56 -18.82 5.28
C GLN B 830 -34.12 -19.96 6.15
N ALA B 831 -33.75 -19.98 7.44
CA ALA B 831 -34.20 -20.95 8.45
C ALA B 831 -35.72 -20.83 8.63
N ALA B 832 -36.41 -21.97 8.76
CA ALA B 832 -37.89 -22.06 8.92
C ALA B 832 -38.29 -21.42 10.24
N PRO B 833 -39.52 -20.86 10.36
CA PRO B 833 -39.97 -20.22 11.60
C PRO B 833 -39.69 -21.08 12.84
N GLY B 834 -38.90 -20.55 13.78
CA GLY B 834 -38.51 -21.23 15.03
C GLY B 834 -37.08 -21.75 14.96
N LYS B 835 -36.68 -22.31 13.82
CA LYS B 835 -35.33 -22.89 13.59
C LYS B 835 -34.30 -21.77 13.43
N SER B 836 -33.05 -22.03 13.80
CA SER B 836 -31.91 -21.07 13.76
C SER B 836 -31.16 -21.20 12.44
N THR B 837 -30.38 -20.17 12.08
CA THR B 837 -29.53 -20.10 10.85
C THR B 837 -28.52 -21.25 10.85
N GLY B 838 -27.80 -21.43 11.97
CA GLY B 838 -26.77 -22.47 12.16
C GLY B 838 -27.30 -23.86 11.84
N GLU B 839 -28.55 -24.15 12.24
CA GLU B 839 -29.21 -25.47 12.02
C GLU B 839 -29.55 -25.65 10.54
N ALA B 840 -30.20 -24.64 9.93
CA ALA B 840 -30.59 -24.62 8.50
C ALA B 840 -29.34 -24.85 7.62
N MET B 841 -28.20 -24.26 8.00
CA MET B 841 -26.91 -24.41 7.30
C MET B 841 -26.40 -25.86 7.44
N GLU B 842 -26.50 -26.43 8.64
CA GLU B 842 -25.98 -27.79 8.98
C GLU B 842 -26.69 -28.85 8.13
N LEU B 843 -27.98 -28.65 7.83
CA LEU B 843 -28.80 -29.55 6.96
C LEU B 843 -28.38 -29.37 5.50
N MET B 844 -28.22 -28.13 5.04
CA MET B 844 -27.78 -27.79 3.65
C MET B 844 -26.43 -28.47 3.38
N GLU B 845 -25.54 -28.54 4.38
CA GLU B 845 -24.24 -29.24 4.31
C GLU B 845 -24.47 -30.75 4.18
N GLN B 846 -25.39 -31.31 4.99
CA GLN B 846 -25.76 -32.75 4.99
C GLN B 846 -26.31 -33.13 3.62
N LEU B 847 -27.27 -32.35 3.09
CA LEU B 847 -27.91 -32.55 1.77
C LEU B 847 -26.85 -32.49 0.67
N ALA B 848 -25.90 -31.55 0.78
CA ALA B 848 -24.86 -31.26 -0.23
C ALA B 848 -23.85 -32.41 -0.34
N SER B 849 -23.61 -33.12 0.77
CA SER B 849 -22.63 -34.25 0.85
C SER B 849 -23.15 -35.46 0.04
N LYS B 850 -24.42 -35.47 -0.35
CA LYS B 850 -25.08 -36.57 -1.11
C LYS B 850 -25.40 -36.11 -2.54
N LEU B 851 -24.55 -35.28 -3.14
CA LEU B 851 -24.69 -34.79 -4.53
C LEU B 851 -23.73 -35.57 -5.44
N PRO B 852 -23.89 -35.50 -6.78
CA PRO B 852 -23.01 -36.23 -7.70
C PRO B 852 -21.53 -35.91 -7.47
N THR B 853 -20.65 -36.88 -7.76
N THR B 853 -20.65 -36.87 -7.77
CA THR B 853 -19.17 -36.79 -7.58
CA THR B 853 -19.18 -36.79 -7.59
C THR B 853 -18.62 -35.61 -8.41
C THR B 853 -18.61 -35.63 -8.40
N GLY B 854 -17.77 -34.78 -7.78
CA GLY B 854 -17.13 -33.62 -8.42
C GLY B 854 -17.87 -32.31 -8.13
N VAL B 855 -18.99 -32.36 -7.40
CA VAL B 855 -19.80 -31.17 -7.03
C VAL B 855 -19.49 -30.80 -5.57
N GLY B 856 -18.80 -29.68 -5.36
CA GLY B 856 -18.47 -29.12 -4.04
C GLY B 856 -19.40 -27.98 -3.67
N TYR B 857 -19.22 -27.40 -2.48
CA TYR B 857 -20.03 -26.26 -1.97
C TYR B 857 -19.15 -25.37 -1.08
N ASP B 858 -19.63 -24.14 -0.83
CA ASP B 858 -18.97 -23.16 0.08
C ASP B 858 -20.00 -22.12 0.53
N TRP B 859 -19.76 -21.49 1.68
CA TRP B 859 -20.58 -20.41 2.26
C TRP B 859 -19.94 -19.05 1.96
N THR B 860 -20.74 -18.08 1.53
CA THR B 860 -20.31 -16.72 1.10
C THR B 860 -21.14 -15.66 1.83
N GLY B 861 -20.76 -14.38 1.66
CA GLY B 861 -21.49 -13.22 2.20
C GLY B 861 -21.78 -13.35 3.69
N MET B 862 -23.05 -13.17 4.08
CA MET B 862 -23.52 -13.17 5.49
C MET B 862 -23.25 -14.52 6.15
N SER B 863 -23.29 -15.63 5.40
CA SER B 863 -23.03 -17.01 5.90
C SER B 863 -21.56 -17.13 6.35
N TYR B 864 -20.63 -16.69 5.49
CA TYR B 864 -19.18 -16.59 5.78
C TYR B 864 -18.97 -15.77 7.07
N GLN B 865 -19.71 -14.65 7.18
CA GLN B 865 -19.66 -13.70 8.33
C GLN B 865 -20.22 -14.38 9.58
N GLU B 866 -21.45 -14.89 9.51
CA GLU B 866 -22.21 -15.52 10.62
C GLU B 866 -21.39 -16.67 11.21
N ARG B 867 -20.72 -17.47 10.36
CA ARG B 867 -19.90 -18.64 10.74
C ARG B 867 -18.74 -18.21 11.66
N LEU B 868 -17.87 -17.34 11.15
CA LEU B 868 -16.58 -16.96 11.82
C LEU B 868 -16.79 -15.78 12.78
N SER B 869 -18.04 -15.39 13.04
CA SER B 869 -18.44 -14.43 14.10
C SER B 869 -19.04 -15.20 15.29
N GLY B 870 -19.73 -16.31 15.03
CA GLY B 870 -20.36 -17.17 16.05
C GLY B 870 -19.34 -17.96 16.87
N ASN B 871 -18.15 -18.21 16.30
CA ASN B 871 -17.04 -18.97 16.95
C ASN B 871 -16.37 -18.09 18.02
N GLN B 872 -16.50 -16.76 17.90
CA GLN B 872 -15.92 -15.76 18.85
C GLN B 872 -16.83 -15.60 20.07
N ALA B 873 -18.14 -15.54 19.87
CA ALA B 873 -19.15 -15.19 20.90
C ALA B 873 -18.86 -15.90 22.22
N PRO B 874 -18.82 -17.26 22.26
CA PRO B 874 -18.54 -17.98 23.51
C PRO B 874 -17.31 -17.43 24.27
N SER B 875 -16.23 -17.15 23.55
CA SER B 875 -14.94 -16.67 24.10
C SER B 875 -15.10 -15.26 24.68
N LEU B 876 -15.91 -14.40 24.05
CA LEU B 876 -16.12 -12.98 24.46
C LEU B 876 -17.01 -12.92 25.70
N TYR B 877 -18.11 -13.69 25.73
CA TYR B 877 -18.99 -13.87 26.91
C TYR B 877 -18.15 -14.31 28.12
N ALA B 878 -17.28 -15.31 27.91
CA ALA B 878 -16.41 -15.91 28.95
C ALA B 878 -15.51 -14.84 29.58
N ILE B 879 -14.68 -14.18 28.76
CA ILE B 879 -13.70 -13.16 29.22
C ILE B 879 -14.44 -12.06 29.99
N SER B 880 -15.49 -11.50 29.39
CA SER B 880 -16.37 -10.46 29.99
C SER B 880 -16.78 -10.88 31.41
N LEU B 881 -17.33 -12.09 31.55
CA LEU B 881 -17.89 -12.63 32.81
C LEU B 881 -16.77 -12.88 33.82
N ILE B 882 -15.60 -13.32 33.36
CA ILE B 882 -14.42 -13.64 34.22
C ILE B 882 -13.82 -12.34 34.80
N VAL B 883 -13.72 -11.29 33.98
CA VAL B 883 -13.09 -9.99 34.39
C VAL B 883 -14.02 -9.27 35.35
N VAL B 884 -15.35 -9.30 35.10
CA VAL B 884 -16.39 -8.71 36.00
C VAL B 884 -16.20 -9.29 37.41
N PHE B 885 -16.12 -10.63 37.51
CA PHE B 885 -15.90 -11.37 38.77
C PHE B 885 -14.64 -10.84 39.48
N LEU B 886 -13.51 -10.86 38.77
CA LEU B 886 -12.17 -10.48 39.29
C LEU B 886 -12.18 -9.02 39.79
N CYS B 887 -12.87 -8.13 39.07
CA CYS B 887 -12.98 -6.69 39.40
C CYS B 887 -13.75 -6.51 40.73
N LEU B 888 -14.88 -7.21 40.89
CA LEU B 888 -15.71 -7.20 42.12
C LEU B 888 -14.95 -7.89 43.25
N ALA B 889 -14.17 -8.94 42.94
CA ALA B 889 -13.37 -9.72 43.90
C ALA B 889 -12.29 -8.82 44.53
N ALA B 890 -11.65 -7.97 43.72
CA ALA B 890 -10.63 -6.99 44.15
C ALA B 890 -11.29 -5.89 44.99
N LEU B 891 -12.47 -5.43 44.58
CA LEU B 891 -13.25 -4.34 45.24
C LEU B 891 -13.61 -4.76 46.67
N TYR B 892 -14.33 -5.88 46.81
CA TYR B 892 -14.89 -6.38 48.09
C TYR B 892 -13.83 -7.15 48.89
N GLU B 893 -12.72 -7.56 48.25
CA GLU B 893 -11.66 -8.40 48.87
C GLU B 893 -12.31 -9.71 49.34
N SER B 894 -12.97 -10.40 48.42
CA SER B 894 -13.75 -11.65 48.67
C SER B 894 -14.01 -12.39 47.35
N TRP B 895 -13.77 -13.70 47.32
CA TRP B 895 -14.01 -14.58 46.14
C TRP B 895 -15.49 -14.93 46.03
N SER B 896 -16.26 -14.75 47.11
CA SER B 896 -17.67 -15.21 47.26
C SER B 896 -18.66 -14.06 47.00
N ILE B 897 -18.45 -12.90 47.63
CA ILE B 897 -19.39 -11.74 47.62
C ILE B 897 -19.74 -11.35 46.19
N PRO B 898 -18.76 -11.26 45.25
CA PRO B 898 -19.05 -10.92 43.85
C PRO B 898 -20.31 -11.58 43.26
N PHE B 899 -20.59 -12.83 43.64
CA PHE B 899 -21.76 -13.63 43.16
C PHE B 899 -23.07 -12.90 43.49
N SER B 900 -23.14 -12.25 44.66
CA SER B 900 -24.33 -11.48 45.15
C SER B 900 -24.66 -10.35 44.18
N VAL B 901 -23.64 -9.75 43.57
CA VAL B 901 -23.77 -8.65 42.55
C VAL B 901 -24.17 -9.28 41.20
N MET B 902 -23.42 -10.28 40.74
CA MET B 902 -23.55 -10.90 39.40
C MET B 902 -24.89 -11.63 39.25
N LEU B 903 -25.56 -11.95 40.37
CA LEU B 903 -26.86 -12.66 40.39
C LEU B 903 -28.02 -11.73 39.98
N VAL B 904 -27.75 -10.43 39.77
CA VAL B 904 -28.79 -9.40 39.46
C VAL B 904 -29.12 -9.42 37.96
N VAL B 905 -28.30 -10.08 37.14
CA VAL B 905 -28.35 -10.02 35.64
C VAL B 905 -29.75 -10.38 35.14
N PRO B 906 -30.32 -11.55 35.51
CA PRO B 906 -31.64 -11.96 35.00
C PRO B 906 -32.80 -11.01 35.31
N LEU B 907 -32.70 -10.23 36.40
CA LEU B 907 -33.78 -9.35 36.92
C LEU B 907 -34.10 -8.25 35.89
N GLY B 908 -33.08 -7.80 35.14
CA GLY B 908 -33.22 -6.74 34.13
C GLY B 908 -33.56 -7.29 32.75
N VAL B 909 -33.15 -8.52 32.45
CA VAL B 909 -33.31 -9.16 31.11
C VAL B 909 -34.77 -9.62 30.95
N ILE B 910 -35.41 -10.12 32.02
CA ILE B 910 -36.79 -10.70 31.99
C ILE B 910 -37.79 -9.64 31.52
N GLY B 911 -37.70 -8.41 32.03
CA GLY B 911 -38.62 -7.30 31.71
C GLY B 911 -38.46 -6.84 30.28
N ALA B 912 -37.21 -6.75 29.80
CA ALA B 912 -36.85 -6.40 28.40
C ALA B 912 -37.52 -7.39 27.44
N LEU B 913 -37.44 -8.69 27.75
CA LEU B 913 -38.00 -9.80 26.93
C LEU B 913 -39.53 -9.71 26.90
N LEU B 914 -40.17 -9.57 28.07
CA LEU B 914 -41.64 -9.45 28.21
C LEU B 914 -42.15 -8.27 27.37
N ALA B 915 -41.49 -7.12 27.46
CA ALA B 915 -41.84 -5.86 26.76
C ALA B 915 -41.71 -6.06 25.24
N ALA B 916 -40.57 -6.61 24.78
CA ALA B 916 -40.26 -6.87 23.36
C ALA B 916 -41.24 -7.92 22.81
N THR B 917 -41.45 -9.01 23.55
CA THR B 917 -42.37 -10.14 23.20
C THR B 917 -43.81 -9.61 23.09
N PHE B 918 -44.29 -8.93 24.14
CA PHE B 918 -45.65 -8.34 24.24
C PHE B 918 -45.93 -7.48 23.00
N ARG B 919 -45.03 -6.55 22.68
CA ARG B 919 -45.18 -5.57 21.57
C ARG B 919 -45.00 -6.29 20.22
N GLY B 920 -44.21 -7.37 20.18
CA GLY B 920 -43.93 -8.15 18.96
C GLY B 920 -42.69 -7.66 18.25
N LEU B 921 -41.67 -7.22 19.01
CA LEU B 921 -40.35 -6.76 18.49
C LEU B 921 -39.41 -7.97 18.42
N THR B 922 -38.19 -7.77 17.92
CA THR B 922 -37.18 -8.83 17.65
C THR B 922 -35.94 -8.60 18.52
N ASN B 923 -35.06 -9.61 18.58
CA ASN B 923 -33.74 -9.57 19.28
C ASN B 923 -32.73 -8.89 18.35
N ASP B 924 -32.86 -7.57 18.17
CA ASP B 924 -32.00 -6.73 17.28
C ASP B 924 -30.87 -6.13 18.12
N VAL B 925 -29.97 -5.35 17.49
CA VAL B 925 -28.73 -4.82 18.13
C VAL B 925 -29.10 -3.79 19.21
N TYR B 926 -30.05 -2.89 18.94
CA TYR B 926 -30.54 -1.85 19.89
C TYR B 926 -31.00 -2.53 21.18
N PHE B 927 -31.76 -3.62 21.05
CA PHE B 927 -32.25 -4.47 22.17
C PHE B 927 -31.06 -5.05 22.92
N GLN B 928 -30.17 -5.75 22.20
CA GLN B 928 -28.99 -6.47 22.73
C GLN B 928 -28.09 -5.51 23.51
N VAL B 929 -27.83 -4.31 22.97
CA VAL B 929 -27.03 -3.24 23.62
C VAL B 929 -27.86 -2.66 24.78
N GLY B 930 -29.18 -2.58 24.61
CA GLY B 930 -30.14 -2.13 25.65
C GLY B 930 -30.11 -3.01 26.88
N LEU B 931 -29.98 -4.33 26.69
CA LEU B 931 -29.85 -5.33 27.79
C LEU B 931 -28.58 -5.01 28.60
N LEU B 932 -27.46 -4.78 27.92
CA LEU B 932 -26.12 -4.55 28.52
C LEU B 932 -26.15 -3.28 29.39
N THR B 933 -26.93 -2.26 29.01
CA THR B 933 -27.08 -0.98 29.74
C THR B 933 -28.02 -1.19 30.95
N THR B 934 -29.08 -1.98 30.78
CA THR B 934 -30.02 -2.37 31.85
C THR B 934 -29.29 -3.24 32.89
N ILE B 935 -28.55 -4.25 32.42
CA ILE B 935 -27.69 -5.14 33.25
C ILE B 935 -26.63 -4.27 33.95
N GLY B 936 -26.07 -3.30 33.22
CA GLY B 936 -25.04 -2.37 33.72
C GLY B 936 -25.52 -1.56 34.91
N LEU B 937 -26.72 -0.97 34.81
CA LEU B 937 -27.30 -0.06 35.84
C LEU B 937 -27.78 -0.87 37.05
N SER B 938 -28.37 -2.05 36.80
CA SER B 938 -28.83 -3.00 37.86
C SER B 938 -27.62 -3.50 38.66
N ALA B 939 -26.55 -3.88 37.97
CA ALA B 939 -25.24 -4.28 38.56
C ALA B 939 -24.68 -3.13 39.40
N LYS B 940 -24.83 -1.89 38.91
CA LYS B 940 -24.33 -0.66 39.57
C LYS B 940 -25.08 -0.46 40.89
N ASN B 941 -26.41 -0.54 40.87
CA ASN B 941 -27.30 -0.40 42.05
C ASN B 941 -26.89 -1.44 43.11
N ALA B 942 -26.73 -2.71 42.68
CA ALA B 942 -26.39 -3.86 43.54
C ALA B 942 -25.01 -3.65 44.19
N ILE B 943 -24.03 -3.17 43.42
CA ILE B 943 -22.62 -2.96 43.88
C ILE B 943 -22.62 -2.03 45.10
N LEU B 944 -23.39 -0.94 45.04
CA LEU B 944 -23.43 0.11 46.10
C LEU B 944 -24.14 -0.43 47.35
N ILE B 945 -25.22 -1.21 47.19
CA ILE B 945 -25.97 -1.85 48.30
C ILE B 945 -25.03 -2.81 49.04
N VAL B 946 -24.34 -3.68 48.30
CA VAL B 946 -23.39 -4.70 48.83
C VAL B 946 -22.19 -3.97 49.46
N GLU B 947 -21.71 -2.90 48.84
CA GLU B 947 -20.57 -2.07 49.32
C GLU B 947 -20.94 -1.45 50.67
N PHE B 948 -22.10 -0.79 50.75
CA PHE B 948 -22.66 -0.15 51.96
C PHE B 948 -22.84 -1.20 53.07
N ALA B 949 -23.52 -2.30 52.75
CA ALA B 949 -23.81 -3.42 53.67
C ALA B 949 -22.51 -3.99 54.25
N LYS B 950 -21.54 -4.32 53.39
CA LYS B 950 -20.25 -4.93 53.78
C LYS B 950 -19.45 -3.97 54.67
N ASP B 951 -19.43 -2.68 54.33
CA ASP B 951 -18.62 -1.64 55.03
C ASP B 951 -19.17 -1.40 56.45
N LEU B 952 -20.49 -1.51 56.64
CA LEU B 952 -21.15 -1.42 57.98
C LEU B 952 -20.70 -2.60 58.84
N MET B 953 -20.64 -3.81 58.26
CA MET B 953 -20.22 -5.05 58.96
C MET B 953 -18.73 -4.99 59.30
N ASP B 954 -17.92 -4.40 58.43
CA ASP B 954 -16.43 -4.38 58.52
C ASP B 954 -15.97 -3.29 59.51
N LYS B 955 -16.60 -2.11 59.49
CA LYS B 955 -16.16 -0.92 60.27
C LYS B 955 -17.05 -0.72 61.51
N GLU B 956 -18.37 -0.60 61.32
CA GLU B 956 -19.33 -0.32 62.41
C GLU B 956 -19.71 -1.63 63.15
N GLY B 957 -19.16 -2.77 62.71
CA GLY B 957 -19.26 -4.07 63.40
C GLY B 957 -20.69 -4.56 63.53
N LYS B 958 -21.56 -4.17 62.59
CA LYS B 958 -23.01 -4.51 62.58
C LYS B 958 -23.18 -5.97 62.13
N GLY B 959 -24.34 -6.55 62.41
CA GLY B 959 -24.73 -7.91 61.97
C GLY B 959 -25.09 -7.93 60.49
N LEU B 960 -25.13 -9.11 59.88
CA LEU B 960 -25.43 -9.32 58.43
C LEU B 960 -26.75 -8.62 58.09
N ILE B 961 -27.83 -8.98 58.79
CA ILE B 961 -29.23 -8.54 58.48
C ILE B 961 -29.37 -7.05 58.82
N GLU B 962 -28.75 -6.60 59.92
CA GLU B 962 -28.75 -5.19 60.36
C GLU B 962 -28.14 -4.31 59.27
N ALA B 963 -26.93 -4.66 58.83
CA ALA B 963 -26.14 -3.92 57.80
C ALA B 963 -26.88 -3.93 56.46
N THR B 964 -27.44 -5.08 56.08
CA THR B 964 -28.19 -5.28 54.80
C THR B 964 -29.43 -4.40 54.78
N LEU B 965 -30.18 -4.36 55.89
CA LEU B 965 -31.43 -3.56 56.04
C LEU B 965 -31.10 -2.07 56.09
N ASP B 966 -29.97 -1.71 56.72
CA ASP B 966 -29.47 -0.31 56.80
C ASP B 966 -29.03 0.15 55.42
N ALA B 967 -28.35 -0.74 54.66
CA ALA B 967 -27.84 -0.49 53.29
C ALA B 967 -29.01 -0.15 52.34
N VAL B 968 -29.94 -1.09 52.17
CA VAL B 968 -31.09 -0.99 51.21
C VAL B 968 -31.92 0.27 51.53
N ARG B 969 -32.00 0.66 52.80
CA ARG B 969 -32.70 1.89 53.27
C ARG B 969 -32.02 3.13 52.66
N MET B 970 -30.70 3.23 52.83
CA MET B 970 -29.87 4.39 52.37
C MET B 970 -29.86 4.46 50.84
N ARG B 971 -29.96 3.31 50.16
CA ARG B 971 -29.78 3.20 48.68
C ARG B 971 -31.13 3.19 47.96
N LEU B 972 -32.26 3.20 48.68
CA LEU B 972 -33.62 3.09 48.07
C LEU B 972 -33.92 4.33 47.21
N ARG B 973 -33.75 5.53 47.78
CA ARG B 973 -34.12 6.82 47.13
C ARG B 973 -33.33 7.03 45.84
N PRO B 974 -31.98 6.97 45.84
CA PRO B 974 -31.21 7.22 44.62
C PRO B 974 -31.55 6.26 43.48
N ILE B 975 -31.79 4.98 43.81
CA ILE B 975 -32.23 3.92 42.84
C ILE B 975 -33.56 4.36 42.20
N LEU B 976 -34.50 4.85 43.00
CA LEU B 976 -35.86 5.27 42.55
C LEU B 976 -35.77 6.52 41.67
N MET B 977 -34.97 7.51 42.08
CA MET B 977 -34.79 8.81 41.36
C MET B 977 -34.27 8.53 39.94
N THR B 978 -33.22 7.74 39.81
CA THR B 978 -32.58 7.35 38.52
C THR B 978 -33.59 6.61 37.64
N SER B 979 -34.26 5.60 38.20
CA SER B 979 -35.27 4.76 37.52
C SER B 979 -36.46 5.62 37.05
N LEU B 980 -37.00 6.43 37.96
CA LEU B 980 -38.16 7.33 37.71
C LEU B 980 -37.84 8.28 36.55
N ALA B 981 -36.63 8.87 36.56
CA ALA B 981 -36.14 9.83 35.55
C ALA B 981 -35.93 9.13 34.20
N PHE B 982 -35.31 7.95 34.21
CA PHE B 982 -34.88 7.21 33.00
C PHE B 982 -36.09 6.55 32.31
N ILE B 983 -37.01 5.97 33.11
CA ILE B 983 -38.26 5.31 32.59
C ILE B 983 -39.10 6.36 31.85
N LEU B 984 -39.26 7.56 32.43
CA LEU B 984 -39.98 8.71 31.81
C LEU B 984 -39.19 9.22 30.60
N GLY B 985 -37.85 9.20 30.69
CA GLY B 985 -36.92 9.69 29.64
C GLY B 985 -37.03 8.90 28.34
N VAL B 986 -37.29 7.59 28.43
CA VAL B 986 -37.33 6.66 27.25
C VAL B 986 -38.80 6.43 26.83
N MET B 987 -39.76 6.99 27.56
CA MET B 987 -41.22 6.78 27.31
C MET B 987 -41.62 7.33 25.95
N PRO B 988 -41.14 8.52 25.51
CA PRO B 988 -41.48 9.05 24.20
C PRO B 988 -41.04 8.15 23.04
N LEU B 989 -39.89 7.48 23.19
CA LEU B 989 -39.30 6.57 22.18
C LEU B 989 -40.21 5.34 21.97
N VAL B 990 -40.87 4.88 23.04
CA VAL B 990 -41.71 3.64 23.03
C VAL B 990 -42.99 3.91 22.23
N ILE B 991 -43.66 5.04 22.49
CA ILE B 991 -44.97 5.39 21.89
C ILE B 991 -44.80 5.98 20.49
N SER B 992 -43.57 6.36 20.11
CA SER B 992 -43.22 6.98 18.80
C SER B 992 -43.68 6.09 17.63
N THR B 993 -44.30 6.71 16.61
CA THR B 993 -44.78 6.03 15.37
C THR B 993 -44.42 6.85 14.13
N GLY B 994 -43.48 7.80 14.25
CA GLY B 994 -43.07 8.71 13.16
C GLY B 994 -41.98 8.09 12.29
N ALA B 995 -41.11 8.94 11.73
CA ALA B 995 -39.92 8.54 10.94
C ALA B 995 -38.82 8.08 11.90
N GLY B 996 -38.19 6.93 11.61
CA GLY B 996 -37.15 6.31 12.46
C GLY B 996 -37.71 5.83 13.78
N SER B 997 -39.00 5.49 13.82
CA SER B 997 -39.72 4.96 15.01
C SER B 997 -39.24 3.54 15.33
N GLY B 998 -38.94 2.75 14.29
CA GLY B 998 -38.42 1.37 14.40
C GLY B 998 -37.20 1.31 15.29
N ALA B 999 -36.22 2.18 15.06
CA ALA B 999 -34.98 2.30 15.86
C ALA B 999 -35.33 2.82 17.27
N GLN B 1000 -36.11 3.89 17.35
CA GLN B 1000 -36.58 4.51 18.62
C GLN B 1000 -37.28 3.45 19.47
N ASN B 1001 -38.26 2.74 18.88
CA ASN B 1001 -39.06 1.67 19.55
C ASN B 1001 -38.12 0.60 20.12
N ALA B 1002 -37.19 0.11 19.29
CA ALA B 1002 -36.20 -0.94 19.62
C ALA B 1002 -35.34 -0.50 20.81
N VAL B 1003 -34.88 0.76 20.80
CA VAL B 1003 -34.05 1.37 21.88
C VAL B 1003 -34.92 1.53 23.14
N GLY B 1004 -36.14 2.04 22.99
CA GLY B 1004 -37.05 2.40 24.10
C GLY B 1004 -37.65 1.18 24.78
N THR B 1005 -38.51 0.45 24.06
CA THR B 1005 -39.33 -0.69 24.57
C THR B 1005 -38.51 -1.56 25.54
N GLY B 1006 -37.42 -2.14 25.06
CA GLY B 1006 -36.57 -3.11 25.79
C GLY B 1006 -35.95 -2.50 27.04
N VAL B 1007 -35.61 -1.21 27.01
CA VAL B 1007 -34.96 -0.47 28.14
C VAL B 1007 -36.01 -0.24 29.23
N MET B 1008 -37.16 0.37 28.87
CA MET B 1008 -38.28 0.66 29.80
C MET B 1008 -38.69 -0.63 30.52
N GLY B 1009 -38.99 -1.69 29.76
CA GLY B 1009 -39.41 -3.00 30.26
C GLY B 1009 -38.40 -3.58 31.24
N GLY B 1010 -37.13 -3.61 30.84
CA GLY B 1010 -36.01 -4.11 31.65
C GLY B 1010 -35.81 -3.29 32.91
N MET B 1011 -35.91 -1.96 32.81
CA MET B 1011 -35.71 -1.00 33.93
C MET B 1011 -36.78 -1.23 35.01
N VAL B 1012 -38.04 -1.39 34.60
CA VAL B 1012 -39.19 -1.62 35.53
C VAL B 1012 -38.87 -2.84 36.41
N THR B 1013 -38.63 -4.00 35.79
CA THR B 1013 -38.33 -5.29 36.47
C THR B 1013 -37.01 -5.16 37.25
N ALA B 1014 -35.99 -4.56 36.64
CA ALA B 1014 -34.64 -4.36 37.22
C ALA B 1014 -34.72 -3.50 38.48
N THR B 1015 -35.65 -2.54 38.53
CA THR B 1015 -35.86 -1.61 39.67
C THR B 1015 -36.67 -2.33 40.76
N VAL B 1016 -37.85 -2.85 40.39
CA VAL B 1016 -38.85 -3.45 41.33
C VAL B 1016 -38.24 -4.69 42.00
N LEU B 1017 -37.58 -5.57 41.24
CA LEU B 1017 -37.08 -6.88 41.73
C LEU B 1017 -35.76 -6.71 42.50
N ALA B 1018 -34.83 -5.89 42.00
CA ALA B 1018 -33.47 -5.72 42.56
C ALA B 1018 -33.54 -5.29 44.03
N ILE B 1019 -34.36 -4.29 44.35
CA ILE B 1019 -34.47 -3.69 45.72
C ILE B 1019 -34.82 -4.78 46.74
N PHE B 1020 -35.51 -5.85 46.32
CA PHE B 1020 -35.94 -6.98 47.18
C PHE B 1020 -35.01 -8.19 47.05
N PHE B 1021 -34.33 -8.36 45.90
CA PHE B 1021 -33.54 -9.57 45.56
C PHE B 1021 -32.05 -9.38 45.90
N VAL B 1022 -31.50 -8.18 45.71
CA VAL B 1022 -30.07 -7.86 45.99
C VAL B 1022 -29.77 -8.17 47.47
N PRO B 1023 -30.62 -7.72 48.44
CA PRO B 1023 -30.42 -8.10 49.84
C PRO B 1023 -30.52 -9.61 50.08
N VAL B 1024 -31.40 -10.30 49.34
CA VAL B 1024 -31.57 -11.78 49.40
C VAL B 1024 -30.27 -12.46 48.93
N PHE B 1025 -29.70 -12.00 47.82
CA PHE B 1025 -28.46 -12.54 47.21
C PHE B 1025 -27.28 -12.39 48.18
N PHE B 1026 -27.13 -11.20 48.76
CA PHE B 1026 -26.03 -10.84 49.69
C PHE B 1026 -26.08 -11.74 50.93
N VAL B 1027 -27.25 -11.87 51.54
CA VAL B 1027 -27.49 -12.66 52.79
C VAL B 1027 -27.19 -14.14 52.52
N VAL B 1028 -27.79 -14.71 51.46
CA VAL B 1028 -27.66 -16.15 51.06
C VAL B 1028 -26.17 -16.46 50.82
N VAL B 1029 -25.47 -15.58 50.08
CA VAL B 1029 -24.04 -15.74 49.70
C VAL B 1029 -23.17 -15.64 50.96
N ARG B 1030 -23.42 -14.64 51.82
CA ARG B 1030 -22.65 -14.38 53.06
C ARG B 1030 -22.85 -15.54 54.05
N ARG B 1031 -24.04 -16.17 54.04
CA ARG B 1031 -24.36 -17.37 54.87
C ARG B 1031 -23.63 -18.59 54.31
N ARG B 1032 -23.83 -18.88 53.02
CA ARG B 1032 -23.29 -20.08 52.32
C ARG B 1032 -21.76 -20.10 52.43
N PHE B 1033 -21.12 -18.93 52.34
CA PHE B 1033 -19.64 -18.76 52.44
C PHE B 1033 -19.33 -17.86 53.64
N SER B 1034 -19.23 -18.46 54.83
CA SER B 1034 -18.90 -17.77 56.12
C SER B 1034 -17.41 -17.40 56.13
N MET C 1 10.93 17.28 46.73
CA MET C 1 11.97 16.85 45.74
C MET C 1 13.23 17.70 45.86
N PRO C 2 13.14 19.05 45.92
CA PRO C 2 14.33 19.89 46.09
C PRO C 2 15.20 19.49 47.30
N ASN C 3 14.59 19.34 48.48
CA ASN C 3 15.28 18.96 49.75
C ASN C 3 15.97 17.60 49.57
N PHE C 4 15.35 16.69 48.81
CA PHE C 4 15.85 15.32 48.50
C PHE C 4 17.23 15.40 47.85
N PHE C 5 17.40 16.27 46.86
CA PHE C 5 18.62 16.37 46.00
C PHE C 5 19.65 17.34 46.59
N ILE C 6 19.27 18.14 47.59
CA ILE C 6 20.22 19.02 48.35
C ILE C 6 21.14 18.11 49.19
N ASP C 7 20.58 17.07 49.80
CA ASP C 7 21.32 16.04 50.58
C ASP C 7 22.06 15.08 49.62
N ARG C 8 21.51 14.86 48.42
CA ARG C 8 22.02 13.92 47.39
C ARG C 8 22.49 14.70 46.17
N PRO C 9 23.66 15.38 46.24
CA PRO C 9 24.19 16.12 45.09
C PRO C 9 24.71 15.23 43.95
N ILE C 10 25.14 14.00 44.24
CA ILE C 10 25.71 13.04 43.25
C ILE C 10 24.56 12.51 42.37
N PHE C 11 23.45 12.10 43.01
CA PHE C 11 22.19 11.68 42.32
C PHE C 11 21.78 12.77 41.32
N ALA C 12 21.77 14.02 41.77
CA ALA C 12 21.40 15.22 40.97
C ALA C 12 22.32 15.34 39.75
N TRP C 13 23.64 15.21 39.97
CA TRP C 13 24.67 15.25 38.89
C TRP C 13 24.50 14.06 37.94
N VAL C 14 24.13 12.90 38.46
CA VAL C 14 23.96 11.63 37.68
C VAL C 14 22.84 11.83 36.64
N ILE C 15 21.68 12.35 37.05
CA ILE C 15 20.51 12.60 36.17
C ILE C 15 20.95 13.56 35.05
N ALA C 16 21.72 14.60 35.39
CA ALA C 16 22.20 15.65 34.47
C ALA C 16 23.12 15.05 33.40
N ILE C 17 24.05 14.18 33.80
CA ILE C 17 25.08 13.57 32.88
C ILE C 17 24.38 12.59 31.93
N ILE C 18 23.44 11.79 32.42
CA ILE C 18 22.67 10.80 31.60
C ILE C 18 21.87 11.55 30.53
N ILE C 19 21.23 12.67 30.91
CA ILE C 19 20.44 13.55 29.98
C ILE C 19 21.39 14.11 28.91
N MET C 20 22.60 14.52 29.30
CA MET C 20 23.62 15.11 28.40
C MET C 20 24.18 14.02 27.46
N LEU C 21 24.49 12.83 28.00
CA LEU C 21 25.00 11.67 27.23
C LEU C 21 24.00 11.30 26.12
N ALA C 22 22.73 11.14 26.48
CA ALA C 22 21.61 10.81 25.56
C ALA C 22 21.51 11.88 24.46
N GLY C 23 21.69 13.16 24.84
CA GLY C 23 21.66 14.31 23.91
C GLY C 23 22.84 14.29 22.96
N GLY C 24 24.05 14.07 23.48
CA GLY C 24 25.31 14.01 22.71
C GLY C 24 25.26 12.93 21.64
N LEU C 25 24.71 11.76 21.97
CA LEU C 25 24.55 10.60 21.04
C LEU C 25 23.50 10.93 19.97
N ALA C 26 22.42 11.62 20.35
CA ALA C 26 21.29 12.01 19.48
C ALA C 26 21.78 12.97 18.38
N ILE C 27 22.71 13.87 18.71
CA ILE C 27 23.30 14.89 17.79
C ILE C 27 23.95 14.18 16.59
N LEU C 28 24.54 13.01 16.81
CA LEU C 28 25.32 12.24 15.79
C LEU C 28 24.36 11.55 14.81
N LYS C 29 23.20 11.09 15.29
CA LYS C 29 22.22 10.29 14.51
C LYS C 29 21.10 11.18 13.95
N LEU C 30 21.09 12.48 14.26
CA LEU C 30 20.01 13.42 13.87
C LEU C 30 20.21 13.88 12.43
N PRO C 31 19.15 13.89 11.58
CA PRO C 31 19.22 14.48 10.25
C PRO C 31 19.42 16.00 10.31
N VAL C 32 19.88 16.59 9.20
CA VAL C 32 20.15 18.06 9.07
C VAL C 32 19.50 18.56 7.77
N ALA C 33 18.82 19.71 7.84
CA ALA C 33 18.09 20.35 6.71
C ALA C 33 17.90 21.85 7.00
N GLN C 34 17.41 22.60 6.01
CA GLN C 34 17.03 24.03 6.16
C GLN C 34 15.67 24.10 6.87
N TYR C 35 14.69 23.36 6.34
CA TYR C 35 13.30 23.25 6.85
C TYR C 35 12.95 21.78 7.07
N PRO C 36 11.82 21.49 7.76
CA PRO C 36 11.21 20.16 7.70
C PRO C 36 10.42 19.98 6.41
N THR C 37 9.75 18.83 6.24
CA THR C 37 8.75 18.61 5.17
C THR C 37 7.44 19.29 5.60
N PHE C 38 7.26 20.56 5.21
CA PHE C 38 6.09 21.40 5.55
C PHE C 38 5.27 21.72 4.29
N ALA C 39 5.91 21.77 3.11
CA ALA C 39 5.26 22.03 1.81
C ALA C 39 4.24 20.92 1.52
N PRO C 40 3.10 21.24 0.86
CA PRO C 40 2.09 20.24 0.57
C PRO C 40 2.52 19.28 -0.53
N PRO C 41 2.31 17.95 -0.37
CA PRO C 41 2.71 16.98 -1.39
C PRO C 41 1.81 17.10 -2.62
N ALA C 42 2.38 16.82 -3.81
CA ALA C 42 1.69 16.93 -5.12
C ALA C 42 1.92 15.66 -5.94
N VAL C 43 0.92 15.28 -6.75
CA VAL C 43 0.93 14.09 -7.66
C VAL C 43 0.58 14.58 -9.07
N THR C 44 1.46 14.33 -10.05
CA THR C 44 1.32 14.76 -11.46
C THR C 44 0.93 13.57 -12.34
N ILE C 45 -0.08 13.75 -13.19
CA ILE C 45 -0.49 12.78 -14.25
C ILE C 45 0.04 13.29 -15.59
N SER C 46 1.04 12.60 -16.17
CA SER C 46 1.66 12.94 -17.47
C SER C 46 1.11 12.03 -18.57
N ALA C 47 0.59 12.62 -19.65
CA ALA C 47 0.03 11.91 -20.83
C ALA C 47 0.50 12.62 -22.12
N SER C 48 0.54 11.89 -23.23
CA SER C 48 1.02 12.37 -24.56
C SER C 48 0.09 11.89 -25.66
N TYR C 49 -0.38 12.82 -26.51
CA TYR C 49 -1.14 12.55 -27.76
C TYR C 49 -0.33 13.09 -28.94
N PRO C 50 0.66 12.32 -29.45
CA PRO C 50 1.59 12.83 -30.46
C PRO C 50 0.89 13.40 -31.70
N GLY C 51 1.19 14.67 -32.03
CA GLY C 51 0.71 15.37 -33.25
C GLY C 51 -0.54 16.20 -33.00
N ALA C 52 -1.22 15.99 -31.87
CA ALA C 52 -2.49 16.67 -31.51
C ALA C 52 -2.17 18.02 -30.86
N ASP C 53 -2.93 19.06 -31.25
CA ASP C 53 -2.81 20.44 -30.70
C ASP C 53 -3.46 20.48 -29.31
N ALA C 54 -3.15 21.52 -28.53
CA ALA C 54 -3.61 21.74 -27.13
C ALA C 54 -5.13 21.53 -27.02
N LYS C 55 -5.89 22.05 -28.01
CA LYS C 55 -7.38 22.04 -28.02
C LYS C 55 -7.89 20.60 -28.07
N THR C 56 -7.45 19.83 -29.06
CA THR C 56 -7.83 18.41 -29.30
C THR C 56 -7.42 17.56 -28.08
N VAL C 57 -6.23 17.82 -27.54
CA VAL C 57 -5.64 17.10 -26.38
C VAL C 57 -6.51 17.35 -25.14
N GLN C 58 -6.82 18.62 -24.86
CA GLN C 58 -7.63 19.05 -23.69
C GLN C 58 -9.01 18.39 -23.74
N ASP C 59 -9.63 18.31 -24.93
CA ASP C 59 -10.99 17.76 -25.14
C ASP C 59 -10.99 16.24 -24.94
N THR C 60 -10.00 15.55 -25.51
CA THR C 60 -9.96 14.05 -25.60
C THR C 60 -9.21 13.44 -24.39
N VAL C 61 -8.34 14.21 -23.72
CA VAL C 61 -7.47 13.68 -22.62
C VAL C 61 -7.72 14.47 -21.33
N THR C 62 -7.27 15.73 -21.26
CA THR C 62 -7.16 16.53 -20.01
C THR C 62 -8.51 16.56 -19.28
N GLN C 63 -9.60 16.88 -19.99
CA GLN C 63 -10.98 16.98 -19.41
C GLN C 63 -11.47 15.59 -19.00
N VAL C 64 -11.24 14.57 -19.84
CA VAL C 64 -11.64 13.15 -19.58
C VAL C 64 -11.04 12.69 -18.25
N ILE C 65 -9.76 13.04 -18.02
CA ILE C 65 -9.02 12.68 -16.77
C ILE C 65 -9.51 13.56 -15.62
N GLU C 66 -9.54 14.88 -15.82
CA GLU C 66 -9.84 15.89 -14.77
C GLU C 66 -11.23 15.63 -14.16
N GLN C 67 -12.20 15.21 -14.96
CA GLN C 67 -13.61 15.00 -14.53
C GLN C 67 -13.74 13.69 -13.75
N ASN C 68 -12.66 12.90 -13.65
CA ASN C 68 -12.58 11.67 -12.82
C ASN C 68 -11.72 11.92 -11.57
N MET C 69 -11.02 13.06 -11.48
CA MET C 69 -10.16 13.44 -10.33
C MET C 69 -11.00 14.24 -9.33
N ASN C 70 -12.11 13.67 -8.85
N ASN C 70 -12.09 13.64 -8.85
CA ASN C 70 -13.00 14.29 -7.84
CA ASN C 70 -13.06 14.23 -7.88
C ASN C 70 -13.39 13.23 -6.81
C ASN C 70 -13.35 13.19 -6.79
N GLY C 71 -13.44 13.61 -5.53
CA GLY C 71 -13.69 12.71 -4.39
C GLY C 71 -12.42 11.97 -4.00
N ILE C 72 -11.34 12.70 -3.76
CA ILE C 72 -10.02 12.17 -3.27
C ILE C 72 -9.71 12.84 -1.93
N ASP C 73 -9.08 12.10 -1.02
CA ASP C 73 -8.84 12.53 0.39
C ASP C 73 -7.76 13.62 0.44
N ASN C 74 -8.07 14.74 1.09
CA ASN C 74 -7.13 15.83 1.45
C ASN C 74 -6.65 16.59 0.20
N LEU C 75 -7.42 16.55 -0.90
CA LEU C 75 -7.10 17.27 -2.16
C LEU C 75 -7.44 18.76 -1.97
N MET C 76 -6.45 19.64 -2.12
CA MET C 76 -6.58 21.11 -1.91
C MET C 76 -7.00 21.77 -3.24
N TYR C 77 -6.23 21.54 -4.31
CA TYR C 77 -6.51 22.06 -5.68
C TYR C 77 -5.84 21.17 -6.73
N MET C 78 -6.23 21.38 -8.00
CA MET C 78 -5.77 20.61 -9.19
C MET C 78 -5.56 21.58 -10.36
N SER C 79 -4.31 21.71 -10.83
CA SER C 79 -3.92 22.55 -12.00
C SER C 79 -3.38 21.64 -13.11
N SER C 80 -3.73 21.93 -14.36
CA SER C 80 -3.33 21.16 -15.56
C SER C 80 -3.08 22.09 -16.74
N ASN C 81 -2.28 21.64 -17.71
CA ASN C 81 -1.99 22.37 -18.98
C ASN C 81 -1.86 21.35 -20.12
N SER C 82 -2.40 21.71 -21.29
CA SER C 82 -2.31 20.94 -22.56
C SER C 82 -1.63 21.82 -23.62
N ASP C 83 -0.54 21.35 -24.24
CA ASP C 83 0.30 22.16 -25.17
C ASP C 83 0.25 21.56 -26.58
N SER C 84 0.92 22.22 -27.53
CA SER C 84 0.88 21.94 -28.99
C SER C 84 1.65 20.65 -29.33
N THR C 85 2.53 20.18 -28.44
CA THR C 85 3.34 18.94 -28.61
C THR C 85 2.51 17.70 -28.23
N GLY C 86 1.28 17.91 -27.73
CA GLY C 86 0.35 16.82 -27.36
C GLY C 86 0.46 16.44 -25.90
N THR C 87 1.32 17.14 -25.14
CA THR C 87 1.68 16.82 -23.74
C THR C 87 0.59 17.34 -22.80
N VAL C 88 0.16 16.50 -21.84
CA VAL C 88 -0.75 16.85 -20.71
C VAL C 88 0.04 16.67 -19.41
N GLN C 89 -0.21 17.54 -18.42
CA GLN C 89 0.38 17.44 -17.05
C GLN C 89 -0.63 17.96 -16.03
N ILE C 90 -1.40 17.05 -15.42
CA ILE C 90 -2.42 17.34 -14.38
C ILE C 90 -1.78 17.14 -13.01
N THR C 91 -1.51 18.22 -12.27
CA THR C 91 -0.91 18.20 -10.91
C THR C 91 -2.00 18.37 -9.86
N LEU C 92 -2.11 17.41 -8.92
CA LEU C 92 -3.03 17.45 -7.76
C LEU C 92 -2.22 17.65 -6.49
N THR C 93 -2.48 18.75 -5.76
CA THR C 93 -1.78 19.13 -4.49
C THR C 93 -2.69 18.80 -3.31
N PHE C 94 -2.14 18.20 -2.25
CA PHE C 94 -2.86 17.69 -1.06
C PHE C 94 -2.42 18.44 0.20
N GLU C 95 -3.22 18.38 1.26
CA GLU C 95 -2.97 19.01 2.58
C GLU C 95 -1.62 18.51 3.12
N SER C 96 -0.84 19.39 3.75
CA SER C 96 0.44 19.05 4.43
C SER C 96 0.15 18.09 5.59
N GLY C 97 0.80 16.93 5.59
CA GLY C 97 0.54 15.82 6.54
C GLY C 97 0.01 14.59 5.84
N THR C 98 -0.62 14.77 4.67
CA THR C 98 -1.13 13.68 3.79
C THR C 98 0.01 12.72 3.43
N ASP C 99 -0.25 11.42 3.49
CA ASP C 99 0.66 10.35 3.00
C ASP C 99 0.65 10.39 1.47
N ALA C 100 1.74 10.89 0.87
CA ALA C 100 1.90 11.11 -0.59
C ALA C 100 1.81 9.78 -1.34
N ASP C 101 2.20 8.67 -0.71
CA ASP C 101 2.16 7.30 -1.28
C ASP C 101 0.69 6.86 -1.47
N ILE C 102 -0.17 7.13 -0.48
CA ILE C 102 -1.63 6.84 -0.52
C ILE C 102 -2.29 7.78 -1.55
N ALA C 103 -1.88 9.05 -1.57
CA ALA C 103 -2.36 10.07 -2.53
C ALA C 103 -2.14 9.58 -3.96
N GLN C 104 -0.92 9.11 -4.26
CA GLN C 104 -0.54 8.53 -5.58
C GLN C 104 -1.48 7.38 -5.92
N VAL C 105 -1.66 6.45 -4.98
CA VAL C 105 -2.52 5.22 -5.12
C VAL C 105 -3.96 5.66 -5.42
N GLN C 106 -4.49 6.61 -4.65
CA GLN C 106 -5.89 7.12 -4.79
C GLN C 106 -6.06 7.80 -6.15
N VAL C 107 -5.05 8.54 -6.62
CA VAL C 107 -5.06 9.26 -7.93
C VAL C 107 -4.98 8.22 -9.07
N GLN C 108 -4.11 7.22 -8.93
CA GLN C 108 -3.91 6.13 -9.94
C GLN C 108 -5.23 5.37 -10.13
N ASN C 109 -5.95 5.09 -9.03
CA ASN C 109 -7.23 4.33 -9.02
C ASN C 109 -8.29 5.07 -9.85
N LYS C 110 -8.40 6.39 -9.67
CA LYS C 110 -9.44 7.23 -10.33
C LYS C 110 -9.06 7.47 -11.79
N LEU C 111 -7.76 7.54 -12.11
CA LEU C 111 -7.25 7.76 -13.49
C LEU C 111 -7.59 6.55 -14.38
N GLN C 112 -7.35 5.34 -13.88
CA GLN C 112 -7.48 4.08 -14.65
C GLN C 112 -8.95 3.84 -15.04
N LEU C 113 -9.90 4.54 -14.41
CA LEU C 113 -11.31 4.58 -14.82
C LEU C 113 -11.48 5.45 -16.08
N ALA C 114 -10.69 6.52 -16.19
CA ALA C 114 -10.66 7.45 -17.35
C ALA C 114 -9.82 6.87 -18.49
N MET C 115 -8.78 6.08 -18.17
CA MET C 115 -7.81 5.48 -19.13
C MET C 115 -8.51 4.98 -20.39
N PRO C 116 -9.54 4.11 -20.29
CA PRO C 116 -10.21 3.57 -21.49
C PRO C 116 -10.95 4.62 -22.34
N LEU C 117 -11.41 5.71 -21.72
CA LEU C 117 -12.14 6.81 -22.41
C LEU C 117 -11.16 7.69 -23.21
N LEU C 118 -9.85 7.56 -22.95
CA LEU C 118 -8.78 8.30 -23.67
C LEU C 118 -8.63 7.72 -25.08
N PRO C 119 -7.95 8.43 -26.01
CA PRO C 119 -7.62 7.87 -27.32
C PRO C 119 -6.64 6.70 -27.20
N GLN C 120 -6.62 5.82 -28.21
CA GLN C 120 -5.81 4.56 -28.22
C GLN C 120 -4.33 4.91 -28.36
N GLU C 121 -4.01 5.94 -29.16
CA GLU C 121 -2.63 6.48 -29.35
C GLU C 121 -2.06 6.95 -28.00
N VAL C 122 -2.91 7.55 -27.17
CA VAL C 122 -2.53 8.12 -25.83
C VAL C 122 -2.29 6.94 -24.86
N GLN C 123 -3.06 5.86 -24.99
CA GLN C 123 -2.95 4.63 -24.16
C GLN C 123 -1.68 3.85 -24.56
N GLN C 124 -1.28 3.91 -25.83
CA GLN C 124 -0.10 3.19 -26.38
C GLN C 124 1.18 3.95 -26.02
N GLN C 125 1.07 5.18 -25.51
CA GLN C 125 2.21 6.02 -25.05
C GLN C 125 2.44 5.81 -23.55
N GLY C 126 1.38 5.48 -22.80
CA GLY C 126 1.43 5.23 -21.34
C GLY C 126 1.21 6.50 -20.54
N VAL C 127 0.48 6.40 -19.42
CA VAL C 127 0.17 7.52 -18.49
C VAL C 127 0.88 7.23 -17.16
N SER C 128 1.72 8.18 -16.70
CA SER C 128 2.50 8.08 -15.44
C SER C 128 1.78 8.86 -14.33
N VAL C 129 1.64 8.25 -13.15
CA VAL C 129 1.09 8.87 -11.90
C VAL C 129 2.15 8.72 -10.81
N GLU C 130 2.85 9.81 -10.47
CA GLU C 130 3.97 9.81 -9.50
C GLU C 130 3.99 11.13 -8.73
N LYS C 131 4.62 11.12 -7.55
CA LYS C 131 4.84 12.31 -6.68
C LYS C 131 5.79 13.27 -7.41
N SER C 132 5.48 14.57 -7.39
CA SER C 132 6.18 15.61 -8.20
C SER C 132 6.52 16.83 -7.34
N SER C 133 7.65 17.48 -7.65
CA SER C 133 8.05 18.83 -7.16
C SER C 133 8.14 19.79 -8.36
N SER C 134 8.13 21.09 -8.10
CA SER C 134 7.98 22.16 -9.12
C SER C 134 9.34 22.65 -9.62
N SER C 135 10.26 22.97 -8.70
CA SER C 135 11.57 23.62 -8.98
C SER C 135 12.71 22.60 -8.88
N PHE C 136 13.87 22.94 -9.45
CA PHE C 136 15.09 22.11 -9.47
C PHE C 136 15.90 22.34 -8.18
N LEU C 137 16.35 21.24 -7.56
CA LEU C 137 17.30 21.25 -6.41
C LEU C 137 18.63 21.84 -6.88
N MET C 138 19.14 21.35 -8.01
CA MET C 138 20.40 21.80 -8.65
C MET C 138 20.31 21.56 -10.16
N VAL C 139 21.30 22.06 -10.91
CA VAL C 139 21.53 21.76 -12.36
C VAL C 139 23.01 21.37 -12.52
N VAL C 140 23.27 20.09 -12.82
CA VAL C 140 24.63 19.57 -13.13
C VAL C 140 24.91 19.85 -14.61
N GLY C 141 25.90 20.71 -14.90
CA GLY C 141 26.34 21.03 -16.27
C GLY C 141 27.46 20.11 -16.71
N VAL C 142 27.56 19.86 -18.02
CA VAL C 142 28.64 19.04 -18.65
C VAL C 142 29.17 19.81 -19.88
N ILE C 143 30.49 20.03 -19.93
CA ILE C 143 31.20 20.73 -21.05
C ILE C 143 32.37 19.86 -21.52
N ASN C 144 32.93 20.18 -22.68
CA ASN C 144 34.12 19.52 -23.28
C ASN C 144 35.21 20.59 -23.48
N THR C 145 36.39 20.38 -22.91
CA THR C 145 37.50 21.38 -22.84
C THR C 145 38.44 21.20 -24.04
N ASP C 146 38.70 19.96 -24.47
CA ASP C 146 39.66 19.63 -25.56
C ASP C 146 38.98 19.82 -26.93
N GLY C 147 37.69 20.17 -26.96
CA GLY C 147 36.94 20.54 -28.18
C GLY C 147 36.88 19.39 -29.18
N THR C 148 36.81 18.15 -28.70
CA THR C 148 36.72 16.91 -29.51
C THR C 148 35.25 16.42 -29.57
N MET C 149 34.40 16.91 -28.66
CA MET C 149 32.95 16.60 -28.59
C MET C 149 32.14 17.90 -28.72
N THR C 150 31.11 17.90 -29.58
CA THR C 150 30.12 19.00 -29.70
C THR C 150 29.09 18.87 -28.57
N GLN C 151 28.15 19.81 -28.46
CA GLN C 151 27.12 19.85 -27.39
C GLN C 151 26.13 18.68 -27.59
N GLU C 152 25.97 18.22 -28.84
CA GLU C 152 25.12 17.05 -29.20
C GLU C 152 25.81 15.78 -28.71
N ASP C 153 27.11 15.66 -28.97
CA ASP C 153 27.98 14.54 -28.50
C ASP C 153 27.97 14.50 -26.97
N ILE C 154 28.07 15.67 -26.32
CA ILE C 154 28.02 15.81 -24.84
C ILE C 154 26.63 15.36 -24.35
N SER C 155 25.56 15.88 -24.96
CA SER C 155 24.15 15.58 -24.62
C SER C 155 23.90 14.06 -24.66
N ASP C 156 24.32 13.41 -25.75
CA ASP C 156 24.14 11.94 -25.97
C ASP C 156 24.83 11.17 -24.83
N TYR C 157 26.09 11.52 -24.53
CA TYR C 157 26.90 10.84 -23.48
C TYR C 157 26.19 10.97 -22.13
N VAL C 158 25.67 12.15 -21.81
CA VAL C 158 24.94 12.43 -20.53
C VAL C 158 23.68 11.57 -20.49
N ALA C 159 22.92 11.53 -21.59
CA ALA C 159 21.64 10.78 -21.72
C ALA C 159 21.89 9.27 -21.60
N ALA C 160 22.95 8.76 -22.24
CA ALA C 160 23.18 7.32 -22.48
C ALA C 160 24.07 6.71 -21.39
N ASN C 161 24.81 7.52 -20.62
CA ASN C 161 25.83 7.02 -19.65
C ASN C 161 25.62 7.59 -18.24
N MET C 162 24.89 8.70 -18.08
CA MET C 162 24.79 9.42 -16.76
C MET C 162 23.34 9.47 -16.28
N LYS C 163 22.40 9.89 -17.14
CA LYS C 163 20.99 10.25 -16.75
C LYS C 163 20.35 9.13 -15.93
N ASP C 164 20.35 7.89 -16.45
CA ASP C 164 19.63 6.73 -15.88
C ASP C 164 20.07 6.49 -14.42
N ALA C 165 21.37 6.43 -14.16
CA ALA C 165 21.95 6.19 -12.82
C ALA C 165 21.61 7.35 -11.88
N ILE C 166 21.70 8.59 -12.37
CA ILE C 166 21.36 9.82 -11.59
C ILE C 166 19.87 9.81 -11.26
N SER C 167 19.02 9.35 -12.19
CA SER C 167 17.55 9.31 -12.06
C SER C 167 17.12 8.22 -11.05
N ARG C 168 17.99 7.25 -10.76
CA ARG C 168 17.75 6.15 -9.79
C ARG C 168 18.51 6.39 -8.49
N THR C 169 19.23 7.52 -8.38
CA THR C 169 20.02 7.91 -7.18
C THR C 169 19.07 8.27 -6.04
N SER C 170 19.50 8.05 -4.79
CA SER C 170 18.70 8.23 -3.55
C SER C 170 18.28 9.70 -3.39
N GLY C 171 16.98 9.96 -3.44
CA GLY C 171 16.38 11.30 -3.17
C GLY C 171 16.08 12.08 -4.45
N VAL C 172 16.49 11.57 -5.61
CA VAL C 172 16.25 12.22 -6.93
C VAL C 172 14.82 11.90 -7.38
N GLY C 173 13.96 12.92 -7.47
CA GLY C 173 12.53 12.79 -7.84
C GLY C 173 12.34 12.73 -9.35
N ASP C 174 12.95 13.68 -10.08
CA ASP C 174 12.84 13.80 -11.55
C ASP C 174 14.16 14.36 -12.11
N VAL C 175 14.48 14.00 -13.36
CA VAL C 175 15.74 14.42 -14.05
C VAL C 175 15.37 14.92 -15.46
N GLN C 176 15.49 16.23 -15.69
CA GLN C 176 15.30 16.90 -17.00
C GLN C 176 16.65 17.01 -17.70
N LEU C 177 16.80 16.39 -18.89
CA LEU C 177 18.01 16.51 -19.74
C LEU C 177 17.92 17.81 -20.54
N PHE C 178 18.93 18.67 -20.43
CA PHE C 178 19.09 19.91 -21.24
C PHE C 178 19.85 19.55 -22.52
N GLY C 179 19.13 18.95 -23.47
CA GLY C 179 19.65 18.35 -24.71
C GLY C 179 18.79 17.17 -25.14
N SER C 180 19.37 16.24 -25.90
CA SER C 180 18.70 15.01 -26.41
C SER C 180 19.71 13.89 -26.61
N GLN C 181 19.29 12.64 -26.36
CA GLN C 181 20.06 11.41 -26.68
C GLN C 181 20.08 11.25 -28.21
N TYR C 182 21.14 10.66 -28.76
CA TYR C 182 21.26 10.37 -30.22
C TYR C 182 20.23 9.31 -30.61
N ALA C 183 19.57 9.54 -31.75
CA ALA C 183 18.76 8.55 -32.49
C ALA C 183 19.41 8.37 -33.87
N MET C 184 19.04 7.30 -34.59
CA MET C 184 19.45 7.10 -36.00
C MET C 184 18.55 7.99 -36.88
N ARG C 185 19.08 9.14 -37.31
CA ARG C 185 18.35 10.15 -38.11
C ARG C 185 18.43 9.79 -39.60
N ILE C 186 17.28 9.51 -40.22
CA ILE C 186 17.15 9.27 -41.69
C ILE C 186 16.52 10.53 -42.32
N TRP C 187 17.37 11.44 -42.80
CA TRP C 187 16.96 12.74 -43.40
C TRP C 187 16.62 12.53 -44.89
N MET C 188 15.33 12.37 -45.20
CA MET C 188 14.82 12.00 -46.55
C MET C 188 14.88 13.21 -47.48
N ASN C 189 15.25 12.95 -48.75
CA ASN C 189 15.25 13.95 -49.86
C ASN C 189 14.06 13.64 -50.78
N PRO C 190 13.07 14.55 -50.89
CA PRO C 190 11.85 14.26 -51.66
C PRO C 190 12.06 14.16 -53.18
N ASN C 191 13.09 14.84 -53.69
CA ASN C 191 13.49 14.83 -55.13
C ASN C 191 13.95 13.42 -55.53
N GLU C 192 14.73 12.78 -54.65
CA GLU C 192 15.33 11.43 -54.89
C GLU C 192 14.26 10.35 -54.70
N LEU C 193 13.41 10.50 -53.68
CA LEU C 193 12.24 9.61 -53.44
C LEU C 193 11.36 9.60 -54.70
N ASN C 194 11.09 10.79 -55.26
CA ASN C 194 10.27 10.98 -56.49
C ASN C 194 11.02 10.40 -57.70
N LYS C 195 12.35 10.55 -57.74
CA LYS C 195 13.22 10.08 -58.85
C LYS C 195 13.13 8.55 -58.98
N PHE C 196 13.21 7.83 -57.85
CA PHE C 196 13.16 6.34 -57.79
C PHE C 196 11.71 5.87 -57.58
N GLN C 197 10.74 6.80 -57.59
CA GLN C 197 9.29 6.53 -57.45
C GLN C 197 9.04 5.80 -56.11
N LEU C 198 9.40 6.46 -55.01
CA LEU C 198 9.29 5.93 -53.62
C LEU C 198 8.66 6.99 -52.71
N THR C 199 8.33 6.60 -51.47
CA THR C 199 7.68 7.45 -50.44
C THR C 199 8.29 7.15 -49.08
N PRO C 200 8.07 8.01 -48.05
CA PRO C 200 8.46 7.68 -46.68
C PRO C 200 7.86 6.35 -46.16
N VAL C 201 6.73 5.93 -46.74
CA VAL C 201 6.05 4.62 -46.44
C VAL C 201 7.03 3.49 -46.78
N ASP C 202 7.63 3.55 -47.98
CA ASP C 202 8.60 2.54 -48.49
C ASP C 202 9.84 2.52 -47.60
N VAL C 203 10.27 3.68 -47.10
CA VAL C 203 11.47 3.84 -46.23
C VAL C 203 11.19 3.19 -44.87
N ILE C 204 10.00 3.43 -44.30
CA ILE C 204 9.58 2.87 -42.97
C ILE C 204 9.44 1.35 -43.09
N THR C 205 8.71 0.88 -44.11
CA THR C 205 8.50 -0.56 -44.43
C THR C 205 9.86 -1.28 -44.50
N ALA C 206 10.84 -0.66 -45.16
CA ALA C 206 12.20 -1.21 -45.41
C ALA C 206 12.99 -1.26 -44.11
N ILE C 207 13.01 -0.17 -43.33
CA ILE C 207 13.76 -0.06 -42.04
C ILE C 207 13.22 -1.09 -41.06
N LYS C 208 11.90 -1.30 -41.03
CA LYS C 208 11.22 -2.29 -40.16
C LYS C 208 11.66 -3.71 -40.55
N ALA C 209 11.76 -3.99 -41.86
CA ALA C 209 12.10 -5.32 -42.42
C ALA C 209 13.58 -5.66 -42.13
N GLN C 210 14.48 -4.68 -42.29
CA GLN C 210 15.95 -4.89 -42.32
C GLN C 210 16.61 -4.46 -40.99
N ASN C 211 15.93 -3.65 -40.18
CA ASN C 211 16.35 -3.34 -38.78
C ASN C 211 15.39 -4.06 -37.82
N ALA C 212 15.44 -5.40 -37.80
CA ALA C 212 14.58 -6.29 -37.00
C ALA C 212 15.44 -7.18 -36.10
N GLN C 213 14.96 -7.46 -34.88
CA GLN C 213 15.57 -8.42 -33.92
C GLN C 213 14.61 -9.61 -33.80
N VAL C 214 14.79 -10.63 -34.65
CA VAL C 214 13.85 -11.77 -34.85
C VAL C 214 14.16 -12.88 -33.84
N ALA C 215 13.12 -13.46 -33.24
CA ALA C 215 13.17 -14.67 -32.38
C ALA C 215 12.92 -15.90 -33.27
N ALA C 216 13.97 -16.69 -33.53
CA ALA C 216 14.00 -17.73 -34.60
C ALA C 216 13.92 -19.14 -34.01
N GLY C 217 14.16 -19.32 -32.71
CA GLY C 217 13.99 -20.61 -32.00
C GLY C 217 15.32 -21.28 -31.70
N GLN C 218 15.32 -22.63 -31.66
CA GLN C 218 16.47 -23.46 -31.23
C GLN C 218 16.59 -24.74 -32.09
N LEU C 219 17.80 -25.29 -32.16
CA LEU C 219 18.09 -26.68 -32.61
C LEU C 219 18.11 -27.59 -31.37
N GLY C 220 17.43 -28.73 -31.42
CA GLY C 220 17.35 -29.70 -30.30
C GLY C 220 16.65 -29.11 -29.09
N GLY C 221 15.67 -28.23 -29.31
CA GLY C 221 14.86 -27.60 -28.26
C GLY C 221 13.74 -28.52 -27.81
N THR C 222 13.25 -28.33 -26.58
CA THR C 222 12.20 -29.17 -25.94
C THR C 222 10.86 -28.92 -26.63
N PRO C 223 10.05 -29.96 -26.92
CA PRO C 223 10.41 -31.36 -26.69
C PRO C 223 11.33 -31.91 -27.78
N PRO C 224 12.44 -32.58 -27.43
CA PRO C 224 13.37 -33.11 -28.43
C PRO C 224 13.02 -34.53 -28.88
N VAL C 225 13.71 -35.01 -29.92
CA VAL C 225 13.83 -36.46 -30.25
C VAL C 225 14.91 -37.04 -29.33
N LYS C 226 14.55 -37.98 -28.46
CA LYS C 226 15.46 -38.59 -27.46
C LYS C 226 16.71 -39.10 -28.18
N GLY C 227 17.89 -38.64 -27.75
CA GLY C 227 19.19 -38.99 -28.36
C GLY C 227 19.86 -37.79 -29.03
N GLN C 228 19.19 -36.64 -29.04
CA GLN C 228 19.75 -35.34 -29.53
C GLN C 228 20.96 -34.97 -28.68
N GLN C 229 22.06 -34.57 -29.33
CA GLN C 229 23.32 -34.12 -28.68
C GLN C 229 23.42 -32.59 -28.75
N LEU C 230 23.00 -32.00 -29.86
CA LEU C 230 23.11 -30.54 -30.15
C LEU C 230 21.93 -29.79 -29.54
N ASN C 231 22.20 -28.72 -28.77
CA ASN C 231 21.21 -27.72 -28.31
C ASN C 231 21.77 -26.32 -28.54
N ALA C 232 21.41 -25.69 -29.66
CA ALA C 232 21.93 -24.39 -30.12
C ALA C 232 20.78 -23.44 -30.47
N SER C 233 20.84 -22.19 -29.99
CA SER C 233 19.91 -21.10 -30.35
C SER C 233 20.11 -20.71 -31.82
N ILE C 234 19.02 -20.46 -32.55
CA ILE C 234 19.05 -19.93 -33.95
C ILE C 234 19.04 -18.40 -33.87
N ILE C 235 20.11 -17.75 -34.34
CA ILE C 235 20.23 -16.28 -34.46
C ILE C 235 19.89 -15.89 -35.91
N ALA C 236 18.82 -15.11 -36.09
CA ALA C 236 18.38 -14.56 -37.40
C ALA C 236 18.84 -13.10 -37.50
N GLN C 237 17.96 -12.19 -37.92
CA GLN C 237 18.28 -10.75 -38.09
C GLN C 237 18.46 -10.12 -36.71
N THR C 238 19.47 -9.26 -36.55
CA THR C 238 19.72 -8.43 -35.34
C THR C 238 19.53 -6.95 -35.70
N ARG C 239 19.37 -6.10 -34.69
CA ARG C 239 19.25 -4.62 -34.84
C ARG C 239 20.53 -4.09 -35.48
N LEU C 240 20.41 -3.16 -36.43
CA LEU C 240 21.55 -2.45 -37.06
C LEU C 240 22.20 -1.54 -36.01
N THR C 241 23.53 -1.35 -36.05
CA THR C 241 24.33 -0.73 -34.96
C THR C 241 25.15 0.47 -35.46
N SER C 242 24.98 0.88 -36.73
CA SER C 242 25.81 1.94 -37.36
C SER C 242 25.08 2.59 -38.55
N THR C 243 25.41 3.85 -38.85
CA THR C 243 24.90 4.63 -40.01
C THR C 243 25.20 3.89 -41.31
N GLU C 244 26.31 3.16 -41.36
CA GLU C 244 26.78 2.38 -42.55
C GLU C 244 25.76 1.28 -42.87
N GLU C 245 25.37 0.49 -41.86
CA GLU C 245 24.41 -0.65 -41.99
C GLU C 245 23.04 -0.13 -42.45
N PHE C 246 22.59 1.00 -41.92
CA PHE C 246 21.32 1.68 -42.29
C PHE C 246 21.40 2.20 -43.73
N GLY C 247 22.56 2.74 -44.11
CA GLY C 247 22.81 3.32 -45.45
C GLY C 247 22.61 2.31 -46.56
N LYS C 248 23.03 1.07 -46.35
CA LYS C 248 23.01 -0.02 -47.38
C LYS C 248 21.70 -0.82 -47.29
N ILE C 249 20.67 -0.29 -46.61
CA ILE C 249 19.29 -0.86 -46.59
C ILE C 249 18.75 -0.83 -48.03
N LEU C 250 18.35 -1.99 -48.56
CA LEU C 250 17.85 -2.16 -49.95
C LEU C 250 16.35 -1.82 -49.99
N LEU C 251 15.99 -0.70 -50.60
CA LEU C 251 14.58 -0.24 -50.77
C LEU C 251 13.93 -1.01 -51.93
N LYS C 252 14.64 -1.14 -53.05
CA LYS C 252 14.17 -1.89 -54.25
C LYS C 252 15.35 -2.18 -55.18
N VAL C 253 15.15 -3.11 -56.12
CA VAL C 253 16.08 -3.42 -57.25
C VAL C 253 15.39 -2.99 -58.55
N ASN C 254 16.08 -2.19 -59.37
CA ASN C 254 15.55 -1.62 -60.65
C ASN C 254 15.49 -2.72 -61.71
N GLN C 255 14.87 -2.42 -62.86
CA GLN C 255 14.62 -3.34 -64.00
C GLN C 255 15.95 -3.87 -64.56
N ASP C 256 17.02 -3.05 -64.52
CA ASP C 256 18.36 -3.37 -65.07
C ASP C 256 19.26 -3.97 -63.98
N GLY C 257 18.68 -4.41 -62.86
CA GLY C 257 19.41 -5.01 -61.72
C GLY C 257 20.17 -3.98 -60.91
N SER C 258 19.81 -2.69 -61.05
CA SER C 258 20.45 -1.55 -60.34
C SER C 258 19.82 -1.40 -58.94
N ARG C 259 20.64 -1.44 -57.90
CA ARG C 259 20.19 -1.41 -56.48
C ARG C 259 19.93 0.05 -56.06
N VAL C 260 18.80 0.30 -55.39
CA VAL C 260 18.42 1.60 -54.78
C VAL C 260 18.52 1.46 -53.25
N LEU C 261 19.61 1.94 -52.66
CA LEU C 261 19.88 1.88 -51.20
C LEU C 261 19.27 3.11 -50.52
N LEU C 262 19.13 3.07 -49.20
CA LEU C 262 18.51 4.16 -48.37
C LEU C 262 19.38 5.41 -48.45
N ARG C 263 20.70 5.26 -48.61
CA ARG C 263 21.69 6.37 -48.70
C ARG C 263 21.54 7.11 -50.03
N ASP C 264 20.81 6.54 -51.00
CA ASP C 264 20.56 7.15 -52.35
C ASP C 264 19.35 8.09 -52.28
N VAL C 265 18.58 8.08 -51.18
CA VAL C 265 17.34 8.91 -51.03
C VAL C 265 17.39 9.73 -49.73
N ALA C 266 18.42 9.57 -48.88
CA ALA C 266 18.48 10.21 -47.54
C ALA C 266 19.93 10.33 -47.05
N LYS C 267 20.19 11.31 -46.18
CA LYS C 267 21.42 11.44 -45.36
C LYS C 267 21.22 10.67 -44.06
N ILE C 268 22.14 9.74 -43.75
CA ILE C 268 22.09 8.89 -42.52
C ILE C 268 23.19 9.38 -41.56
N GLU C 269 22.79 9.81 -40.35
CA GLU C 269 23.72 10.30 -39.29
C GLU C 269 23.08 10.07 -37.91
N LEU C 270 23.92 10.04 -36.86
CA LEU C 270 23.47 10.07 -35.44
C LEU C 270 23.07 11.51 -35.11
N GLY C 271 21.88 11.69 -34.53
CA GLY C 271 21.32 13.00 -34.16
C GLY C 271 20.24 12.88 -33.10
N GLY C 272 19.92 13.98 -32.41
CA GLY C 272 18.99 14.03 -31.28
C GLY C 272 17.58 13.56 -31.66
N GLU C 273 16.86 12.98 -30.71
CA GLU C 273 15.43 12.58 -30.86
C GLU C 273 14.61 13.84 -31.15
N ASN C 274 14.91 14.93 -30.43
CA ASN C 274 14.44 16.30 -30.69
C ASN C 274 15.63 17.25 -30.69
N TYR C 275 15.54 18.38 -31.39
CA TYR C 275 16.60 19.42 -31.51
C TYR C 275 16.15 20.73 -30.85
N ASP C 276 15.03 20.68 -30.11
CA ASP C 276 14.32 21.88 -29.58
C ASP C 276 15.15 22.53 -28.46
N ILE C 277 15.82 21.74 -27.62
CA ILE C 277 16.56 22.21 -26.42
C ILE C 277 18.06 22.30 -26.73
N ILE C 278 18.64 23.49 -26.57
CA ILE C 278 20.11 23.77 -26.67
C ILE C 278 20.53 24.59 -25.43
N ALA C 279 21.61 24.18 -24.76
CA ALA C 279 22.14 24.83 -23.54
C ALA C 279 23.57 25.33 -23.79
N GLU C 280 23.99 26.36 -23.04
CA GLU C 280 25.36 26.94 -23.06
C GLU C 280 25.75 27.33 -21.63
N PHE C 281 26.99 27.01 -21.22
CA PHE C 281 27.57 27.36 -19.90
C PHE C 281 28.60 28.49 -20.08
N ASN C 282 28.23 29.72 -19.68
CA ASN C 282 29.04 30.96 -19.82
C ASN C 282 29.33 31.20 -21.31
N GLY C 283 28.36 30.90 -22.18
CA GLY C 283 28.44 31.09 -23.64
C GLY C 283 28.98 29.85 -24.37
N GLN C 284 29.73 29.00 -23.66
CA GLN C 284 30.39 27.78 -24.21
C GLN C 284 29.34 26.68 -24.39
N PRO C 285 29.33 25.97 -25.54
CA PRO C 285 28.38 24.87 -25.76
C PRO C 285 28.45 23.81 -24.66
N ALA C 286 27.30 23.32 -24.19
CA ALA C 286 27.18 22.41 -23.03
C ALA C 286 25.84 21.64 -23.07
N SER C 287 25.77 20.56 -22.29
CA SER C 287 24.53 19.86 -21.87
C SER C 287 24.46 19.91 -20.34
N GLY C 288 23.43 19.29 -19.75
CA GLY C 288 23.26 19.21 -18.29
C GLY C 288 22.05 18.40 -17.87
N LEU C 289 21.88 18.22 -16.56
CA LEU C 289 20.73 17.51 -15.94
C LEU C 289 20.08 18.41 -14.89
N GLY C 290 18.83 18.84 -15.15
CA GLY C 290 17.99 19.54 -14.17
C GLY C 290 17.38 18.55 -13.19
N ILE C 291 17.94 18.47 -11.97
CA ILE C 291 17.57 17.45 -10.94
C ILE C 291 16.58 18.06 -9.95
N LYS C 292 15.42 17.42 -9.78
CA LYS C 292 14.38 17.79 -8.79
C LYS C 292 14.50 16.85 -7.58
N LEU C 293 14.20 17.37 -6.38
CA LEU C 293 14.24 16.62 -5.10
C LEU C 293 12.95 15.81 -4.96
N ALA C 294 13.07 14.54 -4.53
CA ALA C 294 11.93 13.63 -4.26
C ALA C 294 11.20 14.08 -3.00
N THR C 295 9.86 13.93 -2.99
CA THR C 295 8.97 14.30 -1.86
C THR C 295 9.47 13.64 -0.57
N GLY C 296 9.88 14.46 0.40
CA GLY C 296 10.25 14.03 1.77
C GLY C 296 11.71 13.59 1.89
N ALA C 297 12.51 13.80 0.84
CA ALA C 297 13.95 13.43 0.79
C ALA C 297 14.78 14.56 1.41
N ASN C 298 15.94 14.22 1.98
CA ASN C 298 16.90 15.16 2.62
C ASN C 298 17.80 15.74 1.53
N ALA C 299 17.69 17.05 1.27
CA ALA C 299 18.38 17.78 0.17
C ALA C 299 19.91 17.59 0.28
N LEU C 300 20.45 17.63 1.49
CA LEU C 300 21.91 17.50 1.76
C LEU C 300 22.37 16.06 1.47
N ASP C 301 21.60 15.06 1.90
CA ASP C 301 21.89 13.62 1.65
C ASP C 301 21.75 13.32 0.16
N THR C 302 20.76 13.92 -0.51
CA THR C 302 20.49 13.78 -1.97
C THR C 302 21.67 14.37 -2.76
N ALA C 303 22.10 15.58 -2.41
CA ALA C 303 23.22 16.31 -3.05
C ALA C 303 24.53 15.50 -2.91
N ALA C 304 24.74 14.88 -1.74
CA ALA C 304 25.90 14.02 -1.42
C ALA C 304 25.85 12.74 -2.27
N ALA C 305 24.65 12.17 -2.45
CA ALA C 305 24.40 10.94 -3.23
C ALA C 305 24.65 11.19 -4.72
N ILE C 306 24.25 12.36 -5.22
CA ILE C 306 24.44 12.79 -6.64
C ILE C 306 25.93 12.95 -6.92
N ARG C 307 26.70 13.48 -5.95
CA ARG C 307 28.17 13.71 -6.08
C ARG C 307 28.90 12.37 -6.00
N ALA C 308 28.50 11.49 -5.08
CA ALA C 308 29.04 10.12 -4.92
C ALA C 308 28.87 9.35 -6.24
N GLU C 309 27.69 9.48 -6.87
CA GLU C 309 27.33 8.75 -8.12
C GLU C 309 28.10 9.34 -9.31
N LEU C 310 28.26 10.67 -9.35
CA LEU C 310 29.01 11.37 -10.44
C LEU C 310 30.51 11.06 -10.32
N ALA C 311 31.02 10.89 -9.10
CA ALA C 311 32.43 10.57 -8.80
C ALA C 311 32.78 9.18 -9.35
N LYS C 312 31.80 8.28 -9.44
CA LYS C 312 31.94 6.91 -10.02
C LYS C 312 32.06 7.01 -11.55
N MET C 313 31.38 7.97 -12.18
CA MET C 313 31.27 8.10 -13.66
C MET C 313 32.51 8.78 -14.23
N GLU C 314 33.11 9.70 -13.48
CA GLU C 314 34.22 10.59 -13.94
C GLU C 314 35.38 9.79 -14.51
N PRO C 315 35.87 8.72 -13.82
CA PRO C 315 37.01 7.94 -14.33
C PRO C 315 36.83 7.34 -15.72
N PHE C 316 35.59 7.09 -16.15
CA PHE C 316 35.24 6.40 -17.42
C PHE C 316 34.75 7.42 -18.47
N PHE C 317 34.93 8.72 -18.22
CA PHE C 317 34.56 9.81 -19.15
C PHE C 317 35.50 9.80 -20.36
N PRO C 318 35.06 10.32 -21.53
CA PRO C 318 35.98 10.59 -22.64
C PRO C 318 36.93 11.74 -22.30
N SER C 319 38.05 11.85 -23.02
CA SER C 319 39.06 12.92 -22.86
C SER C 319 38.39 14.28 -23.05
N GLY C 320 38.46 15.16 -22.04
CA GLY C 320 38.04 16.57 -22.11
C GLY C 320 36.71 16.84 -21.42
N LEU C 321 35.87 15.80 -21.23
CA LEU C 321 34.52 15.94 -20.61
C LEU C 321 34.69 16.33 -19.14
N LYS C 322 34.07 17.43 -18.72
CA LYS C 322 34.17 17.99 -17.34
C LYS C 322 32.76 18.31 -16.81
N ILE C 323 32.51 18.00 -15.53
CA ILE C 323 31.27 18.38 -14.79
C ILE C 323 31.47 19.79 -14.24
N VAL C 324 30.45 20.65 -14.42
CA VAL C 324 30.40 22.03 -13.84
C VAL C 324 29.12 22.15 -13.00
N TYR C 325 29.11 23.04 -12.01
CA TYR C 325 28.01 23.21 -11.02
C TYR C 325 27.46 24.63 -11.13
N PRO C 326 26.73 24.94 -12.22
CA PRO C 326 26.23 26.30 -12.46
C PRO C 326 24.99 26.74 -11.65
N TYR C 327 24.40 25.83 -10.86
CA TYR C 327 23.14 26.07 -10.12
C TYR C 327 22.94 24.98 -9.06
N ASP C 328 23.00 25.36 -7.78
CA ASP C 328 22.81 24.44 -6.63
C ASP C 328 22.30 25.26 -5.43
N THR C 329 21.22 24.80 -4.79
CA THR C 329 20.57 25.48 -3.64
C THR C 329 21.10 24.92 -2.32
N THR C 330 21.84 23.80 -2.35
CA THR C 330 22.32 23.09 -1.13
C THR C 330 23.49 23.84 -0.49
N PRO C 331 24.39 24.53 -1.25
CA PRO C 331 25.39 25.38 -0.62
C PRO C 331 24.75 26.41 0.33
N PHE C 332 23.57 26.93 -0.03
CA PHE C 332 22.77 27.88 0.77
C PHE C 332 22.20 27.19 2.02
N VAL C 333 21.76 25.93 1.87
CA VAL C 333 21.19 25.11 2.98
C VAL C 333 22.28 24.90 4.04
N LYS C 334 23.51 24.63 3.60
CA LYS C 334 24.69 24.40 4.48
C LYS C 334 25.00 25.66 5.29
N ILE C 335 25.12 26.81 4.60
CA ILE C 335 25.61 28.10 5.19
C ILE C 335 24.53 28.65 6.15
N SER C 336 23.25 28.60 5.76
CA SER C 336 22.11 29.11 6.58
C SER C 336 22.11 28.44 7.95
N ILE C 337 22.39 27.13 8.01
CA ILE C 337 22.46 26.31 9.26
C ILE C 337 23.68 26.74 10.09
N HIS C 338 24.85 26.88 9.45
CA HIS C 338 26.11 27.38 10.07
C HIS C 338 25.86 28.74 10.73
N GLU C 339 25.09 29.61 10.07
CA GLU C 339 24.79 31.00 10.54
C GLU C 339 23.88 30.96 11.77
N VAL C 340 23.03 29.93 11.91
CA VAL C 340 22.14 29.74 13.09
C VAL C 340 22.95 29.08 14.22
N VAL C 341 23.86 28.17 13.88
CA VAL C 341 24.83 27.56 14.86
C VAL C 341 25.73 28.67 15.40
N LYS C 342 26.18 29.58 14.53
CA LYS C 342 26.94 30.81 14.90
C LYS C 342 26.08 31.66 15.84
N THR C 343 24.85 31.97 15.41
CA THR C 343 23.84 32.77 16.15
C THR C 343 23.59 32.16 17.53
N LEU C 344 23.47 30.82 17.60
CA LEU C 344 23.15 30.08 18.86
C LEU C 344 24.35 30.12 19.80
N VAL C 345 25.56 29.85 19.31
CA VAL C 345 26.82 29.88 20.10
C VAL C 345 27.03 31.30 20.65
N GLU C 346 26.73 32.32 19.83
CA GLU C 346 26.78 33.76 20.23
C GLU C 346 25.79 34.02 21.38
N ALA C 347 24.57 33.47 21.27
CA ALA C 347 23.48 33.62 22.25
C ALA C 347 23.91 33.07 23.62
N ILE C 348 24.58 31.92 23.64
CA ILE C 348 25.05 31.23 24.89
C ILE C 348 26.12 32.11 25.56
N ILE C 349 26.99 32.75 24.76
CA ILE C 349 28.09 33.64 25.26
C ILE C 349 27.46 34.89 25.90
N LEU C 350 26.54 35.56 25.20
CA LEU C 350 25.90 36.81 25.68
C LEU C 350 25.08 36.54 26.95
N VAL C 351 24.35 35.42 27.00
CA VAL C 351 23.52 34.99 28.16
C VAL C 351 24.45 34.71 29.36
N PHE C 352 25.59 34.07 29.12
CA PHE C 352 26.64 33.79 30.15
C PHE C 352 27.13 35.12 30.74
N LEU C 353 27.42 36.10 29.87
CA LEU C 353 27.94 37.44 30.25
C LEU C 353 26.88 38.22 31.05
N VAL C 354 25.60 38.07 30.70
CA VAL C 354 24.45 38.74 31.40
C VAL C 354 24.40 38.24 32.84
N MET C 355 24.54 36.92 33.05
CA MET C 355 24.49 36.28 34.39
C MET C 355 25.75 36.64 35.18
N TYR C 356 26.91 36.73 34.51
CA TYR C 356 28.22 37.10 35.10
C TYR C 356 28.18 38.54 35.63
N LEU C 357 27.42 39.42 34.96
CA LEU C 357 27.27 40.86 35.33
C LEU C 357 26.57 40.98 36.68
N PHE C 358 25.58 40.12 36.95
CA PHE C 358 24.70 40.18 38.15
C PHE C 358 25.24 39.27 39.27
N LEU C 359 25.63 38.04 38.93
CA LEU C 359 26.09 37.01 39.90
C LEU C 359 27.56 37.25 40.27
N GLN C 360 28.39 37.68 39.30
CA GLN C 360 29.74 38.26 39.50
C GLN C 360 30.75 37.17 39.88
N ASN C 361 30.49 36.41 40.95
CA ASN C 361 31.34 35.25 41.36
C ASN C 361 31.14 34.11 40.35
N PHE C 362 32.25 33.46 39.94
CA PHE C 362 32.26 32.35 38.95
C PHE C 362 31.38 31.20 39.44
N ARG C 363 31.58 30.76 40.69
CA ARG C 363 30.80 29.66 41.34
C ARG C 363 29.30 29.93 41.19
N ALA C 364 28.85 31.12 41.55
CA ALA C 364 27.44 31.58 41.46
C ALA C 364 26.99 31.59 39.99
N THR C 365 27.85 32.08 39.09
CA THR C 365 27.59 32.23 37.63
C THR C 365 27.55 30.86 36.94
N LEU C 366 28.30 29.88 37.46
CA LEU C 366 28.48 28.53 36.85
C LEU C 366 27.20 27.71 37.02
N ILE C 367 26.53 27.84 38.17
CA ILE C 367 25.33 27.03 38.56
C ILE C 367 24.26 27.12 37.45
N PRO C 368 23.78 28.32 37.07
CA PRO C 368 22.77 28.43 36.02
C PRO C 368 23.34 28.24 34.60
N THR C 369 24.65 28.41 34.43
CA THR C 369 25.38 28.19 33.15
C THR C 369 25.40 26.69 32.83
N ILE C 370 25.50 25.83 33.86
CA ILE C 370 25.52 24.34 33.74
C ILE C 370 24.15 23.85 33.21
N ALA C 371 23.09 24.66 33.38
CA ALA C 371 21.73 24.34 32.89
C ALA C 371 21.69 24.32 31.35
N VAL C 372 22.51 25.16 30.70
CA VAL C 372 22.48 25.37 29.21
C VAL C 372 22.79 24.04 28.49
N PRO C 373 23.91 23.36 28.78
CA PRO C 373 24.22 22.08 28.13
C PRO C 373 23.16 21.00 28.43
N VAL C 374 22.76 20.87 29.70
CA VAL C 374 21.85 19.81 30.20
C VAL C 374 20.50 19.92 29.48
N VAL C 375 19.95 21.14 29.41
CA VAL C 375 18.63 21.43 28.78
C VAL C 375 18.74 21.27 27.26
N LEU C 376 19.79 21.85 26.64
CA LEU C 376 19.99 21.83 25.17
C LEU C 376 20.20 20.39 24.68
N LEU C 377 21.18 19.68 25.26
CA LEU C 377 21.44 18.25 24.93
C LEU C 377 20.18 17.43 25.22
N GLY C 378 19.54 17.67 26.37
CA GLY C 378 18.25 17.06 26.75
C GLY C 378 17.19 17.25 25.68
N THR C 379 17.12 18.43 25.07
CA THR C 379 16.13 18.80 24.02
C THR C 379 16.44 18.04 22.72
N PHE C 380 17.72 17.95 22.34
CA PHE C 380 18.20 17.20 21.14
C PHE C 380 17.76 15.73 21.22
N ALA C 381 17.81 15.15 22.43
CA ALA C 381 17.39 13.76 22.72
C ALA C 381 15.89 13.60 22.46
N VAL C 382 15.09 14.62 22.76
CA VAL C 382 13.61 14.63 22.56
C VAL C 382 13.32 14.75 21.06
N LEU C 383 14.03 15.63 20.35
CA LEU C 383 13.90 15.81 18.87
C LEU C 383 14.12 14.45 18.18
N ALA C 384 15.18 13.73 18.58
CA ALA C 384 15.58 12.41 18.04
C ALA C 384 14.47 11.37 18.30
N ALA C 385 13.94 11.36 19.53
CA ALA C 385 12.90 10.40 20.00
C ALA C 385 11.60 10.58 19.21
N PHE C 386 11.22 11.83 18.90
CA PHE C 386 9.96 12.19 18.21
C PHE C 386 10.18 12.35 16.70
N GLY C 387 11.41 12.06 16.22
CA GLY C 387 11.74 11.98 14.78
C GLY C 387 11.76 13.34 14.12
N PHE C 388 12.38 14.33 14.76
CA PHE C 388 12.60 15.71 14.24
C PHE C 388 14.03 15.82 13.70
N SER C 389 14.28 16.84 12.87
CA SER C 389 15.59 17.12 12.23
C SER C 389 16.18 18.41 12.81
N ILE C 390 17.50 18.52 12.84
CA ILE C 390 18.25 19.78 13.15
C ILE C 390 18.09 20.72 11.94
N ASN C 391 17.05 21.56 11.96
CA ASN C 391 16.73 22.54 10.90
C ASN C 391 16.70 23.95 11.51
N THR C 392 16.65 24.98 10.67
CA THR C 392 16.71 26.41 11.08
C THR C 392 15.59 26.73 12.08
N LEU C 393 14.41 26.13 11.90
CA LEU C 393 13.19 26.41 12.72
C LEU C 393 13.37 25.85 14.13
N THR C 394 13.82 24.59 14.26
CA THR C 394 14.15 23.94 15.56
C THR C 394 15.32 24.68 16.20
N MET C 395 16.29 25.12 15.39
CA MET C 395 17.49 25.87 15.85
C MET C 395 17.10 27.26 16.35
N PHE C 396 16.21 27.96 15.63
CA PHE C 396 15.63 29.26 16.06
C PHE C 396 14.95 29.08 17.42
N GLY C 397 14.17 28.00 17.57
CA GLY C 397 13.51 27.62 18.83
C GLY C 397 14.48 27.50 19.98
N MET C 398 15.69 26.99 19.72
CA MET C 398 16.76 26.80 20.74
C MET C 398 17.36 28.16 21.11
N VAL C 399 17.64 29.02 20.12
CA VAL C 399 18.21 30.39 20.32
C VAL C 399 17.28 31.17 21.26
N LEU C 400 15.96 31.09 21.02
CA LEU C 400 14.90 31.72 21.85
C LEU C 400 14.93 31.15 23.27
N ALA C 401 15.15 29.83 23.39
CA ALA C 401 15.06 29.07 24.66
C ALA C 401 16.28 29.31 25.55
N ILE C 402 17.41 29.76 24.99
CA ILE C 402 18.69 29.97 25.74
C ILE C 402 18.44 30.94 26.89
N GLY C 403 17.76 32.06 26.62
CA GLY C 403 17.44 33.10 27.61
C GLY C 403 16.32 32.67 28.55
N LEU C 404 15.53 31.67 28.16
CA LEU C 404 14.33 31.20 28.92
C LEU C 404 14.68 30.02 29.84
N LEU C 405 15.57 29.13 29.41
CA LEU C 405 15.90 27.87 30.15
C LEU C 405 16.79 28.16 31.36
N VAL C 406 17.42 29.35 31.41
CA VAL C 406 18.27 29.78 32.57
C VAL C 406 17.41 30.55 33.58
N ASP C 407 16.17 30.90 33.23
CA ASP C 407 15.26 31.73 34.06
C ASP C 407 15.05 31.08 35.43
N ASP C 408 14.52 29.85 35.44
CA ASP C 408 14.18 29.10 36.69
C ASP C 408 15.46 28.87 37.51
N ALA C 409 16.59 28.61 36.86
CA ALA C 409 17.91 28.41 37.50
C ALA C 409 18.37 29.71 38.18
N ILE C 410 18.25 30.85 37.49
CA ILE C 410 18.64 32.20 38.00
C ILE C 410 17.82 32.51 39.26
N VAL C 411 16.49 32.34 39.19
CA VAL C 411 15.54 32.61 40.31
C VAL C 411 16.04 31.90 41.57
N VAL C 412 16.48 30.63 41.44
CA VAL C 412 16.95 29.79 42.57
C VAL C 412 18.23 30.41 43.16
N VAL C 413 19.24 30.64 42.31
CA VAL C 413 20.58 31.14 42.73
C VAL C 413 20.44 32.53 43.35
N GLU C 414 19.62 33.41 42.73
CA GLU C 414 19.41 34.82 43.16
C GLU C 414 18.71 34.84 44.53
N ASN C 415 17.63 34.06 44.69
CA ASN C 415 16.81 34.00 45.93
C ASN C 415 17.66 33.45 47.08
N VAL C 416 18.55 32.50 46.79
CA VAL C 416 19.50 31.91 47.79
C VAL C 416 20.47 33.01 48.26
N GLU C 417 21.06 33.75 47.32
CA GLU C 417 22.05 34.83 47.61
C GLU C 417 21.37 36.00 48.32
N ARG C 418 20.09 36.27 48.01
CA ARG C 418 19.27 37.30 48.69
C ARG C 418 19.07 36.92 50.16
N VAL C 419 18.65 35.66 50.40
CA VAL C 419 18.39 35.11 51.76
C VAL C 419 19.69 35.12 52.58
N MET C 420 20.84 34.78 51.95
CA MET C 420 22.17 34.76 52.60
C MET C 420 22.62 36.19 52.94
N ALA C 421 22.12 37.19 52.22
CA ALA C 421 22.44 38.63 52.43
C ALA C 421 21.50 39.24 53.48
N GLU C 422 20.22 38.86 53.44
CA GLU C 422 19.16 39.43 54.32
C GLU C 422 19.28 38.86 55.74
N GLU C 423 19.55 37.55 55.88
CA GLU C 423 19.54 36.81 57.17
C GLU C 423 20.95 36.30 57.54
N GLY C 424 21.80 36.02 56.55
CA GLY C 424 23.17 35.53 56.77
C GLY C 424 23.21 34.08 57.21
N LEU C 425 22.36 33.23 56.60
CA LEU C 425 22.33 31.77 56.83
C LEU C 425 23.42 31.12 55.99
N PRO C 426 23.94 29.92 56.38
CA PRO C 426 24.82 29.15 55.51
C PRO C 426 24.12 28.71 54.23
N PRO C 427 24.84 28.51 53.11
CA PRO C 427 24.22 28.16 51.82
C PRO C 427 23.21 27.01 51.87
N LYS C 428 23.55 25.93 52.60
CA LYS C 428 22.72 24.70 52.74
C LYS C 428 21.37 25.08 53.37
N GLU C 429 21.40 25.86 54.46
CA GLU C 429 20.20 26.31 55.21
C GLU C 429 19.45 27.34 54.36
N ALA C 430 20.19 28.17 53.61
CA ALA C 430 19.68 29.23 52.72
C ALA C 430 18.85 28.62 51.58
N THR C 431 19.39 27.56 50.94
CA THR C 431 18.77 26.88 49.77
C THR C 431 17.48 26.17 50.22
N ARG C 432 17.51 25.45 51.34
CA ARG C 432 16.34 24.75 51.94
C ARG C 432 15.18 25.75 52.09
N LYS C 433 15.46 26.93 52.64
CA LYS C 433 14.47 28.02 52.86
C LYS C 433 14.01 28.57 51.50
N SER C 434 14.96 28.92 50.63
CA SER C 434 14.74 29.59 49.32
C SER C 434 13.75 28.78 48.47
N MET C 435 13.97 27.46 48.35
CA MET C 435 13.18 26.55 47.49
C MET C 435 11.71 26.51 47.92
N GLY C 436 11.41 26.87 49.17
CA GLY C 436 10.05 26.79 49.75
C GLY C 436 9.15 27.95 49.34
N GLN C 437 9.72 29.03 48.81
CA GLN C 437 8.98 30.30 48.50
C GLN C 437 9.06 30.65 47.00
N ILE C 438 9.96 30.01 46.24
CA ILE C 438 10.19 30.29 44.79
C ILE C 438 9.52 29.22 43.93
N GLN C 439 9.28 28.02 44.47
CA GLN C 439 8.82 26.82 43.72
C GLN C 439 7.58 27.18 42.88
N GLY C 440 6.67 27.99 43.42
CA GLY C 440 5.47 28.48 42.71
C GLY C 440 5.83 29.27 41.46
N ALA C 441 6.89 30.08 41.52
CA ALA C 441 7.42 30.88 40.39
C ALA C 441 8.10 29.96 39.37
N LEU C 442 8.91 29.01 39.83
CA LEU C 442 9.66 28.05 38.98
C LEU C 442 8.68 27.29 38.08
N VAL C 443 7.65 26.69 38.68
CA VAL C 443 6.62 25.86 37.99
C VAL C 443 5.77 26.79 37.10
N GLY C 444 5.44 27.99 37.60
CA GLY C 444 4.62 29.00 36.90
C GLY C 444 5.25 29.42 35.58
N ILE C 445 6.51 29.89 35.64
CA ILE C 445 7.31 30.38 34.47
C ILE C 445 7.34 29.30 33.39
N ALA C 446 7.76 28.08 33.75
CA ALA C 446 7.95 26.92 32.87
C ALA C 446 6.62 26.55 32.17
N MET C 447 5.49 26.73 32.87
CA MET C 447 4.13 26.34 32.39
C MET C 447 3.65 27.30 31.30
N VAL C 448 3.62 28.61 31.59
CA VAL C 448 3.11 29.67 30.68
C VAL C 448 3.96 29.72 29.40
N LEU C 449 5.26 29.41 29.50
CA LEU C 449 6.22 29.39 28.36
C LEU C 449 6.16 28.01 27.65
N SER C 450 5.40 27.06 28.19
CA SER C 450 5.12 25.73 27.57
C SER C 450 3.73 25.73 26.96
N ALA C 451 2.72 26.08 27.75
CA ALA C 451 1.27 25.98 27.43
C ALA C 451 0.93 26.87 26.22
N VAL C 452 1.67 27.95 25.99
CA VAL C 452 1.42 28.92 24.87
C VAL C 452 1.88 28.30 23.54
N PHE C 453 2.81 27.34 23.58
CA PHE C 453 3.37 26.67 22.39
C PHE C 453 2.72 25.30 22.17
N VAL C 454 1.71 24.93 22.98
CA VAL C 454 1.00 23.62 22.89
C VAL C 454 -0.06 23.68 21.79
N PRO C 455 -1.02 24.64 21.82
CA PRO C 455 -2.11 24.67 20.84
C PRO C 455 -1.65 24.77 19.38
N MET C 456 -0.58 25.53 19.12
CA MET C 456 -0.03 25.79 17.76
C MET C 456 0.44 24.47 17.12
N ALA C 457 0.82 23.48 17.94
CA ALA C 457 1.28 22.13 17.51
C ALA C 457 0.15 21.39 16.76
N PHE C 458 -1.10 21.58 17.21
CA PHE C 458 -2.30 20.85 16.72
C PHE C 458 -2.80 21.44 15.38
N PHE C 459 -2.38 22.66 15.04
CA PHE C 459 -2.75 23.34 13.77
C PHE C 459 -2.20 22.54 12.58
N GLY C 460 -2.94 22.54 11.46
CA GLY C 460 -2.61 21.80 10.23
C GLY C 460 -2.04 22.71 9.16
N GLY C 461 -1.88 22.18 7.95
CA GLY C 461 -1.31 22.90 6.79
C GLY C 461 0.20 23.08 6.92
N SER C 462 0.78 23.91 6.04
CA SER C 462 2.22 24.26 6.03
C SER C 462 2.60 25.01 7.31
N THR C 463 1.70 25.88 7.78
CA THR C 463 1.88 26.73 8.99
C THR C 463 2.05 25.85 10.23
N GLY C 464 1.20 24.82 10.36
CA GLY C 464 1.22 23.85 11.48
C GLY C 464 2.55 23.11 11.57
N ALA C 465 3.10 22.68 10.44
CA ALA C 465 4.39 21.97 10.33
C ALA C 465 5.53 22.85 10.84
N ILE C 466 5.48 24.15 10.54
CA ILE C 466 6.47 25.18 11.00
C ILE C 466 6.31 25.37 12.51
N TYR C 467 5.07 25.53 12.99
CA TYR C 467 4.72 25.77 14.42
C TYR C 467 5.27 24.66 15.30
N ARG C 468 5.14 23.39 14.86
CA ARG C 468 5.54 22.19 15.63
C ARG C 468 7.04 22.17 15.89
N GLN C 469 7.85 22.76 15.00
CA GLN C 469 9.34 22.80 15.10
C GLN C 469 9.74 23.61 16.34
N PHE C 470 9.11 24.78 16.54
CA PHE C 470 9.33 25.68 17.70
C PHE C 470 8.73 25.04 18.96
N SER C 471 7.50 24.52 18.82
CA SER C 471 6.71 23.87 19.90
C SER C 471 7.54 22.79 20.60
N ILE C 472 7.97 21.77 19.86
CA ILE C 472 8.73 20.58 20.38
C ILE C 472 10.00 21.07 21.10
N THR C 473 10.71 22.03 20.53
CA THR C 473 12.02 22.53 21.04
C THR C 473 11.82 23.31 22.34
N ILE C 474 10.90 24.28 22.35
CA ILE C 474 10.69 25.25 23.47
C ILE C 474 10.02 24.51 24.65
N VAL C 475 8.93 23.78 24.40
CA VAL C 475 8.17 23.03 25.44
C VAL C 475 9.12 22.07 26.16
N SER C 476 9.93 21.31 25.40
CA SER C 476 10.93 20.33 25.92
C SER C 476 11.98 21.05 26.77
N ALA C 477 12.47 22.20 26.28
CA ALA C 477 13.53 23.03 26.94
C ALA C 477 13.01 23.57 28.27
N MET C 478 11.76 24.06 28.30
CA MET C 478 11.13 24.67 29.50
C MET C 478 10.81 23.58 30.54
N ALA C 479 10.34 22.41 30.09
CA ALA C 479 9.99 21.25 30.94
C ALA C 479 11.26 20.70 31.63
N LEU C 480 12.40 20.77 30.94
CA LEU C 480 13.72 20.31 31.47
C LEU C 480 14.31 21.36 32.41
N SER C 481 14.14 22.65 32.09
CA SER C 481 14.69 23.81 32.85
C SER C 481 14.17 23.79 34.30
N VAL C 482 12.88 23.51 34.48
CA VAL C 482 12.22 23.46 35.83
C VAL C 482 12.74 22.24 36.60
N LEU C 483 12.88 21.09 35.94
CA LEU C 483 13.41 19.84 36.56
C LEU C 483 14.86 20.06 37.00
N VAL C 484 15.66 20.74 36.17
CA VAL C 484 17.06 21.16 36.48
C VAL C 484 17.06 22.07 37.71
N ALA C 485 16.09 23.00 37.78
CA ALA C 485 15.95 24.02 38.84
C ALA C 485 15.40 23.40 40.12
N LEU C 486 14.83 22.18 40.05
CA LEU C 486 14.29 21.43 41.21
C LEU C 486 15.27 20.36 41.67
N ILE C 487 16.21 19.93 40.80
CA ILE C 487 17.15 18.80 41.07
C ILE C 487 18.58 19.34 41.19
N LEU C 488 19.19 19.75 40.08
CA LEU C 488 20.64 20.07 39.99
C LEU C 488 20.93 21.41 40.69
N THR C 489 20.21 22.48 40.32
CA THR C 489 20.47 23.89 40.75
C THR C 489 20.49 23.96 42.28
N PRO C 490 19.46 23.44 43.00
CA PRO C 490 19.51 23.41 44.47
C PRO C 490 20.74 22.69 45.04
N ALA C 491 21.06 21.51 44.50
CA ALA C 491 22.19 20.65 44.91
C ALA C 491 23.51 21.44 44.81
N LEU C 492 23.67 22.26 43.77
CA LEU C 492 24.88 23.09 43.54
C LEU C 492 24.89 24.28 44.51
N CYS C 493 23.74 24.94 44.70
CA CYS C 493 23.57 26.13 45.59
C CYS C 493 23.89 25.77 47.05
N ALA C 494 23.71 24.50 47.43
CA ALA C 494 23.91 23.99 48.81
C ALA C 494 25.26 23.28 48.95
N THR C 495 26.13 23.37 47.93
CA THR C 495 27.46 22.72 47.90
C THR C 495 28.54 23.70 47.42
N MET C 496 28.40 24.26 46.21
CA MET C 496 29.45 25.06 45.54
C MET C 496 29.09 26.56 45.49
N LEU C 497 28.36 27.08 46.49
CA LEU C 497 28.13 28.54 46.66
C LEU C 497 28.89 29.03 47.90
N LYS C 498 29.43 30.26 47.82
CA LYS C 498 30.29 30.87 48.86
C LYS C 498 29.40 31.54 49.90
N PRO C 499 29.64 31.32 51.22
CA PRO C 499 28.86 31.98 52.27
C PRO C 499 28.93 33.51 52.22
N ILE C 500 27.77 34.18 52.20
CA ILE C 500 27.63 35.66 52.20
C ILE C 500 27.25 36.10 53.63
N ALA C 501 27.95 37.10 54.17
CA ALA C 501 27.70 37.70 55.50
C ALA C 501 26.43 38.56 55.45
N LYS C 502 25.65 38.55 56.52
CA LYS C 502 24.37 39.32 56.66
C LYS C 502 24.64 40.81 56.41
N GLY C 503 23.94 41.41 55.45
CA GLY C 503 24.04 42.84 55.10
C GLY C 503 24.85 43.08 53.83
N ASP C 504 25.78 42.17 53.50
CA ASP C 504 26.65 42.27 52.30
C ASP C 504 25.80 42.12 51.04
N HIS C 505 25.70 43.19 50.23
CA HIS C 505 24.96 43.24 48.94
C HIS C 505 25.93 43.56 47.80
N GLY C 506 27.22 43.25 47.99
CA GLY C 506 28.29 43.47 46.99
C GLY C 506 28.54 44.95 46.72
N GLU C 507 28.16 45.83 47.65
CA GLU C 507 28.35 47.30 47.54
C GLU C 507 29.81 47.65 47.87
N GLY C 508 30.51 46.75 48.57
CA GLY C 508 31.93 46.91 48.95
C GLY C 508 32.89 46.25 47.95
N LYS C 509 32.36 45.60 46.91
CA LYS C 509 33.18 44.93 45.86
C LYS C 509 34.04 45.97 45.15
N LYS C 510 35.31 45.65 44.92
CA LYS C 510 36.32 46.56 44.33
C LYS C 510 36.13 46.62 42.81
N GLY C 511 36.16 47.83 42.23
CA GLY C 511 36.13 48.06 40.77
C GLY C 511 34.71 48.31 40.25
N PHE C 512 34.40 47.75 39.08
CA PHE C 512 33.16 48.00 38.29
C PHE C 512 31.95 47.36 38.98
N PHE C 513 32.08 46.11 39.43
CA PHE C 513 30.99 45.32 40.07
C PHE C 513 30.43 46.09 41.27
N GLY C 514 31.29 46.76 42.03
CA GLY C 514 30.93 47.64 43.16
C GLY C 514 30.03 48.77 42.71
N TRP C 515 30.41 49.48 41.64
CA TRP C 515 29.65 50.60 41.03
C TRP C 515 28.27 50.10 40.58
N PHE C 516 28.23 48.98 39.86
CA PHE C 516 27.00 48.34 39.31
C PHE C 516 26.08 47.92 40.46
N ASN C 517 26.65 47.26 41.48
CA ASN C 517 25.92 46.80 42.69
C ASN C 517 25.27 48.01 43.39
N ARG C 518 26.00 49.12 43.50
CA ARG C 518 25.52 50.40 44.11
C ARG C 518 24.41 51.00 43.22
N MET C 519 24.66 51.08 41.91
CA MET C 519 23.71 51.63 40.89
C MET C 519 22.37 50.88 40.99
N PHE C 520 22.41 49.55 41.14
CA PHE C 520 21.22 48.67 41.18
C PHE C 520 20.49 48.85 42.51
N GLU C 521 21.22 48.79 43.63
CA GLU C 521 20.69 49.00 45.00
C GLU C 521 19.99 50.37 45.07
N LYS C 522 20.61 51.40 44.49
CA LYS C 522 20.08 52.79 44.43
C LYS C 522 18.85 52.84 43.51
N SER C 523 18.90 52.13 42.38
CA SER C 523 17.82 52.08 41.36
C SER C 523 16.63 51.26 41.87
N THR C 524 16.89 50.21 42.66
CA THR C 524 15.86 49.36 43.31
C THR C 524 15.05 50.22 44.29
N HIS C 525 15.73 51.09 45.04
CA HIS C 525 15.11 52.05 46.00
C HIS C 525 14.20 53.03 45.24
N HIS C 526 14.70 53.60 44.13
CA HIS C 526 13.94 54.51 43.23
C HIS C 526 12.67 53.80 42.73
N TYR C 527 12.83 52.56 42.24
CA TYR C 527 11.77 51.74 41.63
C TYR C 527 10.64 51.48 42.64
N THR C 528 11.00 50.99 43.84
CA THR C 528 10.04 50.63 44.92
C THR C 528 9.26 51.87 45.37
N ASP C 529 9.96 53.00 45.54
CA ASP C 529 9.36 54.32 45.87
C ASP C 529 8.36 54.71 44.77
N SER C 530 8.74 54.51 43.50
CA SER C 530 7.94 54.85 42.30
C SER C 530 6.61 54.08 42.33
N VAL C 531 6.67 52.76 42.54
CA VAL C 531 5.48 51.85 42.57
C VAL C 531 4.56 52.28 43.72
N GLY C 532 5.13 52.59 44.89
CA GLY C 532 4.39 53.12 46.05
C GLY C 532 3.53 54.31 45.68
N GLY C 533 4.07 55.22 44.86
CA GLY C 533 3.34 56.39 44.32
C GLY C 533 2.30 55.98 43.29
N ILE C 534 2.63 55.00 42.44
CA ILE C 534 1.74 54.47 41.37
C ILE C 534 0.50 53.84 42.01
N LEU C 535 0.70 53.03 43.06
CA LEU C 535 -0.39 52.27 43.74
C LEU C 535 -1.31 53.22 44.53
N ARG C 536 -0.92 54.49 44.66
CA ARG C 536 -1.69 55.55 45.38
C ARG C 536 -2.51 56.37 44.37
N SER C 537 -2.35 56.09 43.07
CA SER C 537 -3.07 56.78 41.95
C SER C 537 -3.19 55.83 40.76
N THR C 538 -3.88 54.69 40.96
CA THR C 538 -4.01 53.58 39.98
C THR C 538 -4.94 53.98 38.83
N GLY C 539 -5.95 54.81 39.11
CA GLY C 539 -6.93 55.31 38.13
C GLY C 539 -6.26 55.96 36.93
N ARG C 540 -5.11 56.60 37.14
CA ARG C 540 -4.27 57.26 36.10
C ARG C 540 -3.79 56.22 35.09
N TYR C 541 -3.30 55.08 35.57
CA TYR C 541 -2.57 54.05 34.78
C TYR C 541 -3.57 53.08 34.09
N LEU C 542 -4.83 53.05 34.55
CA LEU C 542 -5.92 52.31 33.87
C LEU C 542 -6.24 53.00 32.54
N VAL C 543 -6.10 54.33 32.49
CA VAL C 543 -6.34 55.15 31.27
C VAL C 543 -5.16 54.98 30.31
N LEU C 544 -3.93 55.00 30.82
CA LEU C 544 -2.68 54.76 30.05
C LEU C 544 -2.74 53.37 29.38
N TYR C 545 -3.19 52.37 30.14
CA TYR C 545 -3.31 50.95 29.69
C TYR C 545 -4.22 50.87 28.45
N LEU C 546 -5.34 51.61 28.46
CA LEU C 546 -6.31 51.64 27.32
C LEU C 546 -5.61 52.23 26.08
N ILE C 547 -4.83 53.31 26.24
CA ILE C 547 -4.09 53.99 25.13
C ILE C 547 -3.12 52.98 24.51
N ILE C 548 -2.44 52.17 25.34
CA ILE C 548 -1.50 51.10 24.91
C ILE C 548 -2.29 50.03 24.15
N VAL C 549 -3.46 49.63 24.67
CA VAL C 549 -4.35 48.58 24.09
C VAL C 549 -4.92 49.09 22.76
N VAL C 550 -5.32 50.35 22.69
CA VAL C 550 -5.87 51.01 21.46
C VAL C 550 -4.73 51.19 20.45
N GLY C 551 -3.57 51.67 20.92
CA GLY C 551 -2.34 51.84 20.12
C GLY C 551 -1.87 50.51 19.53
N MET C 552 -1.89 49.45 20.34
CA MET C 552 -1.54 48.06 19.95
C MET C 552 -2.43 47.62 18.78
N ALA C 553 -3.75 47.80 18.92
CA ALA C 553 -4.78 47.45 17.91
C ALA C 553 -4.49 48.18 16.60
N TYR C 554 -4.11 49.47 16.68
CA TYR C 554 -3.82 50.34 15.52
C TYR C 554 -2.57 49.85 14.78
N LEU C 555 -1.49 49.59 15.53
CA LEU C 555 -0.19 49.11 14.99
C LEU C 555 -0.39 47.77 14.27
N PHE C 556 -1.24 46.90 14.81
CA PHE C 556 -1.52 45.53 14.31
C PHE C 556 -2.14 45.59 12.91
N VAL C 557 -3.25 46.34 12.77
CA VAL C 557 -4.03 46.47 11.50
C VAL C 557 -3.18 47.23 10.46
N ARG C 558 -2.36 48.18 10.91
CA ARG C 558 -1.48 49.03 10.07
C ARG C 558 -0.36 48.18 9.47
N LEU C 559 0.18 47.22 10.24
CA LEU C 559 1.35 46.39 9.85
C LEU C 559 0.98 45.52 8.65
N PRO C 560 1.73 45.61 7.52
CA PRO C 560 1.50 44.73 6.38
C PRO C 560 1.88 43.28 6.69
N SER C 561 1.28 42.31 5.99
CA SER C 561 1.46 40.85 6.20
C SER C 561 2.22 40.24 5.02
N SER C 562 3.01 39.19 5.29
CA SER C 562 3.66 38.30 4.30
C SER C 562 3.55 36.86 4.80
N PHE C 563 4.33 35.92 4.26
CA PHE C 563 4.35 34.49 4.66
C PHE C 563 5.74 34.12 5.16
N LEU C 564 6.74 34.10 4.27
CA LEU C 564 8.16 33.77 4.57
C LEU C 564 9.07 34.76 3.85
N PRO C 565 10.09 35.33 4.55
CA PRO C 565 11.01 36.28 3.92
C PRO C 565 11.82 35.65 2.78
N ASP C 566 11.96 36.37 1.66
CA ASP C 566 12.86 36.01 0.54
C ASP C 566 14.31 36.07 1.04
N GLU C 567 15.16 35.14 0.59
CA GLU C 567 16.59 35.06 0.97
C GLU C 567 17.45 35.15 -0.29
N ASP C 568 18.71 35.55 -0.14
CA ASP C 568 19.79 35.38 -1.14
C ASP C 568 20.35 33.97 -0.97
N GLN C 569 20.09 33.08 -1.95
CA GLN C 569 20.48 31.66 -1.91
C GLN C 569 21.70 31.43 -2.81
N GLY C 570 22.37 32.51 -3.23
CA GLY C 570 23.57 32.48 -4.08
C GLY C 570 23.25 32.13 -5.53
N VAL C 571 21.96 32.02 -5.88
CA VAL C 571 21.47 31.63 -7.23
C VAL C 571 20.15 32.38 -7.50
N PHE C 572 19.82 32.59 -8.77
CA PHE C 572 18.51 33.11 -9.24
C PHE C 572 18.29 32.71 -10.70
N MET C 573 17.10 32.96 -11.23
CA MET C 573 16.67 32.51 -12.60
C MET C 573 16.18 33.72 -13.41
N THR C 574 16.19 33.58 -14.74
CA THR C 574 15.68 34.57 -15.72
C THR C 574 14.83 33.85 -16.77
N MET C 575 13.59 34.30 -16.97
CA MET C 575 12.65 33.74 -17.99
C MET C 575 12.77 34.56 -19.28
N VAL C 576 12.67 33.90 -20.43
CA VAL C 576 12.69 34.53 -21.79
C VAL C 576 11.47 34.02 -22.56
N GLN C 577 10.62 34.95 -23.02
CA GLN C 577 9.33 34.66 -23.70
C GLN C 577 9.22 35.56 -24.94
N LEU C 578 9.48 35.00 -26.13
CA LEU C 578 9.37 35.72 -27.42
C LEU C 578 7.95 35.56 -27.96
N PRO C 579 7.53 36.40 -28.95
CA PRO C 579 6.17 36.35 -29.48
C PRO C 579 5.85 35.00 -30.16
N ALA C 580 4.55 34.76 -30.42
CA ALA C 580 4.03 33.55 -31.10
C ALA C 580 4.67 33.43 -32.49
N GLY C 581 5.30 32.29 -32.78
CA GLY C 581 5.92 31.98 -34.08
C GLY C 581 7.42 32.22 -34.09
N ALA C 582 7.96 32.86 -33.05
CA ALA C 582 9.40 33.16 -32.91
C ALA C 582 10.21 31.86 -32.94
N THR C 583 11.35 31.85 -33.64
CA THR C 583 12.20 30.67 -33.90
C THR C 583 13.28 30.55 -32.82
N GLN C 584 13.98 29.41 -32.82
CA GLN C 584 15.09 29.07 -31.89
C GLN C 584 16.23 30.09 -32.04
N GLU C 585 16.41 30.62 -33.26
CA GLU C 585 17.49 31.59 -33.62
C GLU C 585 17.20 32.94 -32.95
N ARG C 586 15.96 33.44 -33.05
CA ARG C 586 15.51 34.73 -32.46
C ARG C 586 15.62 34.67 -30.94
N THR C 587 15.31 33.51 -30.34
CA THR C 587 15.35 33.26 -28.88
C THR C 587 16.81 33.28 -28.40
N GLN C 588 17.74 32.74 -29.21
CA GLN C 588 19.18 32.65 -28.89
C GLN C 588 19.79 34.05 -28.81
N LYS C 589 19.33 34.98 -29.67
CA LYS C 589 19.77 36.40 -29.68
C LYS C 589 19.43 37.05 -28.34
N VAL C 590 18.22 36.83 -27.83
CA VAL C 590 17.73 37.42 -26.54
C VAL C 590 18.51 36.80 -25.38
N LEU C 591 18.71 35.47 -25.41
CA LEU C 591 19.47 34.71 -24.38
C LEU C 591 20.92 35.22 -24.33
N ASN C 592 21.49 35.59 -25.49
CA ASN C 592 22.84 36.18 -25.60
C ASN C 592 22.86 37.53 -24.87
N GLU C 593 21.89 38.41 -25.14
CA GLU C 593 21.75 39.74 -24.50
C GLU C 593 21.59 39.57 -22.99
N VAL C 594 20.83 38.56 -22.55
CA VAL C 594 20.61 38.23 -21.11
C VAL C 594 21.92 37.72 -20.50
N THR C 595 22.57 36.77 -21.17
CA THR C 595 23.89 36.18 -20.75
C THR C 595 24.94 37.29 -20.71
N HIS C 596 24.98 38.13 -21.74
CA HIS C 596 25.93 39.26 -21.90
C HIS C 596 25.89 40.16 -20.66
N TYR C 597 24.68 40.59 -20.26
CA TYR C 597 24.43 41.49 -19.11
C TYR C 597 25.12 40.96 -17.85
N TYR C 598 24.93 39.68 -17.55
CA TYR C 598 25.44 39.02 -16.32
C TYR C 598 26.97 38.87 -16.37
N LEU C 599 27.55 38.76 -17.58
CA LEU C 599 29.01 38.52 -17.77
C LEU C 599 29.75 39.85 -17.97
N THR C 600 29.05 40.97 -18.14
CA THR C 600 29.66 42.32 -18.37
C THR C 600 29.26 43.26 -17.22
N LYS C 601 27.97 43.59 -17.09
CA LYS C 601 27.46 44.56 -16.07
C LYS C 601 27.61 43.97 -14.66
N GLU C 602 27.13 42.74 -14.44
CA GLU C 602 27.08 42.07 -13.12
C GLU C 602 28.19 41.01 -13.01
N LYS C 603 29.35 41.25 -13.63
CA LYS C 603 30.47 40.26 -13.71
C LYS C 603 31.17 40.14 -12.34
N ASN C 604 30.99 41.14 -11.47
CA ASN C 604 31.60 41.17 -10.11
C ASN C 604 30.77 40.35 -9.12
N ASN C 605 29.49 40.07 -9.44
CA ASN C 605 28.54 39.36 -8.55
C ASN C 605 28.19 37.97 -9.13
N VAL C 606 28.04 37.86 -10.46
CA VAL C 606 27.68 36.59 -11.16
C VAL C 606 28.95 35.76 -11.39
N GLU C 607 28.92 34.48 -11.02
CA GLU C 607 30.03 33.51 -11.22
C GLU C 607 29.83 32.79 -12.56
N SER C 608 28.66 32.19 -12.77
CA SER C 608 28.31 31.38 -13.97
C SER C 608 26.86 31.61 -14.40
N VAL C 609 26.60 31.41 -15.70
CA VAL C 609 25.25 31.51 -16.34
C VAL C 609 25.03 30.24 -17.17
N PHE C 610 24.01 29.44 -16.84
CA PHE C 610 23.55 28.26 -17.62
C PHE C 610 22.23 28.59 -18.31
N ALA C 611 22.30 28.96 -19.58
CA ALA C 611 21.16 29.40 -20.42
C ALA C 611 20.68 28.22 -21.28
N VAL C 612 19.38 27.91 -21.23
CA VAL C 612 18.73 26.81 -22.01
C VAL C 612 17.73 27.43 -23.00
N ASN C 613 17.93 27.18 -24.29
CA ASN C 613 17.03 27.62 -25.40
C ASN C 613 16.06 26.47 -25.72
N GLY C 614 14.76 26.77 -25.73
CA GLY C 614 13.68 25.83 -26.10
C GLY C 614 13.02 25.20 -24.88
N PHE C 615 13.33 25.69 -23.68
CA PHE C 615 12.79 25.18 -22.38
C PHE C 615 12.52 26.35 -21.43
N GLY C 616 11.36 26.32 -20.76
CA GLY C 616 10.94 27.28 -19.73
C GLY C 616 9.91 26.67 -18.80
N PHE C 617 9.34 27.49 -17.90
N PHE C 617 9.33 27.47 -17.90
CA PHE C 617 8.32 27.11 -16.90
CA PHE C 617 8.28 27.05 -16.93
C PHE C 617 6.92 27.60 -17.33
C PHE C 617 6.90 27.59 -17.34
N ALA C 618 6.84 28.44 -18.36
CA ALA C 618 5.59 28.99 -18.92
C ALA C 618 5.19 28.24 -20.19
N GLY C 619 5.74 27.02 -20.37
CA GLY C 619 5.52 26.17 -21.56
C GLY C 619 6.85 25.75 -22.18
N ARG C 620 6.79 25.16 -23.38
CA ARG C 620 7.97 24.80 -24.22
C ARG C 620 7.74 25.25 -25.66
N GLY C 621 8.81 25.27 -26.46
CA GLY C 621 8.80 25.73 -27.87
C GLY C 621 10.03 26.55 -28.20
N GLN C 622 10.22 26.85 -29.48
CA GLN C 622 11.40 27.59 -30.02
C GLN C 622 11.45 29.01 -29.44
N ASN C 623 10.29 29.57 -29.07
CA ASN C 623 10.13 30.97 -28.56
C ASN C 623 10.23 31.01 -27.04
N THR C 624 10.78 29.96 -26.41
CA THR C 624 10.91 29.83 -24.92
C THR C 624 12.38 29.62 -24.57
N GLY C 625 12.81 30.21 -23.44
CA GLY C 625 14.19 30.10 -22.92
C GLY C 625 14.25 30.39 -21.42
N ILE C 626 15.35 30.02 -20.78
CA ILE C 626 15.58 30.21 -19.31
C ILE C 626 17.08 30.25 -19.04
N ALA C 627 17.50 30.99 -18.01
CA ALA C 627 18.92 31.16 -17.59
C ALA C 627 19.06 30.91 -16.09
N PHE C 628 19.82 29.90 -15.70
CA PHE C 628 20.18 29.56 -14.29
C PHE C 628 21.48 30.30 -13.94
N VAL C 629 21.37 31.34 -13.11
CA VAL C 629 22.50 32.23 -12.72
C VAL C 629 22.96 31.83 -11.30
N SER C 630 24.25 31.53 -11.15
CA SER C 630 24.93 31.28 -9.85
C SER C 630 25.82 32.47 -9.51
N LEU C 631 25.58 33.09 -8.35
CA LEU C 631 26.36 34.25 -7.84
C LEU C 631 27.63 33.74 -7.14
N LYS C 632 28.55 34.66 -6.83
CA LYS C 632 29.81 34.37 -6.09
C LYS C 632 29.46 34.26 -4.61
N ASP C 633 30.44 33.93 -3.75
CA ASP C 633 30.24 33.73 -2.30
C ASP C 633 29.68 35.02 -1.68
N TRP C 634 28.84 34.88 -0.65
CA TRP C 634 28.16 35.99 0.07
C TRP C 634 29.20 36.95 0.66
N ALA C 635 30.33 36.40 1.12
CA ALA C 635 31.47 37.15 1.70
C ALA C 635 32.03 38.16 0.70
N ASP C 636 32.09 37.78 -0.59
CA ASP C 636 32.68 38.57 -1.69
C ASP C 636 31.62 39.42 -2.39
N ARG C 637 30.42 39.56 -1.78
CA ARG C 637 29.31 40.40 -2.28
C ARG C 637 28.76 41.23 -1.11
N PRO C 638 29.55 42.20 -0.58
CA PRO C 638 29.09 43.05 0.51
C PRO C 638 28.17 44.18 0.02
N GLY C 639 27.22 44.59 0.86
CA GLY C 639 26.24 45.65 0.55
C GLY C 639 24.93 45.09 0.03
N GLU C 640 23.83 45.82 0.25
CA GLU C 640 22.44 45.43 -0.12
C GLU C 640 22.31 45.37 -1.65
N GLU C 641 23.10 46.20 -2.37
CA GLU C 641 23.02 46.35 -3.85
C GLU C 641 23.65 45.15 -4.55
N ASN C 642 24.48 44.36 -3.85
CA ASN C 642 25.18 43.16 -4.38
C ASN C 642 24.43 41.88 -3.97
N LYS C 643 23.17 42.00 -3.53
CA LYS C 643 22.31 40.85 -3.14
C LYS C 643 21.24 40.63 -4.22
N VAL C 644 20.62 39.45 -4.22
CA VAL C 644 19.77 38.93 -5.33
C VAL C 644 18.63 39.92 -5.62
N GLU C 645 17.99 40.47 -4.58
CA GLU C 645 16.82 41.39 -4.71
C GLU C 645 17.20 42.56 -5.62
N ALA C 646 18.34 43.22 -5.33
CA ALA C 646 18.86 44.40 -6.06
C ALA C 646 19.31 43.99 -7.47
N ILE C 647 20.04 42.87 -7.59
CA ILE C 647 20.61 42.37 -8.87
C ILE C 647 19.47 42.05 -9.85
N THR C 648 18.43 41.36 -9.36
CA THR C 648 17.24 40.93 -10.14
C THR C 648 16.41 42.15 -10.53
N MET C 649 16.29 43.14 -9.63
CA MET C 649 15.54 44.40 -9.86
C MET C 649 16.20 45.18 -11.00
N ARG C 650 17.52 45.34 -10.96
CA ARG C 650 18.32 46.03 -12.01
C ARG C 650 18.24 45.26 -13.33
N ALA C 651 18.42 43.93 -13.26
CA ALA C 651 18.41 43.00 -14.43
C ALA C 651 17.09 43.13 -15.18
N THR C 652 15.96 43.03 -14.48
CA THR C 652 14.58 43.11 -15.05
C THR C 652 14.38 44.48 -15.71
N ARG C 653 14.84 45.56 -15.04
CA ARG C 653 14.76 46.96 -15.54
C ARG C 653 15.56 47.08 -16.84
N ALA C 654 16.77 46.50 -16.87
CA ALA C 654 17.69 46.51 -18.03
C ALA C 654 17.05 45.75 -19.21
N PHE C 655 16.48 44.57 -18.96
CA PHE C 655 15.94 43.65 -19.99
C PHE C 655 14.62 44.17 -20.57
N SER C 656 13.99 45.18 -19.93
CA SER C 656 12.77 45.86 -20.43
C SER C 656 13.05 46.49 -21.80
N GLN C 657 14.31 46.87 -22.05
CA GLN C 657 14.78 47.48 -23.32
C GLN C 657 14.77 46.45 -24.45
N ILE C 658 14.98 45.17 -24.15
CA ILE C 658 15.05 44.07 -25.15
C ILE C 658 13.73 44.05 -25.93
N LYS C 659 13.80 44.25 -27.24
CA LYS C 659 12.62 44.44 -28.14
C LYS C 659 12.02 43.09 -28.50
N ASP C 660 10.68 43.00 -28.48
CA ASP C 660 9.90 41.79 -28.88
C ASP C 660 10.35 40.59 -28.03
N ALA C 661 10.27 40.72 -26.70
CA ALA C 661 10.64 39.67 -25.72
C ALA C 661 10.19 40.07 -24.32
N MET C 662 9.42 39.20 -23.66
CA MET C 662 9.14 39.27 -22.19
C MET C 662 10.29 38.60 -21.44
N VAL C 663 11.13 39.39 -20.77
CA VAL C 663 12.34 38.92 -20.02
C VAL C 663 12.24 39.44 -18.58
N PHE C 664 12.33 38.55 -17.59
CA PHE C 664 12.21 38.85 -16.15
C PHE C 664 13.25 38.03 -15.37
N ALA C 665 14.08 38.72 -14.56
CA ALA C 665 15.00 38.11 -13.57
C ALA C 665 14.32 38.17 -12.19
N PHE C 666 14.23 37.03 -11.50
CA PHE C 666 13.49 36.88 -10.23
C PHE C 666 14.25 35.97 -9.25
N ASN C 667 14.10 36.23 -7.96
CA ASN C 667 14.62 35.38 -6.84
C ASN C 667 13.74 34.13 -6.75
N LEU C 668 14.23 33.09 -6.06
CA LEU C 668 13.51 31.80 -5.87
C LEU C 668 12.46 31.98 -4.80
N PRO C 669 11.45 31.07 -4.70
CA PRO C 669 10.63 30.97 -3.49
C PRO C 669 11.49 30.41 -2.35
N ALA C 670 11.09 30.65 -1.10
CA ALA C 670 11.83 30.27 0.13
C ALA C 670 12.16 28.77 0.12
N THR C 671 11.33 27.95 -0.53
CA THR C 671 11.52 26.49 -0.70
C THR C 671 11.46 26.08 -2.17
N VAL C 672 11.98 24.89 -2.49
CA VAL C 672 11.99 24.28 -3.86
C VAL C 672 10.78 23.35 -4.01
N GLU C 673 10.14 22.97 -2.89
CA GLU C 673 9.10 21.92 -2.80
C GLU C 673 7.83 22.36 -3.55
N LEU C 674 7.50 23.65 -3.50
CA LEU C 674 6.29 24.24 -4.13
C LEU C 674 6.57 25.69 -4.55
N GLY C 675 6.06 26.10 -5.72
CA GLY C 675 6.28 27.43 -6.33
C GLY C 675 7.52 27.44 -7.20
N THR C 676 7.49 28.18 -8.31
CA THR C 676 8.59 28.28 -9.31
C THR C 676 9.42 29.55 -9.09
N ALA C 677 8.77 30.67 -8.74
CA ALA C 677 9.40 32.00 -8.56
C ALA C 677 8.93 32.64 -7.24
N THR C 678 9.51 33.79 -6.89
CA THR C 678 9.16 34.62 -5.71
C THR C 678 7.87 35.40 -6.00
N GLY C 679 7.39 36.16 -5.01
CA GLY C 679 6.18 37.00 -5.13
C GLY C 679 4.91 36.21 -4.88
N PHE C 680 3.84 36.53 -5.62
CA PHE C 680 2.50 35.89 -5.49
C PHE C 680 2.23 34.98 -6.70
N ASP C 681 1.23 34.11 -6.58
CA ASP C 681 0.80 33.14 -7.62
C ASP C 681 -0.72 33.21 -7.78
N PHE C 682 -1.18 33.96 -8.79
CA PHE C 682 -2.61 34.31 -9.04
C PHE C 682 -3.15 33.44 -10.17
N GLU C 683 -4.39 32.95 -10.03
CA GLU C 683 -5.11 32.15 -11.04
C GLU C 683 -6.39 32.90 -11.46
N LEU C 684 -6.52 33.19 -12.76
CA LEU C 684 -7.73 33.82 -13.37
C LEU C 684 -8.58 32.71 -14.02
N ILE C 685 -9.80 32.49 -13.51
CA ILE C 685 -10.64 31.30 -13.83
C ILE C 685 -11.88 31.75 -14.62
N ASP C 686 -12.24 30.98 -15.66
CA ASP C 686 -13.48 31.13 -16.46
C ASP C 686 -14.57 30.28 -15.81
N GLN C 687 -15.51 30.91 -15.09
CA GLN C 687 -16.51 30.25 -14.22
C GLN C 687 -17.92 30.35 -14.84
N ALA C 688 -18.05 30.84 -16.07
CA ALA C 688 -19.34 31.07 -16.76
C ALA C 688 -19.28 30.57 -18.21
N GLY C 689 -18.35 29.66 -18.53
CA GLY C 689 -18.15 29.13 -19.89
C GLY C 689 -18.09 30.23 -20.94
N LEU C 690 -17.34 31.31 -20.65
CA LEU C 690 -17.18 32.49 -21.54
C LEU C 690 -16.44 32.09 -22.81
N GLY C 691 -15.31 31.36 -22.66
CA GLY C 691 -14.45 30.91 -23.77
C GLY C 691 -13.00 31.31 -23.54
N HIS C 692 -12.09 30.85 -24.41
CA HIS C 692 -10.63 31.13 -24.33
C HIS C 692 -10.37 32.60 -24.67
N GLU C 693 -11.00 33.12 -25.73
CA GLU C 693 -10.79 34.48 -26.27
C GLU C 693 -11.21 35.52 -25.22
N LYS C 694 -12.39 35.34 -24.60
CA LYS C 694 -12.95 36.28 -23.60
C LYS C 694 -12.13 36.24 -22.31
N LEU C 695 -11.51 35.09 -22.00
CA LEU C 695 -10.61 34.91 -20.82
C LEU C 695 -9.28 35.64 -21.10
N THR C 696 -8.80 35.63 -22.35
CA THR C 696 -7.60 36.38 -22.80
C THR C 696 -7.86 37.89 -22.65
N GLN C 697 -9.05 38.35 -23.04
CA GLN C 697 -9.49 39.77 -22.92
C GLN C 697 -9.50 40.18 -21.45
N ALA C 698 -10.07 39.35 -20.57
CA ALA C 698 -10.19 39.57 -19.12
C ALA C 698 -8.79 39.65 -18.48
N ARG C 699 -7.86 38.81 -18.96
CA ARG C 699 -6.45 38.75 -18.47
C ARG C 699 -5.73 40.04 -18.86
N ASN C 700 -5.88 40.48 -20.11
CA ASN C 700 -5.26 41.71 -20.66
C ASN C 700 -5.76 42.93 -19.89
N GLN C 701 -7.07 42.97 -19.61
CA GLN C 701 -7.77 44.05 -18.84
C GLN C 701 -7.16 44.15 -17.43
N LEU C 702 -6.92 43.01 -16.77
CA LEU C 702 -6.32 42.93 -15.42
C LEU C 702 -4.86 43.37 -15.47
N LEU C 703 -4.09 42.86 -16.45
CA LEU C 703 -2.66 43.19 -16.66
C LEU C 703 -2.50 44.68 -16.97
N ALA C 704 -3.47 45.28 -17.69
CA ALA C 704 -3.49 46.71 -18.07
C ALA C 704 -3.66 47.60 -16.84
N GLU C 705 -4.65 47.29 -16.00
CA GLU C 705 -4.95 48.03 -14.75
C GLU C 705 -3.84 47.82 -13.71
N ALA C 706 -3.20 46.64 -13.71
CA ALA C 706 -2.09 46.28 -12.80
C ALA C 706 -0.85 47.13 -13.12
N ALA C 707 -0.65 47.48 -14.40
CA ALA C 707 0.47 48.29 -14.90
C ALA C 707 0.32 49.76 -14.45
N LYS C 708 -0.88 50.18 -14.08
CA LYS C 708 -1.19 51.55 -13.59
C LYS C 708 -0.86 51.68 -12.10
N HIS C 709 -0.40 50.59 -11.46
CA HIS C 709 0.03 50.57 -10.04
C HIS C 709 1.46 50.04 -9.93
N PRO C 710 2.46 50.76 -10.50
CA PRO C 710 3.87 50.37 -10.38
C PRO C 710 4.42 50.52 -8.95
N ASP C 711 3.72 51.29 -8.09
CA ASP C 711 4.10 51.55 -6.68
C ASP C 711 3.77 50.33 -5.79
N MET C 712 2.92 49.42 -6.27
CA MET C 712 2.46 48.23 -5.51
C MET C 712 2.94 46.94 -6.18
N LEU C 713 2.71 46.79 -7.49
CA LEU C 713 2.99 45.55 -8.26
C LEU C 713 4.14 45.81 -9.26
N THR C 714 5.14 44.91 -9.28
CA THR C 714 6.24 44.86 -10.27
C THR C 714 6.35 43.44 -10.84
N SER C 715 6.86 43.32 -12.07
CA SER C 715 7.13 42.05 -12.78
C SER C 715 5.87 41.19 -12.86
N VAL C 716 4.70 41.83 -13.04
CA VAL C 716 3.40 41.12 -13.26
C VAL C 716 3.42 40.56 -14.68
N ARG C 717 3.23 39.24 -14.83
CA ARG C 717 3.42 38.51 -16.11
C ARG C 717 2.50 37.27 -16.12
N PRO C 718 1.89 36.93 -17.28
CA PRO C 718 1.20 35.65 -17.42
C PRO C 718 2.21 34.51 -17.51
N ASN C 719 1.95 33.40 -16.81
CA ASN C 719 2.81 32.18 -16.83
C ASN C 719 2.24 31.21 -17.88
N GLY C 720 2.08 31.69 -19.11
CA GLY C 720 1.52 30.94 -20.25
C GLY C 720 1.95 31.55 -21.58
N LEU C 721 1.51 30.94 -22.69
CA LEU C 721 1.89 31.33 -24.07
C LEU C 721 0.72 32.06 -24.75
N GLU C 722 1.02 32.83 -25.80
CA GLU C 722 0.02 33.57 -26.62
C GLU C 722 -0.43 32.70 -27.80
N ASP C 723 -1.60 32.99 -28.35
CA ASP C 723 -2.21 32.25 -29.49
C ASP C 723 -1.25 32.28 -30.68
N THR C 724 -0.92 31.09 -31.21
CA THR C 724 0.05 30.88 -32.32
C THR C 724 -0.71 30.69 -33.63
N PRO C 725 -0.22 31.25 -34.76
CA PRO C 725 -0.82 30.98 -36.07
C PRO C 725 -0.55 29.51 -36.48
N GLN C 726 -1.60 28.82 -36.90
CA GLN C 726 -1.59 27.37 -37.27
C GLN C 726 -1.84 27.24 -38.78
N PHE C 727 -0.99 26.45 -39.46
CA PHE C 727 -1.08 26.18 -40.92
C PHE C 727 -1.96 24.95 -41.15
N LYS C 728 -3.27 25.16 -41.39
CA LYS C 728 -4.27 24.10 -41.62
C LYS C 728 -4.17 23.61 -43.06
N ILE C 729 -3.87 22.32 -43.25
CA ILE C 729 -3.84 21.64 -44.58
C ILE C 729 -5.01 20.66 -44.65
N ASP C 730 -5.82 20.75 -45.71
CA ASP C 730 -7.06 19.95 -45.90
C ASP C 730 -6.88 19.00 -47.09
N ILE C 731 -6.87 17.69 -46.83
CA ILE C 731 -6.75 16.61 -47.85
C ILE C 731 -8.14 16.33 -48.43
N ASP C 732 -8.29 16.43 -49.76
CA ASP C 732 -9.51 16.05 -50.51
C ASP C 732 -9.40 14.56 -50.87
N GLN C 733 -10.05 13.69 -50.10
CA GLN C 733 -9.94 12.21 -50.21
C GLN C 733 -10.67 11.72 -51.48
N GLU C 734 -11.68 12.46 -51.94
CA GLU C 734 -12.42 12.15 -53.19
C GLU C 734 -11.49 12.34 -54.40
N LYS C 735 -10.70 13.41 -54.41
CA LYS C 735 -9.65 13.68 -55.43
C LYS C 735 -8.56 12.60 -55.34
N ALA C 736 -8.17 12.21 -54.13
CA ALA C 736 -7.13 11.21 -53.84
C ALA C 736 -7.54 9.86 -54.42
N GLN C 737 -8.80 9.45 -54.20
CA GLN C 737 -9.37 8.18 -54.71
C GLN C 737 -9.55 8.25 -56.23
N ALA C 738 -9.85 9.45 -56.75
CA ALA C 738 -9.98 9.75 -58.20
C ALA C 738 -8.62 9.59 -58.90
N LEU C 739 -7.54 9.99 -58.22
CA LEU C 739 -6.14 9.89 -58.72
C LEU C 739 -5.55 8.51 -58.38
N GLY C 740 -6.24 7.72 -57.55
CA GLY C 740 -5.84 6.35 -57.17
C GLY C 740 -4.73 6.35 -56.14
N VAL C 741 -4.78 7.30 -55.20
CA VAL C 741 -3.77 7.48 -54.10
C VAL C 741 -4.40 7.09 -52.77
N SER C 742 -3.73 6.22 -52.01
CA SER C 742 -4.14 5.76 -50.65
C SER C 742 -4.07 6.93 -49.67
N ILE C 743 -5.04 7.03 -48.76
CA ILE C 743 -5.14 8.11 -47.74
C ILE C 743 -4.05 7.90 -46.69
N ASN C 744 -3.75 6.63 -46.36
CA ASN C 744 -2.72 6.22 -45.37
C ASN C 744 -1.33 6.66 -45.88
N ASP C 745 -1.08 6.52 -47.19
CA ASP C 745 0.19 6.92 -47.85
C ASP C 745 0.36 8.43 -47.72
N ILE C 746 -0.71 9.20 -47.95
CA ILE C 746 -0.72 10.70 -47.85
C ILE C 746 -0.42 11.09 -46.40
N ASN C 747 -1.14 10.50 -45.44
CA ASN C 747 -1.04 10.80 -43.99
C ASN C 747 0.37 10.49 -43.49
N THR C 748 0.94 9.35 -43.89
CA THR C 748 2.29 8.89 -43.48
C THR C 748 3.35 9.80 -44.12
N THR C 749 3.24 10.06 -45.42
CA THR C 749 4.19 10.92 -46.19
C THR C 749 4.28 12.30 -45.53
N LEU C 750 3.14 12.97 -45.36
CA LEU C 750 3.03 14.32 -44.73
C LEU C 750 3.57 14.26 -43.29
N GLY C 751 3.04 13.34 -42.49
CA GLY C 751 3.36 13.18 -41.05
C GLY C 751 4.84 12.89 -40.84
N ALA C 752 5.39 11.89 -41.55
CA ALA C 752 6.78 11.42 -41.43
C ALA C 752 7.76 12.52 -41.86
N ALA C 753 7.47 13.19 -42.98
CA ALA C 753 8.32 14.24 -43.58
C ALA C 753 8.44 15.44 -42.64
N TRP C 754 7.29 16.06 -42.31
CA TRP C 754 7.21 17.40 -41.66
C TRP C 754 7.32 17.29 -40.14
N GLY C 755 6.82 16.21 -39.54
CA GLY C 755 6.77 16.02 -38.07
C GLY C 755 7.83 15.06 -37.57
N GLY C 756 8.38 14.19 -38.44
CA GLY C 756 9.24 13.06 -38.06
C GLY C 756 8.40 11.83 -37.74
N SER C 757 9.01 10.64 -37.73
CA SER C 757 8.33 9.35 -37.46
C SER C 757 9.29 8.38 -36.76
N TYR C 758 8.94 7.98 -35.53
CA TYR C 758 9.65 6.93 -34.74
C TYR C 758 9.29 5.56 -35.31
N VAL C 759 10.22 4.94 -36.03
CA VAL C 759 10.01 3.67 -36.80
C VAL C 759 10.16 2.48 -35.84
N ASN C 760 11.35 2.32 -35.25
CA ASN C 760 11.70 1.23 -34.32
C ASN C 760 13.02 1.57 -33.62
N ASP C 761 13.52 0.67 -32.75
CA ASP C 761 14.76 0.87 -31.96
C ASP C 761 15.96 0.32 -32.74
N PHE C 762 17.18 0.68 -32.30
CA PHE C 762 18.47 0.16 -32.78
C PHE C 762 19.47 0.19 -31.60
N ILE C 763 20.63 -0.47 -31.74
CA ILE C 763 21.65 -0.59 -30.66
C ILE C 763 22.86 0.30 -31.02
N ASP C 764 23.12 1.33 -30.21
CA ASP C 764 24.27 2.25 -30.35
C ASP C 764 25.23 2.00 -29.17
N ARG C 765 26.34 1.30 -29.42
CA ARG C 765 27.38 0.92 -28.42
C ARG C 765 26.70 0.21 -27.23
N GLY C 766 25.89 -0.80 -27.52
CA GLY C 766 25.28 -1.71 -26.53
C GLY C 766 24.15 -1.08 -25.74
N ARG C 767 23.51 -0.03 -26.27
CA ARG C 767 22.34 0.64 -25.65
C ARG C 767 21.23 0.81 -26.69
N VAL C 768 19.98 0.54 -26.30
CA VAL C 768 18.77 0.66 -27.17
C VAL C 768 18.48 2.16 -27.35
N LYS C 769 18.35 2.60 -28.61
CA LYS C 769 18.01 4.00 -28.98
C LYS C 769 17.05 3.97 -30.17
N LYS C 770 16.42 5.11 -30.48
CA LYS C 770 15.31 5.22 -31.47
C LYS C 770 15.86 5.41 -32.89
N VAL C 771 15.04 5.10 -33.89
CA VAL C 771 15.28 5.39 -35.33
C VAL C 771 14.17 6.33 -35.81
N TYR C 772 14.52 7.52 -36.31
CA TYR C 772 13.59 8.54 -36.83
C TYR C 772 13.84 8.78 -38.32
N VAL C 773 12.77 8.68 -39.13
CA VAL C 773 12.75 9.19 -40.54
C VAL C 773 12.01 10.54 -40.52
N MET C 774 12.65 11.58 -41.04
CA MET C 774 12.11 12.95 -41.16
C MET C 774 12.66 13.58 -42.44
N SER C 775 12.00 14.60 -42.97
CA SER C 775 12.47 15.39 -44.14
C SER C 775 13.75 16.14 -43.75
N GLU C 776 14.68 16.30 -44.70
CA GLU C 776 15.87 17.17 -44.54
C GLU C 776 15.36 18.61 -44.39
N ALA C 777 15.95 19.36 -43.45
CA ALA C 777 15.50 20.70 -42.99
C ALA C 777 14.88 21.50 -44.15
N LYS C 778 15.61 21.64 -45.26
CA LYS C 778 15.32 22.60 -46.35
C LYS C 778 13.98 22.30 -47.05
N TYR C 779 13.51 21.05 -47.02
CA TYR C 779 12.28 20.60 -47.73
C TYR C 779 11.04 20.67 -46.82
N ARG C 780 11.18 21.22 -45.60
CA ARG C 780 10.05 21.35 -44.62
C ARG C 780 10.14 22.69 -43.87
N MET C 781 10.47 23.78 -44.60
CA MET C 781 10.64 25.14 -44.03
C MET C 781 9.45 26.04 -44.38
N LEU C 782 9.07 26.08 -45.67
CA LEU C 782 8.07 27.03 -46.22
C LEU C 782 6.79 26.29 -46.59
N PRO C 783 5.61 26.95 -46.52
CA PRO C 783 4.34 26.35 -46.96
C PRO C 783 4.34 25.75 -48.38
N ASP C 784 5.13 26.31 -49.30
CA ASP C 784 5.16 25.93 -50.74
C ASP C 784 5.96 24.63 -50.93
N ASP C 785 6.77 24.23 -49.94
CA ASP C 785 7.57 22.98 -49.94
C ASP C 785 6.65 21.75 -49.83
N ILE C 786 5.38 21.96 -49.45
CA ILE C 786 4.34 20.88 -49.30
C ILE C 786 4.15 20.18 -50.65
N GLY C 787 4.10 20.95 -51.74
CA GLY C 787 3.86 20.45 -53.11
C GLY C 787 5.04 19.70 -53.69
N ASP C 788 6.22 19.79 -53.06
CA ASP C 788 7.46 19.09 -53.48
C ASP C 788 7.36 17.59 -53.20
N TRP C 789 6.44 17.17 -52.33
CA TRP C 789 6.28 15.75 -51.87
C TRP C 789 5.31 15.02 -52.79
N TYR C 790 5.66 13.79 -53.18
CA TYR C 790 4.91 12.91 -54.11
C TYR C 790 4.53 11.61 -53.40
N VAL C 791 3.33 11.10 -53.69
CA VAL C 791 2.79 9.80 -53.21
C VAL C 791 2.58 8.89 -54.42
N ARG C 792 2.99 7.63 -54.33
CA ARG C 792 2.85 6.63 -55.43
C ARG C 792 1.40 6.14 -55.48
N ALA C 793 0.76 6.24 -56.64
CA ALA C 793 -0.60 5.75 -56.92
C ALA C 793 -0.54 4.24 -57.23
N ALA C 794 -1.70 3.60 -57.36
CA ALA C 794 -1.85 2.14 -57.60
C ALA C 794 -1.25 1.76 -58.96
N ASP C 795 -1.31 2.66 -59.95
CA ASP C 795 -0.83 2.44 -61.33
C ASP C 795 0.66 2.84 -61.45
N GLY C 796 1.27 3.29 -60.35
CA GLY C 796 2.72 3.57 -60.26
C GLY C 796 3.06 5.02 -60.58
N GLN C 797 2.05 5.86 -60.85
CA GLN C 797 2.21 7.32 -61.13
C GLN C 797 2.50 8.06 -59.82
N MET C 798 3.52 8.91 -59.81
CA MET C 798 3.88 9.79 -58.66
C MET C 798 3.03 11.07 -58.75
N VAL C 799 2.21 11.33 -57.73
CA VAL C 799 1.23 12.45 -57.69
C VAL C 799 1.64 13.44 -56.60
N PRO C 800 1.81 14.73 -56.93
CA PRO C 800 2.16 15.75 -55.93
C PRO C 800 1.00 16.08 -55.00
N PHE C 801 1.31 16.63 -53.81
CA PHE C 801 0.33 17.03 -52.76
C PHE C 801 -0.59 18.15 -53.29
N SER C 802 -0.08 18.98 -54.20
CA SER C 802 -0.82 20.10 -54.84
C SER C 802 -2.06 19.60 -55.58
N ALA C 803 -2.07 18.33 -55.98
CA ALA C 803 -3.13 17.69 -56.79
C ALA C 803 -4.36 17.35 -55.93
N PHE C 804 -4.18 17.04 -54.63
CA PHE C 804 -5.25 16.52 -53.74
C PHE C 804 -5.28 17.25 -52.39
N SER C 805 -4.69 18.44 -52.26
CA SER C 805 -4.63 19.20 -50.99
C SER C 805 -4.69 20.71 -51.23
N SER C 806 -5.32 21.44 -50.31
CA SER C 806 -5.35 22.92 -50.21
C SER C 806 -5.07 23.33 -48.76
N SER C 807 -4.46 24.50 -48.55
CA SER C 807 -4.00 24.99 -47.23
C SER C 807 -4.59 26.38 -46.92
N ARG C 808 -4.63 26.75 -45.64
CA ARG C 808 -5.07 28.08 -45.14
C ARG C 808 -4.49 28.29 -43.74
N TRP C 809 -4.52 29.54 -43.25
CA TRP C 809 -3.96 29.95 -41.93
C TRP C 809 -5.08 30.10 -40.90
N GLU C 810 -4.88 29.52 -39.71
CA GLU C 810 -5.81 29.58 -38.55
C GLU C 810 -5.05 30.10 -37.33
N TYR C 811 -5.75 30.29 -36.20
CA TYR C 811 -5.22 30.87 -34.94
C TYR C 811 -5.74 30.05 -33.75
N GLY C 812 -4.83 29.51 -32.94
CA GLY C 812 -5.16 28.65 -31.78
C GLY C 812 -4.11 28.72 -30.69
N SER C 813 -4.49 28.41 -29.45
CA SER C 813 -3.62 28.43 -28.25
C SER C 813 -2.62 27.27 -28.32
N PRO C 814 -1.30 27.52 -28.13
CA PRO C 814 -0.31 26.46 -28.06
C PRO C 814 -0.19 25.85 -26.65
N ARG C 815 -0.92 26.41 -25.67
CA ARG C 815 -0.96 25.93 -24.26
C ARG C 815 -2.26 26.40 -23.59
N LEU C 816 -3.14 25.45 -23.25
CA LEU C 816 -4.43 25.69 -22.56
C LEU C 816 -4.31 25.26 -21.09
N GLU C 817 -4.48 26.20 -20.16
CA GLU C 817 -4.40 25.96 -18.69
C GLU C 817 -5.80 25.67 -18.14
N ARG C 818 -5.88 24.91 -17.05
CA ARG C 818 -7.12 24.64 -16.28
C ARG C 818 -6.78 24.61 -14.79
N TYR C 819 -7.64 25.20 -13.95
CA TYR C 819 -7.51 25.23 -12.47
C TYR C 819 -8.83 24.79 -11.83
N ASN C 820 -8.79 23.71 -11.05
CA ASN C 820 -9.96 23.07 -10.38
C ASN C 820 -11.03 22.74 -11.43
N GLY C 821 -10.60 22.19 -12.58
CA GLY C 821 -11.48 21.63 -13.61
C GLY C 821 -11.93 22.64 -14.66
N LEU C 822 -11.78 23.95 -14.39
CA LEU C 822 -12.28 25.04 -15.26
C LEU C 822 -11.11 25.71 -15.97
N PRO C 823 -11.31 26.28 -17.18
CA PRO C 823 -10.25 27.00 -17.89
C PRO C 823 -9.69 28.15 -17.04
N SER C 824 -8.36 28.27 -16.96
CA SER C 824 -7.65 29.26 -16.12
C SER C 824 -6.49 29.90 -16.89
N MET C 825 -5.85 30.91 -16.30
CA MET C 825 -4.62 31.57 -16.80
C MET C 825 -3.82 32.07 -15.60
N GLU C 826 -2.71 31.40 -15.29
CA GLU C 826 -1.82 31.73 -14.14
C GLU C 826 -1.12 33.07 -14.40
N ILE C 827 -1.14 33.96 -13.41
CA ILE C 827 -0.44 35.28 -13.44
C ILE C 827 0.53 35.34 -12.25
N LEU C 828 1.82 35.47 -12.53
CA LEU C 828 2.90 35.67 -11.51
C LEU C 828 3.20 37.17 -11.41
N GLY C 829 3.60 37.62 -10.22
CA GLY C 829 3.98 39.03 -9.95
C GLY C 829 4.66 39.18 -8.61
N GLN C 830 5.24 40.35 -8.35
CA GLN C 830 5.98 40.68 -7.11
C GLN C 830 5.43 41.96 -6.49
N ALA C 831 5.58 42.11 -5.17
CA ALA C 831 5.31 43.36 -4.43
C ALA C 831 6.47 44.34 -4.69
N ALA C 832 6.15 45.59 -5.05
CA ALA C 832 7.11 46.65 -5.39
C ALA C 832 8.03 46.91 -4.19
N PRO C 833 9.27 47.40 -4.40
CA PRO C 833 10.20 47.66 -3.29
C PRO C 833 9.54 48.45 -2.14
N GLY C 834 9.60 47.91 -0.93
CA GLY C 834 9.02 48.53 0.29
C GLY C 834 7.64 47.97 0.61
N LYS C 835 6.92 47.45 -0.38
CA LYS C 835 5.59 46.81 -0.22
C LYS C 835 5.77 45.32 0.10
N SER C 836 4.74 44.70 0.68
CA SER C 836 4.69 43.26 1.05
C SER C 836 3.76 42.51 0.09
N THR C 837 3.88 41.18 0.05
CA THR C 837 3.05 40.27 -0.79
C THR C 837 1.58 40.41 -0.37
N GLY C 838 1.30 40.60 0.93
CA GLY C 838 -0.05 40.80 1.48
C GLY C 838 -0.73 42.01 0.87
N GLU C 839 -0.01 43.14 0.78
CA GLU C 839 -0.50 44.41 0.16
C GLU C 839 -0.75 44.17 -1.33
N ALA C 840 0.20 43.52 -2.00
CA ALA C 840 0.16 43.20 -3.45
C ALA C 840 -1.04 42.31 -3.76
N MET C 841 -1.28 41.27 -2.93
CA MET C 841 -2.44 40.36 -3.04
C MET C 841 -3.74 41.16 -2.89
N GLU C 842 -3.79 42.06 -1.91
CA GLU C 842 -4.99 42.91 -1.59
C GLU C 842 -5.40 43.70 -2.83
N LEU C 843 -4.43 44.29 -3.54
CA LEU C 843 -4.67 45.12 -4.75
C LEU C 843 -5.17 44.22 -5.89
N MET C 844 -4.50 43.10 -6.14
CA MET C 844 -4.86 42.12 -7.20
C MET C 844 -6.32 41.66 -7.02
N GLU C 845 -6.75 41.44 -5.78
CA GLU C 845 -8.15 41.05 -5.42
C GLU C 845 -9.11 42.18 -5.80
N GLN C 846 -8.76 43.43 -5.49
CA GLN C 846 -9.57 44.64 -5.80
C GLN C 846 -9.72 44.78 -7.32
N LEU C 847 -8.62 44.64 -8.07
CA LEU C 847 -8.58 44.79 -9.55
C LEU C 847 -9.39 43.67 -10.20
N ALA C 848 -9.33 42.46 -9.64
CA ALA C 848 -9.98 41.23 -10.17
C ALA C 848 -11.51 41.34 -10.03
N SER C 849 -12.01 42.13 -9.07
CA SER C 849 -13.45 42.34 -8.78
C SER C 849 -14.10 43.25 -9.83
N LYS C 850 -13.30 43.89 -10.69
CA LYS C 850 -13.77 44.87 -11.71
C LYS C 850 -13.80 44.22 -13.11
N LEU C 851 -13.48 42.92 -13.21
CA LEU C 851 -13.42 42.17 -14.50
C LEU C 851 -14.83 41.71 -14.87
N PRO C 852 -15.07 41.34 -16.16
CA PRO C 852 -16.40 40.93 -16.62
C PRO C 852 -17.07 39.87 -15.73
N THR C 853 -18.40 39.97 -15.56
CA THR C 853 -19.23 39.03 -14.76
C THR C 853 -19.10 37.63 -15.37
N GLY C 854 -18.71 36.64 -14.57
CA GLY C 854 -18.39 35.26 -15.00
C GLY C 854 -16.91 34.94 -14.86
N VAL C 855 -16.06 35.97 -14.72
CA VAL C 855 -14.59 35.84 -14.52
C VAL C 855 -14.27 35.96 -13.03
N GLY C 856 -13.91 34.83 -12.39
CA GLY C 856 -13.44 34.77 -11.00
C GLY C 856 -11.94 34.61 -10.92
N TYR C 857 -11.41 34.39 -9.72
CA TYR C 857 -9.96 34.16 -9.46
C TYR C 857 -9.77 33.25 -8.24
N ASP C 858 -8.52 32.90 -7.95
CA ASP C 858 -8.11 32.14 -6.75
C ASP C 858 -6.58 32.25 -6.59
N TRP C 859 -6.08 32.10 -5.37
CA TRP C 859 -4.63 32.04 -5.05
C TRP C 859 -4.20 30.58 -4.96
N THR C 860 -3.07 30.24 -5.58
CA THR C 860 -2.49 28.86 -5.60
C THR C 860 -1.05 28.92 -5.07
N GLY C 861 -0.41 27.76 -4.92
CA GLY C 861 1.01 27.61 -4.52
C GLY C 861 1.30 28.30 -3.19
N MET C 862 2.24 29.25 -3.20
CA MET C 862 2.77 29.93 -1.99
C MET C 862 1.74 30.96 -1.48
N SER C 863 1.01 31.60 -2.40
CA SER C 863 -0.05 32.61 -2.10
C SER C 863 -1.20 31.96 -1.33
N TYR C 864 -1.58 30.73 -1.69
CA TYR C 864 -2.64 29.93 -1.04
C TYR C 864 -2.30 29.72 0.44
N GLN C 865 -1.03 29.35 0.73
CA GLN C 865 -0.52 29.09 2.10
C GLN C 865 -0.51 30.38 2.91
N GLU C 866 -0.13 31.49 2.28
CA GLU C 866 -0.05 32.85 2.90
C GLU C 866 -1.44 33.30 3.36
N ARG C 867 -2.45 33.18 2.48
CA ARG C 867 -3.87 33.50 2.75
C ARG C 867 -4.36 32.68 3.95
N LEU C 868 -4.00 31.39 3.99
CA LEU C 868 -4.43 30.41 5.02
C LEU C 868 -3.76 30.74 6.36
N SER C 869 -2.45 31.06 6.33
CA SER C 869 -1.61 31.40 7.50
C SER C 869 -2.16 32.63 8.21
N GLY C 870 -2.61 33.64 7.45
CA GLY C 870 -3.12 34.92 7.97
C GLY C 870 -4.52 34.79 8.55
N ASN C 871 -5.40 34.02 7.88
CA ASN C 871 -6.82 33.85 8.24
C ASN C 871 -6.96 33.08 9.57
N GLN C 872 -5.98 32.22 9.90
CA GLN C 872 -6.04 31.32 11.09
C GLN C 872 -5.30 31.95 12.28
N ALA C 873 -4.61 33.08 12.08
CA ALA C 873 -3.76 33.74 13.09
C ALA C 873 -4.60 34.19 14.29
N PRO C 874 -5.76 34.86 14.10
CA PRO C 874 -6.61 35.27 15.23
C PRO C 874 -7.06 34.11 16.12
N SER C 875 -7.48 33.00 15.50
CA SER C 875 -7.93 31.75 16.17
C SER C 875 -6.78 31.14 16.99
N LEU C 876 -5.55 31.24 16.49
CA LEU C 876 -4.31 30.71 17.13
C LEU C 876 -4.04 31.49 18.43
N TYR C 877 -4.06 32.82 18.36
CA TYR C 877 -3.83 33.74 19.50
C TYR C 877 -4.95 33.54 20.54
N ALA C 878 -6.20 33.41 20.07
CA ALA C 878 -7.42 33.26 20.89
C ALA C 878 -7.31 32.03 21.79
N ILE C 879 -7.03 30.86 21.21
CA ILE C 879 -6.95 29.55 21.93
C ILE C 879 -5.73 29.59 22.86
N SER C 880 -4.58 30.06 22.37
CA SER C 880 -3.30 30.16 23.14
C SER C 880 -3.50 30.98 24.41
N LEU C 881 -4.28 32.07 24.34
CA LEU C 881 -4.58 32.96 25.49
C LEU C 881 -5.45 32.21 26.51
N ILE C 882 -6.52 31.56 26.04
CA ILE C 882 -7.48 30.80 26.89
C ILE C 882 -6.73 29.69 27.62
N VAL C 883 -5.88 28.94 26.91
CA VAL C 883 -5.12 27.77 27.45
C VAL C 883 -4.17 28.26 28.56
N VAL C 884 -3.45 29.36 28.35
CA VAL C 884 -2.50 29.95 29.33
C VAL C 884 -3.28 30.40 30.57
N PHE C 885 -4.45 31.03 30.37
CA PHE C 885 -5.35 31.53 31.45
C PHE C 885 -5.80 30.35 32.33
N LEU C 886 -6.31 29.28 31.69
CA LEU C 886 -6.87 28.09 32.39
C LEU C 886 -5.76 27.37 33.16
N CYS C 887 -4.56 27.26 32.57
CA CYS C 887 -3.35 26.63 33.19
C CYS C 887 -2.96 27.38 34.46
N LEU C 888 -3.04 28.72 34.43
CA LEU C 888 -2.72 29.61 35.60
C LEU C 888 -3.77 29.41 36.70
N ALA C 889 -5.06 29.38 36.32
CA ALA C 889 -6.21 29.21 37.22
C ALA C 889 -6.09 27.87 37.98
N ALA C 890 -5.69 26.81 37.29
CA ALA C 890 -5.55 25.43 37.84
C ALA C 890 -4.35 25.35 38.78
N LEU C 891 -3.21 25.95 38.38
CA LEU C 891 -1.92 25.88 39.12
C LEU C 891 -2.03 26.63 40.45
N TYR C 892 -2.59 27.85 40.43
CA TYR C 892 -2.60 28.79 41.58
C TYR C 892 -3.97 28.78 42.29
N GLU C 893 -4.91 27.97 41.82
CA GLU C 893 -6.27 27.82 42.42
C GLU C 893 -6.86 29.21 42.65
N SER C 894 -6.94 30.00 41.58
CA SER C 894 -7.40 31.42 41.60
C SER C 894 -7.98 31.81 40.24
N TRP C 895 -8.87 32.81 40.22
CA TRP C 895 -9.35 33.51 39.00
C TRP C 895 -8.67 34.88 38.92
N SER C 896 -8.48 35.55 40.07
CA SER C 896 -7.85 36.88 40.22
C SER C 896 -6.42 36.88 39.65
N ILE C 897 -5.59 35.90 40.04
CA ILE C 897 -4.16 35.79 39.63
C ILE C 897 -4.08 35.67 38.11
N PRO C 898 -4.77 34.70 37.47
CA PRO C 898 -4.78 34.61 36.01
C PRO C 898 -5.17 35.93 35.32
N PHE C 899 -6.30 36.54 35.72
CA PHE C 899 -6.84 37.81 35.16
C PHE C 899 -5.80 38.92 35.30
N SER C 900 -5.23 39.08 36.50
CA SER C 900 -4.16 40.06 36.83
C SER C 900 -2.96 39.88 35.91
N VAL C 901 -2.58 38.62 35.64
CA VAL C 901 -1.41 38.24 34.81
C VAL C 901 -1.74 38.47 33.33
N MET C 902 -2.84 37.90 32.84
CA MET C 902 -3.22 37.89 31.39
C MET C 902 -3.43 39.33 30.87
N LEU C 903 -3.56 40.31 31.75
CA LEU C 903 -3.69 41.76 31.39
C LEU C 903 -2.34 42.34 30.97
N VAL C 904 -1.24 41.62 31.22
CA VAL C 904 0.16 42.06 30.89
C VAL C 904 0.42 41.89 29.39
N VAL C 905 -0.35 41.01 28.72
CA VAL C 905 -0.10 40.56 27.32
C VAL C 905 0.02 41.76 26.39
N PRO C 906 -0.94 42.72 26.36
CA PRO C 906 -0.85 43.88 25.47
C PRO C 906 0.43 44.73 25.63
N LEU C 907 1.04 44.75 26.82
CA LEU C 907 2.28 45.51 27.12
C LEU C 907 3.44 44.94 26.29
N GLY C 908 3.46 43.62 26.10
CA GLY C 908 4.46 42.94 25.25
C GLY C 908 4.17 43.12 23.78
N VAL C 909 2.92 42.87 23.36
CA VAL C 909 2.50 42.80 21.92
C VAL C 909 2.78 44.14 21.24
N ILE C 910 2.59 45.27 21.93
CA ILE C 910 2.85 46.63 21.38
C ILE C 910 4.35 46.77 21.08
N GLY C 911 5.21 46.26 21.96
CA GLY C 911 6.68 46.28 21.80
C GLY C 911 7.13 45.50 20.58
N ALA C 912 6.46 44.37 20.31
CA ALA C 912 6.72 43.50 19.12
C ALA C 912 6.30 44.24 17.84
N LEU C 913 5.15 44.92 17.88
CA LEU C 913 4.59 45.69 16.74
C LEU C 913 5.45 46.92 16.47
N LEU C 914 5.93 47.60 17.52
CA LEU C 914 6.82 48.79 17.41
C LEU C 914 8.14 48.39 16.74
N ALA C 915 8.78 47.34 17.24
CA ALA C 915 10.06 46.80 16.72
C ALA C 915 9.91 46.44 15.24
N ALA C 916 8.84 45.71 14.89
CA ALA C 916 8.54 45.25 13.51
C ALA C 916 8.23 46.44 12.61
N THR C 917 7.46 47.42 13.11
CA THR C 917 6.98 48.61 12.35
C THR C 917 8.16 49.50 11.96
N PHE C 918 9.11 49.74 12.88
CA PHE C 918 10.25 50.67 12.70
C PHE C 918 11.40 49.99 11.95
N ARG C 919 11.52 48.66 12.06
CA ARG C 919 12.60 47.88 11.39
C ARG C 919 12.18 47.57 9.94
N GLY C 920 10.87 47.67 9.64
CA GLY C 920 10.32 47.49 8.28
C GLY C 920 10.00 46.04 7.98
N LEU C 921 9.67 45.26 9.01
CA LEU C 921 9.28 43.82 8.89
C LEU C 921 7.75 43.74 8.74
N THR C 922 7.24 42.55 8.41
CA THR C 922 5.80 42.30 8.10
C THR C 922 5.21 41.30 9.11
N ASN C 923 3.88 41.17 9.10
CA ASN C 923 3.12 40.19 9.91
C ASN C 923 3.20 38.83 9.20
N ASP C 924 4.33 38.13 9.35
CA ASP C 924 4.63 36.84 8.69
C ASP C 924 4.55 35.71 9.74
N VAL C 925 4.86 34.47 9.34
CA VAL C 925 4.76 33.24 10.18
C VAL C 925 5.68 33.40 11.40
N TYR C 926 6.88 33.96 11.19
CA TYR C 926 7.90 34.17 12.25
C TYR C 926 7.40 35.19 13.28
N PHE C 927 6.62 36.19 12.84
CA PHE C 927 5.99 37.20 13.72
C PHE C 927 4.86 36.54 14.53
N GLN C 928 4.09 35.64 13.90
CA GLN C 928 2.98 34.89 14.54
C GLN C 928 3.54 34.04 15.69
N VAL C 929 4.68 33.38 15.47
CA VAL C 929 5.43 32.61 16.51
C VAL C 929 5.96 33.60 17.55
N GLY C 930 6.42 34.77 17.11
CA GLY C 930 6.95 35.86 17.96
C GLY C 930 5.91 36.40 18.94
N LEU C 931 4.65 36.54 18.49
CA LEU C 931 3.54 37.06 19.32
C LEU C 931 3.14 36.03 20.38
N LEU C 932 3.14 34.74 20.03
CA LEU C 932 2.87 33.62 20.97
C LEU C 932 3.96 33.62 22.05
N THR C 933 5.22 33.76 21.64
CA THR C 933 6.40 33.88 22.55
C THR C 933 6.20 35.08 23.49
N THR C 934 5.76 36.22 22.94
CA THR C 934 5.55 37.50 23.66
C THR C 934 4.52 37.32 24.78
N ILE C 935 3.46 36.54 24.53
CA ILE C 935 2.38 36.24 25.53
C ILE C 935 3.04 35.55 26.74
N GLY C 936 3.89 34.55 26.49
CA GLY C 936 4.61 33.78 27.53
C GLY C 936 5.63 34.63 28.26
N LEU C 937 6.37 35.47 27.52
CA LEU C 937 7.40 36.40 28.06
C LEU C 937 6.76 37.38 29.05
N SER C 938 5.66 38.02 28.65
CA SER C 938 4.91 39.02 29.44
C SER C 938 4.31 38.36 30.69
N ALA C 939 3.71 37.19 30.53
CA ALA C 939 3.08 36.39 31.62
C ALA C 939 4.14 35.90 32.61
N LYS C 940 5.35 35.61 32.12
CA LYS C 940 6.50 35.13 32.93
C LYS C 940 6.92 36.24 33.91
N ASN C 941 7.04 37.48 33.44
CA ASN C 941 7.41 38.68 34.26
C ASN C 941 6.28 38.99 35.26
N ALA C 942 5.02 38.94 34.78
CA ALA C 942 3.80 39.21 35.58
C ALA C 942 3.70 38.21 36.74
N ILE C 943 3.93 36.92 36.47
CA ILE C 943 3.91 35.81 37.46
C ILE C 943 4.89 36.14 38.60
N LEU C 944 6.12 36.52 38.27
CA LEU C 944 7.23 36.73 39.24
C LEU C 944 6.81 37.74 40.33
N ILE C 945 5.97 38.73 39.98
CA ILE C 945 5.43 39.74 40.94
C ILE C 945 4.16 39.18 41.60
N VAL C 946 3.14 38.84 40.81
CA VAL C 946 1.77 38.47 41.27
C VAL C 946 1.83 37.22 42.16
N GLU C 947 2.52 36.17 41.73
CA GLU C 947 2.64 34.88 42.46
C GLU C 947 3.22 35.14 43.86
N PHE C 948 4.29 35.93 43.94
CA PHE C 948 5.05 36.23 45.18
C PHE C 948 4.20 37.11 46.11
N ALA C 949 3.48 38.08 45.54
CA ALA C 949 2.59 39.02 46.26
C ALA C 949 1.54 38.24 47.07
N LYS C 950 0.77 37.38 46.40
CA LYS C 950 -0.28 36.53 47.02
C LYS C 950 0.36 35.59 48.06
N ASP C 951 1.56 35.08 47.77
CA ASP C 951 2.30 34.13 48.64
C ASP C 951 2.64 34.81 49.97
N LEU C 952 3.05 36.08 49.93
CA LEU C 952 3.33 36.90 51.14
C LEU C 952 2.03 37.14 51.91
N MET C 953 0.95 37.52 51.22
CA MET C 953 -0.39 37.79 51.80
C MET C 953 -0.89 36.55 52.56
N ASP C 954 -0.69 35.35 51.99
CA ASP C 954 -1.14 34.07 52.57
C ASP C 954 -0.24 33.68 53.74
N LYS C 955 1.05 33.44 53.47
CA LYS C 955 2.02 32.81 54.41
C LYS C 955 2.37 33.78 55.55
N GLU C 956 2.64 35.05 55.22
CA GLU C 956 3.14 36.06 56.20
C GLU C 956 2.02 37.01 56.65
N GLY C 957 0.80 36.83 56.12
CA GLY C 957 -0.40 37.62 56.51
C GLY C 957 -0.20 39.11 56.31
N LYS C 958 0.46 39.51 55.21
CA LYS C 958 0.77 40.92 54.87
C LYS C 958 -0.40 41.53 54.09
N GLY C 959 -0.49 42.86 54.10
CA GLY C 959 -1.54 43.64 53.39
C GLY C 959 -1.34 43.59 51.88
N LEU C 960 -2.38 43.95 51.11
CA LEU C 960 -2.39 43.96 49.63
C LEU C 960 -1.23 44.82 49.11
N ILE C 961 -1.12 46.06 49.60
CA ILE C 961 -0.11 47.07 49.14
C ILE C 961 1.27 46.68 49.70
N GLU C 962 1.35 46.33 50.98
CA GLU C 962 2.62 45.95 51.66
C GLU C 962 3.25 44.75 50.94
N ALA C 963 2.43 43.76 50.56
CA ALA C 963 2.85 42.51 49.87
C ALA C 963 3.39 42.84 48.47
N THR C 964 2.64 43.64 47.70
CA THR C 964 3.00 44.08 46.32
C THR C 964 4.36 44.78 46.34
N LEU C 965 4.53 45.78 47.21
CA LEU C 965 5.76 46.60 47.33
C LEU C 965 6.93 45.72 47.77
N ASP C 966 6.70 44.76 48.67
CA ASP C 966 7.71 43.78 49.13
C ASP C 966 8.05 42.85 47.96
N ALA C 967 7.06 42.42 47.19
CA ALA C 967 7.19 41.47 46.06
C ALA C 967 8.09 42.08 44.97
N VAL C 968 7.81 43.32 44.56
CA VAL C 968 8.53 44.02 43.45
C VAL C 968 9.97 44.31 43.87
N ARG C 969 10.20 44.60 45.16
CA ARG C 969 11.55 44.91 45.72
C ARG C 969 12.47 43.69 45.55
N MET C 970 11.99 42.51 45.93
CA MET C 970 12.77 41.24 45.97
C MET C 970 12.84 40.62 44.56
N ARG C 971 12.02 41.07 43.61
CA ARG C 971 11.84 40.42 42.28
C ARG C 971 12.39 41.30 41.14
N LEU C 972 12.75 42.56 41.38
CA LEU C 972 13.30 43.44 40.31
C LEU C 972 14.58 42.82 39.74
N ARG C 973 15.51 42.40 40.61
CA ARG C 973 16.83 41.85 40.23
C ARG C 973 16.64 40.63 39.33
N PRO C 974 15.94 39.55 39.77
CA PRO C 974 15.75 38.36 38.94
C PRO C 974 14.96 38.62 37.65
N ILE C 975 13.99 39.55 37.68
CA ILE C 975 13.18 39.96 36.48
C ILE C 975 14.12 40.57 35.43
N LEU C 976 14.96 41.53 35.84
CA LEU C 976 15.89 42.26 34.93
C LEU C 976 17.02 41.31 34.47
N MET C 977 17.45 40.39 35.33
CA MET C 977 18.45 39.32 35.01
C MET C 977 17.91 38.46 33.86
N THR C 978 16.75 37.84 34.08
CA THR C 978 16.13 36.82 33.19
C THR C 978 15.61 37.47 31.90
N SER C 979 15.29 38.77 31.94
CA SER C 979 14.79 39.56 30.79
C SER C 979 15.94 39.96 29.87
N LEU C 980 17.05 40.46 30.43
CA LEU C 980 18.28 40.83 29.68
C LEU C 980 18.85 39.58 29.00
N ALA C 981 18.81 38.43 29.68
CA ALA C 981 19.25 37.11 29.18
C ALA C 981 18.58 36.84 27.83
N PHE C 982 17.25 37.02 27.75
CA PHE C 982 16.44 36.81 26.53
C PHE C 982 16.79 37.88 25.48
N ILE C 983 16.73 39.16 25.87
CA ILE C 983 16.92 40.34 24.96
C ILE C 983 18.29 40.23 24.29
N LEU C 984 19.35 40.01 25.07
CA LEU C 984 20.74 39.83 24.55
C LEU C 984 20.87 38.44 23.90
N GLY C 985 20.11 37.45 24.38
CA GLY C 985 20.07 36.08 23.83
C GLY C 985 19.59 36.05 22.38
N VAL C 986 18.60 36.89 22.03
CA VAL C 986 17.96 36.93 20.68
C VAL C 986 18.53 38.10 19.87
N MET C 987 19.46 38.88 20.42
CA MET C 987 20.09 40.03 19.71
C MET C 987 20.87 39.53 18.49
N PRO C 988 21.67 38.43 18.60
CA PRO C 988 22.37 37.87 17.45
C PRO C 988 21.48 37.68 16.21
N LEU C 989 20.23 37.25 16.41
CA LEU C 989 19.21 37.06 15.34
C LEU C 989 18.87 38.42 14.70
N VAL C 990 18.77 39.47 15.53
CA VAL C 990 18.32 40.84 15.12
C VAL C 990 19.40 41.49 14.24
N ILE C 991 20.67 41.40 14.64
CA ILE C 991 21.81 42.11 13.99
C ILE C 991 22.49 41.20 12.96
N SER C 992 21.91 40.03 12.67
CA SER C 992 22.41 39.05 11.66
C SER C 992 22.31 39.67 10.26
N THR C 993 23.38 39.56 9.47
CA THR C 993 23.47 40.01 8.05
C THR C 993 24.07 38.91 7.16
N GLY C 994 24.07 37.66 7.63
CA GLY C 994 24.63 36.50 6.91
C GLY C 994 23.63 35.90 5.95
N ALA C 995 23.93 34.73 5.39
CA ALA C 995 23.04 33.94 4.50
C ALA C 995 21.85 33.44 5.33
N GLY C 996 20.62 33.73 4.88
CA GLY C 996 19.38 33.34 5.56
C GLY C 996 19.09 34.21 6.78
N SER C 997 19.62 35.43 6.80
CA SER C 997 19.45 36.43 7.89
C SER C 997 18.02 36.99 7.88
N GLY C 998 17.37 37.00 6.70
CA GLY C 998 15.97 37.44 6.53
C GLY C 998 15.04 36.72 7.49
N ALA C 999 15.22 35.41 7.64
CA ALA C 999 14.47 34.54 8.59
C ALA C 999 14.86 34.89 10.04
N GLN C 1000 16.17 35.06 10.29
CA GLN C 1000 16.73 35.37 11.63
C GLN C 1000 16.20 36.73 12.11
N ASN C 1001 16.26 37.75 11.26
CA ASN C 1001 15.80 39.14 11.55
C ASN C 1001 14.31 39.11 11.92
N ALA C 1002 13.50 38.37 11.14
CA ALA C 1002 12.03 38.23 11.33
C ALA C 1002 11.73 37.59 12.69
N VAL C 1003 12.46 36.52 13.04
CA VAL C 1003 12.27 35.73 14.30
C VAL C 1003 12.66 36.59 15.50
N GLY C 1004 13.85 37.20 15.48
CA GLY C 1004 14.48 37.88 16.62
C GLY C 1004 13.82 39.20 16.97
N THR C 1005 13.53 40.03 15.96
CA THR C 1005 13.13 41.46 16.12
C THR C 1005 11.91 41.59 17.02
N GLY C 1006 10.79 40.95 16.65
CA GLY C 1006 9.49 41.05 17.34
C GLY C 1006 9.58 40.70 18.82
N VAL C 1007 10.15 39.53 19.13
CA VAL C 1007 10.26 39.00 20.52
C VAL C 1007 11.20 39.88 21.35
N MET C 1008 12.26 40.43 20.73
CA MET C 1008 13.24 41.31 21.42
C MET C 1008 12.52 42.57 21.91
N GLY C 1009 11.84 43.29 20.99
CA GLY C 1009 11.01 44.47 21.30
C GLY C 1009 9.85 44.10 22.21
N GLY C 1010 9.32 42.88 22.05
CA GLY C 1010 8.25 42.32 22.90
C GLY C 1010 8.68 42.23 24.36
N MET C 1011 9.88 41.70 24.61
CA MET C 1011 10.44 41.49 25.98
C MET C 1011 10.83 42.84 26.60
N VAL C 1012 11.32 43.78 25.78
CA VAL C 1012 11.73 45.15 26.22
C VAL C 1012 10.54 45.82 26.94
N THR C 1013 9.43 46.00 26.23
CA THR C 1013 8.20 46.66 26.76
C THR C 1013 7.55 45.77 27.83
N ALA C 1014 7.68 44.44 27.69
CA ALA C 1014 7.12 43.43 28.63
C ALA C 1014 7.97 43.37 29.91
N THR C 1015 9.09 44.11 29.96
CA THR C 1015 9.92 44.31 31.17
C THR C 1015 9.68 45.72 31.72
N VAL C 1016 9.93 46.75 30.89
CA VAL C 1016 9.92 48.18 31.28
C VAL C 1016 8.52 48.57 31.79
N LEU C 1017 7.46 48.28 31.01
CA LEU C 1017 6.06 48.64 31.36
C LEU C 1017 5.54 47.70 32.46
N ALA C 1018 5.81 46.40 32.35
CA ALA C 1018 5.25 45.33 33.22
C ALA C 1018 5.52 45.65 34.69
N ILE C 1019 6.80 45.90 35.05
CA ILE C 1019 7.26 46.12 36.46
C ILE C 1019 6.46 47.27 37.11
N PHE C 1020 5.87 48.17 36.31
CA PHE C 1020 5.05 49.32 36.78
C PHE C 1020 3.56 48.99 36.73
N PHE C 1021 3.11 48.31 35.66
CA PHE C 1021 1.67 48.08 35.36
C PHE C 1021 1.14 46.82 36.06
N VAL C 1022 1.99 45.80 36.26
CA VAL C 1022 1.61 44.51 36.92
C VAL C 1022 1.12 44.80 38.34
N PRO C 1023 1.88 45.55 39.18
CA PRO C 1023 1.38 45.98 40.48
C PRO C 1023 -0.02 46.62 40.46
N VAL C 1024 -0.29 47.46 39.47
CA VAL C 1024 -1.58 48.19 39.30
C VAL C 1024 -2.70 47.17 39.06
N PHE C 1025 -2.51 46.25 38.10
CA PHE C 1025 -3.48 45.20 37.71
C PHE C 1025 -3.87 44.38 38.95
N PHE C 1026 -2.88 43.79 39.62
CA PHE C 1026 -3.02 42.91 40.80
C PHE C 1026 -3.84 43.63 41.88
N VAL C 1027 -3.40 44.82 42.29
CA VAL C 1027 -4.02 45.64 43.38
C VAL C 1027 -5.45 46.01 42.99
N VAL C 1028 -5.68 46.48 41.76
CA VAL C 1028 -7.01 46.90 41.25
C VAL C 1028 -7.94 45.68 41.20
N VAL C 1029 -7.49 44.57 40.60
CA VAL C 1029 -8.29 43.32 40.41
C VAL C 1029 -8.64 42.72 41.78
N ARG C 1030 -7.68 42.69 42.71
CA ARG C 1030 -7.88 42.17 44.09
C ARG C 1030 -8.93 43.01 44.81
N ARG C 1031 -8.75 44.34 44.84
CA ARG C 1031 -9.66 45.30 45.51
C ARG C 1031 -11.09 45.14 45.00
N ARG C 1032 -11.27 44.89 43.69
CA ARG C 1032 -12.59 44.91 43.00
C ARG C 1032 -13.22 43.51 42.95
N PHE C 1033 -12.43 42.44 43.09
CA PHE C 1033 -12.90 41.03 43.01
C PHE C 1033 -12.25 40.16 44.09
N SER C 1034 -12.20 40.66 45.34
CA SER C 1034 -11.77 39.90 46.54
C SER C 1034 -12.33 40.57 47.81
N GLY D 11 -51.94 -19.95 -26.50
CA GLY D 11 -51.23 -19.83 -25.19
C GLY D 11 -52.21 -19.83 -24.02
N SER D 12 -52.17 -20.87 -23.19
CA SER D 12 -53.05 -21.07 -22.01
C SER D 12 -52.21 -21.18 -20.73
N ASP D 13 -52.86 -21.11 -19.56
CA ASP D 13 -52.22 -21.14 -18.22
C ASP D 13 -51.54 -22.50 -18.00
N LEU D 14 -52.27 -23.59 -18.22
CA LEU D 14 -51.76 -24.99 -18.07
C LEU D 14 -50.74 -25.31 -19.16
N GLY D 15 -50.95 -24.78 -20.37
CA GLY D 15 -50.04 -24.94 -21.53
C GLY D 15 -48.62 -24.52 -21.20
N LYS D 16 -48.46 -23.38 -20.52
CA LYS D 16 -47.14 -22.79 -20.13
C LYS D 16 -46.53 -23.64 -19.00
N LYS D 17 -47.36 -24.16 -18.09
CA LYS D 17 -46.93 -24.99 -16.93
C LYS D 17 -46.43 -26.35 -17.41
N LEU D 18 -47.07 -26.92 -18.44
CA LEU D 18 -46.68 -28.23 -19.04
C LEU D 18 -45.31 -28.07 -19.73
N LEU D 19 -45.12 -26.97 -20.47
CA LEU D 19 -43.82 -26.61 -21.12
C LEU D 19 -42.73 -26.55 -20.05
N GLU D 20 -42.99 -25.91 -18.91
CA GLU D 20 -42.04 -25.73 -17.78
C GLU D 20 -41.79 -27.09 -17.11
N ALA D 21 -42.84 -27.90 -16.92
CA ALA D 21 -42.79 -29.22 -16.24
C ALA D 21 -42.06 -30.24 -17.12
N ALA D 22 -42.44 -30.33 -18.40
CA ALA D 22 -41.86 -31.26 -19.41
C ALA D 22 -40.35 -31.04 -19.52
N ARG D 23 -39.91 -29.78 -19.44
CA ARG D 23 -38.48 -29.36 -19.54
C ARG D 23 -37.74 -29.80 -18.27
N ALA D 24 -38.27 -29.44 -17.09
CA ALA D 24 -37.66 -29.70 -15.76
C ALA D 24 -37.62 -31.19 -15.47
N GLY D 25 -38.57 -31.96 -16.01
CA GLY D 25 -38.67 -33.43 -15.84
C GLY D 25 -39.47 -33.80 -14.60
N ARG D 26 -40.45 -32.97 -14.23
CA ARG D 26 -41.35 -33.20 -13.07
C ARG D 26 -42.49 -34.12 -13.51
N ASP D 27 -42.22 -35.43 -13.53
CA ASP D 27 -43.14 -36.49 -14.06
C ASP D 27 -44.50 -36.42 -13.36
N ASP D 28 -44.51 -36.26 -12.04
CA ASP D 28 -45.74 -36.26 -11.20
C ASP D 28 -46.58 -35.02 -11.49
N GLU D 29 -45.94 -33.87 -11.75
CA GLU D 29 -46.63 -32.61 -12.14
C GLU D 29 -47.19 -32.74 -13.56
N VAL D 30 -46.42 -33.35 -14.46
CA VAL D 30 -46.83 -33.62 -15.88
C VAL D 30 -48.10 -34.48 -15.86
N ARG D 31 -48.11 -35.53 -15.03
CA ARG D 31 -49.24 -36.50 -14.90
C ARG D 31 -50.50 -35.79 -14.41
N ILE D 32 -50.38 -34.90 -13.41
CA ILE D 32 -51.51 -34.12 -12.83
C ILE D 32 -52.05 -33.18 -13.92
N LEU D 33 -51.17 -32.62 -14.75
CA LEU D 33 -51.52 -31.68 -15.84
C LEU D 33 -52.16 -32.44 -17.02
N MET D 34 -51.74 -33.69 -17.25
CA MET D 34 -52.34 -34.57 -18.30
C MET D 34 -53.76 -34.97 -17.90
N ALA D 35 -54.05 -35.03 -16.59
CA ALA D 35 -55.37 -35.34 -16.02
C ALA D 35 -56.30 -34.13 -16.12
N ASN D 36 -55.76 -32.92 -15.89
CA ASN D 36 -56.51 -31.64 -15.90
C ASN D 36 -56.79 -31.17 -17.34
N GLY D 37 -56.10 -31.75 -18.33
CA GLY D 37 -56.31 -31.47 -19.75
C GLY D 37 -55.46 -30.32 -20.25
N ALA D 38 -54.18 -30.28 -19.83
CA ALA D 38 -53.17 -29.29 -20.28
C ALA D 38 -52.86 -29.54 -21.77
N ASP D 39 -52.64 -28.46 -22.53
CA ASP D 39 -52.47 -28.49 -24.00
C ASP D 39 -51.12 -29.12 -24.35
N VAL D 40 -51.15 -30.29 -25.00
CA VAL D 40 -49.93 -31.04 -25.45
C VAL D 40 -49.32 -30.36 -26.68
N ASN D 41 -50.10 -29.52 -27.38
CA ASN D 41 -49.65 -28.76 -28.58
C ASN D 41 -49.27 -27.33 -28.17
N ALA D 42 -49.13 -27.07 -26.86
CA ALA D 42 -48.64 -25.80 -26.29
C ALA D 42 -47.21 -25.55 -26.76
N ALA D 43 -47.00 -24.52 -27.59
CA ALA D 43 -45.67 -24.14 -28.14
C ALA D 43 -45.25 -22.78 -27.57
N ASP D 44 -43.95 -22.60 -27.33
CA ASP D 44 -43.34 -21.32 -26.90
C ASP D 44 -43.05 -20.48 -28.16
N VAL D 45 -42.31 -19.38 -28.01
CA VAL D 45 -42.07 -18.36 -29.08
C VAL D 45 -41.21 -18.96 -30.21
N VAL D 46 -40.39 -19.98 -29.91
CA VAL D 46 -39.48 -20.63 -30.90
C VAL D 46 -40.19 -21.81 -31.58
N GLY D 47 -41.32 -22.27 -31.03
CA GLY D 47 -42.17 -23.32 -31.61
C GLY D 47 -41.90 -24.69 -31.03
N TRP D 48 -41.41 -24.75 -29.79
CA TRP D 48 -41.06 -26.01 -29.05
C TRP D 48 -42.25 -26.44 -28.19
N THR D 49 -42.79 -27.63 -28.46
CA THR D 49 -43.88 -28.29 -27.68
C THR D 49 -43.25 -29.03 -26.50
N PRO D 50 -44.05 -29.47 -25.50
CA PRO D 50 -43.52 -30.26 -24.38
C PRO D 50 -42.68 -31.47 -24.82
N LEU D 51 -43.04 -32.07 -25.96
CA LEU D 51 -42.32 -33.25 -26.55
C LEU D 51 -40.94 -32.79 -27.04
N HIS D 52 -40.86 -31.66 -27.75
CA HIS D 52 -39.59 -31.00 -28.15
C HIS D 52 -38.68 -30.87 -26.93
N LEU D 53 -39.19 -30.23 -25.87
CA LEU D 53 -38.46 -29.94 -24.61
C LEU D 53 -38.02 -31.25 -23.94
N ALA D 54 -38.93 -32.23 -23.83
CA ALA D 54 -38.69 -33.54 -23.18
C ALA D 54 -37.63 -34.33 -23.95
N ALA D 55 -37.66 -34.27 -25.28
CA ALA D 55 -36.73 -34.99 -26.19
C ALA D 55 -35.33 -34.37 -26.12
N TYR D 56 -35.26 -33.06 -25.86
CA TYR D 56 -33.99 -32.28 -25.77
C TYR D 56 -33.27 -32.60 -24.46
N TRP D 57 -33.98 -32.52 -23.33
CA TRP D 57 -33.44 -32.67 -21.96
C TRP D 57 -33.33 -34.14 -21.55
N GLY D 58 -33.87 -35.06 -22.36
CA GLY D 58 -33.73 -36.52 -22.16
C GLY D 58 -34.61 -37.02 -21.04
N HIS D 59 -35.90 -36.65 -21.05
CA HIS D 59 -36.93 -37.07 -20.06
C HIS D 59 -37.85 -38.13 -20.71
N LEU D 60 -37.42 -39.40 -20.67
CA LEU D 60 -38.05 -40.55 -21.36
C LEU D 60 -39.50 -40.76 -20.86
N GLU D 61 -39.69 -40.84 -19.54
CA GLU D 61 -40.98 -41.18 -18.90
C GLU D 61 -42.05 -40.18 -19.34
N ILE D 62 -41.68 -38.90 -19.51
CA ILE D 62 -42.59 -37.79 -19.92
C ILE D 62 -42.87 -37.90 -21.43
N VAL D 63 -41.84 -38.17 -22.25
CA VAL D 63 -41.97 -38.37 -23.72
C VAL D 63 -43.08 -39.39 -23.98
N GLU D 64 -43.05 -40.51 -23.25
CA GLU D 64 -44.02 -41.63 -23.37
C GLU D 64 -45.42 -41.15 -22.96
N VAL D 65 -45.52 -40.41 -21.85
CA VAL D 65 -46.80 -39.89 -21.27
C VAL D 65 -47.45 -38.91 -22.25
N LEU D 66 -46.66 -38.08 -22.93
CA LEU D 66 -47.15 -37.04 -23.88
C LEU D 66 -47.74 -37.71 -25.13
N LEU D 67 -47.04 -38.69 -25.70
CA LEU D 67 -47.45 -39.42 -26.93
C LEU D 67 -48.75 -40.20 -26.66
N LYS D 68 -48.89 -40.78 -25.47
CA LYS D 68 -50.15 -41.43 -24.98
C LYS D 68 -51.30 -40.41 -24.99
N ASN D 69 -51.00 -39.14 -24.66
CA ASN D 69 -51.99 -38.04 -24.52
C ASN D 69 -52.05 -37.22 -25.83
N GLY D 70 -51.92 -37.87 -26.98
CA GLY D 70 -52.18 -37.29 -28.31
C GLY D 70 -51.26 -36.13 -28.65
N ALA D 71 -49.98 -36.21 -28.27
CA ALA D 71 -48.93 -35.22 -28.60
C ALA D 71 -48.46 -35.46 -30.04
N ASP D 72 -48.32 -34.40 -30.83
CA ASP D 72 -47.85 -34.44 -32.24
C ASP D 72 -46.37 -34.84 -32.25
N VAL D 73 -46.07 -36.07 -32.70
CA VAL D 73 -44.70 -36.66 -32.72
C VAL D 73 -43.86 -35.96 -33.80
N ASN D 74 -44.51 -35.47 -34.86
CA ASN D 74 -43.86 -34.80 -36.02
C ASN D 74 -44.13 -33.28 -35.98
N ALA D 75 -44.26 -32.71 -34.77
CA ALA D 75 -44.32 -31.25 -34.54
C ALA D 75 -42.96 -30.65 -34.93
N TYR D 76 -42.96 -29.50 -35.60
CA TYR D 76 -41.73 -28.80 -36.07
C TYR D 76 -41.73 -27.36 -35.54
N ASP D 77 -40.55 -26.86 -35.18
CA ASP D 77 -40.33 -25.49 -34.64
C ASP D 77 -40.30 -24.50 -35.81
N THR D 78 -39.94 -23.23 -35.55
CA THR D 78 -39.93 -22.13 -36.56
C THR D 78 -38.78 -22.31 -37.56
N LEU D 79 -37.86 -23.25 -37.30
CA LEU D 79 -36.72 -23.59 -38.21
C LEU D 79 -36.84 -25.04 -38.71
N GLY D 80 -37.94 -25.73 -38.41
CA GLY D 80 -38.31 -27.02 -39.03
C GLY D 80 -37.78 -28.23 -38.28
N SER D 81 -37.18 -28.05 -37.11
CA SER D 81 -36.61 -29.13 -36.25
C SER D 81 -37.73 -29.83 -35.47
N THR D 82 -37.68 -31.16 -35.38
CA THR D 82 -38.69 -32.04 -34.72
C THR D 82 -38.08 -32.65 -33.47
N PRO D 83 -38.89 -33.24 -32.55
CA PRO D 83 -38.35 -33.90 -31.36
C PRO D 83 -37.30 -34.98 -31.65
N LEU D 84 -37.46 -35.71 -32.76
CA LEU D 84 -36.53 -36.79 -33.20
C LEU D 84 -35.15 -36.18 -33.51
N HIS D 85 -35.12 -35.06 -34.23
CA HIS D 85 -33.89 -34.26 -34.51
C HIS D 85 -33.11 -34.05 -33.21
N LEU D 86 -33.80 -33.60 -32.15
CA LEU D 86 -33.19 -33.23 -30.85
C LEU D 86 -32.69 -34.49 -30.14
N ALA D 87 -33.55 -35.49 -29.96
CA ALA D 87 -33.27 -36.77 -29.27
C ALA D 87 -32.07 -37.47 -29.95
N ALA D 88 -32.05 -37.49 -31.28
CA ALA D 88 -31.00 -38.11 -32.12
C ALA D 88 -29.68 -37.34 -31.95
N HIS D 89 -29.75 -35.99 -31.90
CA HIS D 89 -28.58 -35.08 -31.84
C HIS D 89 -27.92 -35.15 -30.46
N PHE D 90 -28.71 -35.33 -29.38
CA PHE D 90 -28.25 -35.26 -27.97
C PHE D 90 -28.11 -36.67 -27.37
N GLY D 91 -28.11 -37.71 -28.22
CA GLY D 91 -27.74 -39.09 -27.85
C GLY D 91 -28.72 -39.72 -26.88
N HIS D 92 -30.03 -39.53 -27.10
CA HIS D 92 -31.13 -40.10 -26.27
C HIS D 92 -31.74 -41.31 -27.01
N LEU D 93 -31.01 -42.43 -27.00
CA LEU D 93 -31.34 -43.69 -27.72
C LEU D 93 -32.76 -44.14 -27.35
N GLU D 94 -33.06 -44.21 -26.05
CA GLU D 94 -34.34 -44.73 -25.50
C GLU D 94 -35.52 -43.91 -26.07
N ILE D 95 -35.37 -42.58 -26.11
CA ILE D 95 -36.41 -41.62 -26.60
C ILE D 95 -36.53 -41.74 -28.12
N VAL D 96 -35.40 -41.84 -28.83
CA VAL D 96 -35.35 -41.97 -30.32
C VAL D 96 -36.21 -43.18 -30.74
N GLU D 97 -36.07 -44.32 -30.05
CA GLU D 97 -36.82 -45.57 -30.32
C GLU D 97 -38.32 -45.32 -30.13
N VAL D 98 -38.70 -44.78 -28.98
CA VAL D 98 -40.13 -44.49 -28.58
C VAL D 98 -40.77 -43.59 -29.64
N LEU D 99 -40.04 -42.58 -30.13
CA LEU D 99 -40.53 -41.61 -31.15
C LEU D 99 -40.78 -42.33 -32.47
N LEU D 100 -39.79 -43.10 -32.97
CA LEU D 100 -39.86 -43.87 -34.23
C LEU D 100 -40.97 -44.94 -34.13
N LYS D 101 -41.13 -45.52 -32.94
CA LYS D 101 -42.20 -46.51 -32.62
C LYS D 101 -43.58 -45.86 -32.75
N ASN D 102 -43.69 -44.58 -32.39
CA ASN D 102 -44.97 -43.81 -32.35
C ASN D 102 -45.12 -42.96 -33.63
N GLY D 103 -44.38 -43.29 -34.68
CA GLY D 103 -44.60 -42.75 -36.05
C GLY D 103 -43.85 -41.45 -36.31
N ALA D 104 -42.64 -41.31 -35.74
CA ALA D 104 -41.75 -40.15 -35.99
C ALA D 104 -41.14 -40.29 -37.39
N ASP D 105 -41.32 -39.28 -38.24
CA ASP D 105 -40.75 -39.23 -39.63
C ASP D 105 -39.22 -39.25 -39.52
N VAL D 106 -38.60 -40.36 -39.93
CA VAL D 106 -37.14 -40.61 -39.76
C VAL D 106 -36.35 -39.78 -40.78
N ASN D 107 -36.97 -39.41 -41.90
CA ASN D 107 -36.36 -38.60 -42.99
C ASN D 107 -36.85 -37.15 -42.92
N ALA D 108 -37.26 -36.70 -41.73
CA ALA D 108 -37.72 -35.32 -41.46
C ALA D 108 -36.56 -34.34 -41.73
N LYS D 109 -36.78 -33.34 -42.58
CA LYS D 109 -35.80 -32.28 -42.92
C LYS D 109 -36.20 -30.98 -42.20
N ASP D 110 -35.22 -30.27 -41.63
CA ASP D 110 -35.38 -28.88 -41.13
C ASP D 110 -35.20 -27.93 -42.32
N ASP D 111 -35.17 -26.62 -42.07
CA ASP D 111 -35.06 -25.57 -43.12
C ASP D 111 -33.68 -25.65 -43.80
N ASN D 112 -32.68 -26.24 -43.12
CA ASN D 112 -31.29 -26.39 -43.63
C ASN D 112 -31.17 -27.68 -44.44
N GLY D 113 -32.20 -28.54 -44.43
CA GLY D 113 -32.20 -29.86 -45.10
C GLY D 113 -31.52 -30.92 -44.24
N ILE D 114 -31.24 -30.60 -42.98
CA ILE D 114 -30.55 -31.51 -42.00
C ILE D 114 -31.58 -32.48 -41.43
N THR D 115 -31.22 -33.78 -41.35
CA THR D 115 -32.08 -34.89 -40.90
C THR D 115 -31.60 -35.38 -39.53
N PRO D 116 -32.42 -36.18 -38.80
CA PRO D 116 -31.96 -36.81 -37.55
C PRO D 116 -30.69 -37.65 -37.73
N LEU D 117 -30.50 -38.26 -38.90
CA LEU D 117 -29.31 -39.11 -39.22
C LEU D 117 -28.06 -38.24 -39.28
N HIS D 118 -28.11 -37.11 -40.00
CA HIS D 118 -27.02 -36.10 -40.09
C HIS D 118 -26.54 -35.73 -38.69
N LEU D 119 -27.47 -35.36 -37.81
CA LEU D 119 -27.19 -34.88 -36.43
C LEU D 119 -26.64 -36.02 -35.57
N ALA D 120 -27.23 -37.21 -35.68
CA ALA D 120 -26.81 -38.44 -34.96
C ALA D 120 -25.36 -38.77 -35.34
N ALA D 121 -25.05 -38.76 -36.64
CA ALA D 121 -23.72 -39.04 -37.22
C ALA D 121 -22.70 -37.98 -36.77
N ASN D 122 -23.12 -36.71 -36.73
CA ASN D 122 -22.24 -35.53 -36.46
C ASN D 122 -21.63 -35.64 -35.06
N ARG D 123 -22.36 -36.22 -34.10
CA ARG D 123 -21.92 -36.37 -32.68
C ARG D 123 -21.58 -37.84 -32.37
N GLY D 124 -21.46 -38.68 -33.41
CA GLY D 124 -20.95 -40.06 -33.31
C GLY D 124 -21.78 -40.94 -32.40
N HIS D 125 -23.11 -40.85 -32.50
CA HIS D 125 -24.09 -41.70 -31.75
C HIS D 125 -24.37 -42.96 -32.56
N LEU D 126 -23.52 -43.99 -32.40
CA LEU D 126 -23.47 -45.21 -33.25
C LEU D 126 -24.78 -46.00 -33.15
N GLU D 127 -25.26 -46.25 -31.92
CA GLU D 127 -26.50 -47.02 -31.65
C GLU D 127 -27.69 -46.34 -32.32
N ILE D 128 -27.79 -45.01 -32.17
CA ILE D 128 -28.89 -44.18 -32.73
C ILE D 128 -28.89 -44.28 -34.25
N VAL D 129 -27.71 -44.14 -34.88
CA VAL D 129 -27.54 -44.24 -36.37
C VAL D 129 -28.11 -45.59 -36.83
N GLU D 130 -27.82 -46.67 -36.10
CA GLU D 130 -28.28 -48.05 -36.42
C GLU D 130 -29.81 -48.13 -36.29
N VAL D 131 -30.37 -47.56 -35.22
CA VAL D 131 -31.85 -47.52 -34.97
C VAL D 131 -32.51 -46.77 -36.14
N LEU D 132 -31.98 -45.61 -36.53
CA LEU D 132 -32.52 -44.75 -37.61
C LEU D 132 -32.51 -45.51 -38.93
N LEU D 133 -31.36 -46.10 -39.29
CA LEU D 133 -31.17 -46.88 -40.55
C LEU D 133 -32.13 -48.07 -40.57
N LYS D 134 -32.39 -48.67 -39.41
CA LYS D 134 -33.31 -49.83 -39.22
C LYS D 134 -34.74 -49.42 -39.64
N TYR D 135 -35.13 -48.18 -39.32
CA TYR D 135 -36.48 -47.62 -39.57
C TYR D 135 -36.56 -46.95 -40.95
N GLY D 136 -35.51 -47.08 -41.77
CA GLY D 136 -35.49 -46.63 -43.18
C GLY D 136 -35.03 -45.20 -43.32
N ALA D 137 -33.99 -44.80 -42.57
CA ALA D 137 -33.33 -43.48 -42.67
C ALA D 137 -32.55 -43.42 -43.98
N ASP D 138 -32.91 -42.50 -44.87
CA ASP D 138 -32.25 -42.28 -46.19
C ASP D 138 -30.78 -41.91 -45.93
N VAL D 139 -29.87 -42.88 -46.13
CA VAL D 139 -28.40 -42.73 -45.88
C VAL D 139 -27.81 -41.80 -46.95
N ASN D 140 -28.44 -41.73 -48.13
CA ASN D 140 -28.00 -40.89 -49.27
C ASN D 140 -28.63 -39.49 -49.18
N ALA D 141 -29.31 -39.17 -48.08
CA ALA D 141 -29.94 -37.86 -47.82
C ALA D 141 -28.85 -36.78 -47.68
N GLN D 142 -28.98 -35.69 -48.43
CA GLN D 142 -28.05 -34.52 -48.42
C GLN D 142 -28.74 -33.33 -47.75
N ASP D 143 -27.96 -32.39 -47.22
CA ASP D 143 -28.44 -31.10 -46.66
C ASP D 143 -28.32 -30.02 -47.74
N LYS D 144 -28.42 -28.74 -47.37
CA LYS D 144 -28.38 -27.59 -48.30
C LYS D 144 -26.99 -27.46 -48.95
N PHE D 145 -25.95 -28.03 -48.32
CA PHE D 145 -24.54 -28.01 -48.79
C PHE D 145 -24.20 -29.30 -49.56
N GLY D 146 -25.18 -30.16 -49.79
CA GLY D 146 -25.01 -31.43 -50.53
C GLY D 146 -24.20 -32.45 -49.74
N LYS D 147 -24.22 -32.36 -48.41
CA LYS D 147 -23.42 -33.21 -47.48
C LYS D 147 -24.30 -34.35 -46.94
N THR D 148 -23.81 -35.59 -47.02
CA THR D 148 -24.46 -36.81 -46.47
C THR D 148 -23.93 -37.07 -45.06
N ALA D 149 -24.50 -38.06 -44.37
CA ALA D 149 -24.07 -38.51 -43.03
C ALA D 149 -22.69 -39.17 -43.12
N PHE D 150 -22.36 -39.74 -44.29
CA PHE D 150 -21.05 -40.35 -44.61
C PHE D 150 -19.98 -39.25 -44.75
N ASP D 151 -20.33 -38.15 -45.43
CA ASP D 151 -19.44 -36.98 -45.63
C ASP D 151 -19.08 -36.36 -44.28
N ILE D 152 -20.00 -36.42 -43.31
CA ILE D 152 -19.82 -35.90 -41.92
C ILE D 152 -18.83 -36.81 -41.18
N SER D 153 -18.94 -38.13 -41.35
CA SER D 153 -18.14 -39.16 -40.63
C SER D 153 -16.67 -39.07 -41.06
N ILE D 154 -16.40 -38.98 -42.36
CA ILE D 154 -15.01 -38.90 -42.94
C ILE D 154 -14.38 -37.55 -42.57
N ASN D 155 -15.18 -36.48 -42.49
CA ASN D 155 -14.71 -35.11 -42.12
C ASN D 155 -14.37 -35.08 -40.62
N ASN D 156 -15.22 -35.68 -39.78
CA ASN D 156 -14.99 -35.83 -38.32
C ASN D 156 -13.89 -36.87 -38.08
N GLY D 157 -13.66 -37.77 -39.05
CA GLY D 157 -12.65 -38.83 -38.98
C GLY D 157 -13.09 -39.98 -38.09
N ASN D 158 -14.40 -40.23 -38.03
CA ASN D 158 -15.02 -41.30 -37.19
C ASN D 158 -14.88 -42.62 -37.95
N GLU D 159 -13.98 -43.49 -37.48
CA GLU D 159 -13.62 -44.77 -38.13
C GLU D 159 -14.81 -45.74 -38.08
N ASP D 160 -15.37 -45.94 -36.87
CA ASP D 160 -16.49 -46.89 -36.61
C ASP D 160 -17.74 -46.46 -37.40
N LEU D 161 -18.14 -45.19 -37.27
CA LEU D 161 -19.33 -44.60 -37.92
C LEU D 161 -19.23 -44.74 -39.45
N ALA D 162 -18.04 -44.45 -40.01
CA ALA D 162 -17.75 -44.52 -41.46
C ALA D 162 -18.01 -45.94 -41.97
N GLU D 163 -17.72 -46.96 -41.15
CA GLU D 163 -17.93 -48.40 -41.48
C GLU D 163 -19.42 -48.72 -41.52
N ILE D 164 -20.21 -48.17 -40.58
CA ILE D 164 -21.68 -48.44 -40.43
C ILE D 164 -22.43 -47.85 -41.64
N LEU D 165 -22.03 -46.65 -42.09
CA LEU D 165 -22.71 -45.90 -43.19
C LEU D 165 -22.13 -46.31 -44.56
N GLN D 166 -21.22 -47.30 -44.59
CA GLN D 166 -20.54 -47.77 -45.82
C GLN D 166 -21.52 -48.54 -46.71
N LYS D 167 -22.59 -49.08 -46.12
CA LYS D 167 -23.72 -49.77 -46.81
C LYS D 167 -23.81 -49.32 -48.27
N ASP E 13 37.52 -37.40 -24.91
CA ASP E 13 37.89 -37.15 -23.47
C ASP E 13 39.18 -36.33 -23.41
N LEU E 14 40.30 -36.91 -23.88
CA LEU E 14 41.61 -36.22 -24.00
C LEU E 14 41.55 -35.21 -25.15
N GLY E 15 40.87 -35.58 -26.25
CA GLY E 15 40.55 -34.67 -27.36
C GLY E 15 39.52 -33.62 -26.94
N LYS E 16 38.61 -33.99 -26.04
CA LYS E 16 37.58 -33.09 -25.44
C LYS E 16 38.27 -32.10 -24.49
N LYS E 17 39.24 -32.57 -23.69
CA LYS E 17 40.03 -31.75 -22.74
C LYS E 17 40.87 -30.74 -23.54
N LEU E 18 41.37 -31.16 -24.71
CA LEU E 18 42.20 -30.32 -25.63
C LEU E 18 41.34 -29.18 -26.19
N LEU E 19 40.15 -29.50 -26.71
CA LEU E 19 39.18 -28.53 -27.28
C LEU E 19 38.95 -27.38 -26.28
N GLU E 20 38.72 -27.73 -25.01
CA GLU E 20 38.46 -26.75 -23.90
C GLU E 20 39.70 -25.90 -23.65
N ALA E 21 40.90 -26.51 -23.70
CA ALA E 21 42.20 -25.86 -23.47
C ALA E 21 42.51 -24.88 -24.62
N ALA E 22 42.30 -25.31 -25.86
CA ALA E 22 42.52 -24.51 -27.09
C ALA E 22 41.60 -23.29 -27.10
N ARG E 23 40.40 -23.42 -26.56
CA ARG E 23 39.38 -22.33 -26.48
C ARG E 23 39.82 -21.31 -25.41
N ALA E 24 40.04 -21.77 -24.19
CA ALA E 24 40.41 -20.95 -23.01
C ALA E 24 41.78 -20.29 -23.23
N GLY E 25 42.58 -20.81 -24.17
CA GLY E 25 43.90 -20.26 -24.53
C GLY E 25 44.97 -20.69 -23.55
N ARG E 26 44.79 -21.85 -22.91
CA ARG E 26 45.74 -22.42 -21.91
C ARG E 26 46.92 -23.03 -22.67
N ASP E 27 48.06 -22.32 -22.70
CA ASP E 27 49.23 -22.63 -23.57
C ASP E 27 49.90 -23.93 -23.12
N ASP E 28 50.22 -24.05 -21.82
CA ASP E 28 50.90 -25.24 -21.23
C ASP E 28 49.98 -26.46 -21.35
N GLU E 29 48.71 -26.30 -20.98
CA GLU E 29 47.67 -27.38 -21.00
C GLU E 29 47.62 -28.04 -22.39
N VAL E 30 47.65 -27.24 -23.47
CA VAL E 30 47.66 -27.73 -24.88
C VAL E 30 48.89 -28.63 -25.08
N ARG E 31 50.09 -28.10 -24.76
CA ARG E 31 51.39 -28.80 -24.89
C ARG E 31 51.40 -30.09 -24.05
N ILE E 32 50.93 -29.99 -22.80
CA ILE E 32 50.88 -31.13 -21.82
C ILE E 32 50.04 -32.27 -22.40
N LEU E 33 48.82 -31.96 -22.85
CA LEU E 33 47.88 -32.94 -23.46
C LEU E 33 48.38 -33.36 -24.85
N MET E 34 49.14 -32.50 -25.52
CA MET E 34 49.74 -32.77 -26.87
C MET E 34 50.78 -33.88 -26.75
N ALA E 35 51.61 -33.83 -25.70
CA ALA E 35 52.68 -34.82 -25.41
C ALA E 35 52.08 -36.18 -25.05
N ASN E 36 50.82 -36.22 -24.61
CA ASN E 36 50.08 -37.45 -24.24
C ASN E 36 49.26 -37.96 -25.44
N GLY E 37 49.59 -37.51 -26.66
CA GLY E 37 49.02 -38.01 -27.92
C GLY E 37 47.51 -37.78 -28.01
N ALA E 38 47.04 -36.63 -27.54
CA ALA E 38 45.62 -36.19 -27.65
C ALA E 38 45.31 -35.88 -29.11
N ASP E 39 44.17 -36.35 -29.61
CA ASP E 39 43.73 -36.17 -31.03
C ASP E 39 43.66 -34.68 -31.34
N VAL E 40 44.51 -34.20 -32.26
CA VAL E 40 44.66 -32.76 -32.65
C VAL E 40 43.56 -32.39 -33.66
N ASN E 41 42.87 -33.39 -34.23
CA ASN E 41 41.72 -33.21 -35.16
C ASN E 41 40.42 -33.63 -34.45
N ALA E 42 40.41 -33.56 -33.11
CA ALA E 42 39.23 -33.87 -32.26
C ALA E 42 38.17 -32.77 -32.45
N ALA E 43 36.99 -33.13 -32.95
CA ALA E 43 35.88 -32.20 -33.28
C ALA E 43 34.81 -32.24 -32.19
N ASP E 44 34.11 -31.11 -31.97
CA ASP E 44 32.98 -30.98 -31.02
C ASP E 44 31.68 -31.31 -31.76
N VAL E 45 30.53 -30.82 -31.28
CA VAL E 45 29.18 -31.17 -31.79
C VAL E 45 28.98 -30.50 -33.16
N VAL E 46 29.44 -29.25 -33.30
CA VAL E 46 29.24 -28.40 -34.52
C VAL E 46 30.33 -28.72 -35.56
N GLY E 47 31.36 -29.48 -35.17
CA GLY E 47 32.44 -29.94 -36.07
C GLY E 47 33.65 -29.03 -36.03
N TRP E 48 33.94 -28.43 -34.87
CA TRP E 48 35.06 -27.47 -34.66
C TRP E 48 36.25 -28.20 -34.01
N THR E 49 37.41 -28.15 -34.65
CA THR E 49 38.71 -28.69 -34.15
C THR E 49 39.29 -27.71 -33.15
N PRO E 50 40.37 -28.07 -32.41
CA PRO E 50 41.07 -27.10 -31.55
C PRO E 50 41.61 -25.91 -32.34
N LEU E 51 41.91 -26.10 -33.63
CA LEU E 51 42.43 -25.06 -34.55
C LEU E 51 41.31 -24.05 -34.89
N HIS E 52 40.07 -24.53 -35.08
CA HIS E 52 38.86 -23.69 -35.27
C HIS E 52 38.71 -22.74 -34.09
N LEU E 53 38.78 -23.27 -32.86
CA LEU E 53 38.59 -22.51 -31.59
C LEU E 53 39.73 -21.50 -31.42
N ALA E 54 40.98 -21.92 -31.63
CA ALA E 54 42.19 -21.09 -31.54
C ALA E 54 42.12 -19.94 -32.56
N ALA E 55 41.64 -20.22 -33.78
CA ALA E 55 41.48 -19.25 -34.89
C ALA E 55 40.40 -18.22 -34.53
N TYR E 56 39.29 -18.68 -33.95
CA TYR E 56 38.10 -17.87 -33.60
C TYR E 56 38.43 -16.90 -32.46
N TRP E 57 38.98 -17.41 -31.35
CA TRP E 57 39.28 -16.67 -30.11
C TRP E 57 40.65 -15.96 -30.22
N GLY E 58 41.35 -16.14 -31.34
CA GLY E 58 42.57 -15.40 -31.69
C GLY E 58 43.75 -15.76 -30.80
N HIS E 59 44.05 -17.06 -30.69
CA HIS E 59 45.17 -17.61 -29.88
C HIS E 59 46.31 -18.05 -30.83
N LEU E 60 47.11 -17.08 -31.29
CA LEU E 60 48.21 -17.26 -32.28
C LEU E 60 49.18 -18.35 -31.79
N GLU E 61 49.57 -18.31 -30.51
CA GLU E 61 50.56 -19.23 -29.90
C GLU E 61 50.10 -20.67 -30.11
N ILE E 62 48.85 -20.97 -29.77
CA ILE E 62 48.24 -22.34 -29.80
C ILE E 62 48.05 -22.78 -31.26
N VAL E 63 47.65 -21.86 -32.16
CA VAL E 63 47.50 -22.12 -33.62
C VAL E 63 48.81 -22.73 -34.15
N GLU E 64 49.95 -22.13 -33.78
CA GLU E 64 51.31 -22.56 -34.19
C GLU E 64 51.64 -23.94 -33.61
N VAL E 65 51.34 -24.15 -32.32
CA VAL E 65 51.63 -25.42 -31.58
C VAL E 65 50.78 -26.55 -32.18
N LEU E 66 49.51 -26.25 -32.53
CA LEU E 66 48.56 -27.22 -33.14
C LEU E 66 49.10 -27.63 -34.53
N LEU E 67 49.34 -26.65 -35.41
CA LEU E 67 49.85 -26.85 -36.80
C LEU E 67 51.17 -27.63 -36.75
N LYS E 68 52.04 -27.33 -35.77
CA LYS E 68 53.35 -27.99 -35.57
C LYS E 68 53.15 -29.49 -35.35
N ASN E 69 52.07 -29.89 -34.66
CA ASN E 69 51.73 -31.31 -34.38
C ASN E 69 50.78 -31.83 -35.48
N GLY E 70 50.99 -31.39 -36.73
CA GLY E 70 50.30 -31.89 -37.93
C GLY E 70 48.78 -31.81 -37.81
N ALA E 71 48.25 -30.68 -37.35
CA ALA E 71 46.80 -30.40 -37.24
C ALA E 71 46.25 -30.07 -38.63
N ASP E 72 45.19 -30.77 -39.07
CA ASP E 72 44.54 -30.59 -40.40
C ASP E 72 44.11 -29.12 -40.53
N VAL E 73 44.80 -28.38 -41.40
CA VAL E 73 44.64 -26.89 -41.57
C VAL E 73 43.36 -26.61 -42.38
N ASN E 74 42.93 -27.54 -43.22
CA ASN E 74 41.72 -27.42 -44.08
C ASN E 74 40.58 -28.27 -43.51
N ALA E 75 40.62 -28.57 -42.21
CA ALA E 75 39.48 -29.15 -41.46
C ALA E 75 38.29 -28.19 -41.59
N TYR E 76 37.11 -28.71 -41.91
CA TYR E 76 35.85 -27.92 -42.04
C TYR E 76 34.80 -28.42 -41.05
N ASP E 77 33.93 -27.52 -40.60
CA ASP E 77 32.81 -27.79 -39.66
C ASP E 77 31.64 -28.38 -40.46
N THR E 78 30.49 -28.60 -39.81
CA THR E 78 29.29 -29.25 -40.40
C THR E 78 28.65 -28.34 -41.47
N LEU E 79 29.02 -27.05 -41.52
CA LEU E 79 28.54 -26.08 -42.53
C LEU E 79 29.66 -25.71 -43.53
N GLY E 80 30.87 -26.26 -43.35
CA GLY E 80 31.96 -26.18 -44.34
C GLY E 80 32.95 -25.06 -44.07
N SER E 81 32.86 -24.39 -42.91
CA SER E 81 33.77 -23.29 -42.47
C SER E 81 35.09 -23.89 -41.97
N THR E 82 36.22 -23.32 -42.39
CA THR E 82 37.60 -23.72 -42.02
C THR E 82 38.15 -22.75 -40.97
N PRO E 83 39.26 -23.06 -40.28
CA PRO E 83 39.89 -22.11 -39.36
C PRO E 83 40.30 -20.78 -40.03
N LEU E 84 40.60 -20.81 -41.34
CA LEU E 84 40.97 -19.62 -42.14
C LEU E 84 39.75 -18.67 -42.25
N HIS E 85 38.58 -19.22 -42.56
CA HIS E 85 37.28 -18.48 -42.60
C HIS E 85 37.14 -17.64 -41.32
N LEU E 86 37.36 -18.27 -40.15
CA LEU E 86 37.15 -17.67 -38.81
C LEU E 86 38.19 -16.57 -38.56
N ALA E 87 39.47 -16.84 -38.89
CA ALA E 87 40.61 -15.92 -38.69
C ALA E 87 40.43 -14.66 -39.54
N ALA E 88 40.06 -14.84 -40.82
CA ALA E 88 39.86 -13.75 -41.81
C ALA E 88 38.66 -12.88 -41.42
N HIS E 89 37.63 -13.49 -40.82
CA HIS E 89 36.34 -12.84 -40.46
C HIS E 89 36.50 -11.97 -39.21
N PHE E 90 37.31 -12.43 -38.23
CA PHE E 90 37.49 -11.79 -36.90
C PHE E 90 38.78 -10.95 -36.87
N GLY E 91 39.40 -10.72 -38.03
CA GLY E 91 40.52 -9.78 -38.20
C GLY E 91 41.76 -10.21 -37.45
N HIS E 92 42.13 -11.49 -37.54
CA HIS E 92 43.33 -12.08 -36.91
C HIS E 92 44.45 -12.20 -37.96
N LEU E 93 45.09 -11.07 -38.29
CA LEU E 93 46.07 -10.91 -39.39
C LEU E 93 47.19 -11.95 -39.25
N GLU E 94 47.84 -12.01 -38.10
CA GLU E 94 49.00 -12.90 -37.81
C GLU E 94 48.57 -14.36 -38.03
N ILE E 95 47.37 -14.73 -37.56
CA ILE E 95 46.82 -16.12 -37.63
C ILE E 95 46.53 -16.47 -39.09
N VAL E 96 46.01 -15.52 -39.88
CA VAL E 96 45.72 -15.72 -41.34
C VAL E 96 47.02 -16.12 -42.05
N GLU E 97 48.12 -15.41 -41.75
CA GLU E 97 49.48 -15.67 -42.32
C GLU E 97 49.94 -17.08 -41.94
N VAL E 98 49.96 -17.39 -40.63
CA VAL E 98 50.43 -18.69 -40.08
C VAL E 98 49.68 -19.84 -40.77
N LEU E 99 48.36 -19.71 -40.91
CA LEU E 99 47.47 -20.70 -41.57
C LEU E 99 47.85 -20.83 -43.06
N LEU E 100 47.93 -19.70 -43.76
CA LEU E 100 48.23 -19.64 -45.22
C LEU E 100 49.60 -20.26 -45.52
N LYS E 101 50.60 -19.99 -44.68
CA LYS E 101 51.98 -20.53 -44.81
C LYS E 101 51.98 -22.05 -44.63
N ASN E 102 51.02 -22.58 -43.84
CA ASN E 102 50.89 -24.03 -43.53
C ASN E 102 49.92 -24.70 -44.51
N GLY E 103 49.72 -24.12 -45.69
CA GLY E 103 48.96 -24.72 -46.81
C GLY E 103 47.46 -24.72 -46.57
N ALA E 104 46.92 -23.59 -46.09
CA ALA E 104 45.47 -23.34 -45.94
C ALA E 104 44.89 -22.91 -47.29
N ASP E 105 43.86 -23.63 -47.78
CA ASP E 105 43.16 -23.33 -49.06
C ASP E 105 42.56 -21.92 -48.96
N VAL E 106 43.19 -20.96 -49.65
CA VAL E 106 42.78 -19.51 -49.65
C VAL E 106 41.40 -19.38 -50.31
N ASN E 107 41.07 -20.28 -51.24
CA ASN E 107 39.79 -20.30 -52.00
C ASN E 107 38.84 -21.35 -51.43
N ALA E 108 38.96 -21.66 -50.14
CA ALA E 108 38.06 -22.59 -49.40
C ALA E 108 36.65 -21.99 -49.37
N LYS E 109 35.65 -22.77 -49.77
CA LYS E 109 34.21 -22.37 -49.78
C LYS E 109 33.44 -23.20 -48.75
N ASP E 110 32.60 -22.55 -47.93
CA ASP E 110 31.64 -23.21 -47.02
C ASP E 110 30.43 -23.64 -47.85
N ASP E 111 29.42 -24.24 -47.20
CA ASP E 111 28.18 -24.76 -47.86
C ASP E 111 27.49 -23.63 -48.65
N ASN E 112 27.66 -22.38 -48.20
CA ASN E 112 27.02 -21.17 -48.81
C ASN E 112 27.85 -20.67 -50.00
N GLY E 113 29.07 -21.18 -50.18
CA GLY E 113 30.01 -20.75 -51.24
C GLY E 113 30.77 -19.50 -50.85
N ILE E 114 30.80 -19.18 -49.56
CA ILE E 114 31.52 -17.99 -48.99
C ILE E 114 32.98 -18.39 -48.75
N THR E 115 33.92 -17.51 -49.12
CA THR E 115 35.38 -17.72 -49.01
C THR E 115 35.94 -16.79 -47.93
N PRO E 116 37.17 -17.02 -47.43
CA PRO E 116 37.77 -16.14 -46.42
C PRO E 116 37.90 -14.67 -46.86
N LEU E 117 38.03 -14.44 -48.17
CA LEU E 117 38.11 -13.07 -48.77
C LEU E 117 36.76 -12.36 -48.59
N HIS E 118 35.66 -13.04 -48.91
CA HIS E 118 34.26 -12.54 -48.73
C HIS E 118 34.07 -12.03 -47.29
N LEU E 119 34.53 -12.81 -46.30
CA LEU E 119 34.37 -12.51 -44.85
C LEU E 119 35.23 -11.30 -44.46
N ALA E 120 36.52 -11.31 -44.80
CA ALA E 120 37.50 -10.23 -44.51
C ALA E 120 37.04 -8.93 -45.18
N ALA E 121 36.55 -9.02 -46.42
CA ALA E 121 36.02 -7.88 -47.21
C ALA E 121 34.79 -7.28 -46.51
N ASN E 122 33.92 -8.14 -45.96
CA ASN E 122 32.63 -7.74 -45.34
C ASN E 122 32.88 -6.94 -44.06
N ARG E 123 33.82 -7.41 -43.21
CA ARG E 123 34.15 -6.79 -41.89
C ARG E 123 35.23 -5.70 -42.09
N GLY E 124 35.78 -5.58 -43.30
CA GLY E 124 36.65 -4.46 -43.71
C GLY E 124 38.04 -4.53 -43.09
N HIS E 125 38.69 -5.70 -43.18
CA HIS E 125 40.09 -5.94 -42.72
C HIS E 125 41.03 -5.86 -43.93
N LEU E 126 41.37 -4.64 -44.35
CA LEU E 126 42.11 -4.35 -45.61
C LEU E 126 43.49 -5.02 -45.58
N GLU E 127 44.11 -5.09 -44.39
CA GLU E 127 45.45 -5.70 -44.17
C GLU E 127 45.38 -7.19 -44.51
N ILE E 128 44.30 -7.87 -44.09
CA ILE E 128 44.06 -9.33 -44.31
C ILE E 128 43.69 -9.58 -45.77
N VAL E 129 42.82 -8.72 -46.35
CA VAL E 129 42.37 -8.81 -47.77
C VAL E 129 43.61 -8.89 -48.67
N GLU E 130 44.63 -8.09 -48.38
CA GLU E 130 45.90 -8.01 -49.16
C GLU E 130 46.69 -9.32 -49.01
N VAL E 131 46.77 -9.87 -47.79
CA VAL E 131 47.51 -11.13 -47.49
C VAL E 131 46.84 -12.29 -48.22
N LEU E 132 45.50 -12.34 -48.22
CA LEU E 132 44.70 -13.38 -48.94
C LEU E 132 44.96 -13.26 -50.45
N LEU E 133 44.87 -12.04 -50.99
CA LEU E 133 45.14 -11.73 -52.43
C LEU E 133 46.56 -12.16 -52.80
N LYS E 134 47.53 -11.88 -51.92
CA LYS E 134 48.98 -12.17 -52.12
C LYS E 134 49.21 -13.69 -52.23
N TYR E 135 48.33 -14.50 -51.62
CA TYR E 135 48.39 -15.99 -51.62
C TYR E 135 47.47 -16.57 -52.70
N GLY E 136 47.02 -15.74 -53.65
CA GLY E 136 46.29 -16.16 -54.86
C GLY E 136 44.82 -16.45 -54.59
N ALA E 137 44.12 -15.52 -53.91
CA ALA E 137 42.67 -15.58 -53.65
C ALA E 137 41.92 -15.10 -54.90
N ASP E 138 41.02 -15.93 -55.44
CA ASP E 138 40.21 -15.63 -56.65
C ASP E 138 39.25 -14.48 -56.33
N VAL E 139 39.47 -13.30 -56.94
CA VAL E 139 38.67 -12.06 -56.69
C VAL E 139 37.28 -12.21 -57.31
N ASN E 140 37.17 -12.93 -58.43
CA ASN E 140 35.91 -13.09 -59.21
C ASN E 140 35.08 -14.23 -58.59
N ALA E 141 35.58 -14.90 -57.55
CA ALA E 141 34.88 -15.97 -56.80
C ALA E 141 33.54 -15.46 -56.30
N GLN E 142 32.46 -16.18 -56.62
CA GLN E 142 31.06 -15.83 -56.27
C GLN E 142 30.56 -16.77 -55.16
N ASP E 143 29.63 -16.29 -54.33
CA ASP E 143 28.88 -17.09 -53.33
C ASP E 143 27.63 -17.66 -54.02
N LYS E 144 26.70 -18.25 -53.25
CA LYS E 144 25.45 -18.86 -53.78
C LYS E 144 24.55 -17.78 -54.40
N PHE E 145 24.72 -16.51 -54.01
CA PHE E 145 23.90 -15.35 -54.45
C PHE E 145 24.58 -14.63 -55.63
N GLY E 146 25.81 -15.03 -55.99
CA GLY E 146 26.57 -14.48 -57.12
C GLY E 146 27.25 -13.17 -56.77
N LYS E 147 27.63 -12.99 -55.50
CA LYS E 147 28.29 -11.76 -54.97
C LYS E 147 29.80 -12.00 -54.85
N THR E 148 30.60 -11.10 -55.40
CA THR E 148 32.08 -11.07 -55.27
C THR E 148 32.46 -10.17 -54.09
N ALA E 149 33.73 -10.18 -53.67
CA ALA E 149 34.29 -9.31 -52.61
C ALA E 149 34.17 -7.84 -53.04
N PHE E 150 34.17 -7.58 -54.36
CA PHE E 150 33.97 -6.23 -54.96
C PHE E 150 32.53 -5.76 -54.69
N ASP E 151 31.54 -6.62 -54.91
CA ASP E 151 30.10 -6.33 -54.69
C ASP E 151 29.87 -6.01 -53.21
N ILE E 152 30.56 -6.72 -52.31
CA ILE E 152 30.54 -6.49 -50.84
C ILE E 152 31.06 -5.08 -50.55
N SER E 153 32.21 -4.72 -51.14
CA SER E 153 32.91 -3.42 -50.94
C SER E 153 32.02 -2.25 -51.39
N ILE E 154 31.33 -2.40 -52.52
CA ILE E 154 30.45 -1.36 -53.13
C ILE E 154 29.18 -1.22 -52.27
N ASN E 155 28.54 -2.33 -51.91
CA ASN E 155 27.29 -2.37 -51.11
C ASN E 155 27.56 -1.79 -49.72
N ASN E 156 28.67 -2.20 -49.08
CA ASN E 156 29.13 -1.68 -47.76
C ASN E 156 29.54 -0.21 -47.90
N GLY E 157 30.05 0.18 -49.07
CA GLY E 157 30.50 1.55 -49.37
C GLY E 157 31.90 1.82 -48.87
N ASN E 158 32.73 0.78 -48.75
CA ASN E 158 34.16 0.85 -48.34
C ASN E 158 34.99 1.19 -49.58
N GLU E 159 35.43 2.45 -49.70
CA GLU E 159 36.13 3.00 -50.90
C GLU E 159 37.58 2.49 -50.93
N ASP E 160 38.24 2.41 -49.76
CA ASP E 160 39.64 1.94 -49.60
C ASP E 160 39.73 0.46 -50.03
N LEU E 161 38.74 -0.35 -49.65
CA LEU E 161 38.62 -1.79 -49.99
C LEU E 161 38.34 -1.95 -51.49
N ALA E 162 37.28 -1.29 -51.97
CA ALA E 162 36.82 -1.30 -53.39
C ALA E 162 37.99 -0.93 -54.31
N GLU E 163 38.79 0.05 -53.90
CA GLU E 163 40.03 0.51 -54.59
C GLU E 163 40.98 -0.69 -54.79
N ILE E 164 41.25 -1.44 -53.73
CA ILE E 164 42.21 -2.60 -53.71
C ILE E 164 41.73 -3.67 -54.71
N LEU E 165 40.42 -3.88 -54.81
CA LEU E 165 39.80 -4.95 -55.65
C LEU E 165 39.65 -4.47 -57.10
N GLN E 166 39.90 -3.18 -57.37
CA GLN E 166 39.95 -2.58 -58.74
C GLN E 166 38.64 -2.86 -59.47
C1B LMT F . 45.09 -17.36 56.92
C2B LMT F . 44.95 -17.37 58.45
C3B LMT F . 44.85 -15.97 59.01
C4B LMT F . 46.00 -15.11 58.49
C5B LMT F . 46.03 -15.13 56.97
C6B LMT F . 47.19 -14.28 56.43
O1B LMT F . 43.85 -16.95 56.32
O2B LMT F . 43.78 -18.12 58.82
O3B LMT F . 44.88 -16.01 60.44
O4' LMT F . 45.87 -13.77 58.97
O5B LMT F . 46.15 -16.48 56.51
O6B LMT F . 47.62 -14.75 55.16
C1' LMT F . 41.57 -18.65 53.20
C2' LMT F . 41.80 -19.51 54.45
C3' LMT F . 42.29 -18.68 55.64
C4' LMT F . 43.43 -17.77 55.21
C5' LMT F . 42.97 -16.90 54.05
C6' LMT F . 44.02 -15.88 53.60
O1' LMT F . 41.42 -19.51 52.06
O2' LMT F . 40.58 -20.16 54.81
O3' LMT F . 42.72 -19.55 56.69
O5' LMT F . 42.67 -17.78 52.95
O6' LMT F . 45.21 -16.56 53.17
C1 LMT F . 40.13 -19.45 51.46
C2 LMT F . 40.21 -19.81 49.98
C3 LMT F . 38.82 -19.81 49.35
C4 LMT F . 38.87 -19.75 47.83
C5 LMT F . 39.26 -18.37 47.31
C6 LMT F . 38.60 -18.04 45.97
C7 LMT F . 39.61 -17.47 44.97
C8 LMT F . 40.50 -18.56 44.37
C9 LMT F . 40.48 -18.52 42.85
C10 LMT F . 41.52 -19.46 42.25
C11 LMT F . 40.87 -20.67 41.57
C12 LMT F . 40.26 -21.60 42.58
C1 D10 G . 34.84 13.69 41.65
C2 D10 G . 33.76 12.91 40.96
C3 D10 G . 33.80 13.02 39.45
C4 D10 G . 32.76 12.17 38.74
C5 D10 G . 32.89 12.15 37.24
C6 D10 G . 31.96 11.17 36.56
C7 D10 G . 32.19 11.02 35.08
C8 D10 G . 31.25 11.84 34.21
C9 D10 G . 31.49 11.70 32.72
C10 D10 G . 30.99 10.39 32.14
C1B LMT H . -4.36 -20.99 18.38
C2B LMT H . -5.06 -22.33 18.66
C3B LMT H . -6.57 -22.17 18.78
C4B LMT H . -6.97 -20.73 19.06
C5B LMT H . -6.43 -19.78 17.98
C6B LMT H . -6.32 -18.36 18.51
O1B LMT H . -3.07 -21.23 17.81
O2B LMT H . -4.76 -23.26 17.61
O3B LMT H . -7.06 -23.02 19.82
O4' LMT H . -8.39 -20.62 19.12
O5B LMT H . -5.16 -20.22 17.47
O6B LMT H . -6.85 -17.44 17.54
C1' LMT H . 0.86 -20.85 19.17
C2' LMT H . -0.19 -21.15 20.24
C3' LMT H . -1.48 -21.65 19.60
C4' LMT H . -1.95 -20.67 18.53
C5' LMT H . -0.82 -20.36 17.54
C6' LMT H . -1.20 -19.30 16.51
O1' LMT H . 2.04 -20.32 19.80
O2' LMT H . 0.29 -22.14 21.15
O3' LMT H . -2.47 -21.81 20.61
O5' LMT H . 0.34 -19.89 18.26
O6' LMT H . -2.39 -19.69 15.82
C1 LMT H . 3.10 -21.27 19.92
C2 LMT H . 4.13 -20.77 20.93
C3 LMT H . 3.49 -20.34 22.24
C4 LMT H . 4.38 -20.69 23.44
C5 LMT H . 4.07 -19.81 24.64
C6 LMT H . 4.26 -20.56 25.96
C7 LMT H . 4.69 -19.62 27.08
C8 LMT H . 4.32 -20.18 28.45
C9 LMT H . 4.97 -19.35 29.56
C10 LMT H . 4.41 -19.71 30.93
C11 LMT H . 4.91 -21.06 31.39
C12 LMT H . 4.63 -21.27 32.87
C1 EDO I . 26.66 -5.00 -28.20
O1 EDO I . 25.56 -4.90 -29.10
C2 EDO I . 26.88 -6.38 -27.70
O2 EDO I . 28.01 -6.49 -26.89
C1B LMT J . -6.27 3.42 49.62
C2B LMT J . -5.20 3.93 50.58
C3B LMT J . -4.75 5.40 50.39
C4B LMT J . -5.57 6.27 49.42
C5B LMT J . -6.63 5.54 48.60
C6B LMT J . -6.82 6.18 47.23
O1B LMT J . -7.57 3.45 50.24
O2B LMT J . -5.64 3.76 51.93
O3B LMT J . -3.39 5.39 49.94
O4' LMT J . -6.22 7.31 50.17
O5B LMT J . -6.27 4.18 48.40
O6B LMT J . -7.50 7.43 47.36
C1' LMT J . -10.81 1.19 48.92
C2' LMT J . -9.89 0.49 49.94
C3' LMT J . -8.96 1.49 50.62
C4' LMT J . -8.53 2.57 49.63
C5' LMT J . -9.75 3.37 49.15
C6' LMT J . -9.56 3.92 47.73
O1' LMT J . -10.28 1.06 47.61
O2' LMT J . -10.68 -0.19 50.92
O3' LMT J . -7.82 0.80 51.13
O5' LMT J . -10.94 2.58 49.25
O6' LMT J . -10.70 3.62 46.91
C1 LMT J . -10.72 -0.10 46.90
C2 LMT J . -10.01 -0.16 45.57
C3 LMT J . -10.94 0.03 44.36
C4 LMT J . -11.05 -1.26 43.55
C5 LMT J . -11.41 -0.97 42.09
C6 LMT J . -11.53 -2.25 41.28
C7 LMT J . -10.19 -3.01 41.23
C8 LMT J . -10.07 -3.90 40.00
C9 LMT J . -8.96 -3.42 39.05
C10 LMT J . -8.41 -4.56 38.20
C11 LMT J . -8.07 -4.13 36.78
C12 LMT J . -6.59 -4.30 36.48
C1B LMT K . 16.14 6.84 49.16
C2B LMT K . 16.35 7.77 50.36
C3B LMT K . 15.91 7.13 51.68
C4B LMT K . 14.49 6.55 51.55
C5B LMT K . 14.40 5.64 50.35
C6B LMT K . 12.96 5.13 50.16
O1B LMT K . 17.11 5.78 49.20
O2B LMT K . 17.74 8.13 50.46
O3B LMT K . 15.92 8.11 52.71
O4' LMT K . 14.18 5.83 52.75
O5B LMT K . 14.80 6.33 49.16
O6B LMT K . 12.88 4.31 49.00
C1' LMT K . 17.66 5.00 45.08
C2' LMT K . 16.85 3.97 45.87
C3' LMT K . 16.37 4.58 47.19
C4' LMT K . 17.54 5.20 47.95
C5' LMT K . 18.28 6.19 47.04
C6' LMT K . 19.46 6.88 47.72
O1' LMT K . 18.17 4.38 43.89
O2' LMT K . 15.73 3.54 45.09
O3' LMT K . 15.76 3.56 47.99
O5' LMT K . 18.75 5.49 45.88
O6' LMT K . 20.15 6.00 48.62
C1 LMT K . 17.80 5.08 42.70
C2 LMT K . 18.25 4.29 41.47
C3 LMT K . 19.38 4.99 40.70
C4 LMT K . 19.10 5.06 39.20
C5 LMT K . 18.30 6.30 38.82
C6 LMT K . 19.12 7.33 38.06
C7 LMT K . 18.84 7.29 36.56
C8 LMT K . 17.63 8.14 36.17
C9 LMT K . 17.89 8.91 34.88
C10 LMT K . 16.69 9.76 34.50
C11 LMT K . 16.76 10.17 33.03
C12 LMT K . 15.62 11.10 32.67
C1B LMT L . -44.53 -12.47 55.70
C2B LMT L . -44.79 -12.06 57.14
C3B LMT L . -43.53 -12.21 57.98
C4B LMT L . -42.97 -13.62 57.86
C5B LMT L . -42.80 -14.01 56.39
C6B LMT L . -42.38 -15.47 56.25
O1B LMT L . -43.58 -11.56 55.12
O2B LMT L . -45.25 -10.70 57.19
O3B LMT L . -43.82 -11.91 59.35
O4' LMT L . -41.72 -13.69 58.54
O5B LMT L . -44.02 -13.80 55.67
O6B LMT L . -43.42 -16.33 56.71
C1' LMT L . -43.38 -9.16 51.70
C2' LMT L . -44.26 -8.65 52.84
C3' LMT L . -43.95 -9.38 54.14
C4' LMT L . -44.00 -10.89 53.93
C5' LMT L . -43.11 -11.28 52.75
C6' LMT L . -43.16 -12.78 52.48
O1' LMT L . -43.78 -8.54 50.48
O2' LMT L . -44.07 -7.24 53.02
O3' LMT L . -44.88 -8.99 55.16
O5' LMT L . -43.51 -10.58 51.58
O6' LMT L . -41.93 -13.41 52.88
C1 LMT L . -42.78 -8.61 49.46
C2 LMT L . -43.45 -8.71 48.10
C3 LMT L . -42.64 -7.97 47.04
C4 LMT L . -43.20 -8.21 45.65
C5 LMT L . -42.19 -7.84 44.57
C6 LMT L . -41.21 -8.99 44.25
C7 LMT L . -41.85 -10.21 43.59
C8 LMT L . -42.78 -9.86 42.44
C9 LMT L . -43.01 -11.05 41.52
C10 LMT L . -44.28 -10.87 40.68
C11 LMT L . -44.08 -11.30 39.24
C12 LMT L . -43.94 -12.81 39.12
O21 DDR M . -26.17 -10.15 22.73
C21 DDR M . -25.79 -9.24 23.41
C22 DDR M . -26.39 -8.86 24.74
C23 DDR M . -26.24 -9.92 25.79
C24 DDR M . -27.48 -10.12 26.62
C25 DDR M . -27.52 -11.43 27.38
C26 DDR M . -26.57 -11.49 28.56
C27 DDR M . -26.50 -12.83 29.23
C28 DDR M . -27.59 -13.09 30.25
C29 DDR M . -28.00 -14.54 30.38
C30 DDR M . -28.30 -14.95 31.79
O52 DDR M . -24.77 -8.43 23.05
C52 DDR M . -23.47 -9.03 22.81
C53 DDR M . -23.01 -8.65 21.42
O53 DDR M . -23.44 -9.61 20.46
C51 DDR M . -22.52 -8.58 23.89
O51 DDR M . -21.46 -9.55 24.02
C1 DDR M . -20.66 -9.42 25.07
O1 DDR M . -19.65 -8.75 25.05
C2 DDR M . -21.16 -10.19 26.26
C3 DDR M . -21.33 -9.34 27.49
C4 DDR M . -22.33 -9.93 28.47
C5 DDR M . -21.96 -9.73 29.92
C6 DDR M . -22.96 -10.33 30.89
C7 DDR M . -22.45 -10.43 32.32
C8 DDR M . -22.78 -9.24 33.18
C9 DDR M . -22.16 -9.27 34.55
C10 DDR M . -22.63 -8.16 35.46
C1 MYS N . -10.81 -20.61 49.76
C2 MYS N . -10.11 -19.91 48.62
C3 MYS N . -10.86 -20.02 47.31
C4 MYS N . -10.03 -19.67 46.10
C5 MYS N . -10.85 -19.31 44.87
C6 MYS N . -10.03 -18.85 43.70
C7 MYS N . -10.82 -18.30 42.55
C8 MYS N . -9.99 -17.89 41.35
C9 MYS N . -10.79 -17.38 40.18
C10 MYS N . -10.11 -17.55 38.84
C11 MYS N . -10.88 -17.00 37.67
C12 MYS N . -10.58 -17.65 36.35
C13 MYS N . -9.21 -17.31 35.79
C14 MYS N . -8.77 -18.19 34.66
C15 MYS N . -9.56 -18.00 33.38
C1 8K6 O . -10.71 -4.43 31.31
C2 8K6 O . -11.84 -4.83 30.40
C3 8K6 O . -11.44 -4.98 28.95
C4 8K6 O . -10.93 -6.36 28.55
C5 8K6 O . -11.46 -6.87 27.22
C6 8K6 O . -10.43 -7.53 26.34
C7 8K6 O . -10.94 -8.73 25.58
C8 8K6 O . -10.24 -9.01 24.27
C9 8K6 O . -10.93 -10.03 23.40
C10 8K6 O . -10.02 -11.12 22.87
C11 8K6 O . -10.64 -11.98 21.79
C12 8K6 O . -10.34 -13.46 21.92
C13 8K6 O . -10.93 -14.32 20.83
C14 8K6 O . -10.51 -15.76 20.88
C15 8K6 O . -11.19 -16.66 19.87
C16 8K6 O . -10.72 -18.09 19.90
C17 8K6 O . -11.75 -19.11 19.49
C18 8K6 O . -11.50 -20.51 20.01
O8 MIY P . -22.92 -1.21 -20.34
C21 MIY P . -24.06 -0.81 -20.33
N2 MIY P . -25.11 -1.62 -20.98
C2 MIY P . -24.38 0.51 -19.68
C1 MIY P . -25.70 1.07 -19.75
O1 MIY P . -26.68 0.41 -20.10
C3 MIY P . -23.40 1.19 -18.97
O2 MIY P . -22.14 0.75 -18.88
C4 MIY P . -23.62 2.49 -18.22
N1 MIY P . -22.74 3.54 -18.79
C20 MIY P . -22.79 4.87 -18.17
C19 MIY P . -22.53 3.63 -20.23
C5 MIY P . -25.11 2.92 -18.14
C18 MIY P . -25.91 2.56 -19.37
O7 MIY P . -25.44 3.36 -20.47
C17 MIY P . -27.37 2.90 -19.21
O6 MIY P . -28.07 2.90 -20.34
C16 MIY P . -27.95 3.19 -18.01
C7 MIY P . -27.19 3.05 -16.70
C6 MIY P . -25.83 2.36 -16.90
C15 MIY P . -29.33 3.63 -17.94
O5 MIY P . -29.95 4.00 -18.99
C14 MIY P . -29.99 3.67 -16.64
C9 MIY P . -29.41 3.03 -15.53
C8 MIY P . -28.10 2.33 -15.70
C13 MIY P . -31.21 4.34 -16.49
O4 MIY P . -31.82 4.97 -17.53
C12 MIY P . -31.85 4.36 -15.26
C11 MIY P . -31.28 3.74 -14.17
C10 MIY P . -30.07 3.07 -14.28
N7 MIY P . -29.52 2.43 -13.14
CN7 MIY P . -30.40 1.93 -12.10
C71 MIY P . -28.23 2.86 -12.61
C1 GOL Q . -8.94 -18.93 -2.25
O1 GOL Q . -9.94 -19.18 -3.24
C2 GOL Q . -9.13 -17.57 -1.61
O2 GOL Q . -8.07 -17.34 -0.67
C3 GOL Q . -9.16 -16.43 -2.60
O3 GOL Q . -10.18 -16.62 -3.59
C1 OCT R . -28.76 19.91 12.27
C2 OCT R . -27.34 20.29 12.62
C3 OCT R . -26.77 19.53 13.79
C4 OCT R . -25.46 18.82 13.52
C5 OCT R . -24.75 18.31 14.76
C6 OCT R . -25.67 17.62 15.75
C7 OCT R . -24.97 16.74 16.76
C8 OCT R . -25.89 15.90 17.60
C1 EDO S . -32.16 26.53 47.24
O1 EDO S . -31.35 27.36 48.05
C2 EDO S . -33.22 27.28 46.53
O2 EDO S . -34.23 26.43 46.01
S SO4 T . -10.22 5.86 -30.80
O1 SO4 T . -9.87 6.22 -29.45
O2 SO4 T . -10.94 6.94 -31.41
O3 SO4 T . -9.02 5.59 -31.56
O4 SO4 T . -11.04 4.68 -30.79
S SO4 U . -19.46 -26.28 -20.16
O1 SO4 U . -19.31 -25.37 -19.06
O2 SO4 U . -20.63 -27.10 -19.96
O3 SO4 U . -19.61 -25.54 -21.38
O4 SO4 U . -18.29 -27.11 -20.24
C1 D12 V . 30.21 15.55 31.95
C2 D12 V . 30.30 16.53 33.09
C3 D12 V . 30.61 15.89 34.42
C4 D12 V . 30.91 16.87 35.53
C5 D12 V . 30.85 16.27 36.91
C6 D12 V . 31.43 17.16 38.00
C7 D12 V . 31.06 16.76 39.40
C8 D12 V . 31.92 17.41 40.47
C9 D12 V . 31.22 17.60 41.80
C10 D12 V . 31.41 16.48 42.78
C11 D12 V . 30.31 16.33 43.80
C12 D12 V . 30.69 15.55 45.03
C1B LMT W . 3.35 60.93 42.88
C2B LMT W . 3.58 60.96 44.40
C3B LMT W . 2.50 60.17 45.13
C4B LMT W . 1.13 60.67 44.73
C5B LMT W . 0.96 60.66 43.21
C6B LMT W . -0.38 61.25 42.80
O1B LMT W . 3.53 59.59 42.38
O2B LMT W . 4.87 60.41 44.69
O3B LMT W . 2.69 60.31 46.54
O4' LMT W . 0.14 59.85 45.35
O5B LMT W . 2.02 61.38 42.59
O6B LMT W . -0.39 62.67 43.02
C1' LMT W . 5.86 57.78 39.41
C2' LMT W . 6.60 58.62 40.45
C3' LMT W . 5.72 58.86 41.68
C4' LMT W . 4.40 59.47 41.25
C5' LMT W . 3.73 58.61 40.17
C6' LMT W . 2.44 59.24 39.66
O1' LMT W . 6.68 57.65 38.25
O2' LMT W . 7.81 57.95 40.84
O3' LMT W . 6.41 59.74 42.59
O5' LMT W . 4.63 58.43 39.07
O6' LMT W . 1.34 58.37 39.94
C1 LMT W . 6.24 56.63 37.37
C2 LMT W . 7.20 56.54 36.18
C3 LMT W . 7.00 55.26 35.38
C4 LMT W . 5.69 55.27 34.58
C5 LMT W . 5.84 54.48 33.29
C6 LMT W . 4.52 54.43 32.53
C7 LMT W . 4.30 55.68 31.67
C8 LMT W . 4.69 55.47 30.22
C9 LMT W . 3.48 55.12 29.35
C10 LMT W . 3.86 54.96 27.89
C11 LMT W . 2.66 54.61 27.04
C12 LMT W . 1.89 55.84 26.61
C1 D10 X . 10.55 60.15 37.75
C2 D10 X . 10.48 59.49 39.11
C3 D10 X . 11.54 58.45 39.34
C4 D10 X . 11.40 57.21 38.48
C5 D10 X . 12.07 55.98 39.05
C6 D10 X . 12.33 54.89 38.04
C7 D10 X . 13.17 53.76 38.57
C8 D10 X . 13.50 52.69 37.56
C9 D10 X . 14.65 51.79 37.93
C10 D10 X . 14.78 50.55 37.08
C1 PTY Y . -14.47 33.46 43.16
C2 PTY Y . -9.68 32.09 44.98
C3 PTY Y . -11.10 32.59 44.91
O4 PTY Y . -13.88 32.16 42.92
C5 PTY Y . -13.06 35.56 42.95
C6 PTY Y . -13.81 34.48 42.23
O7 PTY Y . -14.85 35.09 41.41
C8 PTY Y . -14.49 35.61 40.22
O10 PTY Y . -13.63 36.44 40.12
C11 PTY Y . -15.29 35.07 39.06
C12 PTY Y . -14.43 34.43 38.01
C13 PTY Y . -15.21 33.48 37.12
C14 PTY Y . -14.33 32.65 36.19
C15 PTY Y . -14.89 32.44 34.80
C16 PTY Y . -13.86 32.53 33.70
C17 PTY Y . -13.70 31.26 32.88
C18 PTY Y . -13.08 31.47 31.52
C19 PTY Y . -13.59 30.52 30.46
C20 PTY Y . -12.84 30.59 29.16
C21 PTY Y . -13.53 29.90 28.00
C22 PTY Y . -13.84 30.81 26.83
C23 PTY Y . -14.32 30.09 25.59
C24 PTY Y . -14.31 30.93 24.34
C25 PTY Y . -14.77 30.20 23.10
C26 PTY Y . -13.65 29.59 22.27
C27 PTY Y . -13.30 30.36 21.02
C28 PTY Y . -11.83 30.36 20.67
C29 PTY Y . -11.54 30.64 19.21
C30 PTY Y . -14.67 31.11 43.06
C31 PTY Y . -15.67 31.02 41.94
O30 PTY Y . -14.59 30.34 43.98
C32 PTY Y . -15.94 29.62 41.46
C33 PTY Y . -17.13 29.54 40.53
C34 PTY Y . -16.89 28.73 39.27
C35 PTY Y . -16.82 29.53 37.99
C36 PTY Y . -17.75 29.06 36.89
C37 PTY Y . -17.05 28.69 35.60
C38 PTY Y . -17.94 28.71 34.38
C39 PTY Y . -17.34 28.07 33.15
C40 PTY Y . -17.64 28.80 31.86
C41 PTY Y . -18.19 27.92 30.76
C42 PTY Y . -17.36 27.91 29.49
C43 PTY Y . -18.04 27.27 28.31
C44 PTY Y . -17.09 26.54 27.38
P1 PTY Y . -10.61 34.75 43.47
O11 PTY Y . -11.32 33.33 43.69
O12 PTY Y . -9.36 34.53 42.65
O13 PTY Y . -10.51 35.46 44.79
O14 PTY Y . -11.66 35.55 42.55
N1 PTY Y . -9.55 30.81 45.66
C01 C14 Z . -4.74 21.79 24.54
C02 C14 Z . -4.96 22.77 23.42
C03 C14 Z . -5.46 22.15 22.14
C04 C14 Z . -5.98 23.13 21.13
C05 C14 Z . -6.44 22.50 19.83
C06 C14 Z . -6.33 23.42 18.63
C07 C14 Z . -7.13 22.96 17.43
C08 C14 Z . -6.72 23.62 16.13
C09 C14 Z . -7.77 23.59 15.05
C10 C14 Z . -7.67 24.72 14.06
C11 C14 Z . -8.02 24.35 12.64
C12 C14 Z . -6.91 23.64 11.89
C13 C14 Z . -7.17 23.45 10.41
C14 C14 Z . -6.03 23.84 9.51
C1 EDO AA . 10.95 14.36 -34.31
O1 EDO AA . 11.99 14.85 -33.48
C2 EDO AA . 9.88 13.69 -33.53
O2 EDO AA . 9.04 12.89 -34.34
C1 EDO BA . 20.43 17.88 -41.67
O1 EDO BA . 21.54 17.63 -40.83
C2 EDO BA . 19.26 18.45 -40.94
O2 EDO BA . 18.04 18.25 -41.61
C1 GOL CA . 11.81 17.16 10.13
O1 GOL CA . 11.18 17.60 11.33
C2 GOL CA . 10.81 16.74 9.08
O2 GOL CA . 11.48 16.36 7.89
C3 GOL CA . 9.90 15.63 9.53
O3 GOL CA . 9.00 15.23 8.51
C1 GOL DA . 21.44 38.16 2.74
O1 GOL DA . 21.56 39.57 2.63
C2 GOL DA . 20.04 37.69 2.40
O2 GOL DA . 19.94 36.28 2.59
C3 GOL DA . 18.96 38.39 3.20
O3 GOL DA . 17.82 38.69 2.40
C1 GOL EA . 30.81 36.92 6.73
O1 GOL EA . 30.18 37.95 5.98
C2 GOL EA . 29.80 36.08 7.50
O2 GOL EA . 30.48 35.02 8.17
C3 GOL EA . 28.99 36.88 8.48
O3 GOL EA . 28.20 36.05 9.32
N1 DDQ FA . 5.00 15.71 12.60
O1 DDQ FA . 5.08 17.11 12.77
CM1 DDQ FA . 6.37 15.15 12.57
CM2 DDQ FA . 4.30 15.43 11.31
C1 DDQ FA . 4.19 15.14 13.74
C2 DDQ FA . 4.89 15.23 15.09
C3 DDQ FA . 3.95 14.95 16.25
C4 DDQ FA . 4.53 15.31 17.60
C5 DDQ FA . 4.61 16.80 17.85
C6 DDQ FA . 4.82 17.18 19.30
C7 DDQ FA . 4.85 18.66 19.54
C8 DDQ FA . 5.04 19.06 21.00
C9 DDQ FA . 3.78 19.02 21.82
C10 DDQ FA . 3.36 20.38 22.35
S SO4 GA . -13.35 27.66 -26.25
O1 SO4 GA . -13.57 29.08 -26.29
O2 SO4 GA . -14.61 26.99 -26.11
O3 SO4 GA . -12.71 27.24 -27.47
O4 SO4 GA . -12.51 27.34 -25.13
C1 GOL HA . -23.49 -28.33 -41.51
O1 GOL HA . -24.20 -27.92 -40.36
C2 GOL HA . -23.86 -29.74 -41.93
O2 GOL HA . -23.04 -30.14 -43.03
C3 GOL HA . -23.74 -30.75 -40.81
O3 GOL HA . -25.02 -31.31 -40.46
C1 EDO IA . 36.46 -17.84 -24.41
O1 EDO IA . 37.83 -17.58 -24.26
C2 EDO IA . 35.60 -16.74 -23.91
O2 EDO IA . 34.21 -16.99 -24.07
C1 EDO JA . 34.50 -26.24 -26.51
O1 EDO JA . 33.77 -25.20 -25.90
C2 EDO JA . 33.63 -27.31 -27.06
O2 EDO JA . 32.71 -26.86 -28.02
#